data_5UTU
#
_entry.id   5UTU
#
_cell.length_a   107.906
_cell.length_b   185.834
_cell.length_c   121.619
_cell.angle_alpha   90.00
_cell.angle_beta   97.98
_cell.angle_gamma   90.00
#
_symmetry.space_group_name_H-M   'P 1 21 1'
#
loop_
_entity.id
_entity.type
_entity.pdbx_description
1 polymer Adenosylhomocysteinase
2 non-polymer NICOTINAMIDE-ADENINE-DINUCLEOTIDE
3 non-polymer S-ADENOSYL-L-HOMOCYSTEINE
4 non-polymer 'CHLORIDE ION'
5 non-polymer 'SULFATE ION'
6 non-polymer 3,6,9,12,15,18-HEXAOXAICOSANE-1,20-DIOL
7 non-polymer 'HEXAETHYLENE GLYCOL'
8 non-polymer ADENOSINE
9 non-polymer DI(HYDROXYETHYL)ETHER
10 water water
#
_entity_poly.entity_id   1
_entity_poly.type   'polypeptide(L)'
_entity_poly.pdbx_seq_one_letter_code
;SNAYKMESRIKDISLAEFGLQDMEIAKTDMMGLVELQRKYRDSKPLKGARITGSLHLTIETSVLVETLYELGAEIRWCSC
NIYSTQDHAAAALVKKNIATVFAWKNETIEDYWVCLNDAMTWRNPNDKDKICGPNLIVDDGGDATLILHEGVKAEIEYEK
YNKIPEYLETELDENGKQLSMDLKCMYKVLKMELLKNPFRWRGMLKDLYGVSEETTTGVLRLKIMESEGKLLLPAINVND
SVTKSKFDNTYGCRQSLLHGLFNGCIQMLAGKKIVVLGYGEVGKGCAQGLSGVGARVIVTEIDPICALQASMEGYQVSVL
EDVVSEADIFITATGNKDVITVEHMRKMKENAYIANIGHFDDEIDVYGLENYPGIKVIEVKQNVHKFTFPDTQKSVILLC
KGRLVNLGCATGHPPLVMSMSFTNQVLAQMDLWKSRELVDRSKNTRFFVKKLSKELDEYVARLHLDVLGIKLTKLTETQA
KYINVSINGPYKSEDYRY
;
_entity_poly.pdbx_strand_id   A,B,C,D,E,F,G,H
#
# COMPACT_ATOMS: atom_id res chain seq x y z
N LYS A 5 35.19 14.08 31.31
CA LYS A 5 34.28 15.11 31.86
C LYS A 5 34.05 15.05 33.40
N MET A 6 34.49 16.11 34.07
CA MET A 6 34.32 16.30 35.53
C MET A 6 32.87 16.75 35.84
N GLU A 7 32.34 17.69 35.05
CA GLU A 7 31.02 18.27 35.23
C GLU A 7 29.92 17.56 34.46
N SER A 8 28.72 17.65 35.01
CA SER A 8 27.54 17.05 34.46
C SER A 8 26.98 17.80 33.25
N ARG A 9 26.22 17.08 32.43
CA ARG A 9 25.49 17.64 31.29
C ARG A 9 24.01 17.31 31.50
N ILE A 10 23.26 18.31 31.94
CA ILE A 10 21.83 18.19 32.19
C ILE A 10 21.11 19.37 31.55
N LYS A 11 19.78 19.41 31.61
CA LYS A 11 19.06 20.53 31.02
C LYS A 11 19.08 21.79 31.87
N ASP A 12 18.68 21.68 33.13
CA ASP A 12 18.53 22.86 33.98
C ASP A 12 18.65 22.57 35.47
N ILE A 13 19.76 23.02 36.05
CA ILE A 13 20.05 22.84 37.48
C ILE A 13 19.01 23.49 38.40
N SER A 14 18.32 24.53 37.91
CA SER A 14 17.31 25.24 38.73
C SER A 14 16.06 24.41 39.04
N LEU A 15 15.91 23.27 38.36
CA LEU A 15 14.79 22.37 38.60
C LEU A 15 15.07 21.47 39.83
N ALA A 16 16.26 21.61 40.41
CA ALA A 16 16.69 20.80 41.55
C ALA A 16 15.72 20.76 42.73
N GLU A 17 15.18 21.92 43.10
CA GLU A 17 14.28 21.97 44.25
C GLU A 17 13.03 21.10 44.08
N PHE A 18 12.44 21.11 42.87
N PHE A 18 12.44 21.11 42.87
CA PHE A 18 11.26 20.29 42.59
CA PHE A 18 11.26 20.29 42.59
C PHE A 18 11.63 18.80 42.66
C PHE A 18 11.63 18.80 42.66
N GLY A 19 12.81 18.47 42.17
CA GLY A 19 13.31 17.08 42.20
C GLY A 19 13.50 16.56 43.61
N LEU A 20 14.05 17.41 44.49
CA LEU A 20 14.29 17.03 45.88
C LEU A 20 12.97 16.83 46.63
N GLN A 21 11.97 17.65 46.30
CA GLN A 21 10.64 17.53 46.92
C GLN A 21 9.99 16.22 46.50
N ASP A 22 10.06 15.88 45.21
CA ASP A 22 9.49 14.63 44.70
C ASP A 22 10.21 13.42 45.27
N MET A 23 11.53 13.53 45.43
CA MET A 23 12.30 12.43 46.03
C MET A 23 11.79 12.12 47.44
N GLU A 24 11.58 13.16 48.25
N GLU A 24 11.58 13.16 48.25
CA GLU A 24 11.12 12.97 49.62
CA GLU A 24 11.11 12.96 49.62
C GLU A 24 9.71 12.37 49.67
C GLU A 24 9.70 12.37 49.68
N ILE A 25 8.84 12.78 48.75
CA ILE A 25 7.47 12.24 48.70
C ILE A 25 7.53 10.77 48.25
N ALA A 26 8.36 10.50 47.25
CA ALA A 26 8.53 9.14 46.74
C ALA A 26 9.06 8.19 47.83
N LYS A 27 9.97 8.67 48.67
CA LYS A 27 10.53 7.84 49.75
C LYS A 27 9.50 7.36 50.77
N THR A 28 8.34 8.00 50.83
CA THR A 28 7.28 7.54 51.72
C THR A 28 6.94 6.08 51.41
N ASP A 29 6.96 5.74 50.12
CA ASP A 29 6.67 4.39 49.65
C ASP A 29 7.88 3.52 49.33
N MET A 30 9.04 4.11 49.08
CA MET A 30 10.22 3.30 48.74
C MET A 30 10.94 2.83 50.00
N MET A 31 10.23 2.11 50.86
N MET A 31 10.23 2.11 50.86
CA MET A 31 10.79 1.69 52.14
CA MET A 31 10.79 1.68 52.15
C MET A 31 12.02 0.77 52.06
C MET A 31 12.02 0.77 52.06
N GLY A 32 12.16 0.05 50.96
CA GLY A 32 13.30 -0.83 50.79
C GLY A 32 14.59 -0.01 50.72
N LEU A 33 14.58 1.00 49.87
CA LEU A 33 15.75 1.86 49.74
C LEU A 33 16.00 2.66 51.02
N VAL A 34 14.92 3.11 51.67
CA VAL A 34 15.03 3.86 52.90
C VAL A 34 15.67 2.98 54.00
N GLU A 35 15.27 1.72 54.06
CA GLU A 35 15.83 0.80 55.06
C GLU A 35 17.30 0.52 54.80
N LEU A 36 17.67 0.33 53.53
CA LEU A 36 19.09 0.09 53.18
C LEU A 36 19.91 1.31 53.55
N GLN A 37 19.38 2.51 53.34
CA GLN A 37 20.11 3.71 53.72
C GLN A 37 20.32 3.74 55.23
N ARG A 38 19.24 3.47 55.98
CA ARG A 38 19.33 3.49 57.45
C ARG A 38 20.29 2.42 57.98
N LYS A 39 20.27 1.25 57.37
CA LYS A 39 21.10 0.15 57.83
C LYS A 39 22.57 0.23 57.46
N TYR A 40 22.87 0.78 56.27
CA TYR A 40 24.26 0.80 55.79
C TYR A 40 24.95 2.15 55.62
N ARG A 41 24.27 3.26 55.90
CA ARG A 41 24.93 4.57 55.70
C ARG A 41 26.17 4.77 56.60
N ASP A 42 26.26 4.06 57.72
CA ASP A 42 27.41 4.21 58.62
C ASP A 42 28.57 3.30 58.22
N SER A 43 28.28 2.02 57.95
CA SER A 43 29.32 1.06 57.58
C SER A 43 29.86 1.24 56.17
N LYS A 44 29.10 1.92 55.28
CA LYS A 44 29.54 2.18 53.90
C LYS A 44 30.07 0.92 53.18
N PRO A 45 29.21 -0.07 52.94
CA PRO A 45 29.67 -1.30 52.29
C PRO A 45 30.25 -1.11 50.87
N LEU A 46 29.86 -0.03 50.20
CA LEU A 46 30.35 0.26 48.84
C LEU A 46 31.45 1.34 48.82
N LYS A 47 32.06 1.62 49.97
CA LYS A 47 33.10 2.65 50.07
C LYS A 47 34.23 2.39 49.07
N GLY A 48 34.51 3.39 48.25
CA GLY A 48 35.58 3.34 47.24
C GLY A 48 35.15 2.84 45.87
N ALA A 49 33.93 2.33 45.77
CA ALA A 49 33.44 1.80 44.50
C ALA A 49 33.05 2.89 43.53
N ARG A 50 33.46 2.73 42.28
CA ARG A 50 33.09 3.64 41.21
C ARG A 50 31.98 2.95 40.42
N ILE A 51 30.78 3.51 40.48
CA ILE A 51 29.61 2.92 39.83
C ILE A 51 29.07 3.77 38.69
N THR A 52 28.97 3.16 37.51
CA THR A 52 28.39 3.81 36.33
C THR A 52 27.03 3.19 36.12
N GLY A 53 26.02 4.02 35.95
CA GLY A 53 24.67 3.51 35.71
C GLY A 53 24.04 3.98 34.42
N SER A 54 23.40 3.05 33.71
CA SER A 54 22.65 3.34 32.47
C SER A 54 21.22 2.88 32.77
N LEU A 55 20.39 3.81 33.25
CA LEU A 55 19.02 3.50 33.64
C LEU A 55 18.15 4.77 33.74
N HIS A 56 16.99 4.73 33.08
CA HIS A 56 16.01 5.84 33.07
C HIS A 56 16.17 6.73 34.28
N LEU A 57 16.65 7.96 34.07
CA LEU A 57 16.90 8.85 35.22
C LEU A 57 15.62 9.56 35.64
N THR A 58 14.83 8.82 36.41
CA THR A 58 13.56 9.28 36.95
C THR A 58 13.76 9.62 38.43
N ILE A 59 12.71 10.13 39.06
CA ILE A 59 12.73 10.41 40.50
C ILE A 59 13.04 9.12 41.26
N GLU A 60 12.42 8.02 40.83
CA GLU A 60 12.65 6.73 41.48
C GLU A 60 14.13 6.33 41.39
N THR A 61 14.71 6.52 40.20
CA THR A 61 16.12 6.23 39.99
C THR A 61 16.99 7.14 40.85
N SER A 62 16.57 8.38 41.08
CA SER A 62 17.33 9.30 41.93
C SER A 62 17.47 8.78 43.34
N VAL A 63 16.44 8.09 43.83
CA VAL A 63 16.47 7.53 45.17
C VAL A 63 17.44 6.33 45.17
N LEU A 64 17.48 5.57 44.09
CA LEU A 64 18.44 4.48 43.95
C LEU A 64 19.86 5.02 44.02
N VAL A 65 20.13 6.03 43.19
CA VAL A 65 21.43 6.68 43.14
C VAL A 65 21.80 7.24 44.52
N GLU A 66 20.84 7.86 45.19
CA GLU A 66 21.07 8.41 46.52
C GLU A 66 21.46 7.28 47.48
N THR A 67 20.79 6.14 47.36
CA THR A 67 21.06 4.99 48.22
C THR A 67 22.49 4.48 48.00
N LEU A 68 22.88 4.34 46.75
CA LEU A 68 24.24 3.90 46.41
C LEU A 68 25.28 4.87 46.98
N TYR A 69 24.98 6.16 46.88
CA TYR A 69 25.86 7.20 47.40
C TYR A 69 25.98 7.13 48.92
N GLU A 70 24.85 6.98 49.62
CA GLU A 70 24.85 6.87 51.08
C GLU A 70 25.64 5.65 51.52
N LEU A 71 25.68 4.61 50.69
CA LEU A 71 26.44 3.39 51.00
C LEU A 71 27.94 3.52 50.66
N GLY A 72 28.36 4.72 50.20
CA GLY A 72 29.77 5.02 49.97
C GLY A 72 30.32 5.05 48.57
N ALA A 73 29.48 4.79 47.57
CA ALA A 73 29.97 4.77 46.20
C ALA A 73 30.05 6.14 45.56
N GLU A 74 30.97 6.29 44.60
N GLU A 74 30.97 6.29 44.60
CA GLU A 74 31.10 7.50 43.79
CA GLU A 74 31.10 7.50 43.80
C GLU A 74 30.29 7.10 42.57
C GLU A 74 30.29 7.10 42.57
N ILE A 75 29.54 8.04 41.99
CA ILE A 75 28.63 7.69 40.88
C ILE A 75 28.61 8.60 39.65
N ARG A 76 28.50 7.95 38.49
CA ARG A 76 28.33 8.62 37.21
C ARG A 76 27.11 7.95 36.60
N TRP A 77 26.21 8.74 36.05
CA TRP A 77 24.97 8.17 35.56
C TRP A 77 24.50 8.76 34.25
N CYS A 78 23.78 7.94 33.50
CA CYS A 78 23.17 8.34 32.23
C CYS A 78 21.88 7.57 32.13
N SER A 79 21.01 7.99 31.23
CA SER A 79 19.74 7.31 31.04
C SER A 79 19.94 6.19 30.02
N CYS A 80 19.03 5.21 30.05
CA CYS A 80 19.08 4.08 29.10
C CYS A 80 18.04 4.28 27.97
N ASN A 81 17.45 5.47 27.89
CA ASN A 81 16.44 5.75 26.89
C ASN A 81 16.41 7.27 26.64
N ILE A 82 16.40 7.66 25.37
CA ILE A 82 16.43 9.07 24.99
C ILE A 82 15.29 9.94 25.50
N TYR A 83 14.15 9.36 25.83
CA TYR A 83 12.98 10.13 26.29
C TYR A 83 12.64 10.00 27.77
N SER A 84 13.23 9.02 28.45
CA SER A 84 12.84 8.71 29.84
C SER A 84 13.29 9.60 30.97
N THR A 85 14.33 10.39 30.73
CA THR A 85 14.85 11.24 31.80
C THR A 85 13.87 12.31 32.27
N GLN A 86 13.80 12.47 33.59
CA GLN A 86 13.01 13.52 34.22
C GLN A 86 14.06 14.56 34.64
N ASP A 87 14.05 15.71 33.96
CA ASP A 87 15.05 16.76 34.18
C ASP A 87 15.18 17.25 35.63
N HIS A 88 14.07 17.30 36.36
CA HIS A 88 14.14 17.75 37.76
C HIS A 88 14.84 16.69 38.64
N ALA A 89 14.72 15.43 38.25
CA ALA A 89 15.38 14.34 38.99
C ALA A 89 16.89 14.40 38.77
N ALA A 90 17.28 14.70 37.53
CA ALA A 90 18.70 14.82 37.17
C ALA A 90 19.32 16.00 37.89
N ALA A 91 18.61 17.12 37.89
CA ALA A 91 19.09 18.33 38.54
C ALA A 91 19.32 18.12 40.03
N ALA A 92 18.42 17.38 40.67
CA ALA A 92 18.52 17.10 42.09
C ALA A 92 19.82 16.39 42.44
N LEU A 93 20.18 15.42 41.61
CA LEU A 93 21.42 14.66 41.83
C LEU A 93 22.65 15.56 41.69
N VAL A 94 22.67 16.38 40.65
CA VAL A 94 23.79 17.29 40.41
C VAL A 94 23.88 18.34 41.50
N LYS A 95 22.74 18.90 41.86
CA LYS A 95 22.68 19.96 42.90
C LYS A 95 23.27 19.50 44.22
N LYS A 96 22.97 18.26 44.62
CA LYS A 96 23.46 17.75 45.91
C LYS A 96 24.79 16.99 45.82
N ASN A 97 25.45 17.01 44.66
CA ASN A 97 26.73 16.28 44.46
C ASN A 97 26.66 14.78 44.73
N ILE A 98 25.49 14.19 44.50
CA ILE A 98 25.29 12.76 44.70
C ILE A 98 25.97 12.00 43.55
N ALA A 99 25.92 12.58 42.35
CA ALA A 99 26.50 11.93 41.19
C ALA A 99 26.78 12.90 40.05
N THR A 100 27.57 12.45 39.10
CA THR A 100 27.89 13.20 37.89
C THR A 100 26.94 12.62 36.85
N VAL A 101 26.05 13.46 36.36
CA VAL A 101 25.00 13.04 35.44
C VAL A 101 25.16 13.51 34.01
N PHE A 102 24.88 12.61 33.07
CA PHE A 102 24.89 12.92 31.65
C PHE A 102 23.55 12.45 31.11
N ALA A 103 22.53 13.29 31.28
CA ALA A 103 21.18 12.95 30.87
C ALA A 103 20.20 14.12 30.83
N TRP A 104 19.29 14.04 29.87
CA TRP A 104 18.22 15.02 29.71
C TRP A 104 17.11 14.40 28.89
N LYS A 105 15.90 14.93 29.03
CA LYS A 105 14.75 14.43 28.29
C LYS A 105 14.90 14.87 26.84
N ASN A 106 14.55 14.00 25.92
CA ASN A 106 14.60 14.28 24.46
C ASN A 106 16.00 14.45 23.90
N GLU A 107 16.83 13.46 24.16
CA GLU A 107 18.21 13.41 23.63
C GLU A 107 18.11 12.92 22.19
N THR A 108 19.12 13.25 21.40
CA THR A 108 19.23 12.70 20.06
C THR A 108 19.92 11.36 20.30
N ILE A 109 19.82 10.45 19.35
CA ILE A 109 20.48 9.15 19.47
C ILE A 109 22.00 9.36 19.55
N GLU A 110 22.53 10.34 18.82
CA GLU A 110 23.95 10.62 18.87
C GLU A 110 24.37 11.00 20.30
N ASP A 111 23.63 11.92 20.90
CA ASP A 111 23.90 12.36 22.27
C ASP A 111 23.74 11.24 23.31
N TYR A 112 22.82 10.32 23.05
CA TYR A 112 22.61 9.18 23.95
C TYR A 112 23.90 8.40 24.15
N TRP A 113 24.55 8.02 23.06
CA TRP A 113 25.80 7.25 23.11
C TRP A 113 26.98 8.06 23.64
N VAL A 114 26.99 9.38 23.40
CA VAL A 114 28.05 10.23 23.92
C VAL A 114 27.92 10.30 25.43
N CYS A 115 26.67 10.41 25.92
CA CYS A 115 26.40 10.46 27.37
C CYS A 115 26.82 9.16 28.04
N LEU A 116 26.49 8.04 27.42
CA LEU A 116 26.85 6.72 27.96
C LEU A 116 28.36 6.58 28.05
N ASN A 117 29.05 6.98 26.98
CA ASN A 117 30.50 6.93 26.94
C ASN A 117 31.09 7.82 28.03
N ASP A 118 30.52 9.00 28.20
CA ASP A 118 30.96 9.94 29.26
C ASP A 118 30.76 9.33 30.65
N ALA A 119 29.62 8.67 30.85
CA ALA A 119 29.32 8.05 32.14
C ALA A 119 30.28 6.90 32.47
N MET A 120 30.78 6.24 31.44
CA MET A 120 31.75 5.14 31.60
C MET A 120 33.18 5.65 31.82
N THR A 121 33.42 6.94 31.57
CA THR A 121 34.76 7.54 31.68
C THR A 121 35.04 8.14 33.03
N TRP A 122 36.02 7.60 33.74
CA TRP A 122 36.42 8.08 35.07
C TRP A 122 37.86 8.57 35.08
N ARG A 123 38.12 9.58 35.91
CA ARG A 123 39.45 10.11 36.08
C ARG A 123 40.11 9.28 37.18
N ASN A 124 41.23 8.64 36.85
CA ASN A 124 41.97 7.76 37.75
C ASN A 124 42.44 8.51 39.00
N PRO A 125 42.11 7.99 40.22
CA PRO A 125 42.54 8.73 41.43
C PRO A 125 44.06 8.79 41.69
N ASN A 126 44.84 7.86 41.11
CA ASN A 126 46.32 7.88 41.27
C ASN A 126 46.91 9.02 40.47
N ASP A 127 46.71 8.96 39.15
CA ASP A 127 47.16 10.00 38.22
C ASP A 127 45.89 10.64 37.67
N LYS A 128 45.61 11.88 38.08
CA LYS A 128 44.38 12.57 37.65
C LYS A 128 44.32 12.89 36.14
N ASP A 129 45.50 12.93 35.51
CA ASP A 129 45.62 13.19 34.06
C ASP A 129 45.34 11.93 33.18
N LYS A 130 45.11 10.78 33.82
CA LYS A 130 44.85 9.50 33.12
C LYS A 130 43.40 9.02 33.31
N ILE A 131 42.97 8.14 32.42
CA ILE A 131 41.58 7.62 32.40
C ILE A 131 41.49 6.18 32.91
N CYS A 132 40.31 5.82 33.42
CA CYS A 132 40.00 4.46 33.86
C CYS A 132 38.48 4.24 33.74
N GLY A 133 38.01 3.06 34.08
CA GLY A 133 36.58 2.74 33.97
C GLY A 133 35.90 2.59 35.32
N PRO A 134 34.65 2.13 35.31
CA PRO A 134 33.96 1.90 36.56
C PRO A 134 34.34 0.57 37.16
N ASN A 135 34.02 0.40 38.45
CA ASN A 135 34.23 -0.86 39.15
C ASN A 135 32.99 -1.73 38.96
N LEU A 136 31.83 -1.08 38.97
CA LEU A 136 30.54 -1.76 38.85
C LEU A 136 29.62 -1.02 37.90
N ILE A 137 28.68 -1.76 37.29
CA ILE A 137 27.74 -1.19 36.36
C ILE A 137 26.29 -1.56 36.69
N VAL A 138 25.40 -0.58 36.64
CA VAL A 138 23.96 -0.82 36.82
C VAL A 138 23.44 -0.60 35.41
N ASP A 139 22.92 -1.64 34.79
CA ASP A 139 22.50 -1.55 33.40
C ASP A 139 21.03 -1.90 33.26
N ASP A 140 20.36 -1.24 32.32
CA ASP A 140 18.95 -1.43 32.05
C ASP A 140 18.72 -1.51 30.56
N GLY A 141 18.85 -2.71 30.01
CA GLY A 141 18.70 -2.93 28.57
C GLY A 141 19.99 -3.45 27.93
N GLY A 142 21.09 -3.34 28.66
CA GLY A 142 22.38 -3.87 28.21
C GLY A 142 23.28 -2.97 27.37
N ASP A 143 22.91 -1.70 27.20
CA ASP A 143 23.73 -0.76 26.40
C ASP A 143 25.11 -0.47 26.99
N ALA A 144 25.20 -0.37 28.31
CA ALA A 144 26.50 -0.12 28.96
C ALA A 144 27.39 -1.36 28.80
N THR A 145 26.76 -2.53 28.92
CA THR A 145 27.46 -3.79 28.76
C THR A 145 27.87 -3.98 27.29
N LEU A 146 27.03 -3.48 26.38
CA LEU A 146 27.30 -3.61 24.95
C LEU A 146 28.48 -2.75 24.50
N ILE A 147 28.48 -1.47 24.88
CA ILE A 147 29.56 -0.59 24.46
C ILE A 147 30.91 -1.09 24.97
N LEU A 148 30.91 -1.70 26.16
CA LEU A 148 32.13 -2.25 26.74
C LEU A 148 32.66 -3.41 25.91
N HIS A 149 31.81 -4.41 25.66
CA HIS A 149 32.21 -5.58 24.87
C HIS A 149 32.54 -5.25 23.42
N GLU A 150 31.78 -4.35 22.81
CA GLU A 150 32.05 -3.92 21.43
C GLU A 150 33.31 -3.08 21.37
N GLY A 151 33.58 -2.35 22.45
CA GLY A 151 34.79 -1.54 22.56
C GLY A 151 36.02 -2.44 22.59
N VAL A 152 35.96 -3.49 23.40
CA VAL A 152 37.06 -4.44 23.48
C VAL A 152 37.28 -5.10 22.12
N LYS A 153 36.21 -5.54 21.47
CA LYS A 153 36.30 -6.17 20.14
C LYS A 153 36.93 -5.24 19.13
N ALA A 154 36.52 -3.97 19.16
CA ALA A 154 37.05 -2.96 18.25
C ALA A 154 38.56 -2.76 18.44
N GLU A 155 38.99 -2.75 19.70
CA GLU A 155 40.41 -2.58 20.01
C GLU A 155 41.26 -3.77 19.56
N ILE A 156 40.72 -4.98 19.68
CA ILE A 156 41.43 -6.21 19.26
C ILE A 156 41.57 -6.23 17.72
N GLU A 157 40.51 -5.84 17.02
CA GLU A 157 40.50 -5.77 15.57
C GLU A 157 41.43 -4.65 15.08
N TYR A 158 41.55 -3.59 15.88
CA TYR A 158 42.41 -2.46 15.55
C TYR A 158 43.88 -2.89 15.61
N GLU A 159 44.28 -3.59 16.68
CA GLU A 159 45.67 -4.07 16.82
C GLU A 159 46.06 -5.10 15.79
N LYS A 160 45.13 -5.98 15.45
CA LYS A 160 45.34 -7.04 14.48
C LYS A 160 45.80 -6.53 13.09
N TYR A 161 45.08 -5.56 12.54
CA TYR A 161 45.47 -4.99 11.21
C TYR A 161 46.10 -3.59 11.28
N ASN A 162 46.21 -3.06 12.47
CA ASN A 162 46.82 -1.74 12.74
C ASN A 162 46.11 -0.57 12.01
N LYS A 163 44.79 -0.70 11.84
CA LYS A 163 43.97 0.34 11.19
C LYS A 163 42.54 0.30 11.75
N ILE A 164 41.79 1.38 11.51
CA ILE A 164 40.41 1.45 11.99
C ILE A 164 39.60 0.36 11.27
N PRO A 165 38.92 -0.52 12.04
CA PRO A 165 38.11 -1.59 11.43
C PRO A 165 37.08 -1.02 10.45
N GLU A 166 36.93 -1.66 9.30
CA GLU A 166 36.03 -1.16 8.26
C GLU A 166 34.54 -1.19 8.67
N TYR A 167 34.16 -2.04 9.63
CA TYR A 167 32.77 -2.10 10.04
C TYR A 167 32.33 -0.85 10.85
N LEU A 168 33.30 -0.13 11.41
CA LEU A 168 33.02 1.10 12.17
C LEU A 168 32.90 2.35 11.29
N GLU A 169 33.39 2.28 10.06
CA GLU A 169 33.33 3.43 9.12
C GLU A 169 32.15 3.36 8.16
N THR A 170 31.76 2.14 7.79
CA THR A 170 30.62 1.95 6.88
C THR A 170 29.29 2.29 7.57
N GLU A 171 28.35 2.73 6.75
CA GLU A 171 27.02 3.08 7.19
C GLU A 171 26.06 1.90 6.96
N LEU A 172 26.54 0.86 6.26
CA LEU A 172 25.77 -0.33 5.93
C LEU A 172 26.27 -1.53 6.74
N ASP A 173 25.51 -2.61 6.78
CA ASP A 173 25.91 -3.84 7.49
C ASP A 173 26.51 -4.84 6.48
N GLU A 174 26.76 -6.07 6.91
CA GLU A 174 27.35 -7.10 6.03
C GLU A 174 26.49 -7.43 4.80
N ASN A 175 25.16 -7.29 4.95
CA ASN A 175 24.19 -7.60 3.89
C ASN A 175 23.76 -6.39 3.03
N GLY A 176 24.36 -5.22 3.25
CA GLY A 176 24.02 -4.00 2.49
C GLY A 176 22.89 -3.13 3.02
N LYS A 177 22.24 -3.54 4.11
CA LYS A 177 21.14 -2.77 4.74
C LYS A 177 21.70 -1.73 5.70
N GLN A 178 21.00 -0.60 5.84
CA GLN A 178 21.42 0.48 6.74
C GLN A 178 21.52 -0.04 8.17
N LEU A 179 22.59 0.33 8.85
CA LEU A 179 22.76 -0.02 10.26
C LEU A 179 21.74 0.81 11.03
N SER A 180 21.31 0.33 12.19
CA SER A 180 20.38 1.09 13.01
C SER A 180 21.09 2.36 13.49
N MET A 181 20.33 3.40 13.78
CA MET A 181 20.93 4.62 14.31
C MET A 181 21.75 4.37 15.56
N ASP A 182 21.23 3.50 16.43
CA ASP A 182 21.92 3.16 17.68
C ASP A 182 23.28 2.52 17.41
N LEU A 183 23.39 1.67 16.39
CA LEU A 183 24.67 1.08 16.05
C LEU A 183 25.62 2.11 15.42
N LYS A 184 25.12 2.93 14.50
CA LYS A 184 25.95 3.95 13.86
C LYS A 184 26.55 4.90 14.88
N CYS A 185 25.71 5.36 15.80
CA CYS A 185 26.13 6.31 16.82
C CYS A 185 27.07 5.71 17.86
N MET A 186 26.93 4.42 18.14
CA MET A 186 27.83 3.76 19.08
C MET A 186 29.19 3.59 18.39
N TYR A 187 29.15 3.12 17.14
CA TYR A 187 30.36 2.92 16.30
C TYR A 187 31.12 4.22 16.13
N LYS A 188 30.40 5.32 15.96
CA LYS A 188 30.99 6.65 15.83
C LYS A 188 31.79 6.97 17.12
N VAL A 189 31.26 6.60 18.27
CA VAL A 189 31.94 6.81 19.56
C VAL A 189 33.14 5.87 19.69
N LEU A 190 32.97 4.62 19.29
CA LEU A 190 34.06 3.65 19.37
C LEU A 190 35.22 4.04 18.47
N LYS A 191 34.90 4.53 17.27
CA LYS A 191 35.92 4.98 16.33
C LYS A 191 36.70 6.14 16.94
N MET A 192 35.97 7.09 17.48
CA MET A 192 36.55 8.28 18.13
C MET A 192 37.50 7.86 19.25
N GLU A 193 37.11 6.85 20.05
CA GLU A 193 37.95 6.38 21.16
C GLU A 193 39.19 5.58 20.71
N LEU A 194 39.10 4.90 19.56
CA LEU A 194 40.26 4.19 19.02
C LEU A 194 41.33 5.19 18.60
N LEU A 195 40.91 6.33 18.07
CA LEU A 195 41.82 7.38 17.65
C LEU A 195 42.49 8.08 18.83
N LYS A 196 41.77 8.19 19.95
CA LYS A 196 42.33 8.83 21.15
C LYS A 196 43.21 7.89 21.95
N ASN A 197 42.68 6.72 22.27
CA ASN A 197 43.39 5.73 23.08
C ASN A 197 42.85 4.31 22.77
N PRO A 198 43.60 3.54 21.95
CA PRO A 198 43.18 2.19 21.59
C PRO A 198 43.32 1.10 22.69
N PHE A 199 43.68 1.49 23.92
N PHE A 199 43.68 1.49 23.92
CA PHE A 199 43.76 0.54 25.04
CA PHE A 199 43.76 0.54 25.04
C PHE A 199 42.73 0.93 26.13
C PHE A 199 42.73 0.93 26.13
N ARG A 200 41.83 1.87 25.80
CA ARG A 200 40.81 2.35 26.74
C ARG A 200 39.90 1.27 27.34
N TRP A 201 39.24 0.53 26.47
CA TRP A 201 38.28 -0.50 26.89
C TRP A 201 38.91 -1.69 27.61
N ARG A 202 39.99 -2.22 27.07
CA ARG A 202 40.68 -3.34 27.72
C ARG A 202 41.29 -2.90 29.06
N GLY A 203 41.64 -1.61 29.16
CA GLY A 203 42.18 -1.05 30.38
C GLY A 203 41.14 -1.00 31.50
N MET A 204 39.86 -0.89 31.13
CA MET A 204 38.78 -0.86 32.11
C MET A 204 38.52 -2.22 32.73
N LEU A 205 38.84 -3.29 32.00
CA LEU A 205 38.60 -4.64 32.47
C LEU A 205 39.35 -4.97 33.74
N LYS A 206 40.55 -4.42 33.91
CA LYS A 206 41.33 -4.68 35.10
C LYS A 206 40.51 -4.44 36.39
N ASP A 207 39.77 -3.34 36.43
CA ASP A 207 38.99 -2.95 37.61
C ASP A 207 37.48 -3.24 37.58
N LEU A 208 36.97 -3.83 36.50
CA LEU A 208 35.53 -4.17 36.45
C LEU A 208 35.21 -5.43 37.21
N TYR A 209 34.36 -5.31 38.23
CA TYR A 209 34.00 -6.46 39.06
C TYR A 209 32.59 -6.97 38.83
N GLY A 210 31.82 -6.28 37.98
CA GLY A 210 30.47 -6.75 37.65
C GLY A 210 29.41 -5.78 37.17
N VAL A 211 28.33 -6.35 36.66
CA VAL A 211 27.17 -5.60 36.18
C VAL A 211 25.89 -6.24 36.72
N SER A 212 24.94 -5.42 37.17
CA SER A 212 23.64 -5.92 37.64
C SER A 212 22.65 -5.44 36.57
N GLU A 213 22.02 -6.38 35.86
CA GLU A 213 21.09 -6.08 34.76
C GLU A 213 19.63 -6.12 35.20
N GLU A 214 18.92 -5.05 34.88
CA GLU A 214 17.54 -4.83 35.26
C GLU A 214 16.47 -5.52 34.43
N THR A 215 16.69 -5.72 33.13
CA THR A 215 15.61 -6.21 32.27
C THR A 215 15.76 -7.53 31.54
N THR A 216 14.63 -8.03 31.07
CA THR A 216 14.54 -9.29 30.34
C THR A 216 15.41 -9.25 29.10
N THR A 217 15.29 -8.17 28.34
CA THR A 217 16.05 -7.99 27.12
C THR A 217 17.55 -7.99 27.37
N GLY A 218 17.98 -7.27 28.42
CA GLY A 218 19.40 -7.21 28.76
C GLY A 218 19.92 -8.57 29.24
N VAL A 219 19.10 -9.28 30.03
CA VAL A 219 19.46 -10.59 30.53
C VAL A 219 19.66 -11.58 29.40
N LEU A 220 18.83 -11.46 28.36
CA LEU A 220 18.95 -12.33 27.20
C LEU A 220 20.32 -12.12 26.54
N ARG A 221 20.73 -10.87 26.40
CA ARG A 221 22.03 -10.55 25.81
C ARG A 221 23.18 -11.13 26.66
N LEU A 222 23.04 -11.04 27.99
CA LEU A 222 24.05 -11.61 28.90
C LEU A 222 24.14 -13.12 28.79
N LYS A 223 22.99 -13.78 28.70
CA LYS A 223 22.94 -15.24 28.58
C LYS A 223 23.53 -15.74 27.26
N ILE A 224 23.42 -14.94 26.21
CA ILE A 224 24.01 -15.29 24.92
C ILE A 224 25.53 -15.19 25.03
N MET A 225 26.03 -14.08 25.57
CA MET A 225 27.48 -13.89 25.78
C MET A 225 28.06 -14.97 26.68
N GLU A 226 27.34 -15.32 27.74
CA GLU A 226 27.75 -16.35 28.68
C GLU A 226 27.98 -17.70 27.97
N SER A 227 27.00 -18.11 27.17
CA SER A 227 27.07 -19.39 26.45
C SER A 227 28.13 -19.44 25.34
N GLU A 228 28.57 -18.28 24.85
CA GLU A 228 29.60 -18.20 23.82
C GLU A 228 31.00 -17.95 24.41
N GLY A 229 31.09 -17.85 25.73
CA GLY A 229 32.35 -17.60 26.43
C GLY A 229 32.88 -16.18 26.18
N LYS A 230 31.98 -15.25 25.90
CA LYS A 230 32.34 -13.87 25.59
C LYS A 230 31.98 -12.84 26.66
N LEU A 231 31.46 -13.29 27.80
CA LEU A 231 31.09 -12.37 28.88
C LEU A 231 32.37 -11.99 29.63
N LEU A 232 32.70 -10.70 29.62
CA LEU A 232 33.94 -10.20 30.22
C LEU A 232 33.88 -9.73 31.68
N LEU A 233 32.76 -9.92 32.34
CA LEU A 233 32.65 -9.56 33.78
C LEU A 233 31.49 -10.33 34.42
N PRO A 234 31.54 -10.52 35.75
CA PRO A 234 30.44 -11.21 36.42
C PRO A 234 29.15 -10.41 36.27
N ALA A 235 28.01 -11.09 36.28
CA ALA A 235 26.74 -10.41 36.12
C ALA A 235 25.66 -10.98 37.01
N ILE A 236 24.77 -10.10 37.45
CA ILE A 236 23.62 -10.49 38.24
C ILE A 236 22.36 -10.12 37.48
N ASN A 237 21.52 -11.13 37.29
CA ASN A 237 20.22 -11.00 36.64
C ASN A 237 19.24 -10.56 37.71
N VAL A 238 18.95 -9.26 37.76
CA VAL A 238 18.02 -8.70 38.73
C VAL A 238 16.58 -8.93 38.32
N ASN A 239 16.36 -8.87 37.00
CA ASN A 239 15.01 -9.04 36.45
C ASN A 239 14.30 -10.28 36.98
N ASP A 240 15.01 -11.39 37.01
CA ASP A 240 14.39 -12.65 37.40
C ASP A 240 14.19 -12.89 38.90
N SER A 241 14.44 -11.86 39.72
CA SER A 241 14.07 -11.95 41.13
C SER A 241 12.54 -11.96 41.10
N VAL A 242 11.91 -12.71 41.99
CA VAL A 242 10.46 -12.73 42.06
C VAL A 242 9.96 -11.32 42.35
N THR A 243 10.62 -10.63 43.28
CA THR A 243 10.22 -9.26 43.65
C THR A 243 10.50 -8.19 42.59
N LYS A 244 10.92 -8.62 41.41
CA LYS A 244 11.10 -7.71 40.29
C LYS A 244 10.18 -8.15 39.14
N SER A 245 10.48 -9.27 38.47
CA SER A 245 9.67 -9.76 37.33
C SER A 245 8.17 -9.91 37.62
N LYS A 246 7.81 -10.37 38.82
CA LYS A 246 6.40 -10.54 39.16
C LYS A 246 5.69 -9.30 39.72
N PHE A 247 6.38 -8.16 39.80
CA PHE A 247 5.78 -6.92 40.33
C PHE A 247 5.98 -5.75 39.38
N ASP A 248 7.22 -5.34 39.20
CA ASP A 248 7.59 -4.28 38.27
C ASP A 248 6.97 -4.55 36.90
N ASN A 249 7.33 -5.67 36.29
CA ASN A 249 6.86 -5.99 34.94
C ASN A 249 5.34 -6.05 34.81
N THR A 250 4.68 -6.62 35.81
CA THR A 250 3.24 -6.78 35.78
C THR A 250 2.49 -5.58 36.33
N TYR A 251 2.54 -5.37 37.64
CA TYR A 251 1.80 -4.27 38.27
C TYR A 251 2.33 -2.88 37.91
N GLY A 252 3.62 -2.76 37.63
CA GLY A 252 4.17 -1.47 37.22
C GLY A 252 3.54 -1.04 35.90
N CYS A 253 3.58 -1.91 34.90
CA CYS A 253 3.01 -1.61 33.59
C CYS A 253 1.49 -1.45 33.63
N ARG A 254 0.82 -2.14 34.56
CA ARG A 254 -0.63 -2.00 34.68
C ARG A 254 -0.99 -0.55 34.88
N GLN A 255 -0.19 0.18 35.66
CA GLN A 255 -0.44 1.59 35.90
C GLN A 255 0.27 2.48 34.90
N SER A 256 1.54 2.22 34.63
CA SER A 256 2.31 3.11 33.75
C SER A 256 1.91 3.02 32.27
N LEU A 257 1.39 1.89 31.79
CA LEU A 257 0.90 1.85 30.41
C LEU A 257 -0.26 2.83 30.27
N LEU A 258 -1.21 2.77 31.20
CA LEU A 258 -2.37 3.65 31.18
C LEU A 258 -1.96 5.11 31.25
N HIS A 259 -1.02 5.43 32.13
CA HIS A 259 -0.56 6.81 32.28
C HIS A 259 -0.03 7.29 30.92
N GLY A 260 0.79 6.45 30.28
CA GLY A 260 1.36 6.76 28.97
C GLY A 260 0.30 6.93 27.91
N LEU A 261 -0.65 6.01 27.85
CA LEU A 261 -1.72 6.10 26.86
C LEU A 261 -2.60 7.33 27.11
N PHE A 262 -2.93 7.60 28.37
CA PHE A 262 -3.76 8.77 28.64
C PHE A 262 -3.07 10.07 28.21
N ASN A 263 -1.75 10.16 28.39
CA ASN A 263 -1.02 11.36 27.98
C ASN A 263 -0.79 11.45 26.47
N GLY A 264 -0.54 10.34 25.81
CA GLY A 264 -0.24 10.35 24.36
C GLY A 264 -1.43 10.14 23.43
N CYS A 265 -2.44 9.43 23.91
CA CYS A 265 -3.62 9.12 23.13
C CYS A 265 -4.82 9.84 23.70
N ILE A 266 -5.39 10.73 22.91
CA ILE A 266 -6.52 11.53 23.35
C ILE A 266 -7.82 10.72 23.49
N GLN A 267 -7.91 9.59 22.81
CA GLN A 267 -9.13 8.79 22.79
C GLN A 267 -9.45 8.01 24.08
N MET A 268 -10.73 7.66 24.18
CA MET A 268 -11.27 6.88 25.26
C MET A 268 -10.89 5.44 25.01
N LEU A 269 -10.45 4.75 26.05
CA LEU A 269 -10.08 3.35 25.91
C LEU A 269 -11.31 2.42 25.99
N ALA A 270 -12.33 2.84 26.74
CA ALA A 270 -13.52 2.01 26.92
C ALA A 270 -14.19 1.63 25.59
N GLY A 271 -14.52 0.35 25.47
CA GLY A 271 -15.17 -0.18 24.28
C GLY A 271 -14.28 -0.40 23.08
N LYS A 272 -13.03 0.07 23.14
CA LYS A 272 -12.13 -0.09 22.02
C LYS A 272 -11.54 -1.49 22.03
N LYS A 273 -11.21 -1.97 20.84
CA LYS A 273 -10.52 -3.24 20.70
C LYS A 273 -9.04 -2.88 20.75
N ILE A 274 -8.37 -3.30 21.81
CA ILE A 274 -6.98 -3.00 22.01
C ILE A 274 -6.21 -4.31 21.96
N VAL A 275 -5.29 -4.40 20.99
CA VAL A 275 -4.49 -5.60 20.84
C VAL A 275 -3.21 -5.49 21.67
N VAL A 276 -2.99 -6.47 22.53
CA VAL A 276 -1.78 -6.54 23.36
C VAL A 276 -0.97 -7.68 22.78
N LEU A 277 0.13 -7.34 22.10
CA LEU A 277 0.99 -8.34 21.50
C LEU A 277 1.99 -8.81 22.55
N GLY A 278 1.83 -10.06 22.97
CA GLY A 278 2.66 -10.66 23.99
C GLY A 278 1.90 -10.66 25.29
N TYR A 279 1.83 -11.83 25.93
CA TYR A 279 1.12 -12.00 27.20
C TYR A 279 2.05 -12.65 28.23
N GLY A 280 3.22 -12.01 28.39
CA GLY A 280 4.20 -12.40 29.37
C GLY A 280 3.92 -11.60 30.63
N GLU A 281 4.95 -11.31 31.40
CA GLU A 281 4.75 -10.56 32.64
C GLU A 281 4.24 -9.14 32.38
N VAL A 282 4.74 -8.50 31.32
CA VAL A 282 4.31 -7.15 30.95
C VAL A 282 2.89 -7.18 30.37
N GLY A 283 2.68 -8.04 29.36
CA GLY A 283 1.37 -8.17 28.72
C GLY A 283 0.24 -8.44 29.69
N LYS A 284 0.48 -9.31 30.66
CA LYS A 284 -0.52 -9.64 31.68
C LYS A 284 -0.97 -8.40 32.41
N GLY A 285 0.00 -7.58 32.82
CA GLY A 285 -0.28 -6.35 33.52
C GLY A 285 -1.01 -5.35 32.66
N CYS A 286 -0.56 -5.20 31.42
CA CYS A 286 -1.19 -4.29 30.47
C CYS A 286 -2.65 -4.64 30.28
N ALA A 287 -2.92 -5.93 30.08
CA ALA A 287 -4.30 -6.40 29.88
C ALA A 287 -5.20 -6.11 31.08
N GLN A 288 -4.72 -6.32 32.30
CA GLN A 288 -5.53 -6.00 33.49
C GLN A 288 -5.94 -4.53 33.52
N GLY A 289 -4.96 -3.66 33.28
CA GLY A 289 -5.18 -2.23 33.29
C GLY A 289 -6.17 -1.78 32.24
N LEU A 290 -5.94 -2.22 31.01
CA LEU A 290 -6.81 -1.88 29.90
C LEU A 290 -8.26 -2.34 30.17
N SER A 291 -8.45 -3.56 30.64
CA SER A 291 -9.77 -4.10 31.00
C SER A 291 -10.41 -3.27 32.09
N GLY A 292 -9.58 -2.87 33.05
CA GLY A 292 -10.01 -2.08 34.18
C GLY A 292 -10.70 -0.79 33.80
N VAL A 293 -10.37 -0.25 32.63
CA VAL A 293 -10.99 0.99 32.15
C VAL A 293 -11.92 0.74 30.95
N GLY A 294 -12.41 -0.49 30.83
CA GLY A 294 -13.40 -0.84 29.81
C GLY A 294 -12.97 -1.25 28.43
N ALA A 295 -11.68 -1.41 28.21
CA ALA A 295 -11.23 -1.81 26.88
C ALA A 295 -11.51 -3.29 26.65
N ARG A 296 -11.66 -3.67 25.40
CA ARG A 296 -11.84 -5.06 25.04
C ARG A 296 -10.48 -5.51 24.52
N VAL A 297 -9.75 -6.22 25.35
CA VAL A 297 -8.39 -6.64 25.02
C VAL A 297 -8.34 -7.90 24.17
N ILE A 298 -7.56 -7.83 23.09
CA ILE A 298 -7.32 -8.97 22.22
C ILE A 298 -5.82 -9.25 22.32
N VAL A 299 -5.46 -10.50 22.58
CA VAL A 299 -4.06 -10.89 22.77
C VAL A 299 -3.51 -11.67 21.60
N THR A 300 -2.24 -11.43 21.26
CA THR A 300 -1.56 -12.25 20.26
C THR A 300 -0.42 -12.86 21.06
N GLU A 301 -0.04 -14.07 20.73
CA GLU A 301 0.99 -14.74 21.49
C GLU A 301 1.52 -15.94 20.67
N ILE A 302 2.78 -16.29 20.91
CA ILE A 302 3.46 -17.42 20.24
C ILE A 302 3.61 -18.63 21.14
N ASP A 303 3.50 -18.40 22.44
CA ASP A 303 3.67 -19.44 23.44
C ASP A 303 2.29 -19.98 23.78
N PRO A 304 2.06 -21.28 23.51
CA PRO A 304 0.74 -21.84 23.78
C PRO A 304 0.30 -21.78 25.24
N ILE A 305 1.24 -21.79 26.19
CA ILE A 305 0.91 -21.73 27.60
C ILE A 305 0.40 -20.32 27.92
N CYS A 306 1.14 -19.30 27.48
CA CYS A 306 0.73 -17.93 27.69
C CYS A 306 -0.59 -17.64 26.99
N ALA A 307 -0.80 -18.22 25.81
CA ALA A 307 -2.05 -18.03 25.08
C ALA A 307 -3.23 -18.57 25.88
N LEU A 308 -3.06 -19.76 26.46
CA LEU A 308 -4.11 -20.34 27.29
C LEU A 308 -4.40 -19.51 28.52
N GLN A 309 -3.37 -18.96 29.13
CA GLN A 309 -3.58 -18.10 30.31
C GLN A 309 -4.48 -16.91 29.94
N ALA A 310 -4.18 -16.29 28.80
CA ALA A 310 -4.98 -15.16 28.32
C ALA A 310 -6.45 -15.56 28.15
N SER A 311 -6.65 -16.72 27.54
CA SER A 311 -7.98 -17.24 27.30
C SER A 311 -8.74 -17.48 28.61
N MET A 312 -8.05 -18.00 29.61
CA MET A 312 -8.64 -18.27 30.93
C MET A 312 -9.02 -16.98 31.68
N GLU A 313 -8.44 -15.83 31.28
CA GLU A 313 -8.79 -14.55 31.89
C GLU A 313 -9.86 -13.85 31.05
N GLY A 314 -10.44 -14.55 30.09
CA GLY A 314 -11.51 -14.02 29.25
C GLY A 314 -11.13 -13.23 28.01
N TYR A 315 -9.86 -13.32 27.60
CA TYR A 315 -9.42 -12.57 26.43
C TYR A 315 -9.36 -13.40 25.17
N GLN A 316 -9.79 -12.80 24.07
CA GLN A 316 -9.73 -13.40 22.75
C GLN A 316 -8.24 -13.48 22.39
N VAL A 317 -7.82 -14.60 21.79
CA VAL A 317 -6.44 -14.74 21.35
C VAL A 317 -6.46 -14.95 19.84
N SER A 318 -5.86 -13.99 19.12
CA SER A 318 -5.85 -14.01 17.65
C SER A 318 -4.48 -13.72 17.06
N VAL A 319 -4.34 -14.01 15.76
CA VAL A 319 -3.13 -13.63 15.03
C VAL A 319 -3.44 -12.22 14.54
N LEU A 320 -2.44 -11.35 14.59
CA LEU A 320 -2.62 -9.94 14.20
C LEU A 320 -3.33 -9.74 12.87
N GLU A 321 -2.97 -10.52 11.85
CA GLU A 321 -3.58 -10.44 10.51
C GLU A 321 -5.12 -10.49 10.50
N ASP A 322 -5.70 -11.22 11.44
CA ASP A 322 -7.15 -11.37 11.52
C ASP A 322 -7.88 -10.25 12.23
N VAL A 323 -7.15 -9.39 12.95
CA VAL A 323 -7.78 -8.28 13.69
C VAL A 323 -7.18 -6.90 13.39
N VAL A 324 -6.14 -6.85 12.57
CA VAL A 324 -5.45 -5.57 12.30
C VAL A 324 -6.33 -4.49 11.65
N SER A 325 -7.25 -4.89 10.78
CA SER A 325 -8.12 -3.93 10.11
C SER A 325 -9.24 -3.38 10.98
N GLU A 326 -9.63 -4.11 12.02
N GLU A 326 -9.64 -4.11 12.01
CA GLU A 326 -10.75 -3.68 12.85
CA GLU A 326 -10.74 -3.67 12.86
C GLU A 326 -10.37 -3.19 14.26
C GLU A 326 -10.37 -3.19 14.26
N ALA A 327 -9.16 -3.50 14.73
CA ALA A 327 -8.75 -3.05 16.06
C ALA A 327 -8.45 -1.55 16.05
N ASP A 328 -8.50 -0.97 17.24
CA ASP A 328 -8.33 0.48 17.42
C ASP A 328 -6.95 0.93 17.90
N ILE A 329 -6.35 0.16 18.80
CA ILE A 329 -5.06 0.50 19.41
C ILE A 329 -4.22 -0.75 19.48
N PHE A 330 -2.92 -0.63 19.25
CA PHE A 330 -1.99 -1.75 19.27
C PHE A 330 -0.83 -1.47 20.23
N ILE A 331 -0.61 -2.39 21.18
CA ILE A 331 0.43 -2.26 22.20
C ILE A 331 1.39 -3.46 22.08
N THR A 332 2.66 -3.20 21.74
CA THR A 332 3.64 -4.28 21.63
C THR A 332 4.36 -4.51 22.95
N ALA A 333 4.31 -5.74 23.46
CA ALA A 333 4.94 -6.11 24.72
C ALA A 333 5.62 -7.48 24.59
N THR A 334 6.34 -7.66 23.48
CA THR A 334 6.96 -8.94 23.14
C THR A 334 8.45 -9.13 23.41
N GLY A 335 9.21 -8.05 23.39
CA GLY A 335 10.65 -8.16 23.52
C GLY A 335 11.25 -8.73 22.23
N ASN A 336 10.43 -8.77 21.16
CA ASN A 336 10.80 -9.36 19.88
C ASN A 336 10.90 -8.25 18.82
N LYS A 337 11.14 -8.63 17.58
CA LYS A 337 11.34 -7.70 16.47
C LYS A 337 10.26 -7.83 15.41
N ASP A 338 9.89 -6.69 14.82
CA ASP A 338 8.91 -6.64 13.72
C ASP A 338 7.59 -7.36 13.98
N VAL A 339 6.98 -7.06 15.12
CA VAL A 339 5.69 -7.66 15.46
C VAL A 339 4.59 -6.82 14.83
N ILE A 340 4.91 -5.57 14.50
CA ILE A 340 4.01 -4.69 13.76
C ILE A 340 4.82 -4.16 12.58
N THR A 341 4.48 -4.64 11.39
CA THR A 341 5.18 -4.29 10.16
C THR A 341 4.48 -3.16 9.43
N VAL A 342 5.14 -2.66 8.39
CA VAL A 342 4.56 -1.61 7.54
C VAL A 342 3.31 -2.16 6.88
N GLU A 343 3.32 -3.42 6.44
CA GLU A 343 2.14 -4.02 5.82
C GLU A 343 0.97 -4.06 6.77
N HIS A 344 1.24 -4.31 8.05
CA HIS A 344 0.17 -4.28 9.06
C HIS A 344 -0.39 -2.88 9.19
N MET A 345 0.50 -1.88 9.29
CA MET A 345 0.03 -0.50 9.50
C MET A 345 -0.78 0.06 8.33
N ARG A 346 -0.53 -0.43 7.12
CA ARG A 346 -1.28 0.02 5.96
C ARG A 346 -2.71 -0.49 5.94
N LYS A 347 -2.96 -1.58 6.67
N LYS A 347 -2.96 -1.58 6.67
CA LYS A 347 -4.31 -2.16 6.75
CA LYS A 347 -4.31 -2.15 6.75
C LYS A 347 -5.11 -1.62 7.94
C LYS A 347 -5.11 -1.62 7.94
N MET A 348 -4.47 -0.86 8.82
CA MET A 348 -5.14 -0.31 10.01
C MET A 348 -6.13 0.77 9.66
N LYS A 349 -7.12 0.95 10.53
CA LYS A 349 -8.12 1.96 10.27
C LYS A 349 -7.64 3.36 10.64
N GLU A 350 -8.38 4.34 10.13
CA GLU A 350 -8.08 5.75 10.32
C GLU A 350 -7.84 6.12 11.79
N ASN A 351 -6.69 6.72 12.03
CA ASN A 351 -6.25 7.20 13.34
C ASN A 351 -6.06 6.13 14.39
N ALA A 352 -5.69 4.94 13.95
CA ALA A 352 -5.38 3.86 14.88
C ALA A 352 -4.10 4.27 15.59
N TYR A 353 -4.03 3.98 16.89
CA TYR A 353 -2.85 4.31 17.68
C TYR A 353 -1.95 3.09 17.83
N ILE A 354 -0.64 3.33 17.81
CA ILE A 354 0.35 2.26 17.92
C ILE A 354 1.36 2.66 18.99
N ALA A 355 1.65 1.75 19.91
CA ALA A 355 2.59 2.03 20.99
C ALA A 355 3.37 0.79 21.37
N ASN A 356 4.53 1.02 21.96
CA ASN A 356 5.43 -0.04 22.39
C ASN A 356 5.76 0.13 23.87
N ILE A 357 5.60 -0.94 24.62
CA ILE A 357 5.92 -0.93 26.04
C ILE A 357 6.99 -1.98 26.29
N GLY A 358 7.48 -2.58 25.20
CA GLY A 358 8.48 -3.61 25.26
C GLY A 358 9.89 -3.08 25.39
N HIS A 359 10.61 -2.98 24.28
CA HIS A 359 12.01 -2.56 24.33
C HIS A 359 12.45 -1.82 23.07
N PHE A 360 13.52 -1.06 23.21
CA PHE A 360 14.11 -0.28 22.12
C PHE A 360 13.01 0.30 21.21
N ASP A 361 13.14 0.15 19.90
CA ASP A 361 12.13 0.66 18.98
C ASP A 361 11.91 -0.25 17.78
N ASP A 362 12.32 -1.50 17.88
CA ASP A 362 12.19 -2.44 16.76
C ASP A 362 10.97 -3.38 16.82
N GLU A 363 10.15 -3.28 17.86
CA GLU A 363 8.94 -4.12 17.94
C GLU A 363 8.00 -3.69 16.83
N ILE A 364 7.89 -2.38 16.66
CA ILE A 364 7.14 -1.77 15.58
C ILE A 364 8.22 -1.38 14.57
N ASP A 365 7.95 -1.55 13.29
CA ASP A 365 8.93 -1.17 12.28
C ASP A 365 8.83 0.34 12.02
N VAL A 366 9.36 1.12 12.95
CA VAL A 366 9.35 2.56 12.85
C VAL A 366 10.23 3.02 11.69
N TYR A 367 11.38 2.37 11.50
CA TYR A 367 12.27 2.75 10.41
C TYR A 367 11.54 2.68 9.07
N GLY A 368 10.88 1.55 8.83
CA GLY A 368 10.10 1.33 7.61
C GLY A 368 8.97 2.33 7.42
N LEU A 369 8.32 2.70 8.52
CA LEU A 369 7.23 3.68 8.49
C LEU A 369 7.75 5.07 8.14
N GLU A 370 8.77 5.52 8.87
CA GLU A 370 9.36 6.86 8.64
C GLU A 370 9.96 7.03 7.25
N ASN A 371 10.53 5.95 6.72
CA ASN A 371 11.17 5.96 5.40
C ASN A 371 10.29 5.45 4.27
N TYR A 372 9.00 5.27 4.52
CA TYR A 372 8.09 4.78 3.48
C TYR A 372 7.98 5.83 2.36
N PRO A 373 8.07 5.42 1.09
CA PRO A 373 7.99 6.39 -0.03
C PRO A 373 6.72 7.25 -0.05
N GLY A 374 6.92 8.57 0.02
CA GLY A 374 5.82 9.53 -0.03
C GLY A 374 4.98 9.67 1.22
N ILE A 375 5.50 9.18 2.34
CA ILE A 375 4.74 9.28 3.57
C ILE A 375 4.82 10.69 4.14
N LYS A 376 3.74 11.13 4.76
CA LYS A 376 3.68 12.44 5.37
C LYS A 376 3.62 12.25 6.87
N VAL A 377 4.29 13.13 7.61
CA VAL A 377 4.30 13.05 9.06
C VAL A 377 4.11 14.43 9.67
N ILE A 378 3.31 14.49 10.73
CA ILE A 378 3.09 15.72 11.47
C ILE A 378 3.18 15.41 12.95
N GLU A 379 3.69 16.38 13.69
CA GLU A 379 3.81 16.25 15.12
C GLU A 379 2.45 16.66 15.71
N VAL A 380 1.77 15.72 16.37
CA VAL A 380 0.47 16.00 17.01
C VAL A 380 0.72 16.74 18.31
N LYS A 381 1.76 16.31 19.01
CA LYS A 381 2.23 16.93 20.25
C LYS A 381 3.63 16.38 20.51
N GLN A 382 4.22 16.74 21.62
CA GLN A 382 5.55 16.22 21.97
C GLN A 382 5.46 14.67 22.03
N ASN A 383 6.31 14.01 21.24
CA ASN A 383 6.42 12.55 21.19
C ASN A 383 5.17 11.83 20.69
N VAL A 384 4.41 12.47 19.80
CA VAL A 384 3.23 11.84 19.19
C VAL A 384 3.20 12.30 17.75
N HIS A 385 3.31 11.35 16.82
CA HIS A 385 3.36 11.65 15.40
C HIS A 385 2.34 10.87 14.60
N LYS A 386 1.70 11.57 13.67
CA LYS A 386 0.67 10.98 12.81
C LYS A 386 1.28 10.82 11.41
N PHE A 387 1.28 9.57 10.93
CA PHE A 387 1.84 9.24 9.62
C PHE A 387 0.69 8.93 8.67
N THR A 388 0.73 9.54 7.49
CA THR A 388 -0.31 9.37 6.48
C THR A 388 0.27 8.72 5.23
N PHE A 389 -0.30 7.59 4.81
CA PHE A 389 0.16 6.91 3.60
C PHE A 389 -0.40 7.63 2.36
N PRO A 390 0.41 7.75 1.30
CA PRO A 390 -0.03 8.52 0.11
C PRO A 390 -1.13 7.89 -0.74
N ASP A 391 -1.16 6.56 -0.86
CA ASP A 391 -2.17 5.89 -1.70
C ASP A 391 -3.58 5.84 -1.10
N THR A 392 -3.69 5.45 0.16
CA THR A 392 -4.98 5.34 0.83
C THR A 392 -5.40 6.64 1.52
N GLN A 393 -4.43 7.51 1.81
CA GLN A 393 -4.66 8.75 2.56
C GLN A 393 -5.12 8.47 4.01
N LYS A 394 -4.91 7.23 4.46
CA LYS A 394 -5.23 6.85 5.82
C LYS A 394 -4.02 7.11 6.72
N SER A 395 -4.29 7.38 7.98
CA SER A 395 -3.24 7.71 8.93
C SER A 395 -3.19 6.79 10.14
N VAL A 396 -2.00 6.71 10.75
CA VAL A 396 -1.79 5.96 11.99
C VAL A 396 -1.03 6.88 12.91
N ILE A 397 -1.27 6.77 14.21
CA ILE A 397 -0.64 7.66 15.17
C ILE A 397 0.29 6.84 16.03
N LEU A 398 1.58 7.20 15.98
CA LEU A 398 2.62 6.49 16.70
C LEU A 398 3.05 7.29 17.93
N LEU A 399 3.08 6.61 19.08
CA LEU A 399 3.51 7.25 20.32
C LEU A 399 5.01 7.03 20.54
N CYS A 400 5.72 8.10 20.90
CA CYS A 400 7.17 8.06 21.19
C CYS A 400 8.06 7.44 20.14
N LYS A 401 7.76 7.62 18.88
CA LYS A 401 8.61 7.03 17.84
C LYS A 401 8.90 5.55 18.11
N GLY A 402 7.91 4.84 18.66
CA GLY A 402 8.05 3.41 18.94
C GLY A 402 8.88 3.01 20.14
N ARG A 403 9.27 3.98 20.97
CA ARG A 403 10.03 3.69 22.20
C ARG A 403 9.08 3.58 23.40
N LEU A 404 9.59 3.10 24.53
CA LEU A 404 8.76 2.89 25.74
C LEU A 404 7.72 3.97 25.97
N VAL A 405 6.45 3.61 25.78
CA VAL A 405 5.38 4.58 25.93
C VAL A 405 5.20 5.03 27.37
N ASN A 406 5.39 4.13 28.34
CA ASN A 406 5.20 4.46 29.75
C ASN A 406 6.24 5.44 30.28
N LEU A 407 7.45 5.36 29.76
CA LEU A 407 8.54 6.25 30.16
C LEU A 407 8.72 7.45 29.24
N GLY A 408 8.20 7.36 28.01
CA GLY A 408 8.31 8.43 27.03
C GLY A 408 7.21 9.44 27.10
N CYS A 409 5.97 8.96 27.14
CA CYS A 409 4.78 9.83 27.24
C CYS A 409 4.37 10.08 28.68
N ALA A 410 4.94 9.32 29.62
CA ALA A 410 4.65 9.49 31.04
C ALA A 410 5.91 9.34 31.86
N THR A 411 5.76 9.14 33.17
CA THR A 411 6.91 9.08 34.08
C THR A 411 7.32 7.68 34.54
N GLY A 412 6.89 6.64 33.82
CA GLY A 412 7.26 5.27 34.16
C GLY A 412 6.56 4.73 35.40
N HIS A 413 7.04 3.60 35.90
CA HIS A 413 6.42 2.98 37.06
C HIS A 413 6.50 3.87 38.29
N PRO A 414 5.54 3.70 39.20
CA PRO A 414 5.52 4.47 40.43
C PRO A 414 6.54 3.96 41.45
N PRO A 415 6.83 4.77 42.48
CA PRO A 415 7.86 4.44 43.47
C PRO A 415 7.79 3.08 44.17
N LEU A 416 6.62 2.66 44.61
CA LEU A 416 6.52 1.40 45.36
C LEU A 416 7.16 0.21 44.63
N VAL A 417 6.75 -0.04 43.40
CA VAL A 417 7.32 -1.18 42.68
C VAL A 417 8.78 -0.94 42.27
N MET A 418 9.14 0.31 41.99
CA MET A 418 10.54 0.58 41.64
C MET A 418 11.45 0.39 42.86
N SER A 419 10.91 0.59 44.06
CA SER A 419 11.69 0.36 45.28
C SER A 419 12.01 -1.13 45.40
N MET A 420 11.06 -1.97 45.00
CA MET A 420 11.25 -3.42 45.03
C MET A 420 12.34 -3.80 44.02
N SER A 421 12.26 -3.25 42.81
CA SER A 421 13.27 -3.55 41.81
C SER A 421 14.63 -3.01 42.21
N PHE A 422 14.65 -1.78 42.72
CA PHE A 422 15.89 -1.13 43.10
C PHE A 422 16.53 -1.65 44.38
N THR A 423 15.72 -2.22 45.26
CA THR A 423 16.28 -2.81 46.48
C THR A 423 17.09 -4.03 46.00
N ASN A 424 16.56 -4.75 45.01
CA ASN A 424 17.26 -5.87 44.39
C ASN A 424 18.58 -5.35 43.75
N GLN A 425 18.50 -4.22 43.05
CA GLN A 425 19.71 -3.64 42.42
C GLN A 425 20.82 -3.34 43.43
N VAL A 426 20.46 -2.67 44.53
CA VAL A 426 21.46 -2.33 45.54
C VAL A 426 22.08 -3.61 46.12
N LEU A 427 21.24 -4.61 46.41
CA LEU A 427 21.72 -5.87 46.97
C LEU A 427 22.66 -6.57 45.98
N ALA A 428 22.38 -6.41 44.67
CA ALA A 428 23.21 -7.02 43.64
C ALA A 428 24.57 -6.31 43.58
N GLN A 429 24.55 -4.98 43.64
CA GLN A 429 25.76 -4.19 43.63
C GLN A 429 26.64 -4.54 44.85
N MET A 430 26.02 -4.70 46.01
CA MET A 430 26.75 -5.08 47.22
C MET A 430 27.37 -6.47 47.07
N ASP A 431 26.65 -7.38 46.43
CA ASP A 431 27.13 -8.75 46.21
C ASP A 431 28.36 -8.76 45.30
N LEU A 432 28.26 -8.06 44.17
CA LEU A 432 29.37 -7.97 43.22
C LEU A 432 30.61 -7.32 43.82
N TRP A 433 30.41 -6.25 44.59
CA TRP A 433 31.50 -5.54 45.23
C TRP A 433 32.18 -6.37 46.32
N LYS A 434 31.39 -7.06 47.13
CA LYS A 434 31.93 -7.88 48.20
C LYS A 434 32.70 -9.10 47.65
N SER A 435 32.41 -9.49 46.41
CA SER A 435 33.06 -10.63 45.75
C SER A 435 34.24 -10.24 44.84
N ARG A 436 34.65 -8.98 44.82
CA ARG A 436 35.74 -8.55 43.92
C ARG A 436 37.03 -9.32 43.98
N GLU A 437 37.44 -9.79 45.17
CA GLU A 437 38.70 -10.55 45.29
C GLU A 437 38.71 -11.82 44.44
N LEU A 438 37.54 -12.43 44.25
CA LEU A 438 37.41 -13.66 43.47
C LEU A 438 37.51 -13.44 41.96
N VAL A 439 37.53 -12.20 41.51
CA VAL A 439 37.66 -11.89 40.08
C VAL A 439 39.15 -11.80 39.77
N ASP A 440 39.71 -12.90 39.29
CA ASP A 440 41.15 -12.99 38.98
C ASP A 440 41.34 -13.01 37.47
N ARG A 441 41.74 -11.87 36.91
CA ARG A 441 41.95 -11.73 35.46
C ARG A 441 43.32 -12.09 34.98
N SER A 442 44.16 -12.65 35.84
CA SER A 442 45.50 -13.10 35.41
C SER A 442 45.39 -14.42 34.64
N LYS A 443 44.17 -14.99 34.62
CA LYS A 443 43.87 -16.21 33.88
C LYS A 443 42.87 -15.88 32.76
N ASN A 444 42.42 -16.91 32.03
CA ASN A 444 41.43 -16.71 30.92
C ASN A 444 40.04 -17.02 31.46
N THR A 445 39.80 -16.45 32.62
CA THR A 445 38.57 -16.67 33.37
C THR A 445 37.31 -16.33 32.54
N ARG A 446 36.32 -17.22 32.67
N ARG A 446 36.31 -17.20 32.68
CA ARG A 446 35.03 -17.09 32.04
CA ARG A 446 35.02 -17.11 32.03
C ARG A 446 34.01 -16.63 33.10
C ARG A 446 34.01 -16.63 33.10
N PHE A 447 33.26 -15.58 32.77
CA PHE A 447 32.26 -15.11 33.73
C PHE A 447 30.86 -15.59 33.40
N PHE A 448 30.07 -15.71 34.46
CA PHE A 448 28.70 -16.20 34.36
C PHE A 448 27.65 -15.24 34.95
N VAL A 449 26.39 -15.57 34.72
CA VAL A 449 25.25 -14.81 35.21
C VAL A 449 24.61 -15.55 36.37
N LYS A 450 24.39 -14.88 37.50
CA LYS A 450 23.73 -15.52 38.62
C LYS A 450 22.56 -14.65 39.10
N LYS A 451 21.74 -15.19 39.98
CA LYS A 451 20.58 -14.49 40.52
C LYS A 451 20.72 -14.39 42.01
N LEU A 452 19.95 -13.49 42.61
CA LEU A 452 19.96 -13.34 44.06
C LEU A 452 19.15 -14.51 44.64
N SER A 453 19.45 -14.85 45.88
CA SER A 453 18.80 -15.96 46.56
C SER A 453 17.33 -15.64 46.90
N LYS A 454 16.57 -16.69 47.18
CA LYS A 454 15.19 -16.56 47.59
C LYS A 454 15.12 -15.82 48.93
N GLU A 455 16.09 -16.06 49.83
CA GLU A 455 16.12 -15.38 51.14
C GLU A 455 16.06 -13.86 50.94
N LEU A 456 16.90 -13.36 50.04
CA LEU A 456 16.93 -11.92 49.76
C LEU A 456 15.68 -11.48 49.02
N ASP A 457 15.18 -12.36 48.19
CA ASP A 457 14.00 -12.06 47.40
C ASP A 457 12.82 -11.84 48.39
N GLU A 458 12.69 -12.73 49.38
CA GLU A 458 11.66 -12.59 50.41
C GLU A 458 11.90 -11.36 51.27
N TYR A 459 13.17 -11.07 51.55
CA TYR A 459 13.54 -9.90 52.33
C TYR A 459 13.04 -8.63 51.63
N VAL A 460 13.22 -8.53 50.32
CA VAL A 460 12.75 -7.35 49.58
C VAL A 460 11.25 -7.17 49.83
N ALA A 461 10.49 -8.25 49.76
CA ALA A 461 9.07 -8.17 50.01
C ALA A 461 8.78 -7.73 51.46
N ARG A 462 9.45 -8.33 52.45
CA ARG A 462 9.24 -7.95 53.86
C ARG A 462 9.40 -6.46 54.11
N LEU A 463 10.44 -5.89 53.49
CA LEU A 463 10.72 -4.48 53.64
C LEU A 463 9.60 -3.55 53.17
N HIS A 464 8.70 -4.04 52.32
CA HIS A 464 7.62 -3.19 51.81
C HIS A 464 6.23 -3.51 52.37
N LEU A 465 6.12 -4.43 53.32
CA LEU A 465 4.81 -4.77 53.88
C LEU A 465 4.12 -3.64 54.64
N ASP A 466 4.86 -2.93 55.50
CA ASP A 466 4.27 -1.80 56.27
C ASP A 466 3.71 -0.68 55.43
N VAL A 467 4.33 -0.38 54.30
CA VAL A 467 3.81 0.64 53.38
C VAL A 467 2.31 0.45 53.18
N LEU A 468 1.89 -0.79 52.92
CA LEU A 468 0.48 -1.09 52.64
C LEU A 468 -0.34 -1.66 53.80
N GLY A 469 0.17 -1.57 55.01
CA GLY A 469 -0.54 -2.08 56.17
C GLY A 469 -0.77 -3.58 56.18
N ILE A 470 0.10 -4.32 55.49
CA ILE A 470 -0.02 -5.77 55.40
C ILE A 470 0.43 -6.42 56.71
N LYS A 471 -0.37 -7.34 57.22
CA LYS A 471 -0.04 -8.06 58.45
C LYS A 471 0.28 -9.51 58.13
N LEU A 472 1.54 -9.91 58.27
CA LEU A 472 1.92 -11.28 58.02
C LEU A 472 1.60 -12.20 59.15
N THR A 473 1.19 -13.41 58.80
CA THR A 473 0.92 -14.45 59.79
C THR A 473 2.26 -15.14 60.05
N LYS A 474 2.48 -15.60 61.26
CA LYS A 474 3.72 -16.27 61.63
C LYS A 474 3.41 -17.75 61.88
N LEU A 475 4.21 -18.62 61.31
CA LEU A 475 4.04 -20.06 61.49
C LEU A 475 4.37 -20.48 62.90
N THR A 476 3.67 -21.49 63.40
CA THR A 476 3.98 -22.07 64.70
C THR A 476 5.08 -23.09 64.43
N GLU A 477 5.75 -23.55 65.46
CA GLU A 477 6.80 -24.55 65.27
C GLU A 477 6.27 -25.82 64.60
N THR A 478 5.06 -26.24 64.99
CA THR A 478 4.40 -27.44 64.44
C THR A 478 4.04 -27.25 62.96
N GLN A 479 3.51 -26.08 62.63
CA GLN A 479 3.14 -25.78 61.24
C GLN A 479 4.36 -25.76 60.36
N ALA A 480 5.44 -25.15 60.84
CA ALA A 480 6.68 -25.05 60.07
C ALA A 480 7.22 -26.45 59.76
N LYS A 481 7.14 -27.33 60.75
CA LYS A 481 7.58 -28.69 60.56
C LYS A 481 6.65 -29.42 59.59
N TYR A 482 5.36 -29.15 59.70
CA TYR A 482 4.36 -29.82 58.85
C TYR A 482 4.57 -29.53 57.37
N ILE A 483 4.81 -28.25 57.00
CA ILE A 483 5.04 -27.89 55.58
C ILE A 483 6.55 -27.88 55.23
N ASN A 484 7.37 -28.32 56.17
CA ASN A 484 8.81 -28.48 55.97
C ASN A 484 9.59 -27.22 55.59
N VAL A 485 9.38 -26.15 56.36
CA VAL A 485 10.09 -24.89 56.15
C VAL A 485 10.50 -24.31 57.48
N SER A 486 11.42 -23.35 57.41
CA SER A 486 11.83 -22.64 58.59
C SER A 486 10.80 -21.54 58.85
N ILE A 487 10.57 -21.23 60.12
CA ILE A 487 9.64 -20.17 60.47
C ILE A 487 10.00 -18.87 59.74
N ASN A 488 11.30 -18.63 59.54
CA ASN A 488 11.78 -17.43 58.87
C ASN A 488 12.00 -17.59 57.37
N GLY A 489 11.57 -18.72 56.81
CA GLY A 489 11.72 -18.95 55.37
C GLY A 489 13.10 -19.44 54.97
N PRO A 490 13.34 -19.63 53.68
CA PRO A 490 12.35 -19.41 52.60
C PRO A 490 11.17 -20.38 52.66
N TYR A 491 10.03 -19.92 52.18
CA TYR A 491 8.77 -20.69 52.25
C TYR A 491 8.41 -21.51 51.01
N LYS A 492 9.14 -21.33 49.93
CA LYS A 492 8.81 -22.01 48.69
C LYS A 492 10.04 -22.66 48.08
N SER A 493 9.83 -23.70 47.25
CA SER A 493 10.91 -24.35 46.52
C SER A 493 11.45 -23.41 45.47
N GLU A 494 12.66 -23.68 44.98
CA GLU A 494 13.28 -22.82 43.96
C GLU A 494 12.51 -22.73 42.65
N ASP A 495 11.75 -23.77 42.33
CA ASP A 495 10.98 -23.80 41.08
C ASP A 495 9.57 -23.22 41.19
N TYR A 496 9.19 -22.73 42.38
CA TYR A 496 7.84 -22.19 42.60
C TYR A 496 7.64 -20.94 41.76
N ARG A 497 6.48 -20.85 41.13
CA ARG A 497 6.20 -19.76 40.18
C ARG A 497 5.37 -18.59 40.71
N TYR A 498 4.87 -18.67 41.93
CA TYR A 498 4.06 -17.56 42.49
C TYR A 498 2.92 -17.19 41.55
N LYS B 5 -11.31 -58.22 45.60
CA LYS B 5 -10.57 -59.18 44.72
C LYS B 5 -10.76 -58.95 43.20
N MET B 6 -11.49 -59.85 42.53
CA MET B 6 -11.72 -59.83 41.09
C MET B 6 -12.78 -58.76 40.71
N GLU B 7 -13.87 -58.71 41.48
CA GLU B 7 -14.99 -57.82 41.21
C GLU B 7 -14.91 -56.49 41.95
N SER B 8 -15.52 -55.48 41.33
CA SER B 8 -15.57 -54.14 41.83
C SER B 8 -16.56 -53.97 42.99
N ARG B 9 -16.32 -52.93 43.80
CA ARG B 9 -17.21 -52.52 44.89
C ARG B 9 -17.60 -51.08 44.61
N ILE B 10 -18.81 -50.90 44.11
CA ILE B 10 -19.37 -49.58 43.81
C ILE B 10 -20.79 -49.50 44.39
N LYS B 11 -21.44 -48.35 44.28
CA LYS B 11 -22.78 -48.22 44.83
C LYS B 11 -23.86 -48.83 43.94
N ASP B 12 -23.88 -48.45 42.66
CA ASP B 12 -24.95 -48.89 41.78
C ASP B 12 -24.56 -48.91 40.29
N ILE B 13 -24.42 -50.12 39.75
CA ILE B 13 -24.05 -50.34 38.35
C ILE B 13 -25.08 -49.74 37.37
N SER B 14 -26.34 -49.61 37.79
CA SER B 14 -27.40 -49.07 36.91
C SER B 14 -27.24 -47.58 36.57
N LEU B 15 -26.34 -46.89 37.27
CA LEU B 15 -26.06 -45.49 36.99
C LEU B 15 -25.07 -45.35 35.82
N ALA B 16 -24.61 -46.49 35.29
CA ALA B 16 -23.65 -46.51 34.19
C ALA B 16 -24.02 -45.67 32.98
N GLU B 17 -25.28 -45.75 32.55
CA GLU B 17 -25.71 -45.01 31.36
C GLU B 17 -25.53 -43.49 31.51
N PHE B 18 -25.86 -42.94 32.68
CA PHE B 18 -25.69 -41.50 32.94
C PHE B 18 -24.21 -41.14 32.91
N GLY B 19 -23.37 -42.02 33.46
CA GLY B 19 -21.92 -41.81 33.48
C GLY B 19 -21.32 -41.78 32.09
N LEU B 20 -21.77 -42.68 31.23
CA LEU B 20 -21.28 -42.76 29.85
C LEU B 20 -21.69 -41.53 29.05
N GLN B 21 -22.90 -41.00 29.32
CA GLN B 21 -23.37 -39.80 28.64
C GLN B 21 -22.53 -38.59 29.06
N ASP B 22 -22.25 -38.47 30.36
CA ASP B 22 -21.43 -37.36 30.87
C ASP B 22 -20.00 -37.45 30.36
N MET B 23 -19.48 -38.68 30.25
CA MET B 23 -18.13 -38.87 29.71
C MET B 23 -18.04 -38.32 28.30
N GLU B 24 -19.02 -38.64 27.46
CA GLU B 24 -19.00 -38.18 26.07
C GLU B 24 -19.12 -36.67 25.96
N ILE B 25 -19.92 -36.06 26.82
CA ILE B 25 -20.07 -34.59 26.81
C ILE B 25 -18.78 -33.95 27.30
N ALA B 26 -18.20 -34.52 28.35
CA ALA B 26 -16.95 -34.02 28.89
C ALA B 26 -15.81 -34.09 27.88
N LYS B 27 -15.76 -35.14 27.07
CA LYS B 27 -14.71 -35.30 26.05
C LYS B 27 -14.71 -34.21 24.99
N THR B 28 -15.81 -33.49 24.84
CA THR B 28 -15.84 -32.39 23.90
C THR B 28 -14.72 -31.39 24.23
N ASP B 29 -14.48 -31.19 25.52
CA ASP B 29 -13.46 -30.28 26.02
C ASP B 29 -12.14 -30.92 26.44
N MET B 30 -12.13 -32.22 26.73
CA MET B 30 -10.89 -32.88 27.16
C MET B 30 -10.07 -33.33 25.95
N MET B 31 -9.72 -32.39 25.07
CA MET B 31 -9.02 -32.74 23.84
C MET B 31 -7.65 -33.39 24.00
N GLY B 32 -6.99 -33.13 25.14
CA GLY B 32 -5.69 -33.72 25.38
C GLY B 32 -5.82 -35.23 25.48
N LEU B 33 -6.75 -35.69 26.31
CA LEU B 33 -6.98 -37.11 26.48
C LEU B 33 -7.50 -37.74 25.20
N VAL B 34 -8.37 -37.03 24.48
CA VAL B 34 -8.93 -37.51 23.23
C VAL B 34 -7.82 -37.70 22.19
N GLU B 35 -6.88 -36.76 22.14
CA GLU B 35 -5.78 -36.86 21.19
C GLU B 35 -4.84 -38.02 21.53
N LEU B 36 -4.55 -38.21 22.82
CA LEU B 36 -3.70 -39.33 23.24
C LEU B 36 -4.37 -40.65 22.89
N GLN B 37 -5.69 -40.74 23.06
CA GLN B 37 -6.39 -41.97 22.69
C GLN B 37 -6.24 -42.20 21.19
N ARG B 38 -6.49 -41.17 20.39
CA ARG B 38 -6.42 -41.30 18.93
C ARG B 38 -5.00 -41.66 18.46
N LYS B 39 -4.00 -41.07 19.09
CA LYS B 39 -2.63 -41.29 18.69
C LYS B 39 -2.02 -42.63 19.14
N TYR B 40 -2.40 -43.10 20.33
CA TYR B 40 -1.79 -44.31 20.88
C TYR B 40 -2.67 -45.56 21.08
N ARG B 41 -3.95 -45.50 20.74
CA ARG B 41 -4.81 -46.67 20.92
C ARG B 41 -4.36 -47.89 20.09
N ASP B 42 -3.66 -47.67 18.99
CA ASP B 42 -3.20 -48.79 18.13
C ASP B 42 -1.87 -49.36 18.61
N SER B 43 -0.89 -48.49 18.89
CA SER B 43 0.44 -48.93 19.32
C SER B 43 0.47 -49.45 20.77
N LYS B 44 -0.50 -49.08 21.59
CA LYS B 44 -0.58 -49.55 22.99
C LYS B 44 0.75 -49.38 23.76
N PRO B 45 1.21 -48.15 23.97
CA PRO B 45 2.49 -47.96 24.67
C PRO B 45 2.53 -48.49 26.10
N LEU B 46 1.37 -48.64 26.74
CA LEU B 46 1.29 -49.18 28.12
C LEU B 46 0.86 -50.65 28.16
N LYS B 47 0.95 -51.35 27.04
CA LYS B 47 0.54 -52.77 26.98
C LYS B 47 1.26 -53.61 28.02
N GLY B 48 0.46 -54.31 28.84
CA GLY B 48 0.97 -55.18 29.90
C GLY B 48 1.15 -54.52 31.26
N ALA B 49 1.01 -53.20 31.32
CA ALA B 49 1.20 -52.48 32.56
C ALA B 49 0.00 -52.61 33.48
N ARG B 50 0.27 -52.86 34.75
CA ARG B 50 -0.76 -52.94 35.79
C ARG B 50 -0.71 -51.61 36.54
N ILE B 51 -1.77 -50.81 36.41
CA ILE B 51 -1.83 -49.50 37.02
C ILE B 51 -2.89 -49.39 38.11
N THR B 52 -2.46 -48.98 39.30
CA THR B 52 -3.37 -48.76 40.43
C THR B 52 -3.47 -47.25 40.60
N GLY B 53 -4.69 -46.74 40.70
CA GLY B 53 -4.88 -45.31 40.87
C GLY B 53 -5.66 -44.94 42.12
N SER B 54 -5.18 -43.91 42.83
CA SER B 54 -5.86 -43.35 44.01
C SER B 54 -6.10 -41.89 43.66
N LEU B 55 -7.29 -41.60 43.12
CA LEU B 55 -7.64 -40.26 42.67
C LEU B 55 -9.16 -40.09 42.49
N HIS B 56 -9.71 -39.03 43.08
CA HIS B 56 -11.14 -38.68 43.03
C HIS B 56 -11.80 -39.28 41.81
N LEU B 57 -12.67 -40.27 42.00
CA LEU B 57 -13.29 -40.94 40.85
C LEU B 57 -14.48 -40.15 40.34
N THR B 58 -14.16 -39.13 39.55
CA THR B 58 -15.14 -38.25 38.93
C THR B 58 -15.27 -38.62 37.46
N ILE B 59 -16.19 -37.95 36.76
CA ILE B 59 -16.35 -38.16 35.32
C ILE B 59 -15.04 -37.85 34.61
N GLU B 60 -14.38 -36.77 35.03
CA GLU B 60 -13.11 -36.39 34.43
C GLU B 60 -12.07 -37.51 34.61
N THR B 61 -12.02 -38.07 35.82
CA THR B 61 -11.10 -39.16 36.11
C THR B 61 -11.46 -40.40 35.28
N SER B 62 -12.75 -40.61 35.00
CA SER B 62 -13.15 -41.74 34.17
C SER B 62 -12.55 -41.69 32.77
N VAL B 63 -12.41 -40.46 32.25
CA VAL B 63 -11.82 -40.28 30.93
C VAL B 63 -10.32 -40.57 31.01
N LEU B 64 -9.68 -40.20 32.12
CA LEU B 64 -8.26 -40.52 32.34
C LEU B 64 -8.09 -42.03 32.32
N VAL B 65 -8.89 -42.71 33.13
CA VAL B 65 -8.84 -44.17 33.23
C VAL B 65 -9.09 -44.81 31.86
N GLU B 66 -10.05 -44.27 31.13
CA GLU B 66 -10.37 -44.77 29.80
C GLU B 66 -9.16 -44.62 28.88
N THR B 67 -8.47 -43.49 29.01
CA THR B 67 -7.30 -43.22 28.18
C THR B 67 -6.18 -44.23 28.48
N LEU B 68 -5.92 -44.47 29.76
CA LEU B 68 -4.91 -45.44 30.17
C LEU B 68 -5.25 -46.83 29.64
N TYR B 69 -6.54 -47.18 29.69
CA TYR B 69 -7.01 -48.46 29.18
C TYR B 69 -6.82 -48.58 27.68
N GLU B 70 -7.20 -47.54 26.94
CA GLU B 70 -7.04 -47.54 25.48
C GLU B 70 -5.56 -47.67 25.10
N LEU B 71 -4.67 -47.18 25.95
CA LEU B 71 -3.22 -47.28 25.71
C LEU B 71 -2.64 -48.65 26.13
N GLY B 72 -3.51 -49.56 26.55
CA GLY B 72 -3.13 -50.95 26.85
C GLY B 72 -2.96 -51.41 28.28
N ALA B 73 -3.16 -50.51 29.24
CA ALA B 73 -2.98 -50.89 30.63
C ALA B 73 -4.18 -51.60 31.22
N GLU B 74 -3.93 -52.44 32.23
CA GLU B 74 -4.96 -53.10 33.01
C GLU B 74 -5.06 -52.16 34.20
N ILE B 75 -6.27 -51.93 34.72
CA ILE B 75 -6.44 -50.93 35.77
C ILE B 75 -7.32 -51.30 36.98
N ARG B 76 -6.87 -50.86 38.15
CA ARG B 76 -7.61 -50.99 39.41
C ARG B 76 -7.60 -49.59 39.98
N TRP B 77 -8.76 -49.14 40.45
CA TRP B 77 -8.86 -47.76 40.89
C TRP B 77 -9.67 -47.59 42.17
N CYS B 78 -9.32 -46.54 42.91
CA CYS B 78 -10.03 -46.16 44.12
C CYS B 78 -9.96 -44.64 44.19
N SER B 79 -10.78 -44.05 45.03
CA SER B 79 -10.79 -42.61 45.18
C SER B 79 -9.78 -42.22 46.24
N CYS B 80 -9.33 -40.96 46.21
CA CYS B 80 -8.38 -40.44 47.20
C CYS B 80 -9.09 -39.60 48.26
N ASN B 81 -10.42 -39.62 48.28
CA ASN B 81 -11.20 -38.83 49.22
C ASN B 81 -12.57 -39.50 49.42
N ILE B 82 -12.98 -39.65 50.68
CA ILE B 82 -14.23 -40.33 51.00
C ILE B 82 -15.52 -39.72 50.41
N TYR B 83 -15.52 -38.45 50.05
CA TYR B 83 -16.71 -37.81 49.50
C TYR B 83 -16.67 -37.46 48.02
N SER B 84 -15.49 -37.53 47.41
CA SER B 84 -15.33 -37.08 46.01
C SER B 84 -15.84 -37.96 44.89
N THR B 85 -16.07 -39.25 45.15
CA THR B 85 -16.50 -40.13 44.09
C THR B 85 -17.88 -39.79 43.54
N GLN B 86 -18.01 -39.85 42.22
CA GLN B 86 -19.28 -39.66 41.52
C GLN B 86 -19.68 -41.09 41.14
N ASP B 87 -20.73 -41.59 41.77
CA ASP B 87 -21.18 -42.97 41.56
C ASP B 87 -21.47 -43.37 40.11
N HIS B 88 -22.01 -42.43 39.33
CA HIS B 88 -22.30 -42.74 37.93
C HIS B 88 -21.02 -42.88 37.12
N ALA B 89 -19.96 -42.19 37.53
CA ALA B 89 -18.66 -42.28 36.85
C ALA B 89 -18.03 -43.62 37.14
N ALA B 90 -18.15 -44.08 38.38
CA ALA B 90 -17.61 -45.38 38.80
C ALA B 90 -18.33 -46.50 38.08
N ALA B 91 -19.65 -46.40 38.01
CA ALA B 91 -20.47 -47.40 37.35
C ALA B 91 -20.11 -47.55 35.88
N ALA B 92 -19.85 -46.42 35.23
CA ALA B 92 -19.49 -46.42 33.80
C ALA B 92 -18.23 -47.25 33.55
N LEU B 93 -17.24 -47.09 34.41
CA LEU B 93 -15.98 -47.83 34.29
C LEU B 93 -16.20 -49.33 34.45
N VAL B 94 -16.98 -49.71 35.46
CA VAL B 94 -17.26 -51.12 35.72
C VAL B 94 -18.10 -51.72 34.59
N LYS B 95 -19.12 -50.98 34.17
CA LYS B 95 -20.01 -51.46 33.11
C LYS B 95 -19.26 -51.78 31.81
N LYS B 96 -18.29 -50.95 31.45
CA LYS B 96 -17.54 -51.17 30.20
C LYS B 96 -16.25 -51.99 30.38
N ASN B 97 -16.03 -52.58 31.56
CA ASN B 97 -14.81 -53.36 31.85
C ASN B 97 -13.49 -52.62 31.63
N ILE B 98 -13.53 -51.30 31.83
CA ILE B 98 -12.33 -50.48 31.67
C ILE B 98 -11.40 -50.70 32.86
N ALA B 99 -12.00 -50.89 34.04
CA ALA B 99 -11.21 -51.06 35.25
C ALA B 99 -11.98 -51.73 36.37
N THR B 100 -11.24 -52.17 37.38
CA THR B 100 -11.82 -52.78 38.57
C THR B 100 -11.82 -51.63 39.56
N VAL B 101 -13.01 -51.22 40.00
CA VAL B 101 -13.15 -50.05 40.87
C VAL B 101 -13.58 -50.39 42.29
N PHE B 102 -12.97 -49.68 43.24
CA PHE B 102 -13.30 -49.81 44.66
C PHE B 102 -13.55 -48.38 45.14
N ALA B 103 -14.75 -47.88 44.90
CA ALA B 103 -15.10 -46.51 45.27
C ALA B 103 -16.60 -46.20 45.22
N TRP B 104 -17.01 -45.32 46.13
CA TRP B 104 -18.37 -44.83 46.21
C TRP B 104 -18.40 -43.54 47.01
N LYS B 105 -19.43 -42.73 46.79
CA LYS B 105 -19.56 -41.46 47.49
C LYS B 105 -19.97 -41.76 48.92
N ASN B 106 -19.41 -40.99 49.86
CA ASN B 106 -19.70 -41.11 51.30
C ASN B 106 -19.23 -42.43 51.93
N GLU B 107 -17.95 -42.72 51.73
CA GLU B 107 -17.30 -43.88 52.32
C GLU B 107 -16.99 -43.57 53.77
N THR B 108 -16.84 -44.61 54.58
CA THR B 108 -16.38 -44.43 55.93
C THR B 108 -14.86 -44.41 55.78
N ILE B 109 -14.16 -43.88 56.76
CA ILE B 109 -12.71 -43.86 56.72
C ILE B 109 -12.17 -45.29 56.70
N GLU B 110 -12.82 -46.20 57.41
CA GLU B 110 -12.39 -47.60 57.41
C GLU B 110 -12.44 -48.17 56.00
N ASP B 111 -13.57 -47.96 55.32
CA ASP B 111 -13.77 -48.45 53.95
C ASP B 111 -12.80 -47.80 52.96
N TYR B 112 -12.43 -46.55 53.20
CA TYR B 112 -11.48 -45.84 52.34
C TYR B 112 -10.18 -46.62 52.21
N TRP B 113 -9.60 -46.98 53.35
CA TRP B 113 -8.33 -47.72 53.38
C TRP B 113 -8.45 -49.16 52.88
N VAL B 114 -9.61 -49.78 53.09
CA VAL B 114 -9.84 -51.14 52.59
C VAL B 114 -9.88 -51.09 51.06
N CYS B 115 -10.54 -50.06 50.51
CA CYS B 115 -10.63 -49.88 49.07
C CYS B 115 -9.26 -49.66 48.44
N LEU B 116 -8.45 -48.81 49.08
CA LEU B 116 -7.09 -48.52 48.61
C LEU B 116 -6.27 -49.80 48.60
N ASN B 117 -6.35 -50.57 49.68
CA ASN B 117 -5.62 -51.81 49.79
C ASN B 117 -6.07 -52.79 48.70
N ASP B 118 -7.38 -52.84 48.45
CA ASP B 118 -7.92 -53.71 47.40
C ASP B 118 -7.42 -53.28 46.03
N ALA B 119 -7.36 -51.97 45.79
CA ALA B 119 -6.88 -51.45 44.51
C ALA B 119 -5.41 -51.77 44.27
N MET B 120 -4.64 -51.87 45.35
CA MET B 120 -3.22 -52.20 45.26
C MET B 120 -2.97 -53.71 45.08
N THR B 121 -4.01 -54.52 45.32
CA THR B 121 -3.87 -55.99 45.24
C THR B 121 -4.21 -56.56 43.88
N TRP B 122 -3.22 -57.20 43.24
CA TRP B 122 -3.40 -57.80 41.93
C TRP B 122 -3.14 -59.30 41.94
N ARG B 123 -3.88 -60.03 41.11
CA ARG B 123 -3.68 -61.46 40.94
C ARG B 123 -2.60 -61.63 39.87
N ASN B 124 -1.51 -62.30 40.24
CA ASN B 124 -0.35 -62.51 39.36
C ASN B 124 -0.76 -63.29 38.09
N PRO B 125 -0.46 -62.74 36.88
CA PRO B 125 -0.88 -63.48 35.67
C PRO B 125 -0.18 -64.82 35.41
N ASN B 126 1.01 -65.06 36.00
CA ASN B 126 1.73 -66.34 35.84
C ASN B 126 1.02 -67.43 36.63
N ASP B 127 0.96 -67.23 37.95
CA ASP B 127 0.28 -68.14 38.86
C ASP B 127 -0.92 -67.36 39.41
N LYS B 128 -2.12 -67.74 38.99
CA LYS B 128 -3.35 -67.04 39.40
C LYS B 128 -3.66 -67.15 40.91
N ASP B 129 -3.10 -68.19 41.55
CA ASP B 129 -3.28 -68.43 43.00
C ASP B 129 -2.35 -67.55 43.88
N LYS B 130 -1.49 -66.74 43.26
CA LYS B 130 -0.56 -65.84 43.98
C LYS B 130 -0.92 -64.36 43.79
N ILE B 131 -0.45 -63.54 44.74
CA ILE B 131 -0.69 -62.09 44.75
C ILE B 131 0.57 -61.31 44.34
N CYS B 132 0.35 -60.11 43.80
CA CYS B 132 1.43 -59.19 43.42
C CYS B 132 0.89 -57.75 43.47
N GLY B 133 1.74 -56.77 43.15
CA GLY B 133 1.33 -55.37 43.19
C GLY B 133 1.22 -54.75 41.83
N PRO B 134 1.02 -53.42 41.77
CA PRO B 134 0.96 -52.76 40.49
C PRO B 134 2.35 -52.47 39.95
N ASN B 135 2.42 -52.14 38.66
CA ASN B 135 3.66 -51.75 38.01
C ASN B 135 3.84 -50.25 38.16
N LEU B 136 2.71 -49.52 38.08
CA LEU B 136 2.70 -48.08 38.16
C LEU B 136 1.57 -47.60 39.05
N ILE B 137 1.75 -46.41 39.63
CA ILE B 137 0.74 -45.82 40.51
C ILE B 137 0.41 -44.38 40.11
N VAL B 138 -0.88 -44.05 40.08
CA VAL B 138 -1.33 -42.68 39.85
C VAL B 138 -1.84 -42.29 41.23
N ASP B 139 -1.20 -41.32 41.85
CA ASP B 139 -1.56 -40.95 43.22
C ASP B 139 -1.95 -39.49 43.29
N ASP B 140 -2.89 -39.18 44.18
CA ASP B 140 -3.41 -37.84 44.38
C ASP B 140 -3.52 -37.56 45.87
N GLY B 141 -2.43 -37.08 46.45
CA GLY B 141 -2.38 -36.81 47.90
C GLY B 141 -1.35 -37.67 48.61
N GLY B 142 -0.87 -38.72 47.94
CA GLY B 142 0.15 -39.59 48.48
C GLY B 142 -0.27 -40.78 49.32
N ASP B 143 -1.58 -41.05 49.43
CA ASP B 143 -2.03 -42.20 50.26
C ASP B 143 -1.61 -43.57 49.73
N ALA B 144 -1.60 -43.74 48.42
CA ALA B 144 -1.16 -45.01 47.81
C ALA B 144 0.33 -45.21 48.06
N THR B 145 1.08 -44.11 47.94
CA THR B 145 2.51 -44.11 48.17
C THR B 145 2.81 -44.32 49.67
N LEU B 146 1.93 -43.80 50.52
CA LEU B 146 2.10 -43.93 51.97
C LEU B 146 1.88 -45.36 52.45
N ILE B 147 0.78 -45.99 52.03
CA ILE B 147 0.48 -47.36 52.47
C ILE B 147 1.60 -48.31 52.02
N LEU B 148 2.18 -48.06 50.86
CA LEU B 148 3.29 -48.88 50.35
C LEU B 148 4.52 -48.77 51.26
N HIS B 149 4.97 -47.54 51.50
CA HIS B 149 6.15 -47.31 52.33
C HIS B 149 5.96 -47.73 53.79
N GLU B 150 4.76 -47.47 54.33
CA GLU B 150 4.45 -47.87 55.71
C GLU B 150 4.30 -49.38 55.82
N GLY B 151 3.84 -49.99 54.72
CA GLY B 151 3.71 -51.43 54.63
C GLY B 151 5.07 -52.10 54.68
N VAL B 152 6.03 -51.57 53.91
CA VAL B 152 7.39 -52.09 53.91
C VAL B 152 8.00 -51.95 55.30
N LYS B 153 7.83 -50.77 55.92
CA LYS B 153 8.37 -50.54 57.27
C LYS B 153 7.78 -51.52 58.28
N ALA B 154 6.48 -51.75 58.17
CA ALA B 154 5.78 -52.66 59.07
C ALA B 154 6.32 -54.10 58.93
N GLU B 155 6.59 -54.51 57.70
CA GLU B 155 7.11 -55.85 57.44
C GLU B 155 8.53 -56.05 57.97
N ILE B 156 9.35 -55.01 57.87
CA ILE B 156 10.73 -55.06 58.38
C ILE B 156 10.74 -55.16 59.91
N GLU B 157 9.87 -54.37 60.55
CA GLU B 157 9.72 -54.38 62.00
C GLU B 157 9.13 -55.70 62.50
N TYR B 158 8.29 -56.31 61.66
CA TYR B 158 7.67 -57.59 61.99
C TYR B 158 8.71 -58.70 62.02
N GLU B 159 9.58 -58.76 60.99
CA GLU B 159 10.64 -59.78 60.94
C GLU B 159 11.68 -59.62 62.04
N LYS B 160 12.01 -58.36 62.34
CA LYS B 160 13.02 -58.03 63.37
C LYS B 160 12.70 -58.63 64.75
N TYR B 161 11.47 -58.43 65.23
CA TYR B 161 11.04 -58.93 66.55
C TYR B 161 10.11 -60.15 66.50
N ASN B 162 9.76 -60.57 65.29
CA ASN B 162 8.88 -61.73 65.06
C ASN B 162 7.49 -61.60 65.72
N LYS B 163 6.99 -60.36 65.80
CA LYS B 163 5.66 -60.07 66.37
C LYS B 163 5.07 -58.82 65.71
N ILE B 164 3.76 -58.65 65.87
CA ILE B 164 3.08 -57.48 65.33
C ILE B 164 3.65 -56.24 66.03
N PRO B 165 4.15 -55.24 65.26
CA PRO B 165 4.70 -54.01 65.85
C PRO B 165 3.69 -53.33 66.77
N GLU B 166 4.16 -52.88 67.94
CA GLU B 166 3.27 -52.25 68.92
C GLU B 166 2.64 -50.94 68.46
N TYR B 167 3.24 -50.25 67.48
CA TYR B 167 2.64 -48.99 66.99
C TYR B 167 1.36 -49.22 66.17
N LEU B 168 1.19 -50.44 65.65
CA LEU B 168 0.00 -50.80 64.87
C LEU B 168 -1.19 -51.25 65.73
N GLU B 169 -0.93 -51.59 67.00
CA GLU B 169 -1.97 -52.06 67.92
C GLU B 169 -2.49 -50.95 68.83
N THR B 170 -1.62 -50.01 69.20
CA THR B 170 -2.01 -48.87 70.04
C THR B 170 -2.93 -47.91 69.29
N GLU B 171 -3.79 -47.26 70.07
CA GLU B 171 -4.75 -46.31 69.58
C GLU B 171 -4.20 -44.87 69.78
N LEU B 172 -3.07 -44.77 70.47
CA LEU B 172 -2.42 -43.48 70.77
C LEU B 172 -1.14 -43.35 69.96
N ASP B 173 -0.61 -42.13 69.86
CA ASP B 173 0.65 -41.87 69.15
C ASP B 173 1.82 -41.82 70.14
N GLU B 174 3.01 -41.40 69.69
CA GLU B 174 4.19 -41.33 70.57
C GLU B 174 4.02 -40.36 71.74
N ASN B 175 3.21 -39.30 71.54
CA ASN B 175 2.98 -38.27 72.57
C ASN B 175 1.72 -38.49 73.44
N GLY B 176 1.03 -39.62 73.26
CA GLY B 176 -0.17 -39.93 74.05
C GLY B 176 -1.51 -39.45 73.51
N LYS B 177 -1.49 -38.73 72.37
CA LYS B 177 -2.72 -38.21 71.74
C LYS B 177 -3.32 -39.25 70.80
N GLN B 178 -4.65 -39.22 70.64
CA GLN B 178 -5.35 -40.15 69.75
C GLN B 178 -4.81 -40.04 68.33
N LEU B 179 -4.58 -41.18 67.70
CA LEU B 179 -4.14 -41.21 66.32
C LEU B 179 -5.30 -40.74 65.46
N SER B 180 -5.01 -40.17 64.30
CA SER B 180 -6.08 -39.75 63.40
C SER B 180 -6.80 -40.99 62.92
N MET B 181 -8.07 -40.85 62.55
CA MET B 181 -8.82 -41.98 62.03
C MET B 181 -8.13 -42.60 60.81
N ASP B 182 -7.57 -41.74 59.95
CA ASP B 182 -6.88 -42.21 58.76
C ASP B 182 -5.68 -43.11 59.11
N LEU B 183 -4.95 -42.76 60.16
CA LEU B 183 -3.82 -43.60 60.59
C LEU B 183 -4.29 -44.92 61.23
N LYS B 184 -5.31 -44.84 62.09
CA LYS B 184 -5.82 -46.04 62.74
C LYS B 184 -6.32 -47.05 61.72
N CYS B 185 -7.08 -46.55 60.75
CA CYS B 185 -7.65 -47.42 59.72
C CYS B 185 -6.63 -47.97 58.74
N MET B 186 -5.54 -47.23 58.49
CA MET B 186 -4.49 -47.74 57.63
C MET B 186 -3.73 -48.84 58.39
N TYR B 187 -3.41 -48.55 59.66
CA TYR B 187 -2.71 -49.48 60.55
C TYR B 187 -3.47 -50.78 60.72
N LYS B 188 -4.80 -50.66 60.81
CA LYS B 188 -5.68 -51.81 60.91
C LYS B 188 -5.53 -52.71 59.66
N VAL B 189 -5.40 -52.08 58.49
CA VAL B 189 -5.21 -52.79 57.23
C VAL B 189 -3.81 -53.42 57.17
N LEU B 190 -2.79 -52.67 57.60
CA LEU B 190 -1.42 -53.17 57.60
C LEU B 190 -1.27 -54.36 58.53
N LYS B 191 -1.90 -54.30 59.70
CA LYS B 191 -1.86 -55.39 60.66
C LYS B 191 -2.48 -56.65 60.04
N MET B 192 -3.65 -56.46 59.44
CA MET B 192 -4.38 -57.54 58.78
C MET B 192 -3.51 -58.19 57.69
N GLU B 193 -2.78 -57.38 56.92
CA GLU B 193 -1.90 -57.91 55.86
C GLU B 193 -0.64 -58.60 56.38
N LEU B 194 -0.14 -58.21 57.55
CA LEU B 194 1.01 -58.88 58.16
C LEU B 194 0.62 -60.31 58.55
N LEU B 195 -0.63 -60.47 59.02
CA LEU B 195 -1.15 -61.78 59.41
C LEU B 195 -1.39 -62.68 58.21
N LYS B 196 -1.78 -62.10 57.07
CA LYS B 196 -2.04 -62.87 55.85
C LYS B 196 -0.76 -63.23 55.11
N ASN B 197 0.07 -62.22 54.85
CA ASN B 197 1.31 -62.39 54.11
C ASN B 197 2.31 -61.28 54.47
N PRO B 198 3.28 -61.58 55.35
CA PRO B 198 4.27 -60.56 55.76
C PRO B 198 5.36 -60.20 54.73
N PHE B 199 5.24 -60.71 53.49
CA PHE B 199 6.18 -60.35 52.42
C PHE B 199 5.42 -59.65 51.28
N ARG B 200 4.17 -59.28 51.52
CA ARG B 200 3.32 -58.61 50.53
C ARG B 200 3.89 -57.33 49.94
N TRP B 201 4.18 -56.37 50.81
CA TRP B 201 4.66 -55.05 50.40
C TRP B 201 6.05 -55.07 49.75
N ARG B 202 7.00 -55.77 50.36
CA ARG B 202 8.34 -55.88 49.78
C ARG B 202 8.31 -56.65 48.46
N GLY B 203 7.35 -57.56 48.33
CA GLY B 203 7.17 -58.34 47.11
C GLY B 203 6.69 -57.49 45.96
N MET B 204 5.98 -56.40 46.26
CA MET B 204 5.50 -55.48 45.21
C MET B 204 6.61 -54.64 44.63
N LEU B 205 7.67 -54.40 45.41
CA LEU B 205 8.78 -53.57 44.98
C LEU B 205 9.47 -54.13 43.74
N LYS B 206 9.56 -55.43 43.63
CA LYS B 206 10.22 -56.04 42.47
C LYS B 206 9.69 -55.48 41.14
N ASP B 207 8.36 -55.36 41.03
CA ASP B 207 7.71 -54.90 39.81
C ASP B 207 7.24 -53.43 39.77
N LEU B 208 7.45 -52.66 40.85
CA LEU B 208 7.06 -51.24 40.84
C LEU B 208 8.06 -50.39 40.10
N TYR B 209 7.60 -49.72 39.04
CA TYR B 209 8.48 -48.89 38.22
C TYR B 209 8.25 -47.40 38.41
N GLY B 210 7.25 -47.03 39.20
CA GLY B 210 7.01 -45.60 39.49
C GLY B 210 5.63 -45.14 39.89
N VAL B 211 5.59 -43.89 40.37
CA VAL B 211 4.36 -43.22 40.77
C VAL B 211 4.35 -41.80 40.19
N SER B 212 3.21 -41.38 39.66
CA SER B 212 3.04 -40.01 39.16
C SER B 212 2.10 -39.33 40.16
N GLU B 213 2.60 -38.32 40.87
CA GLU B 213 1.83 -37.61 41.92
C GLU B 213 1.20 -36.31 41.40
N GLU B 214 -0.11 -36.21 41.65
CA GLU B 214 -0.94 -35.09 41.20
C GLU B 214 -0.87 -33.79 41.99
N THR B 215 -0.66 -33.85 43.30
CA THR B 215 -0.79 -32.65 44.14
C THR B 215 0.40 -32.14 44.91
N THR B 216 0.28 -30.88 45.34
CA THR B 216 1.30 -30.18 46.10
C THR B 216 1.61 -30.93 47.38
N THR B 217 0.56 -31.31 48.09
CA THR B 217 0.69 -32.03 49.36
C THR B 217 1.41 -33.36 49.17
N GLY B 218 1.05 -34.11 48.13
CA GLY B 218 1.70 -35.40 47.86
C GLY B 218 3.15 -35.23 47.44
N VAL B 219 3.42 -34.19 46.65
CA VAL B 219 4.78 -33.89 46.21
C VAL B 219 5.68 -33.57 47.39
N LEU B 220 5.12 -32.87 48.38
CA LEU B 220 5.88 -32.54 49.58
C LEU B 220 6.31 -33.82 50.28
N ARG B 221 5.41 -34.77 50.40
CA ARG B 221 5.70 -36.07 51.05
C ARG B 221 6.80 -36.80 50.26
N LEU B 222 6.73 -36.76 48.94
CA LEU B 222 7.76 -37.40 48.08
C LEU B 222 9.12 -36.75 48.25
N LYS B 223 9.15 -35.41 48.30
CA LYS B 223 10.40 -34.67 48.48
C LYS B 223 11.05 -34.91 49.83
N ILE B 224 10.24 -35.18 50.86
CA ILE B 224 10.77 -35.49 52.18
C ILE B 224 11.42 -36.89 52.13
N MET B 225 10.70 -37.86 51.57
CA MET B 225 11.23 -39.23 51.43
C MET B 225 12.51 -39.25 50.60
N GLU B 226 12.52 -38.47 49.51
CA GLU B 226 13.68 -38.35 48.63
C GLU B 226 14.93 -37.89 49.39
N SER B 227 14.78 -36.83 50.17
CA SER B 227 15.91 -36.25 50.92
C SER B 227 16.40 -37.13 52.07
N GLU B 228 15.56 -38.06 52.55
CA GLU B 228 15.94 -38.97 53.63
C GLU B 228 16.41 -40.34 53.10
N GLY B 229 16.42 -40.50 51.78
CA GLY B 229 16.84 -41.76 51.14
C GLY B 229 15.84 -42.88 51.37
N LYS B 230 14.58 -42.53 51.57
CA LYS B 230 13.52 -43.51 51.86
C LYS B 230 12.51 -43.70 50.72
N LEU B 231 12.72 -43.08 49.58
CA LEU B 231 11.80 -43.21 48.45
C LEU B 231 12.11 -44.55 47.76
N LEU B 232 11.13 -45.46 47.74
CA LEU B 232 11.34 -46.80 47.18
C LEU B 232 10.98 -47.03 45.71
N LEU B 233 10.64 -45.96 45.00
CA LEU B 233 10.34 -46.07 43.56
C LEU B 233 10.50 -44.73 42.87
N PRO B 234 10.75 -44.71 41.55
CA PRO B 234 10.87 -43.43 40.85
C PRO B 234 9.54 -42.67 40.91
N ALA B 235 9.61 -41.35 40.88
CA ALA B 235 8.39 -40.55 40.95
C ALA B 235 8.43 -39.35 40.04
N ILE B 236 7.25 -39.02 39.52
CA ILE B 236 7.10 -37.85 38.68
C ILE B 236 6.13 -36.89 39.38
N ASN B 237 6.60 -35.66 39.55
CA ASN B 237 5.84 -34.57 40.14
C ASN B 237 5.04 -33.95 39.00
N VAL B 238 3.77 -34.31 38.90
CA VAL B 238 2.89 -33.80 37.86
C VAL B 238 2.39 -32.41 38.23
N ASN B 239 2.17 -32.19 39.53
CA ASN B 239 1.65 -30.91 40.01
C ASN B 239 2.43 -29.71 39.49
N ASP B 240 3.75 -29.82 39.53
CA ASP B 240 4.58 -28.69 39.14
C ASP B 240 4.79 -28.47 37.64
N SER B 241 4.04 -29.19 36.80
CA SER B 241 4.03 -28.87 35.37
C SER B 241 3.30 -27.53 35.31
N VAL B 242 3.72 -26.65 34.42
CA VAL B 242 3.05 -25.35 34.28
C VAL B 242 1.59 -25.59 33.93
N THR B 243 1.34 -26.53 33.01
CA THR B 243 -0.02 -26.83 32.57
C THR B 243 -0.90 -27.54 33.61
N LYS B 244 -0.38 -27.68 34.84
CA LYS B 244 -1.15 -28.23 35.93
C LYS B 244 -1.26 -27.17 37.05
N SER B 245 -0.16 -26.88 37.75
CA SER B 245 -0.17 -25.90 38.86
C SER B 245 -0.72 -24.51 38.49
N LYS B 246 -0.43 -24.02 37.30
CA LYS B 246 -0.93 -22.71 36.88
C LYS B 246 -2.32 -22.67 36.26
N PHE B 247 -2.99 -23.83 36.18
CA PHE B 247 -4.34 -23.91 35.58
C PHE B 247 -5.33 -24.59 36.52
N ASP B 248 -5.11 -25.88 36.76
CA ASP B 248 -5.92 -26.67 37.66
C ASP B 248 -6.05 -25.96 39.01
N ASN B 249 -4.92 -25.73 39.66
CA ASN B 249 -4.93 -25.12 40.99
C ASN B 249 -5.59 -23.74 41.04
N THR B 250 -5.33 -22.93 40.03
CA THR B 250 -5.87 -21.58 40.00
C THR B 250 -7.26 -21.48 39.37
N TYR B 251 -7.35 -21.67 38.06
CA TYR B 251 -8.62 -21.55 37.36
C TYR B 251 -9.63 -22.65 37.69
N GLY B 252 -9.15 -23.84 38.04
CA GLY B 252 -10.05 -24.91 38.45
C GLY B 252 -10.80 -24.52 39.71
N CYS B 253 -10.07 -24.12 40.74
CA CYS B 253 -10.67 -23.71 42.01
C CYS B 253 -11.51 -22.44 41.88
N ARG B 254 -11.16 -21.55 40.94
CA ARG B 254 -11.94 -20.35 40.74
C ARG B 254 -13.39 -20.69 40.46
N GLN B 255 -13.61 -21.78 39.70
CA GLN B 255 -14.96 -22.21 39.39
C GLN B 255 -15.48 -23.22 40.40
N SER B 256 -14.67 -24.22 40.76
CA SER B 256 -15.15 -25.29 41.65
C SER B 256 -15.35 -24.84 43.10
N LEU B 257 -14.62 -23.83 43.58
CA LEU B 257 -14.88 -23.34 44.95
C LEU B 257 -16.29 -22.77 44.98
N LEU B 258 -16.62 -21.92 44.00
CA LEU B 258 -17.93 -21.31 43.93
C LEU B 258 -19.04 -22.34 43.84
N HIS B 259 -18.84 -23.35 42.99
CA HIS B 259 -19.84 -24.40 42.83
C HIS B 259 -20.10 -25.05 44.19
N GLY B 260 -19.01 -25.36 44.90
CA GLY B 260 -19.09 -25.97 46.23
C GLY B 260 -19.79 -25.07 47.23
N LEU B 261 -19.41 -23.80 47.27
CA LEU B 261 -20.05 -22.85 48.19
C LEU B 261 -21.50 -22.65 47.84
N PHE B 262 -21.84 -22.53 46.56
CA PHE B 262 -23.23 -22.34 46.20
C PHE B 262 -24.10 -23.52 46.62
N ASN B 263 -23.56 -24.74 46.51
CA ASN B 263 -24.32 -25.93 46.92
C ASN B 263 -24.39 -26.11 48.44
N GLY B 264 -23.32 -25.80 49.16
CA GLY B 264 -23.29 -26.00 50.61
C GLY B 264 -23.70 -24.84 51.48
N CYS B 265 -23.49 -23.63 50.98
CA CYS B 265 -23.78 -22.39 51.69
C CYS B 265 -24.95 -21.69 51.03
N ILE B 266 -26.04 -21.57 51.76
CA ILE B 266 -27.25 -20.95 51.21
C ILE B 266 -27.13 -19.43 51.03
N GLN B 267 -26.19 -18.80 51.75
CA GLN B 267 -26.06 -17.35 51.73
C GLN B 267 -25.43 -16.74 50.47
N MET B 268 -25.71 -15.44 50.31
CA MET B 268 -25.21 -14.63 49.25
C MET B 268 -23.77 -14.29 49.57
N LEU B 269 -22.90 -14.39 48.57
CA LEU B 269 -21.49 -14.07 48.80
C LEU B 269 -21.24 -12.57 48.70
N ALA B 270 -22.01 -11.87 47.88
CA ALA B 270 -21.83 -10.43 47.67
C ALA B 270 -21.87 -9.63 48.97
N GLY B 271 -20.87 -8.75 49.13
CA GLY B 271 -20.76 -7.90 50.29
C GLY B 271 -20.24 -8.55 51.55
N LYS B 272 -20.09 -9.88 51.53
CA LYS B 272 -19.59 -10.58 52.70
C LYS B 272 -18.09 -10.48 52.78
N LYS B 273 -17.57 -10.54 53.99
CA LYS B 273 -16.14 -10.55 54.20
C LYS B 273 -15.78 -12.01 54.22
N ILE B 274 -15.04 -12.45 53.20
CA ILE B 274 -14.65 -13.83 53.08
C ILE B 274 -13.15 -13.93 53.22
N VAL B 275 -12.69 -14.65 54.23
CA VAL B 275 -11.27 -14.83 54.46
C VAL B 275 -10.74 -16.03 53.67
N VAL B 276 -9.73 -15.80 52.85
CA VAL B 276 -9.07 -16.86 52.11
C VAL B 276 -7.71 -17.05 52.77
N LEU B 277 -7.55 -18.15 53.50
CA LEU B 277 -6.29 -18.43 54.18
C LEU B 277 -5.36 -19.14 53.21
N GLY B 278 -4.31 -18.43 52.80
CA GLY B 278 -3.34 -18.93 51.86
C GLY B 278 -3.61 -18.29 50.52
N TYR B 279 -2.57 -17.72 49.90
CA TYR B 279 -2.69 -17.02 48.62
C TYR B 279 -1.64 -17.58 47.66
N GLY B 280 -1.65 -18.91 47.53
CA GLY B 280 -0.79 -19.63 46.62
C GLY B 280 -1.57 -19.79 45.32
N GLU B 281 -1.29 -20.85 44.58
CA GLU B 281 -1.97 -21.06 43.31
C GLU B 281 -3.49 -21.27 43.51
N VAL B 282 -3.88 -21.98 44.57
CA VAL B 282 -5.29 -22.20 44.88
C VAL B 282 -5.96 -20.93 45.39
N GLY B 283 -5.36 -20.31 46.40
CA GLY B 283 -5.88 -19.08 46.98
C GLY B 283 -6.12 -17.97 45.97
N LYS B 284 -5.17 -17.81 45.04
CA LYS B 284 -5.29 -16.80 43.99
C LYS B 284 -6.57 -17.01 43.20
N GLY B 285 -6.82 -18.26 42.81
CA GLY B 285 -8.00 -18.60 42.05
C GLY B 285 -9.28 -18.39 42.85
N CYS B 286 -9.26 -18.82 44.11
CA CYS B 286 -10.40 -18.66 44.98
C CYS B 286 -10.78 -17.20 45.11
N ALA B 287 -9.78 -16.36 45.34
CA ALA B 287 -10.00 -14.92 45.49
C ALA B 287 -10.62 -14.30 44.23
N GLN B 288 -10.13 -14.64 43.04
CA GLN B 288 -10.74 -14.11 41.81
C GLN B 288 -12.22 -14.43 41.71
N GLY B 289 -12.56 -15.69 41.98
CA GLY B 289 -13.93 -16.15 41.89
C GLY B 289 -14.84 -15.45 42.88
N LEU B 290 -14.41 -15.41 44.13
CA LEU B 290 -15.17 -14.75 45.18
C LEU B 290 -15.41 -13.26 44.85
N SER B 291 -14.38 -12.55 44.42
CA SER B 291 -14.50 -11.13 44.01
C SER B 291 -15.46 -10.99 42.85
N GLY B 292 -15.38 -11.94 41.92
CA GLY B 292 -16.21 -11.94 40.75
C GLY B 292 -17.69 -11.90 41.04
N VAL B 293 -18.10 -12.41 42.21
CA VAL B 293 -19.51 -12.40 42.61
C VAL B 293 -19.78 -11.42 43.76
N GLY B 294 -18.89 -10.43 43.91
CA GLY B 294 -19.08 -9.34 44.87
C GLY B 294 -18.60 -9.49 46.29
N ALA B 295 -17.87 -10.56 46.60
CA ALA B 295 -17.39 -10.74 47.96
C ALA B 295 -16.23 -9.79 48.22
N ARG B 296 -16.04 -9.45 49.49
CA ARG B 296 -14.89 -8.65 49.87
C ARG B 296 -13.91 -9.64 50.48
N VAL B 297 -12.89 -9.99 49.70
CA VAL B 297 -11.93 -10.99 50.13
C VAL B 297 -10.83 -10.43 51.02
N ILE B 298 -10.59 -11.12 52.13
CA ILE B 298 -9.51 -10.81 53.08
C ILE B 298 -8.58 -12.00 53.04
N VAL B 299 -7.29 -11.75 52.84
CA VAL B 299 -6.29 -12.81 52.73
C VAL B 299 -5.40 -12.91 53.96
N THR B 300 -5.06 -14.14 54.36
CA THR B 300 -4.06 -14.34 55.41
C THR B 300 -2.97 -15.08 54.67
N GLU B 301 -1.73 -14.84 55.06
CA GLU B 301 -0.61 -15.45 54.39
C GLU B 301 0.64 -15.35 55.27
N ILE B 302 1.55 -16.30 55.10
CA ILE B 302 2.82 -16.35 55.85
C ILE B 302 4.02 -15.94 54.99
N ASP B 303 3.82 -15.99 53.68
CA ASP B 303 4.87 -15.68 52.72
C ASP B 303 4.73 -14.22 52.33
N PRO B 304 5.76 -13.41 52.62
CA PRO B 304 5.66 -11.99 52.30
C PRO B 304 5.48 -11.67 50.82
N ILE B 305 5.97 -12.53 49.93
CA ILE B 305 5.83 -12.32 48.49
C ILE B 305 4.37 -12.52 48.11
N CYS B 306 3.81 -13.62 48.54
CA CYS B 306 2.39 -13.91 48.27
C CYS B 306 1.49 -12.85 48.90
N ALA B 307 1.86 -12.36 50.09
CA ALA B 307 1.07 -11.32 50.76
C ALA B 307 1.05 -10.04 49.90
N LEU B 308 2.20 -9.66 49.38
CA LEU B 308 2.29 -8.49 48.50
C LEU B 308 1.47 -8.66 47.23
N GLN B 309 1.47 -9.85 46.66
CA GLN B 309 0.69 -10.11 45.46
C GLN B 309 -0.79 -9.86 45.74
N ALA B 310 -1.27 -10.37 46.88
CA ALA B 310 -2.67 -10.18 47.27
C ALA B 310 -2.99 -8.69 47.39
N SER B 311 -2.09 -7.95 48.01
CA SER B 311 -2.26 -6.51 48.20
C SER B 311 -2.34 -5.78 46.85
N MET B 312 -1.52 -6.19 45.90
CA MET B 312 -1.51 -5.59 44.55
C MET B 312 -2.77 -5.89 43.76
N GLU B 313 -3.53 -6.91 44.17
CA GLU B 313 -4.80 -7.23 43.51
C GLU B 313 -5.96 -6.58 44.28
N GLY B 314 -5.65 -5.69 45.22
CA GLY B 314 -6.64 -4.97 46.00
C GLY B 314 -7.22 -5.63 47.24
N TYR B 315 -6.58 -6.70 47.71
CA TYR B 315 -7.09 -7.41 48.88
C TYR B 315 -6.39 -7.02 50.17
N GLN B 316 -7.18 -6.87 51.22
CA GLN B 316 -6.67 -6.62 52.56
C GLN B 316 -5.94 -7.90 53.01
N VAL B 317 -4.79 -7.75 53.66
CA VAL B 317 -4.05 -8.90 54.17
C VAL B 317 -3.97 -8.74 55.69
N SER B 318 -4.56 -9.69 56.41
CA SER B 318 -4.63 -9.65 57.87
C SER B 318 -4.29 -10.99 58.52
N VAL B 319 -4.06 -10.94 59.83
CA VAL B 319 -3.85 -12.17 60.60
C VAL B 319 -5.26 -12.55 61.04
N LEU B 320 -5.56 -13.83 61.02
CA LEU B 320 -6.90 -14.33 61.36
C LEU B 320 -7.49 -13.75 62.65
N GLU B 321 -6.69 -13.66 63.70
CA GLU B 321 -7.12 -13.13 65.01
C GLU B 321 -7.79 -11.75 64.93
N ASP B 322 -7.35 -10.92 63.98
CA ASP B 322 -7.88 -9.57 63.82
C ASP B 322 -9.18 -9.48 63.02
N VAL B 323 -9.55 -10.54 62.32
CA VAL B 323 -10.78 -10.53 61.51
C VAL B 323 -11.73 -11.69 61.80
N VAL B 324 -11.35 -12.61 62.68
CA VAL B 324 -12.18 -13.78 62.97
C VAL B 324 -13.57 -13.47 63.53
N SER B 325 -13.70 -12.44 64.35
CA SER B 325 -15.01 -12.10 64.92
C SER B 325 -15.94 -11.39 63.97
N GLU B 326 -15.39 -10.73 62.95
CA GLU B 326 -16.22 -9.94 62.02
C GLU B 326 -16.41 -10.54 60.62
N ALA B 327 -15.58 -11.50 60.24
CA ALA B 327 -15.73 -12.11 58.90
C ALA B 327 -16.92 -13.05 58.87
N ASP B 328 -17.41 -13.30 57.67
CA ASP B 328 -18.61 -14.11 57.45
C ASP B 328 -18.35 -15.56 57.02
N ILE B 329 -17.34 -15.76 56.18
CA ILE B 329 -17.01 -17.08 55.66
C ILE B 329 -15.51 -17.25 55.68
N PHE B 330 -15.03 -18.46 55.96
CA PHE B 330 -13.60 -18.78 56.02
C PHE B 330 -13.28 -19.96 55.10
N ILE B 331 -12.31 -19.76 54.21
CA ILE B 331 -11.88 -20.78 53.25
C ILE B 331 -10.40 -21.07 53.45
N THR B 332 -10.05 -22.29 53.86
CA THR B 332 -8.65 -22.67 54.07
C THR B 332 -8.05 -23.25 52.79
N ALA B 333 -6.95 -22.65 52.32
CA ALA B 333 -6.26 -23.07 51.11
C ALA B 333 -4.75 -23.05 51.33
N THR B 334 -4.31 -23.56 52.47
CA THR B 334 -2.91 -23.49 52.88
C THR B 334 -2.04 -24.73 52.71
N GLY B 335 -2.65 -25.91 52.72
CA GLY B 335 -1.88 -27.14 52.67
C GLY B 335 -1.16 -27.37 54.01
N ASN B 336 -1.57 -26.59 55.03
CA ASN B 336 -0.95 -26.61 56.36
C ASN B 336 -1.95 -27.19 57.38
N LYS B 337 -1.56 -27.21 58.65
CA LYS B 337 -2.35 -27.80 59.73
C LYS B 337 -2.80 -26.75 60.74
N ASP B 338 -3.99 -26.93 61.27
CA ASP B 338 -4.56 -26.06 62.32
C ASP B 338 -4.51 -24.56 62.02
N VAL B 339 -5.00 -24.18 60.84
CA VAL B 339 -5.04 -22.78 60.46
C VAL B 339 -6.33 -22.15 61.00
N ILE B 340 -7.30 -23.02 61.31
CA ILE B 340 -8.54 -22.61 61.97
C ILE B 340 -8.70 -23.56 63.15
N THR B 341 -8.50 -23.02 64.35
CA THR B 341 -8.57 -23.78 65.59
C THR B 341 -9.95 -23.67 66.23
N VAL B 342 -10.16 -24.47 67.28
CA VAL B 342 -11.40 -24.42 68.04
C VAL B 342 -11.53 -23.03 68.68
N GLU B 343 -10.43 -22.47 69.18
CA GLU B 343 -10.47 -21.13 69.79
C GLU B 343 -10.91 -20.08 68.77
N HIS B 344 -10.48 -20.23 67.51
CA HIS B 344 -10.93 -19.32 66.46
C HIS B 344 -12.43 -19.47 66.24
N MET B 345 -12.90 -20.70 66.12
CA MET B 345 -14.33 -20.93 65.83
C MET B 345 -15.26 -20.43 66.95
N ARG B 346 -14.78 -20.40 68.18
CA ARG B 346 -15.58 -19.90 69.30
C ARG B 346 -15.77 -18.40 69.26
N LYS B 347 -14.88 -17.70 68.57
CA LYS B 347 -14.95 -16.24 68.43
C LYS B 347 -15.73 -15.80 67.19
N MET B 348 -16.08 -16.74 66.32
CA MET B 348 -16.81 -16.42 65.08
C MET B 348 -18.24 -15.99 65.34
N LYS B 349 -18.79 -15.23 64.41
CA LYS B 349 -20.16 -14.80 64.56
C LYS B 349 -21.17 -15.86 64.18
N GLU B 350 -22.41 -15.63 64.62
CA GLU B 350 -23.51 -16.55 64.40
C GLU B 350 -23.65 -16.98 62.94
N ASN B 351 -23.65 -18.29 62.74
CA ASN B 351 -23.82 -18.93 61.44
C ASN B 351 -22.72 -18.61 60.43
N ALA B 352 -21.51 -18.40 60.92
CA ALA B 352 -20.37 -18.20 60.05
C ALA B 352 -20.12 -19.55 59.38
N TYR B 353 -19.75 -19.52 58.11
CA TYR B 353 -19.47 -20.73 57.35
C TYR B 353 -17.97 -20.98 57.30
N ILE B 354 -17.58 -22.25 57.37
CA ILE B 354 -16.17 -22.64 57.35
C ILE B 354 -16.00 -23.76 56.31
N ALA B 355 -15.00 -23.63 55.45
CA ALA B 355 -14.76 -24.63 54.42
C ALA B 355 -13.28 -24.77 54.13
N ASN B 356 -12.92 -25.92 53.59
CA ASN B 356 -11.54 -26.25 53.25
C ASN B 356 -11.45 -26.66 51.80
N ILE B 357 -10.54 -26.04 51.06
CA ILE B 357 -10.32 -26.39 49.67
C ILE B 357 -8.87 -26.86 49.52
N GLY B 358 -8.19 -26.98 50.64
CA GLY B 358 -6.81 -27.39 50.67
C GLY B 358 -6.63 -28.89 50.59
N HIS B 359 -6.44 -29.53 51.73
CA HIS B 359 -6.16 -30.97 51.74
C HIS B 359 -6.67 -31.66 52.99
N PHE B 360 -6.83 -32.98 52.87
CA PHE B 360 -7.32 -33.83 53.96
C PHE B 360 -8.39 -33.10 54.79
N ASP B 361 -8.27 -33.10 56.11
CA ASP B 361 -9.25 -32.41 56.96
C ASP B 361 -8.63 -31.76 58.17
N ASP B 362 -7.30 -31.57 58.14
CA ASP B 362 -6.60 -30.97 59.29
C ASP B 362 -6.34 -29.46 59.21
N GLU B 363 -6.74 -28.79 58.11
CA GLU B 363 -6.54 -27.34 58.02
C GLU B 363 -7.42 -26.68 59.06
N ILE B 364 -8.65 -27.18 59.16
CA ILE B 364 -9.61 -26.79 60.18
C ILE B 364 -9.52 -27.89 61.23
N ASP B 365 -9.56 -27.56 62.50
CA ASP B 365 -9.48 -28.58 63.54
C ASP B 365 -10.87 -29.20 63.75
N VAL B 366 -11.25 -30.05 62.81
CA VAL B 366 -12.55 -30.72 62.87
C VAL B 366 -12.62 -31.68 64.05
N TYR B 367 -11.53 -32.39 64.32
CA TYR B 367 -11.52 -33.33 65.44
C TYR B 367 -11.86 -32.61 66.74
N GLY B 368 -11.17 -31.49 66.99
CA GLY B 368 -11.40 -30.68 68.18
C GLY B 368 -12.82 -30.13 68.28
N LEU B 369 -13.39 -29.75 67.13
CA LEU B 369 -14.75 -29.23 67.08
C LEU B 369 -15.76 -30.32 67.41
N GLU B 370 -15.66 -31.46 66.71
CA GLU B 370 -16.58 -32.58 66.92
C GLU B 370 -16.52 -33.16 68.33
N ASN B 371 -15.34 -33.16 68.93
CA ASN B 371 -15.13 -33.69 70.27
C ASN B 371 -15.14 -32.62 71.38
N TYR B 372 -15.58 -31.41 71.07
CA TYR B 372 -15.63 -30.34 72.07
C TYR B 372 -16.69 -30.71 73.14
N PRO B 373 -16.37 -30.55 74.44
CA PRO B 373 -17.33 -30.91 75.49
C PRO B 373 -18.67 -30.19 75.41
N GLY B 374 -19.74 -30.98 75.28
CA GLY B 374 -21.11 -30.47 75.24
C GLY B 374 -21.54 -29.81 73.95
N ILE B 375 -20.80 -30.04 72.87
CA ILE B 375 -21.15 -29.44 71.60
C ILE B 375 -22.33 -30.17 70.97
N LYS B 376 -23.19 -29.43 70.30
CA LYS B 376 -24.36 -29.98 69.63
C LYS B 376 -24.15 -29.87 68.14
N VAL B 377 -24.58 -30.87 67.40
CA VAL B 377 -24.43 -30.88 65.96
C VAL B 377 -25.71 -31.33 65.28
N ILE B 378 -26.06 -30.68 64.18
CA ILE B 378 -27.22 -31.06 63.38
C ILE B 378 -26.82 -31.05 61.93
N GLU B 379 -27.39 -31.97 61.17
CA GLU B 379 -27.14 -32.06 59.75
C GLU B 379 -28.09 -31.06 59.07
N VAL B 380 -27.52 -30.05 58.41
CA VAL B 380 -28.31 -29.04 57.70
C VAL B 380 -28.78 -29.64 56.38
N LYS B 381 -27.88 -30.38 55.75
CA LYS B 381 -28.14 -31.13 54.52
C LYS B 381 -26.98 -32.12 54.36
N GLN B 382 -26.96 -32.86 53.26
CA GLN B 382 -25.87 -33.78 52.99
C GLN B 382 -24.53 -33.02 53.01
N ASN B 383 -23.62 -33.47 53.85
CA ASN B 383 -22.28 -32.87 53.99
C ASN B 383 -22.24 -31.41 54.46
N VAL B 384 -23.20 -31.00 55.27
CA VAL B 384 -23.24 -29.65 55.84
C VAL B 384 -23.74 -29.79 57.27
N HIS B 385 -22.91 -29.42 58.24
CA HIS B 385 -23.25 -29.56 59.64
C HIS B 385 -23.07 -28.27 60.42
N LYS B 386 -24.04 -27.99 61.29
CA LYS B 386 -24.03 -26.81 62.14
C LYS B 386 -23.69 -27.23 63.55
N PHE B 387 -22.61 -26.66 64.09
CA PHE B 387 -22.13 -26.95 65.44
C PHE B 387 -22.44 -25.78 66.34
N THR B 388 -23.03 -26.06 67.51
CA THR B 388 -23.41 -25.04 68.47
C THR B 388 -22.64 -25.24 69.78
N PHE B 389 -21.93 -24.22 70.22
CA PHE B 389 -21.17 -24.29 71.47
C PHE B 389 -22.13 -24.09 72.65
N PRO B 390 -21.95 -24.85 73.74
CA PRO B 390 -22.88 -24.79 74.86
C PRO B 390 -22.88 -23.50 75.71
N ASP B 391 -21.72 -22.88 75.88
CA ASP B 391 -21.62 -21.66 76.70
C ASP B 391 -22.17 -20.39 76.04
N THR B 392 -21.79 -20.14 74.79
CA THR B 392 -22.24 -18.96 74.08
C THR B 392 -23.55 -19.17 73.32
N GLN B 393 -23.88 -20.43 73.04
CA GLN B 393 -25.05 -20.80 72.23
C GLN B 393 -24.92 -20.30 70.78
N LYS B 394 -23.70 -19.95 70.38
CA LYS B 394 -23.44 -19.50 69.01
C LYS B 394 -23.07 -20.71 68.17
N SER B 395 -23.37 -20.62 66.87
CA SER B 395 -23.12 -21.73 65.97
C SER B 395 -22.22 -21.38 64.80
N VAL B 396 -21.58 -22.41 64.24
CA VAL B 396 -20.76 -22.27 63.02
C VAL B 396 -21.19 -23.41 62.11
N ILE B 397 -21.12 -23.18 60.81
CA ILE B 397 -21.56 -24.16 59.84
C ILE B 397 -20.36 -24.63 59.07
N LEU B 398 -20.09 -25.93 59.17
CA LEU B 398 -18.95 -26.56 58.52
C LEU B 398 -19.38 -27.33 57.28
N LEU B 399 -18.71 -27.09 56.16
CA LEU B 399 -19.00 -27.81 54.93
C LEU B 399 -18.08 -29.04 54.80
N CYS B 400 -18.68 -30.18 54.44
CA CYS B 400 -17.98 -31.46 54.23
C CYS B 400 -17.08 -31.93 55.35
N LYS B 401 -17.46 -31.71 56.60
CA LYS B 401 -16.61 -32.16 57.70
C LYS B 401 -15.13 -31.75 57.49
N GLY B 402 -14.93 -30.56 56.92
CA GLY B 402 -13.59 -30.04 56.69
C GLY B 402 -12.77 -30.64 55.56
N ARG B 403 -13.41 -31.45 54.71
CA ARG B 403 -12.74 -32.05 53.55
C ARG B 403 -13.01 -31.19 52.30
N LEU B 404 -12.29 -31.44 51.21
CA LEU B 404 -12.41 -30.64 49.97
C LEU B 404 -13.83 -30.21 49.65
N VAL B 405 -14.11 -28.93 49.78
CA VAL B 405 -15.46 -28.43 49.55
C VAL B 405 -15.87 -28.53 48.09
N ASN B 406 -14.93 -28.32 47.17
CA ASN B 406 -15.23 -28.35 45.74
C ASN B 406 -15.58 -29.74 45.24
N LEU B 407 -14.98 -30.77 45.82
CA LEU B 407 -15.24 -32.16 45.46
C LEU B 407 -16.28 -32.84 46.35
N GLY B 408 -16.50 -32.28 47.54
CA GLY B 408 -17.44 -32.87 48.49
C GLY B 408 -18.87 -32.33 48.32
N CYS B 409 -19.00 -31.01 48.23
CA CYS B 409 -20.30 -30.37 48.04
C CYS B 409 -20.65 -30.15 46.56
N ALA B 410 -19.66 -30.34 45.69
CA ALA B 410 -19.87 -30.21 44.26
C ALA B 410 -19.10 -31.31 43.53
N THR B 411 -18.93 -31.14 42.23
CA THR B 411 -18.30 -32.13 41.37
C THR B 411 -16.85 -31.87 40.98
N GLY B 412 -16.16 -31.01 41.71
CA GLY B 412 -14.75 -30.70 41.44
C GLY B 412 -14.52 -29.86 40.21
N HIS B 413 -13.27 -29.78 39.77
CA HIS B 413 -12.94 -28.99 38.60
C HIS B 413 -13.63 -29.52 37.35
N PRO B 414 -13.88 -28.61 36.39
CA PRO B 414 -14.51 -29.00 35.15
C PRO B 414 -13.53 -29.70 34.21
N PRO B 415 -14.05 -30.36 33.16
CA PRO B 415 -13.24 -31.15 32.24
C PRO B 415 -12.03 -30.49 31.59
N LEU B 416 -12.18 -29.26 31.08
CA LEU B 416 -11.07 -28.63 30.38
C LEU B 416 -9.77 -28.60 31.17
N VAL B 417 -9.79 -28.09 32.39
CA VAL B 417 -8.55 -28.03 33.17
C VAL B 417 -8.11 -29.41 33.66
N MET B 418 -9.05 -30.32 33.92
CA MET B 418 -8.66 -31.67 34.33
C MET B 418 -8.01 -32.41 33.17
N SER B 419 -8.39 -32.09 31.94
CA SER B 419 -7.76 -32.71 30.77
C SER B 419 -6.29 -32.28 30.70
N MET B 420 -6.01 -31.04 31.08
CA MET B 420 -4.64 -30.54 31.10
C MET B 420 -3.84 -31.28 32.17
N SER B 421 -4.41 -31.43 33.35
CA SER B 421 -3.73 -32.14 34.43
C SER B 421 -3.55 -33.61 34.09
N PHE B 422 -4.60 -34.22 33.53
CA PHE B 422 -4.57 -35.63 33.20
C PHE B 422 -3.75 -35.99 31.97
N THR B 423 -3.59 -35.03 31.05
CA THR B 423 -2.74 -35.28 29.89
C THR B 423 -1.32 -35.40 30.44
N ASN B 424 -0.98 -34.56 31.42
CA ASN B 424 0.32 -34.65 32.10
C ASN B 424 0.45 -36.02 32.78
N GLN B 425 -0.62 -36.48 33.45
CA GLN B 425 -0.59 -37.79 34.12
C GLN B 425 -0.29 -38.94 33.16
N VAL B 426 -0.99 -38.98 32.03
CA VAL B 426 -0.77 -40.05 31.06
C VAL B 426 0.68 -39.99 30.55
N LEU B 427 1.16 -38.81 30.24
CA LEU B 427 2.53 -38.64 29.74
C LEU B 427 3.55 -39.09 30.79
N ALA B 428 3.22 -38.89 32.07
CA ALA B 428 4.10 -39.29 33.16
C ALA B 428 4.12 -40.82 33.28
N GLN B 429 2.94 -41.44 33.18
CA GLN B 429 2.82 -42.89 33.22
C GLN B 429 3.61 -43.52 32.06
N MET B 430 3.50 -42.93 30.87
CA MET B 430 4.24 -43.43 29.70
C MET B 430 5.76 -43.30 29.91
N ASP B 431 6.17 -42.22 30.56
CA ASP B 431 7.60 -41.98 30.83
C ASP B 431 8.15 -43.05 31.80
N LEU B 432 7.43 -43.26 32.89
CA LEU B 432 7.84 -44.25 33.90
C LEU B 432 7.88 -45.66 33.34
N TRP B 433 6.88 -46.01 32.53
CA TRP B 433 6.80 -47.33 31.92
C TRP B 433 7.89 -47.56 30.88
N LYS B 434 8.16 -46.56 30.04
CA LYS B 434 9.19 -46.67 29.02
C LYS B 434 10.59 -46.77 29.64
N SER B 435 10.75 -46.29 30.87
CA SER B 435 12.04 -46.31 31.60
C SER B 435 12.22 -47.51 32.54
N ARG B 436 11.29 -48.46 32.55
CA ARG B 436 11.40 -49.59 33.48
C ARG B 436 12.69 -50.38 33.51
N GLU B 437 13.33 -50.57 32.35
CA GLU B 437 14.59 -51.32 32.30
C GLU B 437 15.70 -50.71 33.16
N LEU B 438 15.69 -49.39 33.29
CA LEU B 438 16.69 -48.66 34.07
C LEU B 438 16.49 -48.78 35.59
N VAL B 439 15.38 -49.37 36.03
CA VAL B 439 15.12 -49.56 37.45
C VAL B 439 15.72 -50.91 37.85
N ASP B 440 16.95 -50.86 38.39
CA ASP B 440 17.68 -52.04 38.80
C ASP B 440 17.68 -52.15 40.33
N ARG B 441 16.85 -53.06 40.85
CA ARG B 441 16.71 -53.30 42.28
C ARG B 441 17.68 -54.30 42.84
N SER B 442 18.60 -54.81 42.03
CA SER B 442 19.62 -55.74 42.55
C SER B 442 20.70 -54.98 43.31
N LYS B 443 20.63 -53.65 43.26
CA LYS B 443 21.54 -52.75 43.96
C LYS B 443 20.74 -51.97 45.04
N ASN B 444 21.42 -51.08 45.76
CA ASN B 444 20.76 -50.25 46.79
C ASN B 444 20.46 -48.89 46.19
N THR B 445 19.84 -48.98 45.01
CA THR B 445 19.49 -47.79 44.24
C THR B 445 18.55 -46.85 45.07
N ARG B 446 18.82 -45.56 44.90
CA ARG B 446 18.09 -44.48 45.53
C ARG B 446 17.19 -43.86 44.44
N PHE B 447 15.90 -43.74 44.76
CA PHE B 447 15.03 -43.09 43.74
C PHE B 447 14.78 -41.63 44.05
N PHE B 448 14.54 -40.88 42.98
CA PHE B 448 14.33 -39.44 43.05
C PHE B 448 13.04 -39.00 42.35
N VAL B 449 12.70 -37.72 42.52
CA VAL B 449 11.51 -37.12 41.93
C VAL B 449 11.92 -36.24 40.77
N LYS B 450 11.30 -36.40 39.61
CA LYS B 450 11.59 -35.54 38.47
C LYS B 450 10.28 -34.95 37.94
N LYS B 451 10.42 -33.99 37.02
CA LYS B 451 9.29 -33.32 36.41
C LYS B 451 9.33 -33.56 34.93
N LEU B 452 8.21 -33.31 34.27
CA LEU B 452 8.13 -33.46 32.83
C LEU B 452 8.84 -32.27 32.21
N SER B 453 9.32 -32.46 30.99
CA SER B 453 10.04 -31.38 30.29
C SER B 453 9.11 -30.24 29.86
N LYS B 454 9.70 -29.10 29.57
CA LYS B 454 8.96 -27.95 29.09
C LYS B 454 8.33 -28.28 27.72
N GLU B 455 9.04 -29.04 26.88
CA GLU B 455 8.50 -29.45 25.56
C GLU B 455 7.12 -30.09 25.74
N LEU B 456 7.03 -31.04 26.66
CA LEU B 456 5.76 -31.73 26.91
C LEU B 456 4.76 -30.80 27.58
N ASP B 457 5.26 -29.91 28.40
CA ASP B 457 4.41 -28.97 29.11
C ASP B 457 3.72 -28.08 28.06
N GLU B 458 4.49 -27.58 27.09
CA GLU B 458 3.94 -26.78 25.99
C GLU B 458 3.00 -27.60 25.12
N TYR B 459 3.34 -28.87 24.91
CA TYR B 459 2.52 -29.78 24.13
C TYR B 459 1.13 -29.90 24.75
N VAL B 460 1.06 -30.06 26.08
CA VAL B 460 -0.24 -30.16 26.74
C VAL B 460 -1.08 -28.94 26.42
N ALA B 461 -0.48 -27.76 26.48
CA ALA B 461 -1.21 -26.55 26.15
C ALA B 461 -1.65 -26.55 24.67
N ARG B 462 -0.76 -26.91 23.74
CA ARG B 462 -1.13 -26.95 22.31
C ARG B 462 -2.36 -27.79 22.03
N LEU B 463 -2.42 -28.94 22.69
CA LEU B 463 -3.53 -29.86 22.51
C LEU B 463 -4.90 -29.28 22.91
N HIS B 464 -4.92 -28.24 23.72
CA HIS B 464 -6.19 -27.65 24.15
C HIS B 464 -6.53 -26.29 23.52
N LEU B 465 -5.71 -25.80 22.60
CA LEU B 465 -5.99 -24.49 21.98
C LEU B 465 -7.28 -24.45 21.13
N ASP B 466 -7.51 -25.48 20.31
CA ASP B 466 -8.71 -25.51 19.44
C ASP B 466 -10.02 -25.50 20.21
N VAL B 467 -10.07 -26.16 21.37
CA VAL B 467 -11.27 -26.14 22.21
C VAL B 467 -11.81 -24.72 22.33
N LEU B 468 -10.92 -23.76 22.62
CA LEU B 468 -11.33 -22.38 22.84
C LEU B 468 -11.14 -21.41 21.68
N GLY B 469 -10.91 -21.94 20.49
CA GLY B 469 -10.72 -21.09 19.31
C GLY B 469 -9.49 -20.19 19.35
N ILE B 470 -8.48 -20.60 20.12
CA ILE B 470 -7.24 -19.83 20.24
C ILE B 470 -6.39 -19.98 18.99
N LYS B 471 -5.92 -18.86 18.46
CA LYS B 471 -5.07 -18.87 17.27
C LYS B 471 -3.65 -18.46 17.66
N LEU B 472 -2.72 -19.39 17.59
CA LEU B 472 -1.33 -19.09 17.90
C LEU B 472 -0.63 -18.40 16.76
N THR B 473 0.24 -17.47 17.12
CA THR B 473 1.08 -16.78 16.17
C THR B 473 2.33 -17.68 16.00
N LYS B 474 2.89 -17.68 14.80
CA LYS B 474 4.09 -18.48 14.53
C LYS B 474 5.25 -17.52 14.31
N LEU B 475 6.38 -17.80 14.96
CA LEU B 475 7.57 -16.95 14.80
C LEU B 475 8.17 -17.12 13.42
N THR B 476 8.76 -16.04 12.90
CA THR B 476 9.47 -16.09 11.64
C THR B 476 10.87 -16.56 12.01
N GLU B 477 11.66 -16.96 11.02
CA GLU B 477 13.03 -17.42 11.28
C GLU B 477 13.84 -16.31 11.97
N THR B 478 13.66 -15.06 11.54
CA THR B 478 14.38 -13.91 12.11
C THR B 478 13.97 -13.63 13.54
N GLN B 479 12.67 -13.70 13.82
CA GLN B 479 12.16 -13.48 15.17
C GLN B 479 12.67 -14.56 16.12
N ALA B 480 12.66 -15.81 15.67
CA ALA B 480 13.13 -16.92 16.49
C ALA B 480 14.60 -16.72 16.87
N LYS B 481 15.39 -16.25 15.91
CA LYS B 481 16.78 -15.99 16.17
C LYS B 481 16.94 -14.80 17.11
N TYR B 482 16.08 -13.79 16.95
CA TYR B 482 16.16 -12.58 17.75
C TYR B 482 15.93 -12.86 19.24
N ILE B 483 14.91 -13.67 19.58
CA ILE B 483 14.63 -14.02 20.98
C ILE B 483 15.32 -15.34 21.41
N ASN B 484 16.14 -15.87 20.51
CA ASN B 484 16.97 -17.05 20.79
C ASN B 484 16.21 -18.34 21.16
N VAL B 485 15.20 -18.67 20.35
CA VAL B 485 14.42 -19.89 20.55
C VAL B 485 14.17 -20.57 19.22
N SER B 486 13.74 -21.81 19.30
CA SER B 486 13.37 -22.57 18.12
C SER B 486 11.94 -22.15 17.78
N ILE B 487 11.62 -22.15 16.49
CA ILE B 487 10.26 -21.84 16.06
C ILE B 487 9.24 -22.74 16.77
N ASN B 488 9.63 -23.98 17.04
CA ASN B 488 8.76 -24.97 17.68
C ASN B 488 8.92 -25.03 19.20
N GLY B 489 9.69 -24.10 19.77
CA GLY B 489 9.88 -24.08 21.22
C GLY B 489 10.94 -25.05 21.72
N PRO B 490 11.14 -25.12 23.02
CA PRO B 490 10.41 -24.32 24.02
C PRO B 490 10.73 -22.83 23.94
N TYR B 491 9.77 -22.00 24.34
CA TYR B 491 9.87 -20.55 24.23
C TYR B 491 10.35 -19.80 25.46
N LYS B 492 10.48 -20.50 26.58
CA LYS B 492 10.87 -19.85 27.82
C LYS B 492 11.99 -20.62 28.51
N SER B 493 12.77 -19.92 29.34
CA SER B 493 13.84 -20.54 30.13
C SER B 493 13.20 -21.41 31.21
N GLU B 494 13.98 -22.33 31.78
CA GLU B 494 13.46 -23.22 32.82
C GLU B 494 12.98 -22.53 34.08
N ASP B 495 13.53 -21.36 34.36
CA ASP B 495 13.14 -20.60 35.56
C ASP B 495 11.97 -19.64 35.35
N TYR B 496 11.40 -19.59 34.15
CA TYR B 496 10.30 -18.68 33.83
C TYR B 496 9.07 -19.05 34.65
N ARG B 497 8.42 -18.05 35.21
CA ARG B 497 7.29 -18.26 36.11
C ARG B 497 5.89 -18.10 35.53
N TYR B 498 5.76 -17.67 34.28
CA TYR B 498 4.44 -17.50 33.65
C TYR B 498 3.53 -16.63 34.52
N LYS C 5 -58.53 -28.23 48.58
CA LYS C 5 -59.54 -27.61 49.51
C LYS C 5 -58.94 -27.07 50.83
N MET C 6 -59.21 -27.75 51.96
CA MET C 6 -58.73 -27.36 53.28
C MET C 6 -57.23 -27.73 53.48
N GLU C 7 -56.86 -28.93 53.04
CA GLU C 7 -55.50 -29.45 53.20
C GLU C 7 -54.57 -29.18 52.03
N SER C 8 -53.30 -29.11 52.35
CA SER C 8 -52.24 -28.84 51.40
C SER C 8 -51.90 -30.03 50.52
N ARG C 9 -51.32 -29.73 49.36
CA ARG C 9 -50.80 -30.74 48.42
C ARG C 9 -49.32 -30.43 48.21
N ILE C 10 -48.48 -31.21 48.87
CA ILE C 10 -47.02 -31.08 48.79
C ILE C 10 -46.42 -32.45 48.55
N LYS C 11 -45.11 -32.54 48.36
CA LYS C 11 -44.48 -33.83 48.13
C LYS C 11 -44.29 -34.65 49.39
N ASP C 12 -43.65 -34.07 50.41
CA ASP C 12 -43.31 -34.82 51.61
C ASP C 12 -43.16 -33.95 52.86
N ILE C 13 -44.13 -34.08 53.76
CA ILE C 13 -44.15 -33.34 55.02
C ILE C 13 -42.94 -33.65 55.92
N SER C 14 -42.34 -34.82 55.77
CA SER C 14 -41.17 -35.21 56.62
C SER C 14 -39.90 -34.39 56.33
N LEU C 15 -39.91 -33.62 55.24
CA LEU C 15 -38.79 -32.76 54.90
C LEU C 15 -38.86 -31.44 55.69
N ALA C 16 -39.91 -31.27 56.48
CA ALA C 16 -40.13 -30.04 57.27
C ALA C 16 -38.97 -29.62 58.15
N GLU C 17 -38.33 -30.57 58.83
CA GLU C 17 -37.23 -30.22 59.73
C GLU C 17 -36.05 -29.55 58.99
N PHE C 18 -35.72 -30.05 57.81
CA PHE C 18 -34.63 -29.47 57.01
C PHE C 18 -35.02 -28.06 56.57
N GLY C 19 -36.29 -27.87 56.21
CA GLY C 19 -36.80 -26.56 55.79
C GLY C 19 -36.74 -25.53 56.89
N LEU C 20 -37.09 -25.95 58.11
CA LEU C 20 -37.07 -25.05 59.26
C LEU C 20 -35.64 -24.65 59.63
N GLN C 21 -34.70 -25.57 59.47
CA GLN C 21 -33.28 -25.28 59.73
C GLN C 21 -32.76 -24.27 58.72
N ASP C 22 -33.08 -24.46 57.43
CA ASP C 22 -32.66 -23.52 56.39
C ASP C 22 -33.29 -22.15 56.57
N MET C 23 -34.55 -22.13 57.01
CA MET C 23 -35.24 -20.86 57.26
C MET C 23 -34.49 -20.06 58.32
N GLU C 24 -34.10 -20.71 59.42
CA GLU C 24 -33.40 -20.02 60.49
C GLU C 24 -32.03 -19.50 60.06
N ILE C 25 -31.33 -20.26 59.22
CA ILE C 25 -30.02 -19.83 58.73
C ILE C 25 -30.20 -18.67 57.76
N ALA C 26 -31.20 -18.77 56.91
CA ALA C 26 -31.51 -17.72 55.94
C ALA C 26 -31.87 -16.41 56.64
N LYS C 27 -32.60 -16.47 57.75
CA LYS C 27 -32.99 -15.26 58.48
C LYS C 27 -31.82 -14.46 59.04
N THR C 28 -30.65 -15.07 59.15
CA THR C 28 -29.47 -14.35 59.61
C THR C 28 -29.22 -13.15 58.68
N ASP C 29 -29.47 -13.33 57.39
CA ASP C 29 -29.29 -12.30 56.38
C ASP C 29 -30.56 -11.57 55.94
N MET C 30 -31.75 -12.15 56.16
CA MET C 30 -32.98 -11.48 55.73
C MET C 30 -33.47 -10.52 56.80
N MET C 31 -32.64 -9.54 57.16
CA MET C 31 -32.99 -8.62 58.25
C MET C 31 -34.21 -7.75 58.02
N GLY C 32 -34.57 -7.52 56.77
CA GLY C 32 -35.75 -6.73 56.46
C GLY C 32 -36.99 -7.44 56.96
N LEU C 33 -37.12 -8.70 56.60
CA LEU C 33 -38.26 -9.50 57.03
C LEU C 33 -38.25 -9.70 58.53
N VAL C 34 -37.06 -9.92 59.10
CA VAL C 34 -36.93 -10.11 60.54
C VAL C 34 -37.36 -8.85 61.29
N GLU C 35 -37.00 -7.68 60.78
CA GLU C 35 -37.38 -6.43 61.42
C GLU C 35 -38.88 -6.20 61.33
N LEU C 36 -39.49 -6.50 60.19
CA LEU C 36 -40.94 -6.35 60.03
C LEU C 36 -41.67 -7.28 60.99
N GLN C 37 -41.15 -8.50 61.17
CA GLN C 37 -41.77 -9.42 62.12
C GLN C 37 -41.67 -8.86 63.52
N ARG C 38 -40.49 -8.37 63.91
CA ARG C 38 -40.28 -7.82 65.26
C ARG C 38 -41.17 -6.59 65.50
N LYS C 39 -41.29 -5.74 64.49
CA LYS C 39 -42.05 -4.51 64.63
C LYS C 39 -43.57 -4.68 64.59
N TYR C 40 -44.08 -5.62 63.79
CA TYR C 40 -45.51 -5.77 63.61
C TYR C 40 -46.19 -7.06 64.10
N ARG C 41 -45.43 -8.01 64.66
CA ARG C 41 -46.05 -9.25 65.13
C ARG C 41 -47.08 -9.05 66.25
N ASP C 42 -46.98 -7.95 67.00
CA ASP C 42 -47.92 -7.68 68.10
C ASP C 42 -49.18 -6.94 67.60
N SER C 43 -48.98 -5.89 66.81
CA SER C 43 -50.09 -5.09 66.30
C SER C 43 -50.90 -5.77 65.20
N LYS C 44 -50.32 -6.76 64.52
CA LYS C 44 -51.02 -7.51 63.46
C LYS C 44 -51.71 -6.60 62.42
N PRO C 45 -50.93 -5.82 61.66
CA PRO C 45 -51.55 -4.91 60.70
C PRO C 45 -52.37 -5.60 59.58
N LEU C 46 -52.09 -6.88 59.31
CA LEU C 46 -52.80 -7.64 58.29
C LEU C 46 -53.87 -8.59 58.88
N LYS C 47 -54.24 -8.38 60.15
CA LYS C 47 -55.22 -9.24 60.81
C LYS C 47 -56.53 -9.33 60.00
N GLY C 48 -56.93 -10.56 59.70
CA GLY C 48 -58.16 -10.83 58.95
C GLY C 48 -58.00 -10.93 57.45
N ALA C 49 -56.83 -10.57 56.93
CA ALA C 49 -56.60 -10.60 55.50
C ALA C 49 -56.36 -12.00 54.98
N ARG C 50 -57.00 -12.32 53.86
CA ARG C 50 -56.82 -13.60 53.18
C ARG C 50 -55.89 -13.32 52.00
N ILE C 51 -54.69 -13.88 52.05
CA ILE C 51 -53.68 -13.66 51.01
C ILE C 51 -53.35 -14.92 50.22
N THR C 52 -53.49 -14.84 48.90
CA THR C 52 -53.12 -15.92 48.00
C THR C 52 -51.84 -15.51 47.30
N GLY C 53 -50.85 -16.38 47.30
CA GLY C 53 -49.57 -16.08 46.64
C GLY C 53 -49.18 -17.05 45.55
N SER C 54 -48.70 -16.52 44.43
CA SER C 54 -48.17 -17.30 43.30
C SER C 54 -46.74 -16.83 43.13
N LEU C 55 -45.81 -17.55 43.78
CA LEU C 55 -44.40 -17.16 43.76
C LEU C 55 -43.49 -18.33 44.19
N HIS C 56 -42.47 -18.61 43.38
CA HIS C 56 -41.48 -19.68 43.62
C HIS C 56 -41.39 -20.02 45.09
N LEU C 57 -41.87 -21.21 45.49
CA LEU C 57 -41.87 -21.57 46.91
C LEU C 57 -40.52 -22.10 47.34
N THR C 58 -39.61 -21.17 47.59
CA THR C 58 -38.26 -21.43 48.04
C THR C 58 -38.17 -21.16 49.54
N ILE C 59 -37.00 -21.42 50.12
CA ILE C 59 -36.76 -21.13 51.53
C ILE C 59 -36.96 -19.62 51.77
N GLU C 60 -36.46 -18.81 50.84
CA GLU C 60 -36.61 -17.37 50.95
C GLU C 60 -38.07 -16.97 50.97
N THR C 61 -38.86 -17.58 50.08
CA THR C 61 -40.30 -17.32 50.03
C THR C 61 -40.98 -17.78 51.32
N SER C 62 -40.48 -18.85 51.93
CA SER C 62 -41.04 -19.32 53.20
C SER C 62 -40.94 -18.27 54.29
N VAL C 63 -39.86 -17.50 54.28
CA VAL C 63 -39.67 -16.45 55.27
C VAL C 63 -40.65 -15.31 54.98
N LEU C 64 -40.90 -15.04 53.70
CA LEU C 64 -41.90 -14.03 53.31
C LEU C 64 -43.26 -14.44 53.85
N VAL C 65 -43.65 -15.68 53.56
CA VAL C 65 -44.92 -16.22 54.00
C VAL C 65 -45.03 -16.18 55.52
N GLU C 66 -43.95 -16.53 56.19
CA GLU C 66 -43.92 -16.50 57.66
C GLU C 66 -44.14 -15.08 58.15
N THR C 67 -43.54 -14.11 57.47
CA THR C 67 -43.67 -12.71 57.85
C THR C 67 -45.13 -12.26 57.71
N LEU C 68 -45.75 -12.58 56.58
CA LEU C 68 -47.16 -12.24 56.36
C LEU C 68 -48.04 -12.86 57.45
N TYR C 69 -47.75 -14.11 57.80
CA TYR C 69 -48.49 -14.82 58.84
C TYR C 69 -48.31 -14.15 60.20
N GLU C 70 -47.08 -13.80 60.57
CA GLU C 70 -46.80 -13.15 61.84
C GLU C 70 -47.54 -11.80 61.92
N LEU C 71 -47.76 -11.16 60.75
CA LEU C 71 -48.48 -9.89 60.71
C LEU C 71 -50.02 -10.07 60.74
N GLY C 72 -50.48 -11.32 60.87
CA GLY C 72 -51.90 -11.63 61.05
C GLY C 72 -52.70 -12.17 59.87
N ALA C 73 -52.08 -12.35 58.73
CA ALA C 73 -52.81 -12.84 57.56
C ALA C 73 -52.98 -14.35 57.54
N GLU C 74 -54.05 -14.81 56.90
CA GLU C 74 -54.29 -16.22 56.66
C GLU C 74 -53.74 -16.39 55.25
N ILE C 75 -53.08 -17.51 54.96
CA ILE C 75 -52.40 -17.66 53.67
C ILE C 75 -52.59 -18.98 52.91
N ARG C 76 -52.71 -18.86 51.59
CA ARG C 76 -52.77 -19.99 50.66
C ARG C 76 -51.70 -19.68 49.64
N TRP C 77 -50.89 -20.66 49.27
CA TRP C 77 -49.77 -20.39 48.40
C TRP C 77 -49.54 -21.49 47.36
N CYS C 78 -48.98 -21.06 46.23
CA CYS C 78 -48.60 -21.95 45.15
C CYS C 78 -47.37 -21.35 44.52
N SER C 79 -46.67 -22.14 43.73
CA SER C 79 -45.48 -21.65 43.05
C SER C 79 -45.87 -21.02 41.72
N CYS C 80 -45.01 -20.16 41.20
CA CYS C 80 -45.24 -19.50 39.90
C CYS C 80 -44.42 -20.17 38.79
N ASN C 81 -43.83 -21.32 39.09
CA ASN C 81 -43.01 -22.03 38.11
C ASN C 81 -42.96 -23.52 38.48
N ILE C 82 -43.18 -24.37 37.47
CA ILE C 82 -43.25 -25.82 37.71
C ILE C 82 -41.99 -26.48 38.30
N TYR C 83 -40.82 -25.86 38.15
CA TYR C 83 -39.57 -26.44 38.67
C TYR C 83 -38.98 -25.75 39.88
N SER C 84 -39.45 -24.54 40.21
CA SER C 84 -38.82 -23.73 41.27
C SER C 84 -39.08 -24.10 42.73
N THR C 85 -40.12 -24.86 43.01
CA THR C 85 -40.43 -25.18 44.40
C THR C 85 -39.34 -26.04 45.06
N GLN C 86 -39.02 -25.68 46.31
CA GLN C 86 -38.10 -26.44 47.14
C GLN C 86 -39.02 -27.17 48.12
N ASP C 87 -39.11 -28.49 47.97
CA ASP C 87 -40.02 -29.31 48.76
C ASP C 87 -39.88 -29.19 50.28
N HIS C 88 -38.65 -29.00 50.75
CA HIS C 88 -38.44 -28.86 52.20
C HIS C 88 -38.98 -27.52 52.71
N ALA C 89 -38.98 -26.51 51.84
CA ALA C 89 -39.53 -25.18 52.18
C ALA C 89 -41.04 -25.25 52.29
N ALA C 90 -41.66 -26.00 51.36
CA ALA C 90 -43.11 -26.18 51.35
C ALA C 90 -43.55 -26.94 52.58
N ALA C 91 -42.82 -28.00 52.90
CA ALA C 91 -43.13 -28.84 54.05
C ALA C 91 -43.08 -28.05 55.35
N ALA C 92 -42.10 -27.17 55.46
CA ALA C 92 -41.94 -26.35 56.66
C ALA C 92 -43.18 -25.48 56.91
N LEU C 93 -43.72 -24.89 55.85
CA LEU C 93 -44.91 -24.06 55.97
C LEU C 93 -46.13 -24.87 56.42
N VAL C 94 -46.31 -26.04 55.83
CA VAL C 94 -47.44 -26.90 56.17
C VAL C 94 -47.27 -27.43 57.60
N LYS C 95 -46.07 -27.87 57.94
CA LYS C 95 -45.80 -28.41 59.27
C LYS C 95 -46.13 -27.43 60.39
N LYS C 96 -45.80 -26.15 60.20
CA LYS C 96 -46.06 -25.14 61.22
C LYS C 96 -47.40 -24.42 61.10
N ASN C 97 -48.27 -24.87 60.19
CA ASN C 97 -49.60 -24.24 59.97
C ASN C 97 -49.53 -22.77 59.59
N ILE C 98 -48.45 -22.37 58.94
CA ILE C 98 -48.26 -20.99 58.50
C ILE C 98 -49.18 -20.73 57.30
N ALA C 99 -49.34 -21.72 56.43
CA ALA C 99 -50.14 -21.56 55.24
C ALA C 99 -50.59 -22.88 54.65
N THR C 100 -51.56 -22.79 53.74
CA THR C 100 -52.07 -23.94 53.01
C THR C 100 -51.34 -23.87 51.70
N VAL C 101 -50.52 -24.88 51.41
CA VAL C 101 -49.68 -24.90 50.22
C VAL C 101 -50.09 -25.90 49.16
N PHE C 102 -50.01 -25.46 47.90
CA PHE C 102 -50.29 -26.31 46.75
C PHE C 102 -49.06 -26.16 45.83
N ALA C 103 -48.01 -26.92 46.14
CA ALA C 103 -46.78 -26.84 45.37
C ALA C 103 -45.79 -27.96 45.63
N TRP C 104 -45.06 -28.32 44.57
CA TRP C 104 -44.01 -29.32 44.62
C TRP C 104 -43.09 -29.15 43.43
N LYS C 105 -41.86 -29.64 43.56
CA LYS C 105 -40.88 -29.52 42.49
C LYS C 105 -41.27 -30.49 41.38
N ASN C 106 -41.10 -30.06 40.14
CA ASN C 106 -41.38 -30.89 38.95
C ASN C 106 -42.87 -31.20 38.74
N GLU C 107 -43.68 -30.15 38.75
CA GLU C 107 -45.12 -30.26 38.51
C GLU C 107 -45.32 -30.38 37.01
N THR C 108 -46.46 -30.95 36.62
CA THR C 108 -46.83 -30.97 35.22
C THR C 108 -47.51 -29.61 35.03
N ILE C 109 -47.60 -29.15 33.79
CA ILE C 109 -48.27 -27.89 33.52
C ILE C 109 -49.75 -27.96 33.94
N GLU C 110 -50.37 -29.12 33.77
CA GLU C 110 -51.76 -29.29 34.17
C GLU C 110 -51.90 -29.05 35.68
N ASP C 111 -51.02 -29.69 36.46
CA ASP C 111 -51.04 -29.55 37.92
C ASP C 111 -50.72 -28.13 38.38
N TYR C 112 -49.88 -27.43 37.62
CA TYR C 112 -49.54 -26.04 37.94
C TYR C 112 -50.78 -25.18 38.05
N TRP C 113 -51.62 -25.23 37.02
CA TRP C 113 -52.86 -24.44 36.99
C TRP C 113 -53.92 -24.91 38.00
N VAL C 114 -53.95 -26.21 38.30
CA VAL C 114 -54.87 -26.73 39.29
C VAL C 114 -54.47 -26.20 40.66
N CYS C 115 -53.15 -26.18 40.92
CA CYS C 115 -52.63 -25.66 42.19
C CYS C 115 -52.95 -24.19 42.36
N LEU C 116 -52.76 -23.42 41.30
CA LEU C 116 -53.05 -21.97 41.32
C LEU C 116 -54.53 -21.75 41.62
N ASN C 117 -55.39 -22.49 40.94
CA ASN C 117 -56.82 -22.39 41.14
C ASN C 117 -57.18 -22.75 42.58
N ASP C 118 -56.55 -23.79 43.12
CA ASP C 118 -56.79 -24.20 44.50
C ASP C 118 -56.35 -23.11 45.48
N ALA C 119 -55.21 -22.48 45.21
CA ALA C 119 -54.69 -21.41 46.07
C ALA C 119 -55.61 -20.19 46.08
N MET C 120 -56.31 -19.97 44.97
CA MET C 120 -57.24 -18.85 44.87
C MET C 120 -58.60 -19.14 45.52
N THR C 121 -58.86 -20.42 45.83
CA THR C 121 -60.14 -20.83 46.41
C THR C 121 -60.14 -20.84 47.93
N TRP C 122 -61.00 -20.01 48.53
CA TRP C 122 -61.12 -19.92 50.00
C TRP C 122 -62.52 -20.28 50.46
N ARG C 123 -62.61 -20.92 51.62
CA ARG C 123 -63.91 -21.32 52.16
C ARG C 123 -64.40 -20.18 53.02
N ASN C 124 -65.52 -19.56 52.64
CA ASN C 124 -66.23 -18.61 53.55
C ASN C 124 -66.90 -19.54 54.61
N PRO C 125 -66.72 -19.24 55.93
CA PRO C 125 -67.46 -20.05 56.92
C PRO C 125 -69.04 -19.85 56.88
N ASN C 126 -69.71 -20.97 56.79
CA ASN C 126 -71.19 -21.01 56.59
C ASN C 126 -71.66 -20.38 55.28
N LYS C 130 -69.97 -22.44 51.36
CA LYS C 130 -69.80 -21.54 50.22
C LYS C 130 -68.34 -21.09 50.01
N ILE C 131 -68.05 -20.66 48.79
CA ILE C 131 -66.70 -20.27 48.35
C ILE C 131 -66.55 -18.74 48.24
N CYS C 132 -65.31 -18.27 48.34
CA CYS C 132 -64.96 -16.87 48.14
C CYS C 132 -63.50 -16.80 47.67
N GLY C 133 -62.99 -15.59 47.42
CA GLY C 133 -61.61 -15.42 46.93
C GLY C 133 -60.71 -14.79 47.97
N PRO C 134 -59.49 -14.44 47.57
CA PRO C 134 -58.59 -13.78 48.49
C PRO C 134 -58.88 -12.30 48.58
N ASN C 135 -58.33 -11.64 49.59
CA ASN C 135 -58.43 -10.20 49.78
C ASN C 135 -57.27 -9.55 49.05
N LEU C 136 -56.11 -10.20 49.09
CA LEU C 136 -54.89 -9.70 48.48
C LEU C 136 -54.14 -10.81 47.74
N ILE C 137 -53.36 -10.42 46.75
CA ILE C 137 -52.59 -11.36 45.95
C ILE C 137 -51.13 -10.95 45.83
N VAL C 138 -50.23 -11.92 46.00
CA VAL C 138 -48.79 -11.70 45.81
C VAL C 138 -48.54 -12.48 44.53
N ASP C 139 -48.16 -11.79 43.46
CA ASP C 139 -48.00 -12.44 42.18
C ASP C 139 -46.59 -12.25 41.65
N ASP C 140 -46.10 -13.26 40.94
CA ASP C 140 -44.75 -13.27 40.37
C ASP C 140 -44.81 -13.80 38.95
N GLY C 141 -45.07 -12.91 38.00
CA GLY C 141 -45.20 -13.28 36.59
C GLY C 141 -46.58 -12.97 36.03
N GLY C 142 -47.53 -12.72 36.93
CA GLY C 142 -48.89 -12.37 36.54
C GLY C 142 -49.88 -13.48 36.32
N ASP C 143 -49.53 -14.73 36.61
CA ASP C 143 -50.46 -15.86 36.40
C ASP C 143 -51.71 -15.82 37.29
N ALA C 144 -51.55 -15.40 38.54
CA ALA C 144 -52.70 -15.29 39.45
C ALA C 144 -53.63 -14.17 38.98
N THR C 145 -53.02 -13.08 38.52
CA THR C 145 -53.76 -11.94 38.00
C THR C 145 -54.43 -12.31 36.67
N LEU C 146 -53.78 -13.17 35.89
CA LEU C 146 -54.29 -13.60 34.60
C LEU C 146 -55.52 -14.49 34.75
N ILE C 147 -55.42 -15.52 35.59
CA ILE C 147 -56.55 -16.44 35.77
C ILE C 147 -57.78 -15.70 36.27
N LEU C 148 -57.57 -14.69 37.10
CA LEU C 148 -58.67 -13.88 37.63
C LEU C 148 -59.38 -13.11 36.52
N HIS C 149 -58.61 -12.34 35.76
CA HIS C 149 -59.16 -11.54 34.65
C HIS C 149 -59.75 -12.37 33.53
N GLU C 150 -59.10 -13.48 33.20
CA GLU C 150 -59.61 -14.39 32.16
C GLU C 150 -60.83 -15.12 32.65
N GLY C 151 -60.89 -15.36 33.95
CA GLY C 151 -62.04 -16.00 34.58
C GLY C 151 -63.26 -15.09 34.49
N VAL C 152 -63.07 -13.81 34.80
CA VAL C 152 -64.16 -12.84 34.73
C VAL C 152 -64.65 -12.73 33.29
N LYS C 153 -63.73 -12.64 32.33
CA LYS C 153 -64.09 -12.55 30.91
C LYS C 153 -64.88 -13.77 30.46
N ALA C 154 -64.44 -14.95 30.90
CA ALA C 154 -65.09 -16.20 30.55
C ALA C 154 -66.51 -16.23 31.08
N GLU C 155 -66.72 -15.75 32.31
CA GLU C 155 -68.04 -15.73 32.93
C GLU C 155 -69.01 -14.78 32.23
N ILE C 156 -68.49 -13.64 31.78
CA ILE C 156 -69.31 -12.65 31.08
C ILE C 156 -69.75 -13.20 29.71
N GLU C 157 -68.82 -13.85 29.01
CA GLU C 157 -69.09 -14.45 27.71
C GLU C 157 -70.04 -15.65 27.86
N TYR C 158 -69.96 -16.34 29.01
CA TYR C 158 -70.81 -17.48 29.29
C TYR C 158 -72.26 -17.05 29.46
N GLU C 159 -72.49 -15.99 30.25
CA GLU C 159 -73.86 -15.47 30.46
C GLU C 159 -74.47 -14.89 29.20
N LYS C 160 -73.67 -14.20 28.41
CA LYS C 160 -74.11 -13.54 27.19
C LYS C 160 -74.77 -14.51 26.18
N TYR C 161 -74.09 -15.63 25.89
CA TYR C 161 -74.59 -16.62 24.92
C TYR C 161 -75.13 -17.91 25.58
N ASN C 162 -75.06 -17.99 26.89
CA ASN C 162 -75.55 -19.13 27.67
C ASN C 162 -74.89 -20.48 27.28
N LYS C 163 -73.62 -20.43 26.88
CA LYS C 163 -72.85 -21.62 26.51
C LYS C 163 -71.36 -21.42 26.80
N ILE C 164 -70.62 -22.51 26.85
CA ILE C 164 -69.19 -22.45 27.08
C ILE C 164 -68.56 -21.71 25.89
N PRO C 165 -67.77 -20.64 26.15
CA PRO C 165 -67.12 -19.89 25.07
C PRO C 165 -66.27 -20.79 24.18
N GLU C 166 -66.35 -20.58 22.87
CA GLU C 166 -65.62 -21.41 21.91
C GLU C 166 -64.09 -21.31 22.02
N TYR C 167 -63.56 -20.22 22.57
CA TYR C 167 -62.09 -20.08 22.69
C TYR C 167 -61.52 -21.03 23.78
N LEU C 168 -62.37 -21.47 24.71
CA LEU C 168 -61.96 -22.39 25.78
C LEU C 168 -61.97 -23.86 25.36
N GLU C 169 -62.67 -24.18 24.26
CA GLU C 169 -62.78 -25.56 23.76
C GLU C 169 -61.80 -25.86 22.64
N THR C 170 -61.49 -24.87 21.82
CA THR C 170 -60.53 -25.03 20.73
C THR C 170 -59.11 -25.23 21.26
N GLU C 171 -58.33 -25.97 20.47
CA GLU C 171 -56.95 -26.28 20.79
C GLU C 171 -56.02 -25.31 20.02
N LEU C 172 -56.60 -24.51 19.13
CA LEU C 172 -55.86 -23.54 18.31
C LEU C 172 -56.16 -22.12 18.77
N ASP C 173 -55.32 -21.16 18.36
CA ASP C 173 -55.52 -19.75 18.71
C ASP C 173 -56.24 -19.03 17.56
N GLU C 174 -56.32 -17.69 17.62
CA GLU C 174 -56.99 -16.90 16.57
C GLU C 174 -56.33 -17.05 15.18
N ASN C 175 -55.01 -17.27 15.16
CA ASN C 175 -54.24 -17.40 13.92
C ASN C 175 -54.03 -18.85 13.43
N GLY C 176 -54.65 -19.83 14.09
CA GLY C 176 -54.53 -21.25 13.68
C GLY C 176 -53.38 -22.05 14.28
N LYS C 177 -52.52 -21.40 15.09
CA LYS C 177 -51.38 -22.07 15.74
C LYS C 177 -51.81 -22.72 17.06
N GLN C 178 -51.14 -23.80 17.44
CA GLN C 178 -51.41 -24.49 18.70
C GLN C 178 -51.26 -23.53 19.88
N LEU C 179 -52.22 -23.59 20.80
CA LEU C 179 -52.15 -22.78 22.01
C LEU C 179 -51.02 -23.35 22.85
N SER C 180 -50.42 -22.50 23.68
CA SER C 180 -49.36 -22.96 24.56
C SER C 180 -49.99 -23.91 25.58
N MET C 181 -49.20 -24.82 26.11
CA MET C 181 -49.70 -25.72 27.15
C MET C 181 -50.27 -24.94 28.34
N ASP C 182 -49.62 -23.84 28.70
CA ASP C 182 -50.08 -23.02 29.81
C ASP C 182 -51.46 -22.44 29.55
N LEU C 183 -51.75 -22.06 28.33
CA LEU C 183 -53.09 -21.55 27.98
C LEU C 183 -54.13 -22.68 27.97
N LYS C 184 -53.79 -23.82 27.37
CA LYS C 184 -54.72 -24.95 27.33
C LYS C 184 -55.11 -25.40 28.72
N CYS C 185 -54.11 -25.54 29.59
CA CYS C 185 -54.34 -25.98 30.96
C CYS C 185 -55.08 -24.97 31.83
N MET C 186 -54.92 -23.68 31.55
CA MET C 186 -55.64 -22.66 32.30
C MET C 186 -57.10 -22.69 31.84
N TYR C 187 -57.29 -22.74 30.52
CA TYR C 187 -58.62 -22.82 29.88
C TYR C 187 -59.40 -24.03 30.37
N LYS C 188 -58.70 -25.15 30.52
CA LYS C 188 -59.29 -26.38 31.03
C LYS C 188 -59.84 -26.14 32.46
N VAL C 189 -59.11 -25.39 33.26
CA VAL C 189 -59.53 -25.05 34.62
C VAL C 189 -60.71 -24.07 34.60
N LEU C 190 -60.63 -23.07 33.73
CA LEU C 190 -61.71 -22.09 33.60
C LEU C 190 -63.01 -22.73 33.15
N LYS C 191 -62.91 -23.65 32.18
CA LYS C 191 -64.09 -24.37 31.69
C LYS C 191 -64.72 -25.16 32.83
N MET C 192 -63.88 -25.88 33.56
CA MET C 192 -64.31 -26.69 34.71
C MET C 192 -65.05 -25.81 35.73
N GLU C 193 -64.52 -24.61 35.99
CA GLU C 193 -65.15 -23.68 36.96
C GLU C 193 -66.45 -23.05 36.46
N LEU C 194 -66.60 -22.88 35.15
CA LEU C 194 -67.85 -22.35 34.58
C LEU C 194 -68.97 -23.37 34.82
N LEU C 195 -68.64 -24.66 34.71
CA LEU C 195 -69.60 -25.74 34.91
C LEU C 195 -70.00 -25.87 36.39
N LYS C 196 -69.06 -25.61 37.29
CA LYS C 196 -69.33 -25.71 38.73
C LYS C 196 -70.06 -24.49 39.26
N ASN C 197 -69.51 -23.30 38.98
CA ASN C 197 -70.07 -22.04 39.47
C ASN C 197 -69.67 -20.89 38.54
N PRO C 198 -70.60 -20.47 37.66
CA PRO C 198 -70.29 -19.37 36.72
C PRO C 198 -70.27 -17.95 37.32
N PHE C 199 -70.37 -17.82 38.64
CA PHE C 199 -70.27 -16.50 39.31
C PHE C 199 -69.04 -16.47 40.25
N ARG C 200 -68.19 -17.50 40.15
CA ARG C 200 -66.99 -17.63 40.98
C ARG C 200 -66.03 -16.44 40.94
N TRP C 201 -65.55 -16.13 39.74
CA TRP C 201 -64.57 -15.06 39.55
C TRP C 201 -65.10 -13.66 39.84
N ARG C 202 -66.27 -13.33 39.34
CA ARG C 202 -66.87 -12.02 39.62
C ARG C 202 -67.20 -11.88 41.10
N GLY C 203 -67.50 -13.01 41.76
CA GLY C 203 -67.79 -13.02 43.19
C GLY C 203 -66.57 -12.67 44.03
N MET C 204 -65.37 -12.98 43.51
CA MET C 204 -64.12 -12.67 44.21
C MET C 204 -63.81 -11.19 44.19
N LEU C 205 -64.27 -10.48 43.16
CA LEU C 205 -63.98 -9.06 43.01
C LEU C 205 -64.51 -8.21 44.17
N LYS C 206 -65.64 -8.61 44.74
CA LYS C 206 -66.22 -7.87 45.85
C LYS C 206 -65.19 -7.63 46.98
N ASP C 207 -64.43 -8.67 47.32
CA ASP C 207 -63.44 -8.60 48.41
C ASP C 207 -61.97 -8.44 48.00
N LEU C 208 -61.66 -8.35 46.72
CA LEU C 208 -60.26 -8.14 46.27
C LEU C 208 -59.84 -6.70 46.41
N TYR C 209 -58.83 -6.45 47.24
CA TYR C 209 -58.34 -5.10 47.49
C TYR C 209 -57.00 -4.80 46.82
N GLY C 210 -56.39 -5.80 46.18
CA GLY C 210 -55.16 -5.57 45.44
C GLY C 210 -54.20 -6.73 45.19
N VAL C 211 -53.25 -6.46 44.30
CA VAL C 211 -52.20 -7.40 43.95
C VAL C 211 -50.85 -6.66 43.94
N SER C 212 -49.82 -7.28 44.50
CA SER C 212 -48.46 -6.72 44.48
C SER C 212 -47.67 -7.62 43.52
N GLU C 213 -47.23 -7.07 42.39
CA GLU C 213 -46.51 -7.83 41.35
C GLU C 213 -44.99 -7.69 41.46
N GLU C 214 -44.32 -8.84 41.48
CA GLU C 214 -42.87 -8.96 41.67
C GLU C 214 -42.00 -8.71 40.45
N THR C 215 -42.45 -9.02 39.24
CA THR C 215 -41.57 -8.96 38.07
C THR C 215 -41.88 -8.03 36.93
N THR C 216 -40.85 -7.82 36.11
CA THR C 216 -40.92 -6.95 34.94
C THR C 216 -42.01 -7.43 33.99
N THR C 217 -42.01 -8.72 33.71
CA THR C 217 -42.98 -9.33 32.80
C THR C 217 -44.40 -9.16 33.30
N GLY C 218 -44.62 -9.38 34.59
CA GLY C 218 -45.96 -9.22 35.19
C GLY C 218 -46.40 -7.75 35.17
N VAL C 219 -45.46 -6.85 35.45
CA VAL C 219 -45.75 -5.41 35.46
C VAL C 219 -46.17 -4.94 34.07
N LEU C 220 -45.54 -5.51 33.04
CA LEU C 220 -45.87 -5.14 31.68
C LEU C 220 -47.32 -5.49 31.40
N ARG C 221 -47.74 -6.69 31.84
CA ARG C 221 -49.13 -7.10 31.63
C ARG C 221 -50.09 -6.16 32.37
N LEU C 222 -49.73 -5.76 33.59
CA LEU C 222 -50.55 -4.84 34.39
C LEU C 222 -50.68 -3.47 33.72
N LYS C 223 -49.57 -2.97 33.18
CA LYS C 223 -49.57 -1.66 32.52
C LYS C 223 -50.41 -1.64 31.24
N ILE C 224 -50.48 -2.79 30.56
CA ILE C 224 -51.30 -2.89 29.36
C ILE C 224 -52.77 -2.88 29.78
N MET C 225 -53.14 -3.70 30.77
CA MET C 225 -54.51 -3.73 31.29
C MET C 225 -54.95 -2.36 31.80
N GLU C 226 -54.06 -1.68 32.51
CA GLU C 226 -54.33 -0.34 33.06
C GLU C 226 -54.71 0.64 31.96
N SER C 227 -53.92 0.68 30.89
CA SER C 227 -54.16 1.61 29.78
C SER C 227 -55.41 1.29 28.96
N GLU C 228 -55.88 0.05 29.02
CA GLU C 228 -57.09 -0.38 28.29
C GLU C 228 -58.33 -0.36 29.18
N GLY C 229 -58.18 0.04 30.44
CA GLY C 229 -59.30 0.10 31.39
C GLY C 229 -59.80 -1.28 31.80
N LYS C 230 -58.92 -2.27 31.76
CA LYS C 230 -59.26 -3.66 32.07
C LYS C 230 -58.68 -4.19 33.39
N LEU C 231 -57.99 -3.34 34.15
CA LEU C 231 -57.45 -3.82 35.44
C LEU C 231 -58.57 -3.76 36.48
N LEU C 232 -58.92 -4.92 37.04
CA LEU C 232 -60.05 -5.03 37.98
C LEU C 232 -59.72 -4.94 39.46
N LEU C 233 -58.49 -4.59 39.82
CA LEU C 233 -58.12 -4.39 41.25
C LEU C 233 -56.88 -3.50 41.33
N PRO C 234 -56.69 -2.81 42.47
CA PRO C 234 -55.48 -1.97 42.60
C PRO C 234 -54.24 -2.82 42.53
N ALA C 235 -53.14 -2.25 42.04
CA ALA C 235 -51.91 -3.02 41.92
C ALA C 235 -50.70 -2.21 42.30
N ILE C 236 -49.73 -2.89 42.88
CA ILE C 236 -48.46 -2.28 43.23
C ILE C 236 -47.37 -2.99 42.45
N ASN C 237 -46.60 -2.19 41.72
CA ASN C 237 -45.44 -2.62 40.96
C ASN C 237 -44.25 -2.65 41.93
N VAL C 238 -43.93 -3.84 42.42
CA VAL C 238 -42.84 -4.03 43.36
C VAL C 238 -41.51 -4.05 42.63
N ASN C 239 -41.51 -4.63 41.43
CA ASN C 239 -40.29 -4.75 40.62
C ASN C 239 -39.55 -3.44 40.49
N ASP C 240 -40.26 -2.37 40.19
CA ASP C 240 -39.62 -1.08 39.95
C ASP C 240 -39.17 -0.30 41.17
N SER C 241 -39.23 -0.91 42.36
CA SER C 241 -38.61 -0.28 43.53
C SER C 241 -37.11 -0.37 43.23
N VAL C 242 -36.36 0.65 43.62
CA VAL C 242 -34.91 0.61 43.41
C VAL C 242 -34.33 -0.59 44.15
N THR C 243 -34.80 -0.82 45.38
CA THR C 243 -34.31 -1.94 46.19
C THR C 243 -34.73 -3.33 45.70
N LYS C 244 -35.37 -3.38 44.54
CA LYS C 244 -35.74 -4.66 43.93
C LYS C 244 -35.04 -4.73 42.55
N SER C 245 -35.49 -3.95 41.56
CA SER C 245 -34.92 -3.99 40.19
C SER C 245 -33.39 -3.79 40.13
N LYS C 246 -32.84 -2.93 40.97
CA LYS C 246 -31.39 -2.68 40.95
C LYS C 246 -30.55 -3.65 41.82
N PHE C 247 -31.18 -4.62 42.47
CA PHE C 247 -30.47 -5.59 43.33
C PHE C 247 -30.80 -7.03 42.96
N ASP C 248 -32.04 -7.41 43.18
CA ASP C 248 -32.55 -8.74 42.82
C ASP C 248 -32.18 -9.07 41.38
N ASN C 249 -32.67 -8.26 40.45
CA ASN C 249 -32.46 -8.52 39.02
C ASN C 249 -30.98 -8.59 38.63
N THR C 250 -30.18 -7.69 39.20
CA THR C 250 -28.77 -7.63 38.86
C THR C 250 -27.89 -8.55 39.70
N TYR C 251 -27.70 -8.22 40.97
CA TYR C 251 -26.84 -9.01 41.85
C TYR C 251 -27.38 -10.41 42.17
N GLY C 252 -28.70 -10.57 42.18
CA GLY C 252 -29.27 -11.89 42.41
C GLY C 252 -28.86 -12.85 41.30
N CYS C 253 -29.11 -12.44 40.05
CA CYS C 253 -28.76 -13.27 38.89
C CYS C 253 -27.24 -13.46 38.74
N ARG C 254 -26.45 -12.48 39.19
CA ARG C 254 -25.01 -12.62 39.10
C ARG C 254 -24.55 -13.89 39.80
N GLN C 255 -25.20 -14.21 40.93
CA GLN C 255 -24.87 -15.42 41.66
C GLN C 255 -25.70 -16.62 41.23
N SER C 256 -27.02 -16.42 41.11
CA SER C 256 -27.90 -17.56 40.79
C SER C 256 -27.76 -18.09 39.35
N LEU C 257 -27.36 -17.25 38.39
CA LEU C 257 -27.12 -17.78 37.04
C LEU C 257 -25.98 -18.78 37.10
N LEU C 258 -24.88 -18.39 37.75
CA LEU C 258 -23.72 -19.25 37.88
C LEU C 258 -24.06 -20.56 38.58
N HIS C 259 -24.82 -20.47 39.67
CA HIS C 259 -25.21 -21.65 40.42
C HIS C 259 -25.95 -22.61 39.47
N GLY C 260 -26.89 -22.06 38.71
CA GLY C 260 -27.67 -22.83 37.75
C GLY C 260 -26.79 -23.46 36.67
N LEU C 261 -25.90 -22.67 36.08
CA LEU C 261 -25.01 -23.19 35.06
C LEU C 261 -24.05 -24.24 35.61
N PHE C 262 -23.51 -24.00 36.80
CA PHE C 262 -22.61 -24.99 37.38
C PHE C 262 -23.32 -26.33 37.62
N ASN C 263 -24.58 -26.30 38.03
CA ASN C 263 -25.34 -27.54 38.26
C ASN C 263 -25.79 -28.21 36.96
N GLY C 264 -26.20 -27.44 35.97
CA GLY C 264 -26.72 -28.02 34.72
C GLY C 264 -25.73 -28.24 33.59
N CYS C 265 -24.67 -27.42 33.57
CA CYS C 265 -23.64 -27.49 32.55
C CYS C 265 -22.34 -27.99 33.16
N ILE C 266 -21.89 -29.14 32.70
CA ILE C 266 -20.68 -29.75 33.24
C ILE C 266 -19.40 -29.01 32.83
N GLN C 267 -19.45 -28.24 31.75
CA GLN C 267 -18.28 -27.56 31.22
C GLN C 267 -17.76 -26.35 32.00
N MET C 268 -16.49 -26.05 31.76
CA MET C 268 -15.80 -24.92 32.34
C MET C 268 -16.25 -23.68 31.59
N LEU C 269 -16.55 -22.61 32.32
CA LEU C 269 -16.98 -21.39 31.70
C LEU C 269 -15.81 -20.54 31.20
N ALA C 270 -14.66 -20.65 31.85
CA ALA C 270 -13.48 -19.88 31.48
C ALA C 270 -13.08 -20.07 30.02
N GLY C 271 -12.83 -18.96 29.34
CA GLY C 271 -12.42 -18.96 27.94
C GLY C 271 -13.52 -19.20 26.94
N LYS C 272 -14.71 -19.57 27.39
CA LYS C 272 -15.81 -19.83 26.48
C LYS C 272 -16.44 -18.54 26.03
N LYS C 273 -17.00 -18.54 24.84
CA LYS C 273 -17.74 -17.41 24.35
C LYS C 273 -19.16 -17.64 24.77
N ILE C 274 -19.64 -16.80 25.66
CA ILE C 274 -20.98 -16.94 26.21
C ILE C 274 -21.80 -15.75 25.78
N VAL C 275 -22.87 -16.00 25.02
CA VAL C 275 -23.74 -14.93 24.55
C VAL C 275 -24.83 -14.65 25.58
N VAL C 276 -24.93 -13.39 26.00
CA VAL C 276 -25.98 -12.96 26.91
C VAL C 276 -26.93 -12.11 26.08
N LEU C 277 -28.11 -12.65 25.79
CA LEU C 277 -29.09 -11.93 25.00
C LEU C 277 -29.91 -11.04 25.92
N GLY C 278 -29.72 -9.74 25.77
CA GLY C 278 -30.38 -8.74 26.61
C GLY C 278 -29.40 -8.26 27.65
N TYR C 279 -29.26 -6.94 27.76
CA TYR C 279 -28.34 -6.31 28.70
C TYR C 279 -29.09 -5.27 29.53
N GLY C 280 -30.18 -5.74 30.13
CA GLY C 280 -30.98 -4.93 31.03
C GLY C 280 -30.46 -5.20 32.44
N GLU C 281 -31.32 -5.11 33.43
CA GLU C 281 -30.90 -5.32 34.80
C GLU C 281 -30.41 -6.75 35.04
N VAL C 282 -31.06 -7.74 34.42
CA VAL C 282 -30.66 -9.14 34.54
C VAL C 282 -29.36 -9.41 33.76
N GLY C 283 -29.36 -9.03 32.49
CA GLY C 283 -28.19 -9.22 31.64
C GLY C 283 -26.91 -8.63 32.21
N LYS C 284 -27.02 -7.43 32.78
CA LYS C 284 -25.86 -6.78 33.40
C LYS C 284 -25.25 -7.65 34.47
N GLY C 285 -26.11 -8.20 35.32
CA GLY C 285 -25.66 -9.07 36.40
C GLY C 285 -25.07 -10.36 35.89
N CYS C 286 -25.73 -10.96 34.90
CA CYS C 286 -25.25 -12.20 34.31
C CYS C 286 -23.86 -12.01 33.75
N ALA C 287 -23.66 -10.92 33.02
CA ALA C 287 -22.36 -10.62 32.41
C ALA C 287 -21.25 -10.47 33.45
N GLN C 288 -21.52 -9.75 34.55
CA GLN C 288 -20.50 -9.62 35.62
C GLN C 288 -20.06 -10.98 36.15
N GLY C 289 -21.03 -11.83 36.44
CA GLY C 289 -20.77 -13.14 36.99
C GLY C 289 -19.96 -14.01 36.06
N LEU C 290 -20.42 -14.10 34.80
CA LEU C 290 -19.73 -14.88 33.79
C LEU C 290 -18.27 -14.41 33.61
N SER C 291 -18.05 -13.09 33.51
CA SER C 291 -16.70 -12.53 33.39
C SER C 291 -15.86 -12.87 34.60
N GLY C 292 -16.49 -12.83 35.77
CA GLY C 292 -15.85 -13.12 37.03
C GLY C 292 -15.19 -14.48 37.07
N VAL C 293 -15.70 -15.44 36.29
CA VAL C 293 -15.14 -16.78 36.25
C VAL C 293 -14.43 -17.06 34.90
N GLY C 294 -14.02 -16.00 34.21
CA GLY C 294 -13.22 -16.12 33.00
C GLY C 294 -13.91 -16.27 31.65
N ALA C 295 -15.22 -16.16 31.61
CA ALA C 295 -15.91 -16.29 30.34
C ALA C 295 -15.72 -15.06 29.50
N ARG C 296 -15.80 -15.21 28.19
CA ARG C 296 -15.74 -14.07 27.29
C ARG C 296 -17.17 -13.82 26.87
N VAL C 297 -17.77 -12.80 27.47
CA VAL C 297 -19.17 -12.49 27.22
C VAL C 297 -19.41 -11.67 25.97
N ILE C 298 -20.36 -12.13 25.16
CA ILE C 298 -20.81 -11.42 23.96
C ILE C 298 -22.26 -11.05 24.21
N VAL C 299 -22.61 -9.79 24.02
CA VAL C 299 -23.96 -9.31 24.27
C VAL C 299 -24.74 -9.03 23.00
N THR C 300 -26.03 -9.33 23.00
CA THR C 300 -26.92 -8.94 21.89
C THR C 300 -27.91 -8.03 22.57
N GLU C 301 -28.40 -7.04 21.85
CA GLU C 301 -29.30 -6.07 22.43
C GLU C 301 -30.01 -5.29 21.31
N ILE C 302 -31.22 -4.82 21.61
CA ILE C 302 -32.02 -4.01 20.67
C ILE C 302 -32.04 -2.53 21.02
N ASP C 303 -31.70 -2.24 22.27
CA ASP C 303 -31.73 -0.89 22.79
C ASP C 303 -30.32 -0.30 22.65
N PRO C 304 -30.18 0.78 21.85
CA PRO C 304 -28.87 1.33 21.64
C PRO C 304 -28.17 1.84 22.91
N ILE C 305 -28.94 2.26 23.92
CA ILE C 305 -28.36 2.75 25.16
C ILE C 305 -27.76 1.57 25.92
N CYS C 306 -28.53 0.50 26.05
CA CYS C 306 -28.05 -0.70 26.74
C CYS C 306 -26.86 -1.30 25.98
N ALA C 307 -26.88 -1.24 24.65
CA ALA C 307 -25.77 -1.77 23.85
C ALA C 307 -24.48 -1.01 24.15
N LEU C 308 -24.58 0.32 24.22
CA LEU C 308 -23.42 1.15 24.56
C LEU C 308 -22.89 0.87 25.96
N GLN C 309 -23.78 0.63 26.91
CA GLN C 309 -23.35 0.31 28.27
C GLN C 309 -22.49 -0.96 28.26
N ALA C 310 -22.96 -1.98 27.52
CA ALA C 310 -22.23 -3.24 27.42
C ALA C 310 -20.83 -3.00 26.84
N SER C 311 -20.77 -2.19 25.80
CA SER C 311 -19.52 -1.87 25.14
C SER C 311 -18.54 -1.17 26.09
N MET C 312 -19.07 -0.26 26.91
CA MET C 312 -18.24 0.47 27.89
C MET C 312 -17.72 -0.42 29.01
N GLU C 313 -18.32 -1.60 29.20
CA GLU C 313 -17.83 -2.56 30.20
C GLU C 313 -16.90 -3.59 29.54
N GLY C 314 -16.52 -3.34 28.29
CA GLY C 314 -15.60 -4.20 27.56
C GLY C 314 -16.18 -5.39 26.84
N TYR C 315 -17.50 -5.44 26.64
CA TYR C 315 -18.12 -6.56 25.96
C TYR C 315 -18.42 -6.28 24.50
N GLN C 316 -18.16 -7.28 23.68
CA GLN C 316 -18.48 -7.22 22.26
C GLN C 316 -20.01 -7.26 22.15
N VAL C 317 -20.57 -6.45 21.25
CA VAL C 317 -22.01 -6.43 21.04
C VAL C 317 -22.26 -6.84 19.60
N SER C 318 -22.95 -7.98 19.42
CA SER C 318 -23.22 -8.54 18.10
C SER C 318 -24.66 -8.97 17.93
N VAL C 319 -25.05 -9.22 16.67
CA VAL C 319 -26.36 -9.79 16.37
C VAL C 319 -26.11 -11.29 16.43
N LEU C 320 -27.05 -12.03 16.99
CA LEU C 320 -26.91 -13.48 17.16
C LEU C 320 -26.43 -14.23 15.90
N GLU C 321 -26.99 -13.88 14.74
CA GLU C 321 -26.61 -14.52 13.47
C GLU C 321 -25.11 -14.55 13.17
N ASP C 322 -24.40 -13.53 13.64
CA ASP C 322 -22.96 -13.40 13.40
C ASP C 322 -22.08 -14.18 14.37
N VAL C 323 -22.65 -14.65 15.48
CA VAL C 323 -21.87 -15.41 16.46
C VAL C 323 -22.46 -16.76 16.85
N VAL C 324 -23.63 -17.10 16.31
CA VAL C 324 -24.30 -18.35 16.68
C VAL C 324 -23.52 -19.63 16.36
N SER C 325 -22.77 -19.63 15.26
CA SER C 325 -21.99 -20.82 14.90
C SER C 325 -20.73 -21.03 15.71
N GLU C 326 -20.18 -19.96 16.29
CA GLU C 326 -18.94 -20.08 17.05
C GLU C 326 -19.05 -19.95 18.55
N ALA C 327 -20.16 -19.42 19.07
CA ALA C 327 -20.31 -19.30 20.52
C ALA C 327 -20.54 -20.65 21.16
N ASP C 328 -20.25 -20.75 22.45
CA ASP C 328 -20.35 -22.00 23.21
C ASP C 328 -21.61 -22.17 24.06
N ILE C 329 -22.07 -21.09 24.67
CA ILE C 329 -23.22 -21.11 25.57
C ILE C 329 -24.08 -19.89 25.28
N PHE C 330 -25.40 -20.05 25.36
CA PHE C 330 -26.35 -18.96 25.08
C PHE C 330 -27.31 -18.79 26.26
N ILE C 331 -27.40 -17.57 26.80
CA ILE C 331 -28.25 -17.25 27.94
C ILE C 331 -29.23 -16.16 27.54
N THR C 332 -30.53 -16.47 27.54
CA THR C 332 -31.57 -15.48 27.18
C THR C 332 -32.05 -14.72 28.40
N ALA C 333 -31.93 -13.39 28.35
CA ALA C 333 -32.34 -12.52 29.46
C ALA C 333 -33.08 -11.30 28.92
N THR C 334 -34.00 -11.54 27.98
CA THR C 334 -34.71 -10.46 27.28
C THR C 334 -36.12 -10.12 27.71
N GLY C 335 -36.84 -11.09 28.25
CA GLY C 335 -38.25 -10.88 28.58
C GLY C 335 -39.08 -10.82 27.29
N ASN C 336 -38.47 -11.24 26.17
CA ASN C 336 -39.08 -11.21 24.84
C ASN C 336 -39.33 -12.63 24.35
N LYS C 337 -39.82 -12.76 23.13
CA LYS C 337 -40.18 -14.04 22.53
C LYS C 337 -39.31 -14.39 21.33
N ASP C 338 -39.02 -15.67 21.18
CA ASP C 338 -38.24 -16.19 20.03
C ASP C 338 -36.92 -15.48 19.76
N VAL C 339 -36.10 -15.34 20.79
CA VAL C 339 -34.79 -14.71 20.64
C VAL C 339 -33.79 -15.78 20.21
N ILE C 340 -34.13 -17.03 20.45
CA ILE C 340 -33.34 -18.18 19.97
C ILE C 340 -34.33 -19.10 19.27
N THR C 341 -34.23 -19.14 17.95
CA THR C 341 -35.12 -19.92 17.11
C THR C 341 -34.53 -21.28 16.78
N VAL C 342 -35.33 -22.13 16.16
CA VAL C 342 -34.89 -23.44 15.71
C VAL C 342 -33.78 -23.26 14.66
N GLU C 343 -33.93 -22.27 13.76
CA GLU C 343 -32.91 -22.02 12.75
C GLU C 343 -31.58 -21.65 13.39
N HIS C 344 -31.63 -20.90 14.50
CA HIS C 344 -30.40 -20.56 15.21
C HIS C 344 -29.77 -21.82 15.81
N MET C 345 -30.58 -22.66 16.46
CA MET C 345 -30.05 -23.86 17.10
C MET C 345 -29.44 -24.87 16.12
N ARG C 346 -29.91 -24.88 14.88
CA ARG C 346 -29.35 -25.80 13.88
C ARG C 346 -27.97 -25.38 13.41
N LYS C 347 -27.63 -24.10 13.58
CA LYS C 347 -26.31 -23.59 13.21
C LYS C 347 -25.30 -23.64 14.34
N MET C 348 -25.75 -23.98 15.56
CA MET C 348 -24.86 -24.05 16.72
C MET C 348 -23.89 -25.21 16.65
N LYS C 349 -22.77 -25.08 17.34
CA LYS C 349 -21.79 -26.14 17.33
C LYS C 349 -22.14 -27.26 18.29
N GLU C 350 -21.47 -28.38 18.09
CA GLU C 350 -21.68 -29.59 18.87
C GLU C 350 -21.64 -29.34 20.38
N ASN C 351 -22.71 -29.77 21.04
CA ASN C 351 -22.88 -29.67 22.48
C ASN C 351 -22.90 -28.25 23.04
N ALA C 352 -23.41 -27.32 22.24
CA ALA C 352 -23.60 -25.96 22.71
C ALA C 352 -24.70 -26.02 23.76
N TYR C 353 -24.57 -25.24 24.82
CA TYR C 353 -25.56 -25.19 25.88
C TYR C 353 -26.47 -23.98 25.70
N ILE C 354 -27.75 -24.15 25.99
CA ILE C 354 -28.74 -23.09 25.85
C ILE C 354 -29.55 -23.00 27.15
N ALA C 355 -29.71 -21.78 27.67
CA ALA C 355 -30.45 -21.58 28.91
C ALA C 355 -31.19 -20.25 28.90
N ASN C 356 -32.22 -20.18 29.73
CA ASN C 356 -33.06 -19.00 29.85
C ASN C 356 -33.12 -18.55 31.30
N ILE C 357 -32.85 -17.27 31.53
CA ILE C 357 -32.92 -16.71 32.87
C ILE C 357 -33.96 -15.59 32.86
N GLY C 358 -34.66 -15.46 31.74
CA GLY C 358 -35.67 -14.45 31.56
C GLY C 358 -37.01 -14.82 32.14
N HIS C 359 -37.92 -15.32 31.31
CA HIS C 359 -39.26 -15.62 31.76
C HIS C 359 -39.90 -16.79 30.99
N PHE C 360 -40.90 -17.38 31.62
CA PHE C 360 -41.64 -18.50 31.05
C PHE C 360 -40.72 -19.43 30.25
N ASP C 361 -41.08 -19.80 29.03
CA ASP C 361 -40.23 -20.69 28.23
C ASP C 361 -40.25 -20.34 26.75
N ASP C 362 -40.68 -19.13 26.43
CA ASP C 362 -40.79 -18.72 25.01
C ASP C 362 -39.60 -17.89 24.48
N GLU C 363 -38.59 -17.60 25.31
CA GLU C 363 -37.44 -16.84 24.83
C GLU C 363 -36.69 -17.72 23.84
N ILE C 364 -36.56 -18.99 24.19
CA ILE C 364 -35.99 -20.01 23.33
C ILE C 364 -37.23 -20.73 22.76
N ASP C 365 -37.19 -21.09 21.49
CA ASP C 365 -38.34 -21.79 20.91
C ASP C 365 -38.24 -23.27 21.23
N VAL C 366 -38.58 -23.60 22.48
CA VAL C 366 -38.54 -24.98 22.95
C VAL C 366 -39.59 -25.82 22.23
N TYR C 367 -40.77 -25.24 22.00
CA TYR C 367 -41.84 -25.98 21.32
C TYR C 367 -41.36 -26.45 19.95
N GLY C 368 -40.78 -25.54 19.18
CA GLY C 368 -40.25 -25.85 17.85
C GLY C 368 -39.13 -26.89 17.87
N LEU C 369 -38.29 -26.83 18.90
CA LEU C 369 -37.20 -27.78 19.05
C LEU C 369 -37.74 -29.17 19.37
N GLU C 370 -38.60 -29.27 20.38
CA GLU C 370 -39.19 -30.57 20.78
C GLU C 370 -40.03 -31.22 19.70
N ASN C 371 -40.71 -30.40 18.90
CA ASN C 371 -41.56 -30.89 17.81
C ASN C 371 -40.89 -30.90 16.43
N TYR C 372 -39.58 -30.71 16.38
CA TYR C 372 -38.87 -30.71 15.10
C TYR C 372 -38.92 -32.14 14.51
N PRO C 373 -39.23 -32.26 13.20
CA PRO C 373 -39.33 -33.60 12.58
C PRO C 373 -38.06 -34.45 12.69
N GLY C 374 -38.21 -35.62 13.33
CA GLY C 374 -37.12 -36.58 13.49
C GLY C 374 -36.07 -36.24 14.52
N ILE C 375 -36.36 -35.32 15.42
CA ILE C 375 -35.40 -34.95 16.43
C ILE C 375 -35.33 -36.02 17.52
N LYS C 376 -34.14 -36.22 18.06
CA LYS C 376 -33.93 -37.20 19.12
C LYS C 376 -33.59 -36.43 20.39
N VAL C 377 -34.09 -36.92 21.52
CA VAL C 377 -33.86 -36.28 22.79
C VAL C 377 -33.50 -37.31 23.85
N ILE C 378 -32.54 -36.98 24.70
CA ILE C 378 -32.15 -37.84 25.81
C ILE C 378 -31.98 -36.97 27.04
N GLU C 379 -32.33 -37.55 28.19
CA GLU C 379 -32.19 -36.87 29.45
C GLU C 379 -30.75 -37.05 29.91
N VAL C 380 -29.99 -35.96 30.02
CA VAL C 380 -28.60 -36.03 30.48
C VAL C 380 -28.60 -36.18 32.00
N LYS C 381 -29.52 -35.45 32.63
CA LYS C 381 -29.74 -35.51 34.07
C LYS C 381 -31.09 -34.85 34.32
N GLN C 382 -31.47 -34.70 35.59
CA GLN C 382 -32.71 -34.03 35.92
C GLN C 382 -32.69 -32.60 35.34
N ASN C 383 -33.70 -32.28 34.54
CA ASN C 383 -33.86 -30.96 33.92
C ASN C 383 -32.72 -30.54 32.95
N VAL C 384 -32.11 -31.50 32.28
CA VAL C 384 -31.07 -31.22 31.28
C VAL C 384 -31.27 -32.22 30.15
N HIS C 385 -31.57 -31.71 28.96
CA HIS C 385 -31.86 -32.56 27.81
C HIS C 385 -31.01 -32.19 26.60
N LYS C 386 -30.50 -33.23 25.93
CA LYS C 386 -29.68 -33.08 24.73
C LYS C 386 -30.53 -33.44 23.51
N PHE C 387 -30.67 -32.49 22.60
CA PHE C 387 -31.45 -32.67 21.37
C PHE C 387 -30.50 -32.81 20.19
N THR C 388 -30.74 -33.83 19.37
CA THR C 388 -29.89 -34.11 18.21
C THR C 388 -30.71 -34.00 16.93
N PHE C 389 -30.28 -33.14 15.99
CA PHE C 389 -30.97 -32.98 14.72
C PHE C 389 -30.61 -34.14 13.78
N PRO C 390 -31.59 -34.65 13.03
CA PRO C 390 -31.36 -35.83 12.18
C PRO C 390 -30.45 -35.63 10.96
N ASP C 391 -30.49 -34.46 10.32
CA ASP C 391 -29.68 -34.20 9.12
C ASP C 391 -28.19 -33.96 9.39
N THR C 392 -27.88 -33.11 10.36
CA THR C 392 -26.49 -32.80 10.68
C THR C 392 -25.90 -33.73 11.73
N GLN C 393 -26.76 -34.39 12.51
CA GLN C 393 -26.34 -35.25 13.63
C GLN C 393 -25.66 -34.44 14.73
N LYS C 394 -25.84 -33.11 14.70
CA LYS C 394 -25.28 -32.24 15.74
C LYS C 394 -26.28 -32.09 16.86
N SER C 395 -25.78 -31.86 18.07
CA SER C 395 -26.63 -31.74 19.24
C SER C 395 -26.49 -30.41 19.99
N VAL C 396 -27.54 -30.06 20.72
CA VAL C 396 -27.54 -28.89 21.59
C VAL C 396 -28.10 -29.35 22.91
N ILE C 397 -27.64 -28.75 24.00
CA ILE C 397 -28.07 -29.16 25.32
C ILE C 397 -28.85 -28.03 25.94
N LEU C 398 -30.12 -28.32 26.26
CA LEU C 398 -31.04 -27.34 26.81
C LEU C 398 -31.22 -27.57 28.32
N LEU C 399 -31.08 -26.51 29.09
CA LEU C 399 -31.27 -26.58 30.53
C LEU C 399 -32.73 -26.22 30.89
N CYS C 400 -33.35 -27.02 31.76
CA CYS C 400 -34.71 -26.82 32.26
C CYS C 400 -35.80 -26.63 31.23
N LYS C 401 -35.72 -27.31 30.09
CA LYS C 401 -36.75 -27.14 29.07
C LYS C 401 -37.05 -25.66 28.78
N GLY C 402 -36.00 -24.83 28.84
CA GLY C 402 -36.12 -23.41 28.56
C GLY C 402 -36.76 -22.53 29.62
N ARG C 403 -36.96 -23.08 30.83
CA ARG C 403 -37.51 -22.30 31.95
C ARG C 403 -36.37 -21.77 32.82
N LEU C 404 -36.67 -20.85 33.74
CA LEU C 404 -35.66 -20.21 34.60
C LEU C 404 -34.56 -21.16 35.06
N VAL C 405 -33.36 -20.97 34.52
CA VAL C 405 -32.25 -21.85 34.86
C VAL C 405 -31.80 -21.69 36.30
N ASN C 406 -31.85 -20.48 36.84
CA ASN C 406 -31.40 -20.24 38.22
C ASN C 406 -32.31 -20.88 39.26
N LEU C 407 -33.60 -20.96 38.97
CA LEU C 407 -34.58 -21.58 39.87
C LEU C 407 -34.87 -23.03 39.54
N GLY C 408 -34.57 -23.45 38.31
CA GLY C 408 -34.84 -24.81 37.86
C GLY C 408 -33.69 -25.77 38.13
N CYS C 409 -32.47 -25.36 37.76
CA CYS C 409 -31.26 -26.15 37.99
C CYS C 409 -30.60 -25.84 39.31
N ALA C 410 -31.02 -24.76 39.96
CA ALA C 410 -30.47 -24.37 41.26
C ALA C 410 -31.59 -23.86 42.16
N THR C 411 -31.22 -23.16 43.23
CA THR C 411 -32.17 -22.69 44.23
C THR C 411 -32.56 -21.22 44.17
N GLY C 412 -32.32 -20.58 43.03
CA GLY C 412 -32.65 -19.15 42.86
C GLY C 412 -31.76 -18.21 43.62
N HIS C 413 -32.17 -16.95 43.71
CA HIS C 413 -31.37 -15.95 44.41
C HIS C 413 -31.20 -16.29 45.88
N PRO C 414 -30.10 -15.83 46.47
CA PRO C 414 -29.83 -16.05 47.88
C PRO C 414 -30.67 -15.14 48.77
N PRO C 415 -30.75 -15.47 50.06
CA PRO C 415 -31.60 -14.73 51.02
C PRO C 415 -31.45 -13.20 51.10
N LEU C 416 -30.22 -12.69 51.14
CA LEU C 416 -30.03 -11.25 51.31
C LEU C 416 -30.82 -10.42 50.29
N VAL C 417 -30.64 -10.68 49.01
CA VAL C 417 -31.35 -9.90 47.99
C VAL C 417 -32.84 -10.21 47.96
N MET C 418 -33.23 -11.44 48.27
CA MET C 418 -34.66 -11.76 48.30
C MET C 418 -35.34 -11.07 49.47
N SER C 419 -34.60 -10.82 50.56
CA SER C 419 -35.16 -10.09 51.70
C SER C 419 -35.48 -8.66 51.27
N MET C 420 -34.64 -8.08 50.40
CA MET C 420 -34.88 -6.73 49.90
C MET C 420 -36.13 -6.73 49.03
N SER C 421 -36.26 -7.71 48.14
CA SER C 421 -37.44 -7.80 47.29
C SER C 421 -38.70 -8.06 48.11
N PHE C 422 -38.58 -8.98 49.07
CA PHE C 422 -39.72 -9.37 49.88
C PHE C 422 -40.11 -8.37 50.94
N THR C 423 -39.18 -7.54 51.37
CA THR C 423 -39.52 -6.48 52.34
C THR C 423 -40.43 -5.52 51.57
N ASN C 424 -40.11 -5.27 50.29
CA ASN C 424 -40.97 -4.45 49.43
C ASN C 424 -42.35 -5.11 49.29
N GLN C 425 -42.38 -6.43 49.10
CA GLN C 425 -43.66 -7.16 48.99
C GLN C 425 -44.55 -6.98 50.22
N VAL C 426 -43.98 -7.18 51.40
CA VAL C 426 -44.75 -7.03 52.62
C VAL C 426 -45.28 -5.60 52.76
N LEU C 427 -44.43 -4.62 52.47
CA LEU C 427 -44.83 -3.22 52.55
C LEU C 427 -45.94 -2.90 51.57
N ALA C 428 -45.92 -3.58 50.41
CA ALA C 428 -46.96 -3.40 49.38
C ALA C 428 -48.27 -3.99 49.86
N GLN C 429 -48.21 -5.17 50.44
CA GLN C 429 -49.39 -5.85 50.98
C GLN C 429 -50.03 -5.00 52.09
N MET C 430 -49.18 -4.43 52.96
CA MET C 430 -49.69 -3.57 54.03
C MET C 430 -50.35 -2.31 53.47
N ASP C 431 -49.79 -1.78 52.39
CA ASP C 431 -50.33 -0.58 51.75
C ASP C 431 -51.71 -0.86 51.17
N LEU C 432 -51.82 -1.95 50.40
CA LEU C 432 -53.08 -2.33 49.78
C LEU C 432 -54.17 -2.63 50.82
N TRP C 433 -53.80 -3.32 51.89
CA TRP C 433 -54.73 -3.66 52.96
C TRP C 433 -55.21 -2.44 53.73
N LYS C 434 -54.28 -1.55 54.05
CA LYS C 434 -54.62 -0.34 54.80
C LYS C 434 -55.52 0.61 53.98
N SER C 435 -55.47 0.47 52.65
CA SER C 435 -56.28 1.30 51.73
C SER C 435 -57.59 0.67 51.29
N ARG C 436 -57.95 -0.48 51.83
CA ARG C 436 -59.21 -1.16 51.39
C ARG C 436 -60.48 -0.35 51.44
N GLU C 437 -60.64 0.56 52.40
CA GLU C 437 -61.85 1.40 52.47
C GLU C 437 -62.07 2.23 51.22
N LEU C 438 -61.00 2.65 50.57
CA LEU C 438 -61.08 3.44 49.34
C LEU C 438 -61.50 2.64 48.09
N VAL C 439 -61.55 1.32 48.20
CA VAL C 439 -61.93 0.48 47.06
C VAL C 439 -63.44 0.28 47.12
N ASP C 440 -64.17 1.14 46.44
CA ASP C 440 -65.66 1.07 46.44
C ASP C 440 -66.09 0.65 45.05
N ARG C 441 -66.48 -0.62 44.90
CA ARG C 441 -66.91 -1.12 43.57
C ARG C 441 -68.34 -0.74 43.12
N SER C 442 -69.11 -0.11 44.03
CA SER C 442 -70.37 0.48 43.62
C SER C 442 -70.10 1.84 42.92
N LYS C 443 -68.84 2.29 42.94
CA LYS C 443 -68.43 3.52 42.31
C LYS C 443 -67.40 3.23 41.21
N ASN C 444 -66.15 2.95 41.58
CA ASN C 444 -65.03 2.78 40.67
C ASN C 444 -64.73 1.35 40.58
N THR C 445 -64.69 0.78 39.35
CA THR C 445 -64.21 -0.59 39.14
C THR C 445 -62.91 -0.79 38.35
N ARG C 446 -62.43 0.22 37.65
CA ARG C 446 -61.21 0.14 36.83
C ARG C 446 -60.09 0.87 37.57
N PHE C 447 -59.00 0.17 37.88
CA PHE C 447 -57.96 0.60 38.78
C PHE C 447 -56.63 0.83 38.09
N PHE C 448 -55.64 1.33 38.83
CA PHE C 448 -54.33 1.68 38.31
C PHE C 448 -53.18 1.02 39.08
N VAL C 449 -51.97 1.16 38.53
CA VAL C 449 -50.76 0.60 39.10
C VAL C 449 -49.94 1.71 39.73
N LYS C 450 -49.50 1.53 40.98
CA LYS C 450 -48.63 2.51 41.61
C LYS C 450 -47.38 1.80 42.15
N LYS C 451 -46.42 2.60 42.57
CA LYS C 451 -45.16 2.12 43.11
C LYS C 451 -45.05 2.60 44.53
N LEU C 452 -44.15 1.97 45.28
CA LEU C 452 -43.90 2.38 46.64
C LEU C 452 -43.09 3.66 46.62
N SER C 453 -43.20 4.45 47.68
CA SER C 453 -42.49 5.73 47.74
C SER C 453 -40.99 5.55 47.88
N LYS C 454 -40.24 6.59 47.59
CA LYS C 454 -38.79 6.57 47.74
C LYS C 454 -38.45 6.41 49.25
N GLU C 455 -39.23 7.02 50.13
CA GLU C 455 -39.00 6.89 51.58
C GLU C 455 -38.93 5.42 51.97
N LEU C 456 -39.90 4.64 51.51
CA LEU C 456 -39.94 3.20 51.80
C LEU C 456 -38.83 2.46 51.10
N ASP C 457 -38.50 2.93 49.90
CA ASP C 457 -37.46 2.31 49.11
C ASP C 457 -36.14 2.44 49.89
N GLU C 458 -35.86 3.63 50.40
CA GLU C 458 -34.66 3.87 51.21
C GLU C 458 -34.71 3.08 52.52
N TYR C 459 -35.91 2.97 53.10
CA TYR C 459 -36.10 2.21 54.33
C TYR C 459 -35.69 0.74 54.12
N VAL C 460 -36.09 0.15 52.99
CA VAL C 460 -35.72 -1.24 52.72
C VAL C 460 -34.19 -1.38 52.75
N ALA C 461 -33.49 -0.42 52.13
CA ALA C 461 -32.04 -0.45 52.15
C ALA C 461 -31.50 -0.30 53.59
N ARG C 462 -32.01 0.66 54.36
CA ARG C 462 -31.57 0.85 55.75
C ARG C 462 -31.63 -0.43 56.59
N LEU C 463 -32.72 -1.15 56.42
CA LEU C 463 -32.95 -2.39 57.15
C LEU C 463 -31.89 -3.47 56.89
N HIS C 464 -31.16 -3.38 55.77
CA HIS C 464 -30.14 -4.39 55.46
C HIS C 464 -28.70 -3.94 55.63
N LEU C 465 -28.47 -2.71 56.09
CA LEU C 465 -27.10 -2.23 56.25
C LEU C 465 -26.26 -2.99 57.30
N ASP C 466 -26.84 -3.28 58.46
CA ASP C 466 -26.10 -4.00 59.53
C ASP C 466 -25.62 -5.39 59.14
N VAL C 467 -26.42 -6.10 58.33
CA VAL C 467 -26.02 -7.42 57.85
C VAL C 467 -24.57 -7.38 57.35
N LEU C 468 -24.25 -6.37 56.54
CA LEU C 468 -22.93 -6.27 55.92
C LEU C 468 -21.94 -5.30 56.59
N GLY C 469 -22.24 -4.86 57.80
CA GLY C 469 -21.37 -3.95 58.51
C GLY C 469 -21.19 -2.58 57.88
N ILE C 470 -22.20 -2.16 57.11
CA ILE C 470 -22.17 -0.86 56.44
C ILE C 470 -22.44 0.25 57.42
N LYS C 471 -21.61 1.29 57.39
CA LYS C 471 -21.78 2.45 58.27
C LYS C 471 -22.18 3.65 57.42
N LEU C 472 -23.43 4.11 57.59
CA LEU C 472 -23.88 5.30 56.87
C LEU C 472 -23.38 6.58 57.50
N THR C 473 -23.07 7.53 56.64
CA THR C 473 -22.67 8.85 57.06
C THR C 473 -23.96 9.65 57.30
N LYS C 474 -23.93 10.58 58.24
CA LYS C 474 -25.10 11.41 58.52
C LYS C 474 -24.82 12.84 58.10
N LEU C 475 -25.74 13.45 57.35
CA LEU C 475 -25.58 14.82 56.91
C LEU C 475 -25.69 15.78 58.08
N THR C 476 -24.96 16.88 58.01
CA THR C 476 -25.05 17.94 59.00
C THR C 476 -26.22 18.80 58.53
N GLU C 477 -26.72 19.67 59.40
CA GLU C 477 -27.84 20.53 59.01
C GLU C 477 -27.47 21.42 57.80
N THR C 478 -26.24 21.92 57.79
CA THR C 478 -25.72 22.76 56.70
C THR C 478 -25.61 21.99 55.38
N GLN C 479 -25.09 20.77 55.46
CA GLN C 479 -24.96 19.92 54.26
C GLN C 479 -26.31 19.59 53.68
N ALA C 480 -27.27 19.26 54.54
CA ALA C 480 -28.62 18.92 54.10
C ALA C 480 -29.25 20.10 53.34
N LYS C 481 -29.03 21.29 53.87
CA LYS C 481 -29.55 22.49 53.23
C LYS C 481 -28.81 22.72 51.91
N TYR C 482 -27.51 22.46 51.89
CA TYR C 482 -26.70 22.70 50.70
C TYR C 482 -27.16 21.84 49.51
N ILE C 483 -27.41 20.56 49.74
CA ILE C 483 -27.86 19.66 48.64
C ILE C 483 -29.39 19.56 48.57
N ASN C 484 -30.07 20.37 49.39
CA ASN C 484 -31.53 20.50 49.36
C ASN C 484 -32.32 19.21 49.67
N VAL C 485 -31.94 18.55 50.76
CA VAL C 485 -32.63 17.34 51.20
C VAL C 485 -32.81 17.36 52.71
N SER C 486 -33.69 16.51 53.18
CA SER C 486 -33.89 16.35 54.61
C SER C 486 -32.79 15.42 55.12
N ILE C 487 -32.34 15.63 56.35
CA ILE C 487 -31.33 14.76 56.94
C ILE C 487 -31.77 13.29 56.85
N ASN C 488 -33.07 13.05 56.99
CA ASN C 488 -33.62 11.69 56.94
C ASN C 488 -34.08 11.24 55.56
N GLY C 489 -33.79 12.05 54.54
CA GLY C 489 -34.18 11.69 53.17
C GLY C 489 -35.62 12.04 52.84
N PRO C 490 -36.06 11.72 51.64
CA PRO C 490 -35.26 11.04 50.61
C PRO C 490 -34.12 11.89 50.06
N TYR C 491 -33.07 11.23 49.61
CA TYR C 491 -31.84 11.90 49.16
C TYR C 491 -31.70 12.13 47.66
N LYS C 492 -32.60 11.54 46.87
CA LYS C 492 -32.53 11.66 45.43
C LYS C 492 -33.87 12.05 44.83
N SER C 493 -33.84 12.67 43.66
CA SER C 493 -35.04 13.04 42.91
C SER C 493 -35.71 11.77 42.41
N GLU C 494 -36.99 11.86 42.06
CA GLU C 494 -37.73 10.70 41.56
C GLU C 494 -37.19 10.09 40.28
N ASP C 495 -36.52 10.89 39.47
CA ASP C 495 -35.97 10.41 38.20
C ASP C 495 -34.53 9.87 38.31
N TYR C 496 -33.96 9.86 39.50
CA TYR C 496 -32.58 9.40 39.71
C TYR C 496 -32.49 7.90 39.40
N ARG C 497 -31.45 7.53 38.68
CA ARG C 497 -31.30 6.15 38.21
C ARG C 497 -30.37 5.23 39.01
N TYR C 498 -29.66 5.77 40.01
CA TYR C 498 -28.74 4.95 40.81
C TYR C 498 -27.76 4.17 39.93
N MET D 6 -14.92 42.76 21.19
CA MET D 6 -14.86 42.18 19.84
C MET D 6 -13.81 41.06 19.73
N GLU D 7 -12.62 41.33 20.26
CA GLU D 7 -11.48 40.39 20.19
C GLU D 7 -11.38 39.46 21.39
N SER D 8 -10.84 38.28 21.11
CA SER D 8 -10.66 37.24 22.10
C SER D 8 -9.48 37.52 23.04
N ARG D 9 -9.55 36.91 24.23
CA ARG D 9 -8.47 36.95 25.23
C ARG D 9 -8.08 35.52 25.51
N ILE D 10 -6.96 35.09 24.93
CA ILE D 10 -6.43 33.74 25.11
C ILE D 10 -4.94 33.83 25.42
N LYS D 11 -4.29 32.70 25.68
CA LYS D 11 -2.87 32.74 26.01
C LYS D 11 -1.98 32.87 24.78
N ASP D 12 -2.15 32.00 23.80
CA ASP D 12 -1.25 31.98 22.65
C ASP D 12 -1.88 31.41 21.37
N ILE D 13 -2.13 32.31 20.42
CA ILE D 13 -2.73 31.96 19.13
C ILE D 13 -1.87 30.97 18.32
N SER D 14 -0.56 30.96 18.56
CA SER D 14 0.35 30.07 17.79
C SER D 14 0.16 28.57 18.11
N LEU D 15 -0.59 28.28 19.17
CA LEU D 15 -0.89 26.89 19.54
C LEU D 15 -2.05 26.35 18.69
N ALA D 16 -2.63 27.19 17.83
CA ALA D 16 -3.77 26.82 16.98
C ALA D 16 -3.57 25.55 16.16
N GLU D 17 -2.40 25.39 15.55
CA GLU D 17 -2.17 24.22 14.70
C GLU D 17 -2.28 22.90 15.47
N PHE D 18 -1.74 22.85 16.70
CA PHE D 18 -1.83 21.66 17.53
C PHE D 18 -3.30 21.38 17.90
N GLY D 19 -4.04 22.45 18.17
CA GLY D 19 -5.46 22.33 18.50
C GLY D 19 -6.29 21.78 17.38
N LEU D 20 -6.02 22.23 16.16
CA LEU D 20 -6.74 21.77 14.97
C LEU D 20 -6.43 20.30 14.68
N GLN D 21 -5.20 19.87 14.94
CA GLN D 21 -4.81 18.47 14.74
C GLN D 21 -5.53 17.58 15.74
N ASP D 22 -5.58 18.01 17.00
CA ASP D 22 -6.29 17.23 18.04
C ASP D 22 -7.78 17.20 17.78
N MET D 23 -8.34 18.29 17.27
CA MET D 23 -9.76 18.32 16.92
C MET D 23 -10.08 17.26 15.89
N GLU D 24 -9.26 17.16 14.84
CA GLU D 24 -9.51 16.18 13.78
C GLU D 24 -9.38 14.75 14.27
N ILE D 25 -8.43 14.49 15.17
CA ILE D 25 -8.26 13.14 15.72
C ILE D 25 -9.44 12.81 16.63
N ALA D 26 -9.84 13.79 17.44
CA ALA D 26 -10.97 13.62 18.34
C ALA D 26 -12.26 13.33 17.59
N LYS D 27 -12.46 13.98 16.44
CA LYS D 27 -13.68 13.75 15.65
C LYS D 27 -13.85 12.33 15.13
N THR D 28 -12.77 11.56 15.10
CA THR D 28 -12.86 10.16 14.69
C THR D 28 -13.87 9.43 15.59
N ASP D 29 -13.88 9.78 16.87
CA ASP D 29 -14.76 9.19 17.86
C ASP D 29 -16.01 10.01 18.21
N MET D 30 -16.02 11.31 17.95
CA MET D 30 -17.19 12.13 18.30
C MET D 30 -18.20 12.09 17.17
N MET D 31 -18.66 10.91 16.80
N MET D 31 -18.66 10.90 16.81
CA MET D 31 -19.59 10.76 15.66
CA MET D 31 -19.59 10.76 15.66
C MET D 31 -20.91 11.47 15.79
C MET D 31 -20.91 11.47 15.79
N GLY D 32 -21.36 11.73 17.01
CA GLY D 32 -22.61 12.42 17.23
C GLY D 32 -22.52 13.83 16.68
N LEU D 33 -21.47 14.55 17.08
CA LEU D 33 -21.27 15.90 16.62
C LEU D 33 -20.99 15.94 15.12
N VAL D 34 -20.23 14.96 14.63
CA VAL D 34 -19.92 14.88 13.21
C VAL D 34 -21.19 14.67 12.39
N GLU D 35 -22.09 13.84 12.88
CA GLU D 35 -23.35 13.58 12.18
C GLU D 35 -24.24 14.81 12.17
N LEU D 36 -24.31 15.53 13.30
CA LEU D 36 -25.11 16.76 13.37
C LEU D 36 -24.56 17.79 12.40
N GLN D 37 -23.23 17.88 12.29
CA GLN D 37 -22.65 18.83 11.35
C GLN D 37 -23.05 18.44 9.93
N ARG D 38 -22.91 17.16 9.59
CA ARG D 38 -23.24 16.69 8.24
C ARG D 38 -24.74 16.89 7.91
N LYS D 39 -25.59 16.64 8.89
CA LYS D 39 -27.02 16.75 8.68
C LYS D 39 -27.58 18.18 8.66
N TYR D 40 -27.02 19.07 9.45
CA TYR D 40 -27.56 20.43 9.58
C TYR D 40 -26.71 21.61 9.11
N ARG D 41 -25.50 21.36 8.61
CA ARG D 41 -24.66 22.48 8.15
C ARG D 41 -25.29 23.28 6.99
N ASP D 42 -26.17 22.65 6.21
CA ASP D 42 -26.82 23.34 5.08
C ASP D 42 -28.06 24.12 5.50
N SER D 43 -28.93 23.47 6.28
CA SER D 43 -30.18 24.11 6.72
C SER D 43 -29.99 25.17 7.81
N LYS D 44 -28.87 25.13 8.54
CA LYS D 44 -28.57 26.12 9.58
C LYS D 44 -29.73 26.33 10.57
N PRO D 45 -30.11 25.31 11.34
CA PRO D 45 -31.24 25.48 12.26
C PRO D 45 -31.04 26.55 13.35
N LEU D 46 -29.80 26.89 13.67
CA LEU D 46 -29.50 27.91 14.67
C LEU D 46 -29.11 29.27 14.05
N LYS D 47 -29.41 29.47 12.76
CA LYS D 47 -29.06 30.71 12.08
C LYS D 47 -29.62 31.94 12.82
N GLY D 48 -28.71 32.87 13.13
CA GLY D 48 -29.07 34.11 13.82
C GLY D 48 -28.98 34.07 15.34
N ALA D 49 -28.80 32.87 15.89
CA ALA D 49 -28.74 32.72 17.34
C ALA D 49 -27.40 33.15 17.91
N ARG D 50 -27.46 33.90 19.00
CA ARG D 50 -26.27 34.35 19.72
C ARG D 50 -26.14 33.44 20.92
N ILE D 51 -25.09 32.62 20.94
CA ILE D 51 -24.88 31.65 22.03
C ILE D 51 -23.65 31.95 22.86
N THR D 52 -23.85 32.08 24.17
CA THR D 52 -22.76 32.29 25.12
C THR D 52 -22.58 30.98 25.86
N GLY D 53 -21.34 30.50 25.94
CA GLY D 53 -21.08 29.25 26.65
C GLY D 53 -20.08 29.39 27.78
N SER D 54 -20.40 28.75 28.92
CA SER D 54 -19.52 28.69 30.10
C SER D 54 -19.30 27.20 30.32
N LEU D 55 -18.21 26.67 29.75
CA LEU D 55 -17.90 25.24 29.83
C LEU D 55 -16.44 24.96 29.48
N HIS D 56 -15.76 24.21 30.35
CA HIS D 56 -14.34 23.81 30.19
C HIS D 56 -13.92 23.83 28.74
N LEU D 57 -13.08 24.78 28.36
CA LEU D 57 -12.68 24.91 26.95
C LEU D 57 -11.57 23.93 26.60
N THR D 58 -11.98 22.70 26.36
CA THR D 58 -11.11 21.59 25.98
C THR D 58 -11.24 21.35 24.50
N ILE D 59 -10.45 20.41 23.97
CA ILE D 59 -10.53 20.01 22.57
C ILE D 59 -11.94 19.50 22.27
N GLU D 60 -12.49 18.72 23.20
CA GLU D 60 -13.84 18.18 23.03
C GLU D 60 -14.86 19.31 22.93
N THR D 61 -14.70 20.32 23.79
CA THR D 61 -15.59 21.48 23.76
C THR D 61 -15.43 22.26 22.45
N SER D 62 -14.21 22.29 21.90
CA SER D 62 -13.99 22.96 20.62
C SER D 62 -14.82 22.36 19.49
N VAL D 63 -15.01 21.04 19.55
CA VAL D 63 -15.81 20.37 18.53
C VAL D 63 -17.29 20.73 18.74
N LEU D 64 -17.71 20.87 20.00
CA LEU D 64 -19.08 21.32 20.30
C LEU D 64 -19.30 22.69 19.70
N VAL D 65 -18.39 23.61 20.01
CA VAL D 65 -18.46 24.99 19.52
C VAL D 65 -18.47 25.01 18.00
N GLU D 66 -17.63 24.17 17.39
CA GLU D 66 -17.57 24.09 15.94
C GLU D 66 -18.92 23.64 15.38
N THR D 67 -19.54 22.68 16.07
CA THR D 67 -20.83 22.14 15.64
C THR D 67 -21.90 23.24 15.69
N LEU D 68 -21.95 23.97 16.79
CA LEU D 68 -22.90 25.08 16.93
C LEU D 68 -22.70 26.11 15.84
N TYR D 69 -21.44 26.41 15.52
CA TYR D 69 -21.10 27.37 14.48
C TYR D 69 -21.55 26.86 13.11
N GLU D 70 -21.28 25.61 12.79
CA GLU D 70 -21.69 25.02 11.51
C GLU D 70 -23.21 25.05 11.37
N LEU D 71 -23.93 24.98 12.49
CA LEU D 71 -25.40 25.03 12.47
C LEU D 71 -25.95 26.48 12.40
N GLY D 72 -25.03 27.45 12.27
CA GLY D 72 -25.42 28.86 12.06
C GLY D 72 -25.35 29.85 13.19
N ALA D 73 -24.96 29.41 14.38
CA ALA D 73 -24.91 30.31 15.52
C ALA D 73 -23.63 31.15 15.56
N GLU D 74 -23.75 32.33 16.17
CA GLU D 74 -22.61 33.21 16.41
C GLU D 74 -22.28 32.83 17.86
N ILE D 75 -20.99 32.78 18.20
CA ILE D 75 -20.60 32.28 19.52
C ILE D 75 -19.54 33.05 20.31
N ARG D 76 -19.77 33.14 21.62
CA ARG D 76 -18.83 33.75 22.56
C ARG D 76 -18.68 32.69 23.64
N TRP D 77 -17.45 32.41 24.05
CA TRP D 77 -17.24 31.33 25.00
C TRP D 77 -16.21 31.65 26.08
N CYS D 78 -16.40 31.01 27.22
CA CYS D 78 -15.48 31.12 28.35
C CYS D 78 -15.49 29.77 29.03
N SER D 79 -14.50 29.52 29.88
CA SER D 79 -14.43 28.28 30.60
C SER D 79 -15.24 28.39 31.90
N CYS D 80 -15.66 27.25 32.44
CA CYS D 80 -16.41 27.21 33.70
C CYS D 80 -15.49 26.83 34.88
N ASN D 81 -14.19 26.81 34.66
CA ASN D 81 -13.23 26.45 35.70
C ASN D 81 -11.87 27.09 35.37
N ILE D 82 -11.25 27.71 36.39
CA ILE D 82 -9.98 28.40 36.20
C ILE D 82 -8.80 27.57 35.69
N TYR D 83 -8.83 26.25 35.89
CA TYR D 83 -7.73 25.39 35.46
C TYR D 83 -8.02 24.49 34.26
N SER D 84 -9.28 24.36 33.88
CA SER D 84 -9.67 23.39 32.83
C SER D 84 -9.38 23.71 31.38
N THR D 85 -9.15 24.97 31.05
CA THR D 85 -8.94 25.34 29.65
C THR D 85 -7.67 24.74 29.07
N GLN D 86 -7.78 24.25 27.83
CA GLN D 86 -6.64 23.75 27.08
C GLN D 86 -6.35 24.87 26.08
N ASP D 87 -5.22 25.55 26.26
CA ASP D 87 -4.86 26.71 25.44
C ASP D 87 -4.81 26.46 23.93
N HIS D 88 -4.40 25.26 23.53
CA HIS D 88 -4.36 24.95 22.09
C HIS D 88 -5.77 24.81 21.51
N ALA D 89 -6.71 24.39 22.35
CA ALA D 89 -8.12 24.28 21.92
C ALA D 89 -8.73 25.65 21.73
N ALA D 90 -8.39 26.57 22.65
CA ALA D 90 -8.89 27.95 22.58
C ALA D 90 -8.33 28.64 21.36
N ALA D 91 -7.04 28.46 21.12
CA ALA D 91 -6.37 29.07 19.98
C ALA D 91 -6.98 28.62 18.66
N ALA D 92 -7.32 27.35 18.57
CA ALA D 92 -7.91 26.79 17.35
C ALA D 92 -9.23 27.50 17.00
N LEU D 93 -10.05 27.75 18.01
CA LEU D 93 -11.32 28.44 17.80
C LEU D 93 -11.13 29.86 17.31
N VAL D 94 -10.20 30.58 17.93
CA VAL D 94 -9.93 31.96 17.56
C VAL D 94 -9.30 32.01 16.16
N LYS D 95 -8.35 31.13 15.91
CA LYS D 95 -7.67 31.09 14.62
C LYS D 95 -8.62 30.90 13.45
N LYS D 96 -9.63 30.04 13.61
CA LYS D 96 -10.58 29.76 12.52
C LYS D 96 -11.84 30.65 12.56
N ASN D 97 -11.88 31.67 13.43
CA ASN D 97 -13.06 32.56 13.56
C ASN D 97 -14.37 31.84 13.89
N ILE D 98 -14.28 30.72 14.60
CA ILE D 98 -15.46 29.96 14.98
C ILE D 98 -16.17 30.68 16.11
N ALA D 99 -15.40 31.31 17.01
CA ALA D 99 -16.00 31.99 18.16
C ALA D 99 -15.06 33.00 18.78
N THR D 100 -15.63 33.84 19.63
CA THR D 100 -14.87 34.84 20.37
C THR D 100 -14.67 34.20 21.73
N VAL D 101 -13.41 33.95 22.08
CA VAL D 101 -13.08 33.24 23.30
C VAL D 101 -12.43 34.10 24.38
N PHE D 102 -12.85 33.86 25.63
CA PHE D 102 -12.28 34.53 26.80
C PHE D 102 -11.91 33.41 27.78
N ALA D 103 -10.74 32.81 27.54
CA ALA D 103 -10.30 31.69 28.38
C ALA D 103 -8.82 31.31 28.20
N TRP D 104 -8.24 30.88 29.31
CA TRP D 104 -6.86 30.41 29.36
C TRP D 104 -6.66 29.55 30.59
N LYS D 105 -5.67 28.67 30.55
CA LYS D 105 -5.38 27.79 31.66
C LYS D 105 -4.73 28.62 32.77
N ASN D 106 -5.11 28.32 34.01
CA ASN D 106 -4.57 28.99 35.20
C ASN D 106 -4.96 30.47 35.33
N GLU D 107 -6.27 30.72 35.24
CA GLU D 107 -6.84 32.04 35.41
C GLU D 107 -6.88 32.35 36.90
N THR D 108 -6.91 33.63 37.22
CA THR D 108 -7.12 34.04 38.60
C THR D 108 -8.66 34.02 38.73
N ILE D 109 -9.16 33.95 39.95
CA ILE D 109 -10.60 33.97 40.16
C ILE D 109 -11.18 35.29 39.65
N GLU D 110 -10.44 36.39 39.81
CA GLU D 110 -10.92 37.68 39.33
C GLU D 110 -11.12 37.64 37.82
N ASP D 111 -10.12 37.13 37.10
CA ASP D 111 -10.18 37.02 35.64
C ASP D 111 -11.27 36.07 35.16
N TYR D 112 -11.55 35.02 35.95
CA TYR D 112 -12.61 34.07 35.62
C TYR D 112 -13.94 34.78 35.40
N TRP D 113 -14.34 35.59 36.39
CA TRP D 113 -15.61 36.32 36.33
C TRP D 113 -15.62 37.43 35.28
N VAL D 114 -14.47 38.04 35.02
CA VAL D 114 -14.37 39.08 33.99
C VAL D 114 -14.59 38.42 32.63
N CYS D 115 -14.00 37.24 32.43
CA CYS D 115 -14.14 36.49 31.19
C CYS D 115 -15.60 36.08 30.95
N LEU D 116 -16.25 35.60 32.01
CA LEU D 116 -17.66 35.21 31.93
C LEU D 116 -18.54 36.40 31.55
N ASN D 117 -18.28 37.53 32.19
CA ASN D 117 -19.02 38.75 31.92
C ASN D 117 -18.80 39.18 30.47
N ASP D 118 -17.56 39.08 30.00
CA ASP D 118 -17.23 39.43 28.62
C ASP D 118 -17.95 38.51 27.63
N ALA D 119 -18.01 37.22 27.96
CA ALA D 119 -18.67 36.25 27.10
C ALA D 119 -20.18 36.50 27.00
N MET D 120 -20.75 37.06 28.06
CA MET D 120 -22.18 37.39 28.10
C MET D 120 -22.49 38.71 27.38
N THR D 121 -21.47 39.51 27.08
CA THR D 121 -21.66 40.81 26.45
C THR D 121 -21.60 40.77 24.92
N TRP D 122 -22.71 41.14 24.28
CA TRP D 122 -22.79 41.17 22.83
C TRP D 122 -23.10 42.55 22.30
N ARG D 123 -22.54 42.88 21.13
CA ARG D 123 -22.84 44.12 20.45
C ARG D 123 -24.08 43.89 19.60
N ASN D 124 -25.12 44.67 19.84
CA ASN D 124 -26.42 44.55 19.16
C ASN D 124 -26.27 44.76 17.65
N PRO D 125 -26.73 43.78 16.82
CA PRO D 125 -26.54 43.97 15.36
C PRO D 125 -27.35 45.11 14.72
N ASN D 126 -28.44 45.57 15.36
CA ASN D 126 -29.27 46.68 14.84
C ASN D 126 -28.50 47.99 15.02
N ASP D 127 -28.20 48.33 16.27
CA ASP D 127 -27.45 49.52 16.62
C ASP D 127 -26.12 49.00 17.20
N LYS D 128 -25.03 49.16 16.44
CA LYS D 128 -23.72 48.65 16.87
C LYS D 128 -23.15 49.35 18.12
N ASP D 129 -23.64 50.56 18.39
CA ASP D 129 -23.22 51.36 19.57
C ASP D 129 -23.92 50.91 20.88
N LYS D 130 -24.84 49.95 20.80
CA LYS D 130 -25.59 49.45 21.97
C LYS D 130 -25.18 48.00 22.33
N ILE D 131 -25.42 47.66 23.60
CA ILE D 131 -25.13 46.33 24.14
C ILE D 131 -26.40 45.48 24.32
N CYS D 132 -26.24 44.17 24.27
CA CYS D 132 -27.33 43.22 24.47
C CYS D 132 -26.73 41.89 25.00
N GLY D 133 -27.57 40.90 25.24
CA GLY D 133 -27.13 39.61 25.76
C GLY D 133 -27.23 38.50 24.75
N PRO D 134 -27.00 37.27 25.21
CA PRO D 134 -27.14 36.14 24.31
C PRO D 134 -28.59 35.71 24.18
N ASN D 135 -28.87 34.90 23.18
CA ASN D 135 -30.20 34.34 22.96
C ASN D 135 -30.29 33.04 23.73
N LEU D 136 -29.18 32.30 23.76
CA LEU D 136 -29.10 31.00 24.41
C LEU D 136 -27.81 30.87 25.21
N ILE D 137 -27.86 30.04 26.24
CA ILE D 137 -26.70 29.82 27.10
C ILE D 137 -26.39 28.32 27.27
N VAL D 138 -25.11 27.97 27.16
CA VAL D 138 -24.66 26.59 27.42
C VAL D 138 -23.91 26.78 28.72
N ASP D 139 -24.40 26.17 29.79
CA ASP D 139 -23.81 26.37 31.10
C ASP D 139 -23.36 25.04 31.69
N ASP D 140 -22.27 25.09 32.46
CA ASP D 140 -21.69 23.91 33.09
C ASP D 140 -21.32 24.25 34.53
N GLY D 141 -22.27 24.12 35.44
CA GLY D 141 -22.08 24.44 36.85
C GLY D 141 -22.99 25.55 37.33
N GLY D 142 -23.60 26.25 36.38
CA GLY D 142 -24.56 27.31 36.68
C GLY D 142 -24.03 28.72 36.88
N ASP D 143 -22.74 28.96 36.65
CA ASP D 143 -22.17 30.31 36.84
C ASP D 143 -22.72 31.36 35.89
N ALA D 144 -22.97 30.99 34.64
CA ALA D 144 -23.54 31.94 33.67
C ALA D 144 -24.98 32.28 34.07
N THR D 145 -25.70 31.27 34.53
CA THR D 145 -27.06 31.42 34.99
C THR D 145 -27.11 32.23 36.29
N LEU D 146 -26.07 32.06 37.12
CA LEU D 146 -25.98 32.76 38.39
C LEU D 146 -25.73 34.26 38.20
N ILE D 147 -24.74 34.60 37.39
CA ILE D 147 -24.41 36.02 37.18
C ILE D 147 -25.61 36.77 36.59
N LEU D 148 -26.38 36.09 35.75
CA LEU D 148 -27.59 36.67 35.16
C LEU D 148 -28.63 37.00 36.22
N HIS D 149 -29.00 36.00 37.01
CA HIS D 149 -30.01 36.18 38.06
C HIS D 149 -29.56 37.14 39.17
N GLU D 150 -28.29 37.07 39.56
CA GLU D 150 -27.75 37.98 40.58
C GLU D 150 -27.62 39.39 40.02
N GLY D 151 -27.40 39.49 38.72
CA GLY D 151 -27.31 40.77 38.04
C GLY D 151 -28.66 41.45 38.04
N VAL D 152 -29.72 40.70 37.74
CA VAL D 152 -31.07 41.24 37.75
C VAL D 152 -31.42 41.71 39.17
N LYS D 153 -31.12 40.88 40.18
CA LYS D 153 -31.40 41.23 41.57
C LYS D 153 -30.68 42.52 41.97
N ALA D 154 -29.41 42.62 41.56
CA ALA D 154 -28.58 43.78 41.88
C ALA D 154 -29.17 45.05 41.27
N GLU D 155 -29.66 44.95 40.04
CA GLU D 155 -30.24 46.11 39.35
C GLU D 155 -31.54 46.57 39.99
N ILE D 156 -32.36 45.64 40.47
CA ILE D 156 -33.63 45.96 41.12
C ILE D 156 -33.35 46.66 42.47
N GLU D 157 -32.37 46.14 43.21
CA GLU D 157 -31.97 46.72 44.50
C GLU D 157 -31.32 48.10 44.29
N TYR D 158 -30.64 48.28 43.16
CA TYR D 158 -29.99 49.54 42.84
C TYR D 158 -31.02 50.62 42.58
N GLU D 159 -32.06 50.32 41.79
CA GLU D 159 -33.13 51.29 41.53
C GLU D 159 -33.95 51.65 42.76
N LYS D 160 -34.22 50.65 43.58
CA LYS D 160 -35.00 50.81 44.81
C LYS D 160 -34.46 51.87 45.77
N TYR D 161 -33.16 51.78 46.08
CA TYR D 161 -32.44 52.68 47.02
C TYR D 161 -31.57 53.72 46.34
N ASN D 162 -31.47 53.65 45.01
CA ASN D 162 -30.72 54.61 44.19
C ASN D 162 -29.22 54.68 44.55
N LYS D 163 -28.66 53.57 44.99
CA LYS D 163 -27.24 53.45 45.37
C LYS D 163 -26.78 52.00 45.24
N ILE D 164 -25.46 51.81 45.23
CA ILE D 164 -24.88 50.48 45.12
C ILE D 164 -25.31 49.66 46.34
N PRO D 165 -25.93 48.48 46.13
CA PRO D 165 -26.34 47.62 47.25
C PRO D 165 -25.20 47.31 48.20
N GLU D 166 -25.47 47.37 49.50
CA GLU D 166 -24.43 47.14 50.50
C GLU D 166 -23.84 45.73 50.51
N TYR D 167 -24.58 44.74 50.00
CA TYR D 167 -24.05 43.36 49.97
C TYR D 167 -22.91 43.19 48.93
N LEU D 168 -22.85 44.09 47.95
CA LEU D 168 -21.82 44.07 46.89
C LEU D 168 -20.51 44.75 47.32
N GLU D 169 -20.57 45.58 48.37
CA GLU D 169 -19.40 46.33 48.86
C GLU D 169 -18.72 45.66 50.05
N THR D 170 -19.51 44.99 50.89
CA THR D 170 -18.96 44.28 52.05
C THR D 170 -18.17 43.05 51.62
N GLU D 171 -17.18 42.72 52.44
CA GLU D 171 -16.29 41.58 52.23
C GLU D 171 -16.79 40.38 53.04
N LEU D 172 -17.80 40.60 53.89
CA LEU D 172 -18.39 39.56 54.73
C LEU D 172 -19.79 39.19 54.23
N ASP D 173 -20.31 38.06 54.68
CA ASP D 173 -21.66 37.62 54.28
C ASP D 173 -22.67 38.00 55.37
N GLU D 174 -23.91 37.51 55.27
CA GLU D 174 -24.96 37.83 56.27
C GLU D 174 -24.61 37.35 57.68
N ASN D 175 -23.84 36.26 57.79
CA ASN D 175 -23.45 35.68 59.09
C ASN D 175 -22.09 36.15 59.64
N GLY D 176 -21.43 37.09 58.96
CA GLY D 176 -20.13 37.60 59.40
C GLY D 176 -18.88 36.86 58.89
N LYS D 177 -19.06 35.76 58.14
CA LYS D 177 -17.94 35.02 57.57
C LYS D 177 -17.47 35.63 56.24
N GLN D 178 -16.19 35.45 55.92
CA GLN D 178 -15.63 35.94 54.66
C GLN D 178 -16.38 35.32 53.48
N LEU D 179 -16.70 36.16 52.49
CA LEU D 179 -17.36 35.68 51.29
C LEU D 179 -16.32 34.86 50.52
N SER D 180 -16.79 33.91 49.73
CA SER D 180 -15.88 33.11 48.93
C SER D 180 -15.26 34.03 47.88
N MET D 181 -14.07 33.70 47.40
CA MET D 181 -13.46 34.50 46.36
C MET D 181 -14.36 34.60 45.13
N ASP D 182 -15.03 33.52 44.79
CA ASP D 182 -15.93 33.50 43.64
C ASP D 182 -17.08 34.50 43.79
N LEU D 183 -17.61 34.64 45.01
CA LEU D 183 -18.66 35.64 45.25
C LEU D 183 -18.11 37.07 45.22
N LYS D 184 -16.96 37.30 45.85
CA LYS D 184 -16.37 38.64 45.87
C LYS D 184 -16.08 39.12 44.46
N CYS D 185 -15.49 38.25 43.65
CA CYS D 185 -15.13 38.59 42.28
C CYS D 185 -16.32 38.76 41.35
N MET D 186 -17.41 38.05 41.61
CA MET D 186 -18.61 38.21 40.80
C MET D 186 -19.26 39.55 41.18
N TYR D 187 -19.35 39.80 42.49
CA TYR D 187 -19.89 41.06 43.04
C TYR D 187 -19.14 42.27 42.53
N LYS D 188 -17.82 42.13 42.43
CA LYS D 188 -16.95 43.19 41.91
C LYS D 188 -17.35 43.51 40.45
N VAL D 189 -17.66 42.47 39.68
CA VAL D 189 -18.10 42.63 38.29
C VAL D 189 -19.50 43.25 38.21
N LEU D 190 -20.39 42.78 39.08
CA LEU D 190 -21.76 43.30 39.11
C LEU D 190 -21.77 44.78 39.48
N LYS D 191 -20.94 45.15 40.46
CA LYS D 191 -20.84 46.55 40.89
C LYS D 191 -20.37 47.41 39.73
N MET D 192 -19.32 46.95 39.05
CA MET D 192 -18.75 47.62 37.89
C MET D 192 -19.81 47.84 36.82
N GLU D 193 -20.65 46.83 36.57
CA GLU D 193 -21.72 46.93 35.55
C GLU D 193 -22.89 47.83 35.97
N LEU D 194 -23.16 47.95 37.26
CA LEU D 194 -24.21 48.86 37.74
C LEU D 194 -23.79 50.30 37.45
N LEU D 195 -22.50 50.58 37.60
CA LEU D 195 -21.95 51.92 37.34
C LEU D 195 -21.96 52.25 35.85
N LYS D 196 -21.75 51.25 34.99
CA LYS D 196 -21.74 51.46 33.55
C LYS D 196 -23.14 51.53 32.96
N ASN D 197 -23.96 50.53 33.26
CA ASN D 197 -25.32 50.45 32.73
C ASN D 197 -26.21 49.62 33.68
N PRO D 198 -27.02 50.30 34.50
CA PRO D 198 -27.89 49.58 35.45
C PRO D 198 -29.14 48.89 34.85
N PHE D 199 -29.26 48.86 33.52
CA PHE D 199 -30.36 48.14 32.85
C PHE D 199 -29.81 47.00 31.98
N ARG D 200 -28.52 46.70 32.15
CA ARG D 200 -27.85 45.64 31.38
C ARG D 200 -28.48 44.25 31.48
N TRP D 201 -28.59 43.75 32.69
CA TRP D 201 -29.10 42.40 32.93
C TRP D 201 -30.58 42.22 32.59
N ARG D 202 -31.42 43.15 33.02
CA ARG D 202 -32.84 43.07 32.70
C ARG D 202 -33.07 43.24 31.20
N GLY D 203 -32.18 43.98 30.54
CA GLY D 203 -32.24 44.18 29.09
C GLY D 203 -31.95 42.91 28.33
N MET D 204 -31.17 42.01 28.91
CA MET D 204 -30.85 40.73 28.27
C MET D 204 -32.02 39.77 28.29
N LEU D 205 -32.91 39.91 29.27
CA LEU D 205 -34.06 39.02 29.40
C LEU D 205 -34.98 39.06 28.20
N LYS D 206 -35.13 40.22 27.57
CA LYS D 206 -35.99 40.35 26.41
C LYS D 206 -35.69 39.28 25.35
N ASP D 207 -34.40 39.07 25.07
CA ASP D 207 -33.96 38.11 24.03
C ASP D 207 -33.46 36.75 24.51
N LEU D 208 -33.46 36.48 25.81
CA LEU D 208 -33.03 35.15 26.32
C LEU D 208 -34.12 34.13 26.17
N TYR D 209 -33.84 33.07 25.39
CA TYR D 209 -34.81 32.02 25.14
C TYR D 209 -34.51 30.73 25.89
N GLY D 210 -33.37 30.65 26.57
CA GLY D 210 -33.05 29.47 27.37
C GLY D 210 -31.59 29.15 27.67
N VAL D 211 -31.43 28.20 28.59
CA VAL D 211 -30.12 27.70 29.01
C VAL D 211 -30.17 26.18 29.05
N SER D 212 -29.13 25.52 28.55
CA SER D 212 -29.01 24.07 28.62
C SER D 212 -27.88 23.82 29.62
N GLU D 213 -28.22 23.20 30.76
CA GLU D 213 -27.26 22.94 31.86
C GLU D 213 -26.69 21.53 31.82
N GLU D 214 -25.37 21.47 31.85
CA GLU D 214 -24.59 20.23 31.75
C GLU D 214 -24.46 19.38 33.01
N THR D 215 -24.43 19.99 34.20
CA THR D 215 -24.13 19.18 35.41
C THR D 215 -25.16 19.09 36.52
N THR D 216 -24.94 18.11 37.38
CA THR D 216 -25.78 17.81 38.53
C THR D 216 -25.89 19.03 39.43
N THR D 217 -24.73 19.62 39.74
CA THR D 217 -24.65 20.79 40.59
C THR D 217 -25.44 21.97 40.01
N GLY D 218 -25.30 22.22 38.72
CA GLY D 218 -26.05 23.30 38.07
C GLY D 218 -27.53 23.03 38.02
N VAL D 219 -27.90 21.78 37.78
CA VAL D 219 -29.31 21.38 37.75
C VAL D 219 -29.97 21.60 39.11
N LEU D 220 -29.21 21.35 40.17
CA LEU D 220 -29.72 21.56 41.52
C LEU D 220 -30.06 23.04 41.72
N ARG D 221 -29.17 23.93 41.26
CA ARG D 221 -29.41 25.36 41.38
C ARG D 221 -30.66 25.76 40.57
N LEU D 222 -30.85 25.18 39.38
CA LEU D 222 -32.02 25.46 38.55
C LEU D 222 -33.30 25.00 39.21
N LYS D 223 -33.26 23.80 39.82
CA LYS D 223 -34.45 23.25 40.50
C LYS D 223 -34.84 24.06 41.73
N ILE D 224 -33.88 24.69 42.39
CA ILE D 224 -34.17 25.53 43.54
C ILE D 224 -34.87 26.80 43.04
N MET D 225 -34.30 27.44 42.01
CA MET D 225 -34.89 28.65 41.42
C MET D 225 -36.31 28.38 40.89
N GLU D 226 -36.48 27.23 40.25
CA GLU D 226 -37.77 26.82 39.71
C GLU D 226 -38.85 26.76 40.80
N SER D 227 -38.53 26.10 41.91
CA SER D 227 -39.47 25.94 43.02
C SER D 227 -39.78 27.23 43.78
N GLU D 228 -38.91 28.23 43.68
CA GLU D 228 -39.12 29.53 44.33
C GLU D 228 -39.73 30.57 43.38
N GLY D 229 -39.99 30.17 42.13
CA GLY D 229 -40.55 31.07 41.12
C GLY D 229 -39.57 32.15 40.69
N LYS D 230 -38.27 31.85 40.80
CA LYS D 230 -37.22 32.82 40.47
C LYS D 230 -36.42 32.50 39.20
N LEU D 231 -36.81 31.46 38.46
CA LEU D 231 -36.11 31.11 37.24
C LEU D 231 -36.59 32.05 36.13
N LEU D 232 -35.66 32.84 35.58
CA LEU D 232 -36.00 33.86 34.57
C LEU D 232 -35.90 33.44 33.10
N LEU D 233 -35.66 32.16 32.82
CA LEU D 233 -35.62 31.67 31.43
C LEU D 233 -35.85 30.18 31.39
N PRO D 234 -36.33 29.65 30.25
CA PRO D 234 -36.53 28.19 30.16
C PRO D 234 -35.18 27.49 30.29
N ALA D 235 -35.21 26.26 30.81
CA ALA D 235 -33.97 25.51 30.97
C ALA D 235 -34.14 24.05 30.61
N ILE D 236 -33.06 23.49 30.07
CA ILE D 236 -33.02 22.07 29.76
C ILE D 236 -31.91 21.45 30.61
N ASN D 237 -32.30 20.42 31.35
CA ASN D 237 -31.42 19.62 32.19
C ASN D 237 -30.82 18.56 31.27
N VAL D 238 -29.59 18.80 30.81
CA VAL D 238 -28.89 17.89 29.93
C VAL D 238 -28.28 16.75 30.73
N ASN D 239 -27.83 17.05 31.95
CA ASN D 239 -27.21 16.05 32.81
C ASN D 239 -28.04 14.79 32.95
N ASP D 240 -29.33 14.95 33.17
CA ASP D 240 -30.19 13.80 33.41
C ASP D 240 -30.65 13.02 32.18
N SER D 241 -30.07 13.32 31.01
CA SER D 241 -30.30 12.46 29.85
C SER D 241 -29.57 11.17 30.21
N VAL D 242 -30.12 10.03 29.81
CA VAL D 242 -29.46 8.76 30.09
C VAL D 242 -28.08 8.77 29.43
N THR D 243 -28.02 9.25 28.19
CA THR D 243 -26.75 9.29 27.44
C THR D 243 -25.72 10.30 27.96
N LYS D 244 -26.03 10.95 29.09
CA LYS D 244 -25.09 11.86 29.72
C LYS D 244 -24.77 11.32 31.13
N SER D 245 -25.72 11.39 32.07
CA SER D 245 -25.48 10.93 33.46
C SER D 245 -24.97 9.50 33.59
N LYS D 246 -25.45 8.58 32.75
CA LYS D 246 -25.02 7.18 32.84
C LYS D 246 -23.75 6.85 32.05
N PHE D 247 -23.12 7.84 31.39
CA PHE D 247 -21.91 7.62 30.61
C PHE D 247 -20.80 8.59 31.00
N ASP D 248 -21.00 9.86 30.73
CA ASP D 248 -20.05 10.92 31.08
C ASP D 248 -19.68 10.81 32.56
N ASN D 249 -20.67 10.90 33.44
CA ASN D 249 -20.40 10.88 34.87
C ASN D 249 -19.71 9.63 35.36
N THR D 250 -20.11 8.47 34.82
CA THR D 250 -19.56 7.21 35.24
C THR D 250 -18.29 6.81 34.47
N TYR D 251 -18.44 6.45 33.20
CA TYR D 251 -17.30 6.02 32.40
C TYR D 251 -16.27 7.12 32.09
N GLY D 252 -16.73 8.37 32.02
CA GLY D 252 -15.81 9.47 31.79
C GLY D 252 -14.84 9.59 32.97
N CYS D 253 -15.38 9.67 34.18
CA CYS D 253 -14.56 9.76 35.39
C CYS D 253 -13.71 8.51 35.63
N ARG D 254 -14.18 7.36 35.19
CA ARG D 254 -13.41 6.12 35.37
C ARG D 254 -12.04 6.29 34.73
N GLN D 255 -11.98 6.97 33.58
CA GLN D 255 -10.71 7.21 32.91
C GLN D 255 -10.07 8.51 33.35
N SER D 256 -10.84 9.59 33.40
CA SER D 256 -10.26 10.90 33.71
C SER D 256 -9.80 11.07 35.16
N LEU D 257 -10.41 10.37 36.10
CA LEU D 257 -9.91 10.44 37.49
C LEU D 257 -8.50 9.89 37.52
N LEU D 258 -8.31 8.72 36.92
CA LEU D 258 -7.01 8.07 36.88
C LEU D 258 -5.97 8.96 36.21
N HIS D 259 -6.33 9.54 35.08
CA HIS D 259 -5.42 10.41 34.35
C HIS D 259 -4.96 11.55 35.29
N GLY D 260 -5.92 12.15 35.97
CA GLY D 260 -5.64 13.22 36.92
C GLY D 260 -4.75 12.77 38.06
N LEU D 261 -5.07 11.63 38.67
CA LEU D 261 -4.26 11.11 39.76
C LEU D 261 -2.87 10.73 39.29
N PHE D 262 -2.75 10.10 38.12
CA PHE D 262 -1.44 9.73 37.64
C PHE D 262 -0.56 10.98 37.41
N ASN D 263 -1.14 12.07 36.92
CA ASN D 263 -0.37 13.30 36.70
C ASN D 263 -0.06 14.06 37.98
N GLY D 264 -0.98 14.10 38.93
CA GLY D 264 -0.77 14.85 40.17
C GLY D 264 -0.16 14.10 41.35
N CYS D 265 -0.41 12.80 41.39
CA CYS D 265 0.05 11.95 42.49
C CYS D 265 1.11 10.98 41.97
N ILE D 266 2.31 11.12 42.49
CA ILE D 266 3.43 10.30 42.06
C ILE D 266 3.32 8.83 42.51
N GLN D 267 2.55 8.57 43.56
CA GLN D 267 2.46 7.22 44.13
C GLN D 267 1.65 6.20 43.33
N MET D 268 1.95 4.93 43.64
CA MET D 268 1.28 3.80 43.06
C MET D 268 -0.06 3.66 43.74
N LEU D 269 -1.10 3.40 42.95
CA LEU D 269 -2.42 3.25 43.52
C LEU D 269 -2.66 1.83 44.05
N ALA D 270 -2.01 0.83 43.45
CA ALA D 270 -2.19 -0.55 43.87
C ALA D 270 -1.90 -0.78 45.36
N GLY D 271 -2.83 -1.49 46.01
CA GLY D 271 -2.70 -1.81 47.42
C GLY D 271 -3.04 -0.69 48.39
N LYS D 272 -3.23 0.52 47.88
CA LYS D 272 -3.54 1.65 48.74
C LYS D 272 -5.01 1.63 49.11
N LYS D 273 -5.32 2.18 50.27
CA LYS D 273 -6.70 2.32 50.69
C LYS D 273 -7.10 3.70 50.18
N ILE D 274 -8.01 3.72 49.22
CA ILE D 274 -8.45 4.96 48.63
C ILE D 274 -9.92 5.16 48.96
N VAL D 275 -10.20 6.25 49.67
CA VAL D 275 -11.57 6.56 50.06
C VAL D 275 -12.27 7.38 48.97
N VAL D 276 -13.41 6.89 48.49
CA VAL D 276 -14.21 7.59 47.51
C VAL D 276 -15.44 8.08 48.26
N LEU D 277 -15.51 9.38 48.51
CA LEU D 277 -16.64 9.96 49.23
C LEU D 277 -17.75 10.26 48.23
N GLY D 278 -18.82 9.49 48.32
CA GLY D 278 -19.97 9.62 47.44
C GLY D 278 -19.89 8.48 46.41
N TYR D 279 -20.99 7.74 46.27
CA TYR D 279 -21.08 6.62 45.37
C TYR D 279 -22.29 6.79 44.46
N GLY D 280 -22.34 7.95 43.81
CA GLY D 280 -23.38 8.27 42.85
C GLY D 280 -22.84 7.88 41.49
N GLU D 281 -23.25 8.58 40.45
CA GLU D 281 -22.81 8.24 39.10
C GLU D 281 -21.29 8.45 38.94
N VAL D 282 -20.75 9.50 39.55
CA VAL D 282 -19.30 9.77 39.49
C VAL D 282 -18.53 8.77 40.34
N GLY D 283 -18.92 8.63 41.61
CA GLY D 283 -18.27 7.71 42.54
C GLY D 283 -18.19 6.29 42.02
N LYS D 284 -19.28 5.81 41.40
CA LYS D 284 -19.30 4.46 40.83
C LYS D 284 -18.19 4.29 39.83
N GLY D 285 -18.04 5.27 38.94
CA GLY D 285 -17.00 5.23 37.91
C GLY D 285 -15.62 5.30 38.50
N CYS D 286 -15.44 6.20 39.46
CA CYS D 286 -14.15 6.35 40.14
C CYS D 286 -13.72 5.05 40.77
N ALA D 287 -14.64 4.39 41.47
CA ALA D 287 -14.36 3.13 42.13
C ALA D 287 -13.95 2.03 41.15
N GLN D 288 -14.63 1.92 40.01
CA GLN D 288 -14.24 0.91 39.00
C GLN D 288 -12.80 1.11 38.53
N GLY D 289 -12.46 2.34 38.22
CA GLY D 289 -11.14 2.69 37.73
C GLY D 289 -10.06 2.39 38.75
N LEU D 290 -10.27 2.87 39.97
CA LEU D 290 -9.31 2.66 41.05
C LEU D 290 -9.08 1.15 41.29
N SER D 291 -10.16 0.36 41.36
CA SER D 291 -10.05 -1.11 41.52
C SER D 291 -9.31 -1.73 40.38
N GLY D 292 -9.58 -1.22 39.18
CA GLY D 292 -8.96 -1.70 37.97
C GLY D 292 -7.45 -1.68 38.00
N VAL D 293 -6.87 -0.77 38.79
CA VAL D 293 -5.41 -0.68 38.92
C VAL D 293 -4.91 -1.13 40.30
N GLY D 294 -5.73 -1.96 40.97
CA GLY D 294 -5.33 -2.57 42.24
C GLY D 294 -5.57 -1.85 43.54
N ALA D 295 -6.26 -0.72 43.51
CA ALA D 295 -6.52 -0.01 44.75
C ALA D 295 -7.59 -0.71 45.55
N ARG D 296 -7.56 -0.53 46.87
CA ARG D 296 -8.60 -1.08 47.73
C ARG D 296 -9.49 0.11 48.06
N VAL D 297 -10.63 0.17 47.39
CA VAL D 297 -11.54 1.29 47.54
C VAL D 297 -12.46 1.18 48.75
N ILE D 298 -12.53 2.26 49.52
CA ILE D 298 -13.41 2.37 50.67
C ILE D 298 -14.38 3.50 50.34
N VAL D 299 -15.67 3.24 50.47
CA VAL D 299 -16.70 4.22 50.12
C VAL D 299 -17.37 4.83 51.35
N THR D 300 -17.68 6.12 51.28
CA THR D 300 -18.48 6.76 52.32
C THR D 300 -19.71 7.19 51.57
N GLU D 301 -20.85 7.17 52.24
CA GLU D 301 -22.09 7.53 51.56
C GLU D 301 -23.16 7.84 52.62
N ILE D 302 -24.11 8.70 52.24
CA ILE D 302 -25.24 9.08 53.12
C ILE D 302 -26.54 8.42 52.70
N ASP D 303 -26.59 7.94 51.47
CA ASP D 303 -27.78 7.34 50.91
C ASP D 303 -27.67 5.83 51.10
N PRO D 304 -28.59 5.24 51.87
CA PRO D 304 -28.51 3.82 52.13
C PRO D 304 -28.57 2.93 50.89
N ILE D 305 -29.25 3.38 49.83
CA ILE D 305 -29.36 2.60 48.60
C ILE D 305 -27.99 2.58 47.91
N CYS D 306 -27.39 3.75 47.77
CA CYS D 306 -26.06 3.86 47.16
C CYS D 306 -25.03 3.09 47.99
N ALA D 307 -25.16 3.13 49.31
CA ALA D 307 -24.24 2.40 50.19
C ALA D 307 -24.31 0.90 49.94
N LEU D 308 -25.54 0.38 49.82
CA LEU D 308 -25.74 -1.04 49.51
C LEU D 308 -25.16 -1.43 48.17
N GLN D 309 -25.31 -0.56 47.17
CA GLN D 309 -24.75 -0.83 45.85
C GLN D 309 -23.24 -1.02 45.95
N ALA D 310 -22.59 -0.13 46.67
CA ALA D 310 -21.14 -0.20 46.87
C ALA D 310 -20.75 -1.53 47.52
N SER D 311 -21.50 -1.91 48.53
CA SER D 311 -21.26 -3.16 49.25
C SER D 311 -21.40 -4.38 48.32
N MET D 312 -22.38 -4.35 47.45
CA MET D 312 -22.62 -5.44 46.48
C MET D 312 -21.53 -5.54 45.42
N GLU D 313 -20.74 -4.48 45.24
CA GLU D 313 -19.62 -4.50 44.29
C GLU D 313 -18.32 -4.84 45.04
N GLY D 314 -18.44 -5.26 46.30
CA GLY D 314 -17.29 -5.66 47.10
C GLY D 314 -16.53 -4.59 47.84
N TYR D 315 -17.10 -3.39 47.97
CA TYR D 315 -16.41 -2.30 48.65
C TYR D 315 -16.87 -2.12 50.08
N GLN D 316 -15.91 -1.86 50.95
CA GLN D 316 -16.16 -1.53 52.34
C GLN D 316 -16.84 -0.18 52.38
N VAL D 317 -17.85 -0.02 53.22
CA VAL D 317 -18.55 1.27 53.35
C VAL D 317 -18.39 1.73 54.79
N SER D 318 -17.71 2.86 54.97
CA SER D 318 -17.40 3.40 56.30
C SER D 318 -17.67 4.88 56.42
N VAL D 319 -17.69 5.37 57.65
CA VAL D 319 -17.80 6.81 57.90
C VAL D 319 -16.34 7.28 57.91
N LEU D 320 -16.08 8.44 57.33
CA LEU D 320 -14.73 8.97 57.22
C LEU D 320 -13.91 8.92 58.51
N GLU D 321 -14.52 9.28 59.64
CA GLU D 321 -13.86 9.28 60.96
C GLU D 321 -13.18 7.95 61.32
N ASP D 322 -13.73 6.84 60.86
CA ASP D 322 -13.18 5.51 61.16
C ASP D 322 -12.04 5.08 60.27
N VAL D 323 -11.83 5.76 59.14
CA VAL D 323 -10.75 5.39 58.22
C VAL D 323 -9.80 6.53 57.85
N VAL D 324 -10.07 7.73 58.35
CA VAL D 324 -9.24 8.89 58.00
C VAL D 324 -7.76 8.77 58.40
N SER D 325 -7.48 8.14 59.53
CA SER D 325 -6.09 8.01 59.98
C SER D 325 -5.30 6.93 59.25
N GLU D 326 -5.97 5.94 58.66
CA GLU D 326 -5.28 4.87 57.99
C GLU D 326 -5.34 4.85 56.47
N ALA D 327 -6.26 5.59 55.87
CA ALA D 327 -6.37 5.62 54.41
C ALA D 327 -5.22 6.43 53.80
N ASP D 328 -4.95 6.17 52.53
CA ASP D 328 -3.83 6.79 51.81
C ASP D 328 -4.20 7.97 50.90
N ILE D 329 -5.33 7.86 50.23
CA ILE D 329 -5.79 8.87 49.27
C ILE D 329 -7.28 9.09 49.47
N PHE D 330 -7.72 10.34 49.33
CA PHE D 330 -9.14 10.71 49.52
C PHE D 330 -9.65 11.45 48.29
N ILE D 331 -10.75 10.94 47.71
CA ILE D 331 -11.37 11.52 46.52
C ILE D 331 -12.81 11.92 46.84
N THR D 332 -13.11 13.22 46.78
CA THR D 332 -14.47 13.70 47.06
C THR D 332 -15.29 13.76 45.76
N ALA D 333 -16.43 13.05 45.77
CA ALA D 333 -17.34 12.99 44.61
C ALA D 333 -18.79 13.12 45.07
N THR D 334 -19.03 14.07 45.97
CA THR D 334 -20.35 14.23 46.60
C THR D 334 -21.25 15.33 46.08
N GLY D 335 -20.69 16.39 45.53
CA GLY D 335 -21.49 17.54 45.12
C GLY D 335 -21.99 18.31 46.35
N ASN D 336 -21.40 17.99 47.52
CA ASN D 336 -21.79 18.56 48.81
C ASN D 336 -20.65 19.45 49.34
N LYS D 337 -20.83 19.99 50.54
CA LYS D 337 -19.88 20.91 51.14
C LYS D 337 -19.24 20.34 52.41
N ASP D 338 -17.98 20.66 52.63
CA ASP D 338 -17.22 20.25 53.82
C ASP D 338 -17.27 18.77 54.15
N VAL D 339 -16.98 17.92 53.15
CA VAL D 339 -16.96 16.49 53.36
C VAL D 339 -15.58 16.09 53.89
N ILE D 340 -14.59 16.95 53.66
CA ILE D 340 -13.25 16.78 54.21
C ILE D 340 -12.91 18.11 54.88
N THR D 341 -12.90 18.09 56.21
CA THR D 341 -12.64 19.28 57.02
C THR D 341 -11.17 19.36 57.42
N VAL D 342 -10.80 20.50 58.02
CA VAL D 342 -9.46 20.70 58.52
C VAL D 342 -9.19 19.67 59.63
N GLU D 343 -10.17 19.40 60.48
CA GLU D 343 -10.00 18.41 61.56
C GLU D 343 -9.71 17.03 60.98
N HIS D 344 -10.34 16.69 59.85
CA HIS D 344 -10.06 15.42 59.20
C HIS D 344 -8.63 15.39 58.69
N MET D 345 -8.19 16.47 58.02
CA MET D 345 -6.85 16.50 57.45
C MET D 345 -5.74 16.44 58.49
N ARG D 346 -6.01 16.92 59.70
CA ARG D 346 -5.01 16.86 60.78
C ARG D 346 -4.80 15.47 61.31
N LYS D 347 -5.77 14.58 61.10
CA LYS D 347 -5.67 13.19 61.53
C LYS D 347 -5.09 12.26 60.45
N MET D 348 -4.92 12.78 59.24
CA MET D 348 -4.41 11.98 58.12
C MET D 348 -2.94 11.63 58.29
N LYS D 349 -2.53 10.53 57.64
CA LYS D 349 -1.13 10.14 57.74
C LYS D 349 -0.25 10.94 56.80
N GLU D 350 1.06 10.84 57.07
CA GLU D 350 2.07 11.55 56.33
C GLU D 350 1.96 11.36 54.81
N ASN D 351 1.89 12.50 54.12
CA ASN D 351 1.81 12.56 52.66
C ASN D 351 0.57 11.94 52.05
N ALA D 352 -0.53 11.98 52.79
CA ALA D 352 -1.80 11.51 52.27
C ALA D 352 -2.19 12.49 51.17
N TYR D 353 -2.77 11.98 50.08
CA TYR D 353 -3.21 12.82 48.98
C TYR D 353 -4.70 13.08 49.07
N ILE D 354 -5.10 14.29 48.71
CA ILE D 354 -6.51 14.69 48.77
C ILE D 354 -6.89 15.32 47.43
N ALA D 355 -8.01 14.90 46.87
CA ALA D 355 -8.45 15.41 45.57
C ALA D 355 -9.95 15.47 45.50
N ASN D 356 -10.44 16.33 44.62
CA ASN D 356 -11.87 16.54 44.41
C ASN D 356 -12.21 16.34 42.94
N ILE D 357 -13.21 15.53 42.68
CA ILE D 357 -13.67 15.29 41.31
C ILE D 357 -15.14 15.73 41.23
N GLY D 358 -15.63 16.32 42.31
CA GLY D 358 -16.98 16.77 42.40
C GLY D 358 -17.22 18.11 41.76
N HIS D 359 -17.23 19.17 42.57
CA HIS D 359 -17.54 20.51 42.04
C HIS D 359 -16.84 21.61 42.82
N PHE D 360 -16.73 22.76 42.17
CA PHE D 360 -16.10 23.95 42.74
C PHE D 360 -14.88 23.55 43.59
N ASP D 361 -14.75 24.08 44.79
CA ASP D 361 -13.64 23.76 45.68
C ASP D 361 -14.05 23.66 47.14
N ASP D 362 -15.36 23.54 47.40
CA ASP D 362 -15.89 23.40 48.74
C ASP D 362 -16.06 22.07 49.37
N GLU D 363 -15.86 21.02 48.60
CA GLU D 363 -16.01 19.63 49.11
C GLU D 363 -14.95 19.42 50.17
N ILE D 364 -13.74 19.87 49.86
CA ILE D 364 -12.62 19.88 50.78
C ILE D 364 -12.56 21.31 51.30
N ASP D 365 -12.29 21.49 52.58
CA ASP D 365 -12.21 22.84 53.13
C ASP D 365 -10.82 23.42 52.84
N VAL D 366 -10.63 23.83 51.59
CA VAL D 366 -9.36 24.38 51.16
C VAL D 366 -9.10 25.74 51.84
N TYR D 367 -10.14 26.54 52.00
CA TYR D 367 -9.99 27.84 52.64
C TYR D 367 -9.41 27.68 54.04
N GLY D 368 -10.01 26.78 54.82
CA GLY D 368 -9.58 26.49 56.18
C GLY D 368 -8.14 25.97 56.24
N LEU D 369 -7.76 25.14 55.26
CA LEU D 369 -6.42 24.59 55.19
C LEU D 369 -5.40 25.69 54.89
N GLU D 370 -5.64 26.46 53.83
CA GLU D 370 -4.73 27.53 53.43
C GLU D 370 -4.56 28.62 54.48
N ASN D 371 -5.64 28.90 55.22
CA ASN D 371 -5.63 29.93 56.26
C ASN D 371 -5.40 29.40 57.68
N TYR D 372 -5.00 28.14 57.81
CA TYR D 372 -4.74 27.55 59.13
C TYR D 372 -3.53 28.27 59.76
N PRO D 373 -3.62 28.65 61.05
CA PRO D 373 -2.50 29.35 61.70
C PRO D 373 -1.17 28.60 61.70
N GLY D 374 -0.16 29.23 61.09
CA GLY D 374 1.19 28.71 61.03
C GLY D 374 1.42 27.58 60.04
N ILE D 375 0.52 27.39 59.10
CA ILE D 375 0.67 26.31 58.15
C ILE D 375 1.70 26.69 57.10
N LYS D 376 2.45 25.70 56.64
CA LYS D 376 3.47 25.90 55.61
C LYS D 376 3.01 25.22 54.35
N VAL D 377 3.27 25.84 53.21
CA VAL D 377 2.88 25.31 51.93
C VAL D 377 4.02 25.40 50.93
N ILE D 378 4.17 24.36 50.12
CA ILE D 378 5.17 24.36 49.06
C ILE D 378 4.52 23.79 47.82
N GLU D 379 4.94 24.33 46.67
CA GLU D 379 4.45 23.86 45.41
C GLU D 379 5.30 22.64 45.02
N VAL D 380 4.65 21.46 44.92
CA VAL D 380 5.34 20.23 44.54
C VAL D 380 5.56 20.24 43.03
N LYS D 381 4.55 20.72 42.33
CA LYS D 381 4.58 20.90 40.88
C LYS D 381 3.39 21.80 40.54
N GLN D 382 3.17 22.04 39.26
CA GLN D 382 2.01 22.81 38.83
C GLN D 382 0.71 22.17 39.35
N ASN D 383 -0.07 22.96 40.07
CA ASN D 383 -1.34 22.54 40.67
C ASN D 383 -1.26 21.37 41.68
N VAL D 384 -0.16 21.28 42.42
CA VAL D 384 0.00 20.26 43.46
C VAL D 384 0.74 20.93 44.61
N HIS D 385 0.09 21.01 45.78
CA HIS D 385 0.66 21.68 46.93
C HIS D 385 0.66 20.80 48.17
N LYS D 386 1.77 20.85 48.91
CA LYS D 386 1.94 20.08 50.14
C LYS D 386 1.83 21.04 51.31
N PHE D 387 0.88 20.77 52.21
CA PHE D 387 0.62 21.59 53.38
C PHE D 387 1.12 20.85 54.61
N THR D 388 1.90 21.53 55.45
CA THR D 388 2.46 20.95 56.67
C THR D 388 1.93 21.68 57.89
N PHE D 389 1.32 20.94 58.83
CA PHE D 389 0.78 21.55 60.06
C PHE D 389 1.94 21.77 61.04
N PRO D 390 1.94 22.91 61.75
CA PRO D 390 3.08 23.25 62.63
C PRO D 390 3.23 22.41 63.91
N ASP D 391 2.13 21.96 64.50
CA ASP D 391 2.19 21.17 65.75
C ASP D 391 2.62 19.71 65.56
N THR D 392 2.02 19.03 64.59
CA THR D 392 2.34 17.63 64.34
C THR D 392 3.50 17.44 63.36
N GLN D 393 3.77 18.48 62.55
CA GLN D 393 4.79 18.44 61.50
C GLN D 393 4.42 17.42 60.40
N LYS D 394 3.15 17.00 60.38
CA LYS D 394 2.67 16.08 59.35
C LYS D 394 2.17 16.87 58.16
N SER D 395 2.24 16.28 56.98
CA SER D 395 1.82 16.94 55.76
C SER D 395 0.74 16.20 54.98
N VAL D 396 -0.01 16.96 54.19
CA VAL D 396 -1.03 16.40 53.28
C VAL D 396 -0.79 17.07 51.93
N ILE D 397 -1.07 16.34 50.86
CA ILE D 397 -0.82 16.86 49.53
C ILE D 397 -2.15 17.04 48.84
N LEU D 398 -2.43 18.28 48.46
CA LEU D 398 -3.69 18.65 47.80
C LEU D 398 -3.49 18.85 46.31
N LEU D 399 -4.34 18.21 45.51
CA LEU D 399 -4.27 18.37 44.06
C LEU D 399 -5.23 19.48 43.61
N CYS D 400 -4.74 20.35 42.72
CA CYS D 400 -5.51 21.46 42.13
C CYS D 400 -6.21 22.38 43.10
N LYS D 401 -5.62 22.66 44.26
CA LYS D 401 -6.29 23.54 45.22
C LYS D 401 -7.76 23.14 45.44
N GLY D 402 -8.03 21.84 45.43
CA GLY D 402 -9.37 21.32 45.66
C GLY D 402 -10.38 21.44 44.53
N ARG D 403 -9.92 21.82 43.33
CA ARG D 403 -10.80 21.93 42.16
C ARG D 403 -10.72 20.64 41.33
N LEU D 404 -11.64 20.46 40.39
CA LEU D 404 -11.71 19.22 39.56
C LEU D 404 -10.36 18.65 39.18
N VAL D 405 -10.02 17.51 39.77
CA VAL D 405 -8.71 16.91 39.53
C VAL D 405 -8.58 16.41 38.10
N ASN D 406 -9.66 15.87 37.52
CA ASN D 406 -9.60 15.33 36.16
C ASN D 406 -9.38 16.38 35.09
N LEU D 407 -9.90 17.58 35.32
CA LEU D 407 -9.75 18.70 34.38
C LEU D 407 -8.62 19.64 34.75
N GLY D 408 -8.17 19.61 36.01
CA GLY D 408 -7.10 20.48 36.49
C GLY D 408 -5.72 19.89 36.31
N CYS D 409 -5.56 18.64 36.73
CA CYS D 409 -4.28 17.93 36.58
C CYS D 409 -4.19 17.15 35.28
N ALA D 410 -5.31 17.01 34.58
CA ALA D 410 -5.35 16.29 33.31
C ALA D 410 -6.26 17.01 32.33
N THR D 411 -6.65 16.32 31.26
CA THR D 411 -7.45 16.91 30.19
C THR D 411 -8.94 16.59 30.18
N GLY D 412 -9.45 16.11 31.30
CA GLY D 412 -10.88 15.78 31.41
C GLY D 412 -11.28 14.52 30.65
N HIS D 413 -12.57 14.31 30.50
CA HIS D 413 -13.06 13.12 29.81
C HIS D 413 -12.61 13.07 28.36
N PRO D 414 -12.51 11.86 27.82
CA PRO D 414 -12.11 11.67 26.44
C PRO D 414 -13.26 11.97 25.46
N PRO D 415 -12.94 12.14 24.17
CA PRO D 415 -13.92 12.51 23.16
C PRO D 415 -15.20 11.69 23.05
N LEU D 416 -15.11 10.37 23.06
CA LEU D 416 -16.30 9.54 22.87
C LEU D 416 -17.45 9.90 23.82
N VAL D 417 -17.20 9.91 25.13
CA VAL D 417 -18.28 10.24 26.05
C VAL D 417 -18.67 11.71 26.00
N MET D 418 -17.73 12.61 25.71
CA MET D 418 -18.08 14.02 25.61
C MET D 418 -18.95 14.26 24.37
N SER D 419 -18.77 13.44 23.33
CA SER D 419 -19.61 13.57 22.14
C SER D 419 -21.07 13.23 22.50
N MET D 420 -21.24 12.25 23.39
CA MET D 420 -22.57 11.85 23.84
C MET D 420 -23.19 13.00 24.64
N SER D 421 -22.42 13.58 25.55
CA SER D 421 -22.93 14.71 26.35
C SER D 421 -23.21 15.92 25.46
N PHE D 422 -22.29 16.20 24.55
CA PHE D 422 -22.42 17.37 23.69
C PHE D 422 -23.44 17.23 22.57
N THR D 423 -23.74 16.00 22.16
CA THR D 423 -24.79 15.79 21.17
C THR D 423 -26.09 16.19 21.85
N ASN D 424 -26.23 15.83 23.13
CA ASN D 424 -27.39 16.24 23.93
C ASN D 424 -27.44 17.77 24.03
N GLN D 425 -26.29 18.41 24.26
CA GLN D 425 -26.23 19.88 24.34
C GLN D 425 -26.73 20.55 23.07
N VAL D 426 -26.24 20.11 21.91
CA VAL D 426 -26.67 20.71 20.65
C VAL D 426 -28.18 20.52 20.46
N LEU D 427 -28.67 19.32 20.75
CA LEU D 427 -30.10 19.03 20.60
C LEU D 427 -30.93 19.90 21.54
N ALA D 428 -30.38 20.21 22.71
CA ALA D 428 -31.06 21.07 23.69
C ALA D 428 -31.12 22.50 23.18
N GLN D 429 -30.00 22.98 22.64
CA GLN D 429 -29.92 24.32 22.06
C GLN D 429 -30.91 24.45 20.90
N MET D 430 -30.99 23.43 20.06
CA MET D 430 -31.94 23.45 18.93
C MET D 430 -33.38 23.47 19.43
N ASP D 431 -33.65 22.76 20.52
CA ASP D 431 -34.99 22.71 21.11
C ASP D 431 -35.40 24.08 21.64
N LEU D 432 -34.52 24.70 22.42
CA LEU D 432 -34.78 26.03 23.00
C LEU D 432 -34.97 27.10 21.93
N TRP D 433 -34.13 27.05 20.90
CA TRP D 433 -34.21 28.00 19.79
C TRP D 433 -35.48 27.84 18.96
N LYS D 434 -35.84 26.60 18.66
CA LYS D 434 -37.05 26.34 17.86
C LYS D 434 -38.32 26.73 18.63
N SER D 435 -38.24 26.79 19.96
CA SER D 435 -39.38 27.13 20.82
C SER D 435 -39.45 28.60 21.24
N ARG D 436 -38.58 29.46 20.68
CA ARG D 436 -38.59 30.89 20.99
C ARG D 436 -39.94 31.61 21.07
N GLU D 437 -40.81 31.31 20.10
CA GLU D 437 -42.11 31.98 20.01
C GLU D 437 -42.97 31.79 21.27
N LEU D 438 -42.82 30.64 21.93
CA LEU D 438 -43.58 30.33 23.13
C LEU D 438 -43.10 31.07 24.40
N VAL D 439 -41.98 31.78 24.30
CA VAL D 439 -41.45 32.55 25.43
C VAL D 439 -42.06 33.94 25.36
N ASP D 440 -43.15 34.14 26.11
CA ASP D 440 -43.86 35.41 26.14
C ASP D 440 -43.61 36.12 27.47
N ARG D 441 -42.74 37.12 27.44
CA ARG D 441 -42.37 37.89 28.66
C ARG D 441 -43.29 39.06 28.95
N SER D 442 -44.33 39.25 28.13
CA SER D 442 -45.27 40.36 28.37
C SER D 442 -46.23 39.99 29.51
N LYS D 443 -46.14 38.73 29.97
CA LYS D 443 -46.95 38.22 31.08
C LYS D 443 -46.01 37.88 32.25
N ASN D 444 -46.58 37.35 33.34
CA ASN D 444 -45.79 36.98 34.54
C ASN D 444 -45.49 35.50 34.49
N THR D 445 -45.04 35.11 33.30
CA THR D 445 -44.72 33.73 33.01
C THR D 445 -43.62 33.21 34.00
N ARG D 446 -43.81 31.96 34.39
CA ARG D 446 -42.90 31.23 35.25
C ARG D 446 -42.13 30.24 34.31
N PHE D 447 -40.80 30.25 34.41
CA PHE D 447 -40.10 29.22 33.62
C PHE D 447 -39.72 28.00 34.45
N PHE D 448 -39.65 26.87 33.75
CA PHE D 448 -39.40 25.57 34.35
C PHE D 448 -38.24 24.85 33.66
N VAL D 449 -37.83 23.73 34.27
CA VAL D 449 -36.75 22.89 33.77
C VAL D 449 -37.34 21.63 33.16
N LYS D 450 -36.94 21.30 31.93
CA LYS D 450 -37.40 20.08 31.29
C LYS D 450 -36.19 19.28 30.81
N LYS D 451 -36.45 18.05 30.39
CA LYS D 451 -35.41 17.15 29.89
C LYS D 451 -35.74 16.79 28.47
N LEU D 452 -34.75 16.30 27.74
CA LEU D 452 -34.95 15.85 26.38
C LEU D 452 -35.71 14.54 26.40
N SER D 453 -36.41 14.26 25.32
CA SER D 453 -37.20 13.03 25.22
C SER D 453 -36.32 11.78 25.14
N LYS D 454 -36.93 10.64 25.44
CA LYS D 454 -36.24 9.37 25.35
C LYS D 454 -35.87 9.08 23.89
N GLU D 455 -36.72 9.49 22.94
CA GLU D 455 -36.43 9.29 21.50
C GLU D 455 -35.06 9.89 21.17
N LEU D 456 -34.83 11.12 21.60
CA LEU D 456 -33.56 11.80 21.35
C LEU D 456 -32.43 11.17 22.15
N ASP D 457 -32.76 10.71 23.34
CA ASP D 457 -31.78 10.09 24.21
C ASP D 457 -31.26 8.82 23.49
N GLU D 458 -32.18 8.02 22.95
CA GLU D 458 -31.80 6.81 22.20
C GLU D 458 -31.05 7.17 20.92
N TYR D 459 -31.45 8.26 20.29
CA TYR D 459 -30.80 8.74 19.08
C TYR D 459 -29.32 9.04 19.35
N VAL D 460 -29.04 9.70 20.47
CA VAL D 460 -27.65 10.01 20.81
C VAL D 460 -26.83 8.71 20.86
N ALA D 461 -27.39 7.68 21.49
CA ALA D 461 -26.71 6.41 21.56
C ALA D 461 -26.53 5.79 20.16
N ARG D 462 -27.58 5.79 19.32
CA ARG D 462 -27.46 5.24 17.95
C ARG D 462 -26.32 5.85 17.16
N LEU D 463 -26.17 7.16 17.27
CA LEU D 463 -25.14 7.88 16.57
C LEU D 463 -23.71 7.45 16.92
N HIS D 464 -23.51 6.80 18.07
CA HIS D 464 -22.17 6.39 18.47
C HIS D 464 -21.90 4.89 18.38
N LEU D 465 -22.87 4.10 17.88
CA LEU D 465 -22.65 2.65 17.80
C LEU D 465 -21.54 2.22 16.83
N ASP D 466 -21.49 2.82 15.65
CA ASP D 466 -20.45 2.46 14.64
C ASP D 466 -19.03 2.68 15.10
N VAL D 467 -18.80 3.74 15.88
CA VAL D 467 -17.46 4.01 16.41
C VAL D 467 -16.87 2.73 16.99
N LEU D 468 -17.66 2.00 17.80
CA LEU D 468 -17.19 0.80 18.48
C LEU D 468 -17.57 -0.54 17.83
N GLY D 469 -18.02 -0.52 16.59
CA GLY D 469 -18.40 -1.73 15.89
C GLY D 469 -19.57 -2.48 16.48
N ILE D 470 -20.44 -1.77 17.20
CA ILE D 470 -21.61 -2.37 17.83
C ILE D 470 -22.67 -2.66 16.80
N LYS D 471 -23.21 -3.88 16.84
CA LYS D 471 -24.27 -4.28 15.91
C LYS D 471 -25.58 -4.45 16.67
N LEU D 472 -26.54 -3.57 16.41
CA LEU D 472 -27.84 -3.66 17.05
C LEU D 472 -28.72 -4.69 16.42
N THR D 473 -29.48 -5.38 17.26
CA THR D 473 -30.46 -6.34 16.80
C THR D 473 -31.74 -5.54 16.52
N LYS D 474 -32.51 -5.98 15.53
CA LYS D 474 -33.74 -5.30 15.17
C LYS D 474 -34.92 -6.21 15.54
N LEU D 475 -35.92 -5.65 16.22
CA LEU D 475 -37.07 -6.42 16.62
C LEU D 475 -37.93 -6.80 15.44
N THR D 476 -38.56 -7.97 15.51
CA THR D 476 -39.50 -8.39 14.48
C THR D 476 -40.82 -7.75 14.87
N GLU D 477 -41.79 -7.73 13.97
CA GLU D 477 -43.09 -7.13 14.27
C GLU D 477 -43.75 -7.85 15.48
N THR D 478 -43.61 -9.17 15.55
CA THR D 478 -44.17 -9.98 16.63
C THR D 478 -43.50 -9.69 17.97
N GLN D 479 -42.18 -9.57 17.96
CA GLN D 479 -41.42 -9.26 19.16
C GLN D 479 -41.77 -7.88 19.70
N ALA D 480 -41.89 -6.92 18.79
CA ALA D 480 -42.24 -5.55 19.17
C ALA D 480 -43.60 -5.51 19.86
N LYS D 481 -44.53 -6.27 19.32
CA LYS D 481 -45.86 -6.36 19.90
C LYS D 481 -45.80 -7.07 21.25
N TYR D 482 -44.97 -8.10 21.34
CA TYR D 482 -44.85 -8.89 22.56
C TYR D 482 -44.36 -8.05 23.75
N ILE D 483 -43.32 -7.23 23.55
CA ILE D 483 -42.81 -6.37 24.64
C ILE D 483 -43.44 -4.97 24.63
N ASN D 484 -44.43 -4.79 23.76
CA ASN D 484 -45.22 -3.56 23.69
C ASN D 484 -44.43 -2.26 23.37
N VAL D 485 -43.61 -2.32 22.34
CA VAL D 485 -42.84 -1.17 21.88
C VAL D 485 -42.85 -1.07 20.38
N SER D 486 -42.47 0.09 19.89
CA SER D 486 -42.33 0.29 18.46
C SER D 486 -40.98 -0.28 18.05
N ILE D 487 -40.90 -0.81 16.84
CA ILE D 487 -39.63 -1.33 16.33
C ILE D 487 -38.53 -0.25 16.42
N ASN D 488 -38.91 1.01 16.24
CA ASN D 488 -37.95 2.12 16.29
C ASN D 488 -37.83 2.78 17.66
N GLY D 489 -38.47 2.19 18.68
CA GLY D 489 -38.41 2.75 20.02
C GLY D 489 -39.39 3.88 20.25
N PRO D 490 -39.37 4.47 21.44
CA PRO D 490 -38.46 4.10 22.54
C PRO D 490 -38.75 2.71 23.11
N TYR D 491 -37.70 2.08 23.64
CA TYR D 491 -37.76 0.71 24.14
C TYR D 491 -37.99 0.56 25.64
N LYS D 492 -37.92 1.65 26.38
CA LYS D 492 -38.07 1.58 27.82
C LYS D 492 -39.07 2.62 28.32
N SER D 493 -39.67 2.34 29.48
CA SER D 493 -40.60 3.28 30.12
C SER D 493 -39.80 4.48 30.62
N GLU D 494 -40.50 5.58 30.90
CA GLU D 494 -39.83 6.80 31.38
C GLU D 494 -39.12 6.64 32.72
N ASP D 495 -39.58 5.71 33.55
CA ASP D 495 -38.98 5.48 34.86
C ASP D 495 -37.83 4.45 34.86
N TYR D 496 -37.48 3.91 33.70
CA TYR D 496 -36.43 2.89 33.61
C TYR D 496 -35.08 3.47 33.99
N ARG D 497 -34.33 2.73 34.80
CA ARG D 497 -33.06 3.23 35.32
C ARG D 497 -31.77 2.77 34.63
N TYR D 498 -31.87 1.87 33.66
CA TYR D 498 -30.69 1.39 32.94
C TYR D 498 -29.61 0.90 33.92
N ALA E 3 60.09 23.59 -65.18
CA ALA E 3 58.62 23.66 -64.88
C ALA E 3 58.26 23.40 -63.39
N TYR E 4 59.25 23.05 -62.54
CA TYR E 4 58.99 22.79 -61.10
C TYR E 4 58.32 23.97 -60.41
N LYS E 5 57.42 23.71 -59.45
CA LYS E 5 56.70 24.84 -58.80
C LYS E 5 56.91 24.99 -57.28
N MET E 6 57.59 26.08 -56.92
CA MET E 6 57.85 26.46 -55.50
C MET E 6 56.59 27.05 -54.84
N GLU E 7 55.91 27.94 -55.56
CA GLU E 7 54.70 28.63 -55.10
C GLU E 7 53.41 27.93 -55.45
N SER E 8 52.42 28.19 -54.62
CA SER E 8 51.09 27.61 -54.74
C SER E 8 50.26 28.24 -55.85
N ARG E 9 49.27 27.47 -56.33
CA ARG E 9 48.29 27.93 -57.31
C ARG E 9 46.91 27.75 -56.68
N ILE E 10 46.35 28.85 -56.21
CA ILE E 10 45.03 28.88 -55.59
C ILE E 10 44.22 30.02 -56.19
N LYS E 11 42.96 30.16 -55.80
CA LYS E 11 42.14 31.24 -56.36
C LYS E 11 42.42 32.61 -55.75
N ASP E 12 42.38 32.70 -54.42
CA ASP E 12 42.50 34.00 -53.76
C ASP E 12 43.02 33.90 -52.32
N ILE E 13 44.25 34.35 -52.13
CA ILE E 13 44.91 34.34 -50.82
C ILE E 13 44.18 35.19 -49.78
N SER E 14 43.43 36.20 -50.21
CA SER E 14 42.70 37.09 -49.28
C SER E 14 41.55 36.40 -48.53
N LEU E 15 41.18 35.20 -48.96
CA LEU E 15 40.13 34.43 -48.30
C LEU E 15 40.70 33.69 -47.07
N ALA E 16 42.01 33.82 -46.85
CA ALA E 16 42.69 33.15 -45.74
C ALA E 16 42.08 33.35 -44.37
N GLU E 17 41.69 34.59 -44.05
CA GLU E 17 41.14 34.88 -42.73
C GLU E 17 39.85 34.10 -42.45
N PHE E 18 38.96 33.98 -43.44
CA PHE E 18 37.72 33.21 -43.28
C PHE E 18 38.05 31.72 -43.07
N GLY E 19 39.05 31.23 -43.78
CA GLY E 19 39.49 29.84 -43.66
C GLY E 19 40.03 29.51 -42.30
N LEU E 20 40.82 30.42 -41.73
CA LEU E 20 41.41 30.25 -40.41
C LEU E 20 40.34 30.26 -39.32
N GLN E 21 39.31 31.09 -39.50
N GLN E 21 39.31 31.09 -39.50
CA GLN E 21 38.20 31.16 -38.55
CA GLN E 21 38.20 31.16 -38.55
C GLN E 21 37.42 29.85 -38.56
C GLN E 21 37.42 29.85 -38.56
N ASP E 22 37.13 29.33 -39.76
CA ASP E 22 36.40 28.06 -39.89
C ASP E 22 37.22 26.90 -39.34
N MET E 23 38.53 26.93 -39.56
CA MET E 23 39.40 25.89 -39.02
C MET E 23 39.30 25.82 -37.50
N GLU E 24 39.35 26.98 -36.84
CA GLU E 24 39.28 27.02 -35.38
C GLU E 24 37.93 26.53 -34.85
N ILE E 25 36.86 26.85 -35.55
CA ILE E 25 35.52 26.40 -35.14
C ILE E 25 35.41 24.91 -35.35
N ALA E 26 35.90 24.43 -36.49
CA ALA E 26 35.88 23.02 -36.82
C ALA E 26 36.67 22.19 -35.80
N LYS E 27 37.80 22.71 -35.32
CA LYS E 27 38.62 21.99 -34.33
C LYS E 27 37.93 21.73 -33.01
N THR E 28 36.84 22.45 -32.72
CA THR E 28 36.09 22.20 -31.51
C THR E 28 35.62 20.74 -31.49
N ASP E 29 35.26 20.22 -32.66
CA ASP E 29 34.78 18.86 -32.82
C ASP E 29 35.81 17.85 -33.34
N MET E 30 36.89 18.31 -33.98
CA MET E 30 37.88 17.37 -34.52
C MET E 30 38.91 17.02 -33.43
N MET E 31 38.44 16.48 -32.32
N MET E 31 38.44 16.49 -32.31
CA MET E 31 39.34 16.19 -31.19
CA MET E 31 39.34 16.20 -31.19
C MET E 31 40.44 15.19 -31.45
C MET E 31 40.44 15.20 -31.46
N GLY E 32 40.24 14.31 -32.43
CA GLY E 32 41.26 13.32 -32.76
C GLY E 32 42.51 14.02 -33.28
N LEU E 33 42.31 14.92 -34.25
CA LEU E 33 43.43 15.65 -34.82
C LEU E 33 44.04 16.58 -33.79
N VAL E 34 43.20 17.21 -32.97
CA VAL E 34 43.68 18.11 -31.93
C VAL E 34 44.55 17.37 -30.92
N GLU E 35 44.14 16.15 -30.55
CA GLU E 35 44.90 15.35 -29.59
C GLU E 35 46.24 14.92 -30.20
N LEU E 36 46.24 14.51 -31.47
CA LEU E 36 47.49 14.12 -32.14
C LEU E 36 48.45 15.30 -32.21
N GLN E 37 47.92 16.50 -32.46
CA GLN E 37 48.77 17.68 -32.49
C GLN E 37 49.37 17.91 -31.11
N ARG E 38 48.54 17.85 -30.07
N ARG E 38 48.54 17.86 -30.07
CA ARG E 38 49.03 18.09 -28.71
CA ARG E 38 49.03 18.07 -28.70
C ARG E 38 50.03 17.02 -28.25
C ARG E 38 50.04 17.03 -28.26
N LYS E 39 49.81 15.79 -28.65
CA LYS E 39 50.70 14.69 -28.26
C LYS E 39 52.02 14.63 -29.02
N TYR E 40 52.01 14.97 -30.30
CA TYR E 40 53.20 14.83 -31.14
C TYR E 40 53.86 16.09 -31.72
N ARG E 41 53.33 17.27 -31.44
N ARG E 41 53.33 17.27 -31.44
CA ARG E 41 53.93 18.49 -31.99
CA ARG E 41 53.93 18.49 -31.99
C ARG E 41 55.37 18.73 -31.50
C ARG E 41 55.37 18.73 -31.50
N ASP E 42 55.74 18.19 -30.34
CA ASP E 42 57.08 18.38 -29.80
C ASP E 42 58.07 17.34 -30.34
N SER E 43 57.67 16.06 -30.31
CA SER E 43 58.53 14.97 -30.77
C SER E 43 58.69 14.90 -32.30
N LYS E 44 57.76 15.48 -33.05
CA LYS E 44 57.82 15.51 -34.53
C LYS E 44 58.10 14.11 -35.14
N PRO E 45 57.16 13.17 -34.98
CA PRO E 45 57.40 11.83 -35.52
C PRO E 45 57.56 11.76 -37.05
N LEU E 46 57.05 12.75 -37.77
CA LEU E 46 57.15 12.80 -39.23
C LEU E 46 58.24 13.77 -39.72
N LYS E 47 59.16 14.17 -38.83
CA LYS E 47 60.20 15.10 -39.20
C LYS E 47 61.01 14.61 -40.39
N GLY E 48 61.10 15.46 -41.42
CA GLY E 48 61.85 15.16 -42.64
C GLY E 48 61.03 14.52 -43.75
N ALA E 49 59.80 14.11 -43.45
CA ALA E 49 58.97 13.45 -44.44
C ALA E 49 58.36 14.42 -45.42
N ARG E 50 58.42 14.06 -46.71
CA ARG E 50 57.80 14.83 -47.77
C ARG E 50 56.50 14.14 -48.12
N ILE E 51 55.37 14.80 -47.83
CA ILE E 51 54.05 14.22 -48.07
C ILE E 51 53.25 14.94 -49.15
N THR E 52 52.81 14.20 -50.15
CA THR E 52 51.96 14.72 -51.21
C THR E 52 50.58 14.18 -50.97
N GLY E 53 49.58 15.06 -50.98
CA GLY E 53 48.19 14.63 -50.77
C GLY E 53 47.25 14.98 -51.90
N SER E 54 46.40 14.00 -52.28
CA SER E 54 45.35 14.18 -53.29
C SER E 54 44.05 13.88 -52.56
N LEU E 55 43.41 14.93 -52.03
CA LEU E 55 42.19 14.77 -51.24
C LEU E 55 41.43 16.11 -51.12
N HIS E 56 40.14 16.08 -51.43
CA HIS E 56 39.23 17.25 -51.35
C HIS E 56 39.74 18.29 -50.38
N LEU E 57 40.19 19.43 -50.89
CA LEU E 57 40.77 20.45 -50.01
C LEU E 57 39.68 21.32 -49.36
N THR E 58 39.10 20.75 -48.31
CA THR E 58 38.05 21.37 -47.52
C THR E 58 38.65 21.89 -46.22
N ILE E 59 37.83 22.57 -45.41
CA ILE E 59 38.26 23.04 -44.11
C ILE E 59 38.73 21.85 -43.27
N GLU E 60 37.99 20.76 -43.33
CA GLU E 60 38.34 19.55 -42.58
C GLU E 60 39.71 19.04 -43.01
N THR E 61 39.95 19.03 -44.32
CA THR E 61 41.24 18.59 -44.86
C THR E 61 42.36 19.54 -44.41
N SER E 62 42.05 20.83 -44.27
CA SER E 62 43.05 21.80 -43.80
C SER E 62 43.56 21.45 -42.42
N VAL E 63 42.68 20.93 -41.57
CA VAL E 63 43.07 20.55 -40.22
C VAL E 63 43.94 19.29 -40.29
N LEU E 64 43.65 18.39 -41.23
CA LEU E 64 44.49 17.21 -41.44
C LEU E 64 45.90 17.66 -41.83
N VAL E 65 45.96 18.52 -42.85
CA VAL E 65 47.23 19.05 -43.34
C VAL E 65 47.99 19.76 -42.22
N GLU E 66 47.27 20.53 -41.43
CA GLU E 66 47.88 21.24 -40.30
C GLU E 66 48.47 20.25 -39.31
N THR E 67 47.76 19.15 -39.08
CA THR E 67 48.21 18.12 -38.15
C THR E 67 49.50 17.48 -38.65
N LEU E 68 49.54 17.13 -39.93
CA LEU E 68 50.74 16.53 -40.54
C LEU E 68 51.92 17.49 -40.42
N TYR E 69 51.66 18.78 -40.64
CA TYR E 69 52.69 19.80 -40.55
C TYR E 69 53.21 19.93 -39.12
N GLU E 70 52.31 19.98 -38.15
CA GLU E 70 52.70 20.08 -36.73
C GLU E 70 53.54 18.87 -36.32
N LEU E 71 53.30 17.72 -36.96
CA LEU E 71 54.08 16.51 -36.66
C LEU E 71 55.43 16.47 -37.41
N GLY E 72 55.76 17.55 -38.13
CA GLY E 72 57.07 17.70 -38.78
C GLY E 72 57.21 17.48 -40.27
N ALA E 73 56.13 17.15 -40.95
CA ALA E 73 56.22 16.89 -42.38
C ALA E 73 56.17 18.15 -43.21
N GLU E 74 56.80 18.08 -44.40
N GLU E 74 56.80 18.09 -44.39
CA GLU E 74 56.75 19.17 -45.39
CA GLU E 74 56.75 19.15 -45.39
C GLU E 74 55.62 18.67 -46.28
C GLU E 74 55.62 18.67 -46.28
N ILE E 75 54.77 19.57 -46.79
CA ILE E 75 53.59 19.15 -47.53
C ILE E 75 53.26 19.88 -48.83
N ARG E 76 52.81 19.09 -49.82
CA ARG E 76 52.32 19.60 -51.10
C ARG E 76 50.96 18.94 -51.25
N TRP E 77 49.96 19.71 -51.65
CA TRP E 77 48.61 19.18 -51.71
C TRP E 77 47.82 19.62 -52.92
N CYS E 78 46.89 18.78 -53.32
CA CYS E 78 45.98 19.05 -54.42
C CYS E 78 44.68 18.37 -54.05
N SER E 79 43.61 18.74 -54.73
CA SER E 79 42.31 18.14 -54.49
C SER E 79 42.16 16.88 -55.35
N CYS E 80 41.27 15.99 -54.94
CA CYS E 80 41.00 14.75 -55.68
C CYS E 80 39.71 14.88 -56.50
N ASN E 81 39.16 16.09 -56.59
CA ASN E 81 37.92 16.31 -57.33
C ASN E 81 37.88 17.79 -57.78
N ILE E 82 37.54 17.99 -59.05
CA ILE E 82 37.51 19.34 -59.62
C ILE E 82 36.58 20.36 -58.96
N TYR E 83 35.54 19.91 -58.26
CA TYR E 83 34.58 20.82 -57.63
C TYR E 83 34.65 20.90 -56.11
N SER E 84 35.37 19.97 -55.46
CA SER E 84 35.36 19.89 -54.00
C SER E 84 36.15 20.89 -53.20
N THR E 85 37.11 21.56 -53.81
CA THR E 85 37.94 22.49 -53.07
C THR E 85 37.17 23.69 -52.53
N GLN E 86 37.47 24.05 -51.28
CA GLN E 86 36.92 25.23 -50.63
C GLN E 86 38.08 26.24 -50.68
N ASP E 87 37.93 27.28 -51.49
CA ASP E 87 38.99 28.27 -51.70
C ASP E 87 39.54 28.94 -50.43
N HIS E 88 38.66 29.18 -49.45
CA HIS E 88 39.12 29.79 -48.21
C HIS E 88 39.98 28.83 -47.40
N ALA E 89 39.73 27.54 -47.54
CA ALA E 89 40.52 26.51 -46.85
C ALA E 89 41.91 26.43 -47.46
N ALA E 90 41.97 26.52 -48.79
CA ALA E 90 43.24 26.49 -49.52
C ALA E 90 44.07 27.70 -49.17
N ALA E 91 43.43 28.85 -49.15
CA ALA E 91 44.12 30.11 -48.84
C ALA E 91 44.73 30.09 -47.46
N ALA E 92 44.01 29.51 -46.50
CA ALA E 92 44.48 29.44 -45.11
C ALA E 92 45.80 28.67 -45.03
N LEU E 93 45.89 27.56 -45.76
CA LEU E 93 47.10 26.76 -45.78
C LEU E 93 48.29 27.51 -46.36
N VAL E 94 48.05 28.19 -47.48
CA VAL E 94 49.11 28.96 -48.15
C VAL E 94 49.52 30.15 -47.28
N LYS E 95 48.54 30.85 -46.72
CA LYS E 95 48.82 32.00 -45.89
C LYS E 95 49.72 31.70 -44.70
N LYS E 96 49.50 30.55 -44.06
CA LYS E 96 50.31 30.18 -42.90
C LYS E 96 51.54 29.32 -43.22
N ASN E 97 51.87 29.14 -44.51
CA ASN E 97 53.01 28.30 -44.94
C ASN E 97 52.98 26.86 -44.43
N ILE E 98 51.78 26.33 -44.25
CA ILE E 98 51.59 24.97 -43.80
C ILE E 98 51.90 24.01 -44.95
N ALA E 99 51.55 24.41 -46.17
CA ALA E 99 51.75 23.57 -47.33
C ALA E 99 51.76 24.34 -48.63
N THR E 100 52.24 23.69 -49.67
CA THR E 100 52.25 24.25 -51.02
C THR E 100 51.02 23.60 -51.66
N VAL E 101 50.05 24.43 -52.03
CA VAL E 101 48.77 23.96 -52.55
C VAL E 101 48.55 24.24 -54.03
N PHE E 102 47.99 23.24 -54.71
CA PHE E 102 47.64 23.36 -56.12
C PHE E 102 46.17 22.92 -56.21
N ALA E 103 45.27 23.86 -55.90
CA ALA E 103 43.84 23.57 -55.88
C ALA E 103 42.93 24.79 -55.84
N TRP E 104 41.79 24.67 -56.50
CA TRP E 104 40.76 25.69 -56.52
C TRP E 104 39.44 25.07 -56.92
N LYS E 105 38.34 25.71 -56.54
CA LYS E 105 37.01 25.20 -56.87
C LYS E 105 36.77 25.44 -58.35
N ASN E 106 36.14 24.47 -59.01
CA ASN E 106 35.79 24.54 -60.44
C ASN E 106 37.00 24.53 -61.38
N GLU E 107 37.84 23.52 -61.20
CA GLU E 107 39.01 23.29 -62.05
C GLU E 107 38.52 22.64 -63.33
N THR E 108 39.30 22.79 -64.39
CA THR E 108 39.02 22.06 -65.62
C THR E 108 39.70 20.71 -65.38
N ILE E 109 39.30 19.70 -66.13
CA ILE E 109 39.93 18.39 -65.98
C ILE E 109 41.41 18.47 -66.35
N GLU E 110 41.76 19.31 -67.32
CA GLU E 110 43.17 19.47 -67.70
C GLU E 110 43.97 20.00 -66.51
N ASP E 111 43.45 21.05 -65.87
CA ASP E 111 44.11 21.65 -64.70
C ASP E 111 44.20 20.69 -63.50
N TYR E 112 43.20 19.82 -63.36
CA TYR E 112 43.20 18.84 -62.29
C TYR E 112 44.46 18.00 -62.31
N TRP E 113 44.76 17.42 -63.47
CA TRP E 113 45.95 16.57 -63.63
C TRP E 113 47.27 17.33 -63.56
N VAL E 114 47.26 18.59 -64.00
CA VAL E 114 48.47 19.43 -63.92
C VAL E 114 48.76 19.70 -62.44
N CYS E 115 47.70 19.98 -61.67
CA CYS E 115 47.83 20.23 -60.23
C CYS E 115 48.37 19.02 -59.49
N LEU E 116 47.83 17.84 -59.83
CA LEU E 116 48.28 16.59 -59.21
C LEU E 116 49.75 16.35 -59.52
N ASN E 117 50.14 16.55 -60.77
CA ASN E 117 51.51 16.37 -61.18
C ASN E 117 52.41 17.35 -60.44
N ASP E 118 51.96 18.59 -60.29
CA ASP E 118 52.72 19.61 -59.56
C ASP E 118 52.89 19.22 -58.09
N ALA E 119 51.82 18.68 -57.49
CA ALA E 119 51.86 18.27 -56.09
C ALA E 119 52.83 17.11 -55.85
N MET E 120 53.01 16.28 -56.88
CA MET E 120 53.93 15.14 -56.81
C MET E 120 55.38 15.56 -57.05
N THR E 121 55.60 16.77 -57.56
CA THR E 121 56.96 17.25 -57.90
C THR E 121 57.62 18.02 -56.75
N TRP E 122 58.74 17.50 -56.26
CA TRP E 122 59.49 18.12 -55.18
C TRP E 122 60.91 18.49 -55.60
N ARG E 123 61.42 19.58 -55.06
CA ARG E 123 62.78 20.02 -55.37
C ARG E 123 63.70 19.31 -54.36
N ASN E 124 64.64 18.51 -54.86
CA ASN E 124 65.56 17.72 -54.05
C ASN E 124 66.44 18.66 -53.18
N PRO E 125 66.47 18.45 -51.84
CA PRO E 125 67.30 19.37 -51.02
C PRO E 125 68.83 19.27 -51.23
N ASN E 126 69.33 18.16 -51.78
CA ASN E 126 70.77 17.98 -52.04
C ASN E 126 71.15 18.80 -53.27
N ASP E 127 70.61 18.37 -54.42
CA ASP E 127 70.86 18.96 -55.75
C ASP E 127 69.67 19.87 -56.17
N LYS E 128 69.96 21.18 -56.25
CA LYS E 128 68.95 22.21 -56.61
C LYS E 128 69.32 22.86 -57.91
N ILE E 131 65.13 17.32 -59.27
CA ILE E 131 63.77 16.92 -58.92
C ILE E 131 63.72 15.55 -58.23
N CYS E 132 62.70 15.35 -57.40
CA CYS E 132 62.47 14.09 -56.71
C CYS E 132 60.96 13.98 -56.39
N GLY E 133 60.55 12.89 -55.77
CA GLY E 133 59.13 12.68 -55.43
C GLY E 133 58.86 12.77 -53.95
N PRO E 134 57.63 12.41 -53.54
CA PRO E 134 57.32 12.43 -52.14
C PRO E 134 57.80 11.16 -51.46
N ASN E 135 57.83 11.19 -50.13
CA ASN E 135 58.16 10.02 -49.32
C ASN E 135 56.89 9.24 -49.04
N LEU E 136 55.80 9.98 -48.84
CA LEU E 136 54.50 9.39 -48.51
C LEU E 136 53.39 10.07 -49.29
N ILE E 137 52.31 9.34 -49.52
CA ILE E 137 51.16 9.84 -50.26
C ILE E 137 49.85 9.62 -49.50
N VAL E 138 48.99 10.65 -49.46
CA VAL E 138 47.66 10.55 -48.89
C VAL E 138 46.79 10.61 -50.13
N ASP E 139 46.08 9.53 -50.42
CA ASP E 139 45.29 9.48 -51.65
C ASP E 139 43.82 9.23 -51.33
N ASP E 140 42.95 9.79 -52.16
CA ASP E 140 41.51 9.69 -52.00
C ASP E 140 40.88 9.43 -53.36
N GLY E 141 40.80 8.15 -53.72
CA GLY E 141 40.25 7.75 -55.03
C GLY E 141 41.28 7.04 -55.89
N GLY E 142 42.56 7.17 -55.51
CA GLY E 142 43.65 6.50 -56.21
C GLY E 142 44.31 7.20 -57.38
N ASP E 143 43.97 8.46 -57.63
CA ASP E 143 44.58 9.20 -58.77
C ASP E 143 46.08 9.46 -58.61
N ALA E 144 46.52 9.73 -57.40
CA ALA E 144 47.96 9.96 -57.14
C ALA E 144 48.72 8.64 -57.36
N THR E 145 48.11 7.56 -56.90
CA THR E 145 48.67 6.22 -57.03
C THR E 145 48.66 5.80 -58.50
N LEU E 146 47.63 6.23 -59.24
CA LEU E 146 47.48 5.89 -60.65
C LEU E 146 48.53 6.58 -61.51
N ILE E 147 48.68 7.89 -61.35
CA ILE E 147 49.65 8.64 -62.16
C ILE E 147 51.07 8.09 -61.95
N LEU E 148 51.37 7.67 -60.72
CA LEU E 148 52.68 7.09 -60.40
C LEU E 148 52.91 5.80 -61.16
N HIS E 149 52.00 4.85 -61.02
CA HIS E 149 52.12 3.54 -61.69
C HIS E 149 52.05 3.63 -63.20
N GLU E 150 51.19 4.50 -63.73
CA GLU E 150 51.08 4.70 -65.18
C GLU E 150 52.31 5.42 -65.70
N GLY E 151 52.89 6.27 -64.86
CA GLY E 151 54.11 6.98 -65.20
C GLY E 151 55.27 6.01 -65.34
N VAL E 152 55.39 5.07 -64.39
CA VAL E 152 56.44 4.07 -64.44
C VAL E 152 56.26 3.21 -65.69
N LYS E 153 55.04 2.77 -65.97
CA LYS E 153 54.76 1.95 -67.15
C LYS E 153 55.13 2.68 -68.43
N ALA E 154 54.79 3.97 -68.49
CA ALA E 154 55.07 4.78 -69.65
C ALA E 154 56.57 4.91 -69.89
N GLU E 155 57.34 5.07 -68.81
CA GLU E 155 58.79 5.21 -68.90
C GLU E 155 59.47 3.93 -69.37
N ILE E 156 58.95 2.78 -68.93
CA ILE E 156 59.51 1.47 -69.32
C ILE E 156 59.25 1.22 -70.82
N GLU E 157 58.04 1.54 -71.26
CA GLU E 157 57.65 1.40 -72.67
C GLU E 157 58.42 2.38 -73.55
N TYR E 158 58.75 3.55 -72.98
CA TYR E 158 59.49 4.57 -73.72
C TYR E 158 60.91 4.10 -73.98
N GLU E 159 61.59 3.55 -72.97
CA GLU E 159 62.96 3.05 -73.14
C GLU E 159 63.05 1.85 -74.08
N LYS E 160 62.06 0.96 -73.98
CA LYS E 160 62.01 -0.26 -74.77
C LYS E 160 62.05 -0.01 -76.29
N TYR E 161 61.19 0.89 -76.77
CA TYR E 161 61.09 1.22 -78.21
C TYR E 161 61.70 2.58 -78.59
N ASN E 162 62.20 3.31 -77.59
CA ASN E 162 62.84 4.62 -77.80
C ASN E 162 61.91 5.66 -78.48
N LYS E 163 60.61 5.57 -78.19
CA LYS E 163 59.63 6.51 -78.74
C LYS E 163 58.45 6.67 -77.77
N ILE E 164 57.68 7.73 -77.96
CA ILE E 164 56.50 7.98 -77.14
C ILE E 164 55.51 6.83 -77.41
N PRO E 165 55.05 6.11 -76.35
CA PRO E 165 54.09 5.03 -76.52
C PRO E 165 52.83 5.48 -77.26
N GLU E 166 52.36 4.66 -78.20
CA GLU E 166 51.20 5.01 -79.01
C GLU E 166 49.90 5.16 -78.23
N TYR E 167 49.79 4.54 -77.04
CA TYR E 167 48.55 4.66 -76.26
C TYR E 167 48.39 6.08 -75.64
N LEU E 168 49.50 6.81 -75.52
CA LEU E 168 49.49 8.19 -74.98
C LEU E 168 49.13 9.25 -76.02
N GLU E 169 49.25 8.90 -77.32
CA GLU E 169 48.98 9.84 -78.42
C GLU E 169 47.57 9.68 -79.00
N THR E 170 47.07 8.46 -79.00
CA THR E 170 45.71 8.19 -79.49
C THR E 170 44.64 8.78 -78.57
N GLU E 171 43.52 9.13 -79.18
CA GLU E 171 42.38 9.69 -78.49
C GLU E 171 41.34 8.59 -78.19
N LEU E 172 41.58 7.39 -78.74
CA LEU E 172 40.70 6.23 -78.54
C LEU E 172 41.37 5.20 -77.61
N ASP E 173 40.58 4.26 -77.11
CA ASP E 173 41.10 3.20 -76.21
C ASP E 173 41.36 1.92 -77.05
N GLU E 174 41.65 0.81 -76.37
CA GLU E 174 41.90 -0.46 -77.07
C GLU E 174 40.71 -0.98 -77.89
N ASN E 175 39.49 -0.64 -77.46
CA ASN E 175 38.25 -1.08 -78.13
C ASN E 175 37.66 -0.07 -79.13
N GLY E 176 38.35 1.05 -79.38
CA GLY E 176 37.89 2.07 -80.33
C GLY E 176 36.98 3.18 -79.78
N LYS E 177 36.66 3.11 -78.47
CA LYS E 177 35.81 4.13 -77.81
C LYS E 177 36.66 5.30 -77.32
N GLN E 178 36.07 6.49 -77.28
CA GLN E 178 36.78 7.70 -76.79
C GLN E 178 37.27 7.48 -75.37
N LEU E 179 38.51 7.87 -75.11
CA LEU E 179 39.06 7.81 -73.77
C LEU E 179 38.34 8.85 -72.94
N SER E 180 38.26 8.60 -71.64
CA SER E 180 37.62 9.58 -70.75
C SER E 180 38.51 10.82 -70.72
N MET E 181 37.93 11.96 -70.43
CA MET E 181 38.70 13.19 -70.30
C MET E 181 39.82 13.03 -69.28
N ASP E 182 39.53 12.36 -68.17
CA ASP E 182 40.53 12.14 -67.13
C ASP E 182 41.73 11.35 -67.63
N LEU E 183 41.50 10.36 -68.49
CA LEU E 183 42.61 9.60 -69.08
C LEU E 183 43.40 10.44 -70.10
N LYS E 184 42.69 11.17 -70.97
CA LYS E 184 43.36 11.99 -71.96
C LYS E 184 44.26 13.02 -71.31
N CYS E 185 43.73 13.69 -70.29
CA CYS E 185 44.47 14.72 -69.57
C CYS E 185 45.63 14.20 -68.74
N MET E 186 45.52 12.98 -68.23
CA MET E 186 46.63 12.38 -67.47
C MET E 186 47.72 11.99 -68.48
N TYR E 187 47.31 11.37 -69.58
CA TYR E 187 48.22 10.95 -70.67
C TYR E 187 48.98 12.14 -71.24
N LYS E 188 48.29 13.26 -71.38
CA LYS E 188 48.88 14.51 -71.85
C LYS E 188 50.01 14.93 -70.90
N VAL E 189 49.80 14.77 -69.60
CA VAL E 189 50.81 15.10 -68.59
C VAL E 189 51.97 14.09 -68.63
N LEU E 190 51.65 12.81 -68.77
CA LEU E 190 52.67 11.78 -68.83
C LEU E 190 53.56 11.94 -70.06
N LYS E 191 52.95 12.28 -71.19
CA LYS E 191 53.70 12.51 -72.43
C LYS E 191 54.66 13.68 -72.22
N MET E 192 54.14 14.76 -71.66
CA MET E 192 54.92 15.96 -71.39
C MET E 192 56.13 15.62 -70.50
N GLU E 193 55.92 14.78 -69.47
CA GLU E 193 57.01 14.40 -68.56
C GLU E 193 58.02 13.44 -69.17
N LEU E 194 57.61 12.62 -70.14
CA LEU E 194 58.56 11.74 -70.84
C LEU E 194 59.55 12.59 -71.65
N LEU E 195 59.05 13.68 -72.23
CA LEU E 195 59.87 14.60 -73.02
C LEU E 195 60.84 15.39 -72.14
N LYS E 196 60.42 15.73 -70.93
CA LYS E 196 61.26 16.49 -70.00
C LYS E 196 62.28 15.63 -69.30
N ASN E 197 61.82 14.53 -68.69
CA ASN E 197 62.68 13.62 -67.95
C ASN E 197 62.07 12.21 -67.91
N PRO E 198 62.56 11.30 -68.77
CA PRO E 198 62.02 9.93 -68.81
C PRO E 198 62.43 9.00 -67.64
N PHE E 199 63.10 9.53 -66.61
CA PHE E 199 63.45 8.74 -65.42
C PHE E 199 62.76 9.34 -64.17
N ARG E 200 61.83 10.28 -64.38
CA ARG E 200 61.10 10.94 -63.30
C ARG E 200 60.37 10.02 -62.33
N TRP E 201 59.47 9.21 -62.89
CA TRP E 201 58.63 8.32 -62.09
C TRP E 201 59.39 7.20 -61.39
N ARG E 202 60.27 6.52 -62.10
CA ARG E 202 61.08 5.46 -61.50
C ARG E 202 62.04 6.04 -60.45
N GLY E 203 62.45 7.29 -60.64
CA GLY E 203 63.31 7.98 -59.70
C GLY E 203 62.63 8.25 -58.38
N MET E 204 61.31 8.41 -58.41
CA MET E 204 60.52 8.65 -57.17
C MET E 204 60.42 7.41 -56.32
N LEU E 205 60.48 6.23 -56.94
CA LEU E 205 60.34 4.98 -56.22
C LEU E 205 61.41 4.76 -55.16
N LYS E 206 62.62 5.25 -55.42
CA LYS E 206 63.71 5.10 -54.46
C LYS E 206 63.30 5.58 -53.05
N ASP E 207 62.63 6.72 -52.98
CA ASP E 207 62.23 7.34 -51.71
C ASP E 207 60.76 7.17 -51.29
N LEU E 208 59.94 6.48 -52.09
CA LEU E 208 58.53 6.27 -51.71
C LEU E 208 58.40 5.16 -50.70
N TYR E 209 57.86 5.49 -49.52
CA TYR E 209 57.70 4.51 -48.46
C TYR E 209 56.26 4.09 -48.24
N GLY E 210 55.31 4.70 -48.95
CA GLY E 210 53.92 4.30 -48.86
C GLY E 210 52.82 5.29 -49.21
N VAL E 211 51.61 4.73 -49.33
CA VAL E 211 50.40 5.50 -49.60
C VAL E 211 49.29 5.04 -48.65
N SER E 212 48.54 5.98 -48.09
CA SER E 212 47.39 5.65 -47.25
C SER E 212 46.17 6.06 -48.07
N GLU E 213 45.35 5.08 -48.45
CA GLU E 213 44.16 5.30 -49.29
C GLU E 213 42.86 5.43 -48.48
N GLU E 214 42.15 6.50 -48.76
CA GLU E 214 40.92 6.89 -48.05
C GLU E 214 39.63 6.17 -48.46
N THR E 215 39.48 5.78 -49.72
CA THR E 215 38.18 5.27 -50.19
C THR E 215 38.08 3.85 -50.71
N THR E 216 36.84 3.38 -50.77
CA THR E 216 36.50 2.04 -51.24
C THR E 216 37.00 1.83 -52.66
N THR E 217 36.71 2.80 -53.51
CA THR E 217 37.11 2.75 -54.92
C THR E 217 38.62 2.67 -55.08
N GLY E 218 39.36 3.49 -54.31
CA GLY E 218 40.82 3.47 -54.37
C GLY E 218 41.39 2.15 -53.83
N VAL E 219 40.79 1.63 -52.77
CA VAL E 219 41.22 0.38 -52.16
C VAL E 219 41.04 -0.78 -53.14
N LEU E 220 39.97 -0.73 -53.94
CA LEU E 220 39.72 -1.76 -54.93
C LEU E 220 40.85 -1.78 -55.94
N ARG E 221 41.28 -0.59 -56.39
CA ARG E 221 42.38 -0.48 -57.36
C ARG E 221 43.66 -1.05 -56.75
N LEU E 222 43.92 -0.74 -55.47
CA LEU E 222 45.11 -1.25 -54.78
C LEU E 222 45.10 -2.77 -54.65
N LYS E 223 43.95 -3.33 -54.32
CA LYS E 223 43.81 -4.78 -54.18
C LYS E 223 44.01 -5.53 -55.49
N ILE E 224 43.63 -4.89 -56.60
CA ILE E 224 43.82 -5.51 -57.91
C ILE E 224 45.33 -5.50 -58.23
N MET E 225 45.98 -4.35 -58.04
CA MET E 225 47.43 -4.25 -58.28
C MET E 225 48.21 -5.21 -57.39
N GLU E 226 47.81 -5.33 -56.14
CA GLU E 226 48.45 -6.24 -55.17
C GLU E 226 48.43 -7.68 -55.68
N SER E 227 47.27 -8.14 -56.12
CA SER E 227 47.11 -9.52 -56.59
C SER E 227 47.83 -9.82 -57.91
N GLU E 228 48.13 -8.79 -58.69
CA GLU E 228 48.84 -8.93 -59.97
C GLU E 228 50.34 -8.66 -59.84
N GLY E 229 50.80 -8.36 -58.62
CA GLY E 229 52.22 -8.07 -58.36
C GLY E 229 52.68 -6.74 -58.98
N LYS E 230 51.75 -5.81 -59.12
CA LYS E 230 52.03 -4.51 -59.72
C LYS E 230 52.01 -3.32 -58.74
N LEU E 231 51.83 -3.58 -57.45
CA LEU E 231 51.83 -2.46 -56.49
C LEU E 231 53.30 -2.13 -56.15
N LEU E 232 53.71 -0.91 -56.46
CA LEU E 232 55.13 -0.50 -56.30
C LEU E 232 55.49 0.21 -54.99
N LEU E 233 54.58 0.25 -54.02
CA LEU E 233 54.89 0.82 -52.69
C LEU E 233 53.92 0.25 -51.65
N PRO E 234 54.32 0.25 -50.36
CA PRO E 234 53.40 -0.25 -49.34
C PRO E 234 52.15 0.61 -49.28
N ALA E 235 51.02 0.01 -48.89
CA ALA E 235 49.79 0.76 -48.82
C ALA E 235 48.98 0.42 -47.59
N ILE E 236 48.27 1.41 -47.08
CA ILE E 236 47.38 1.23 -45.96
C ILE E 236 45.98 1.58 -46.42
N ASN E 237 45.07 0.63 -46.22
CA ASN E 237 43.65 0.76 -46.51
C ASN E 237 43.01 1.44 -45.29
N VAL E 238 42.80 2.74 -45.38
CA VAL E 238 42.21 3.51 -44.29
C VAL E 238 40.70 3.35 -44.27
N ASN E 239 40.12 3.23 -45.46
CA ASN E 239 38.66 3.10 -45.60
C ASN E 239 38.09 2.00 -44.71
N ASP E 240 38.74 0.84 -44.70
CA ASP E 240 38.20 -0.28 -43.96
C ASP E 240 38.43 -0.29 -42.45
N SER E 241 38.93 0.81 -41.90
CA SER E 241 38.96 0.94 -40.44
C SER E 241 37.49 1.06 -40.06
N VAL E 242 37.10 0.49 -38.92
CA VAL E 242 35.72 0.60 -38.47
C VAL E 242 35.39 2.07 -38.28
N THR E 243 36.30 2.83 -37.68
CA THR E 243 36.07 4.26 -37.43
C THR E 243 36.08 5.15 -38.67
N LYS E 244 36.14 4.53 -39.85
CA LYS E 244 36.04 5.26 -41.10
C LYS E 244 34.82 4.73 -41.88
N SER E 245 34.89 3.51 -42.42
CA SER E 245 33.77 2.94 -43.21
C SER E 245 32.40 2.94 -42.50
N LYS E 246 32.38 2.69 -41.20
CA LYS E 246 31.11 2.66 -40.47
C LYS E 246 30.62 4.01 -39.94
N PHE E 247 31.35 5.10 -40.22
CA PHE E 247 30.97 6.44 -39.76
C PHE E 247 30.94 7.45 -40.89
N ASP E 248 32.10 7.74 -41.45
CA ASP E 248 32.24 8.63 -42.61
C ASP E 248 31.25 8.24 -43.70
N ASN E 249 31.38 7.01 -44.19
CA ASN E 249 30.53 6.55 -45.30
C ASN E 249 29.04 6.59 -45.00
N THR E 250 28.67 6.21 -43.78
CA THR E 250 27.26 6.17 -43.40
C THR E 250 26.74 7.49 -42.84
N TYR E 251 27.18 7.86 -41.65
CA TYR E 251 26.69 9.09 -41.01
C TYR E 251 27.14 10.38 -41.71
N GLY E 252 28.30 10.36 -42.35
CA GLY E 252 28.77 11.53 -43.08
C GLY E 252 27.80 11.84 -44.22
N CYS E 253 27.52 10.84 -45.07
CA CYS E 253 26.61 11.01 -46.19
C CYS E 253 25.17 11.29 -45.76
N ARG E 254 24.77 10.79 -44.59
CA ARG E 254 23.42 11.05 -44.10
C ARG E 254 23.17 12.54 -44.03
N GLN E 255 24.19 13.30 -43.62
CA GLN E 255 24.07 14.75 -43.52
C GLN E 255 24.49 15.43 -44.83
N SER E 256 25.64 15.04 -45.38
CA SER E 256 26.16 15.74 -46.57
C SER E 256 25.34 15.50 -47.85
N LEU E 257 24.67 14.35 -47.97
CA LEU E 257 23.81 14.16 -49.15
C LEU E 257 22.69 15.20 -49.12
N LEU E 258 22.05 15.32 -47.96
CA LEU E 258 20.96 16.28 -47.81
C LEU E 258 21.41 17.71 -48.08
N HIS E 259 22.56 18.08 -47.55
CA HIS E 259 23.10 19.42 -47.73
C HIS E 259 23.24 19.67 -49.25
N GLY E 260 23.82 18.70 -49.94
CA GLY E 260 24.01 18.79 -51.39
C GLY E 260 22.70 18.89 -52.14
N LEU E 261 21.73 18.03 -51.80
CA LEU E 261 20.43 18.09 -52.45
C LEU E 261 19.70 19.38 -52.15
N PHE E 262 19.74 19.84 -50.91
CA PHE E 262 19.06 21.10 -50.59
C PHE E 262 19.64 22.27 -51.38
N ASN E 263 20.95 22.29 -51.59
CA ASN E 263 21.58 23.37 -52.38
C ASN E 263 21.35 23.24 -53.87
N GLY E 264 21.38 22.03 -54.41
CA GLY E 264 21.25 21.83 -55.87
C GLY E 264 19.85 21.57 -56.39
N CYS E 265 18.99 21.00 -55.55
CA CYS E 265 17.62 20.69 -55.91
C CYS E 265 16.67 21.58 -55.14
N ILE E 266 15.93 22.40 -55.87
CA ILE E 266 15.01 23.34 -55.24
C ILE E 266 13.77 22.66 -54.62
N GLN E 267 13.44 21.46 -55.08
CA GLN E 267 12.24 20.77 -54.63
C GLN E 267 12.26 20.18 -53.22
N MET E 268 11.06 19.96 -52.70
CA MET E 268 10.83 19.37 -51.40
C MET E 268 11.05 17.87 -51.54
N LEU E 269 11.75 17.29 -50.59
CA LEU E 269 12.02 15.87 -50.63
C LEU E 269 10.84 15.05 -50.08
N ALA E 270 10.10 15.62 -49.15
CA ALA E 270 8.97 14.91 -48.53
C ALA E 270 7.95 14.40 -49.54
N GLY E 271 7.58 13.13 -49.37
CA GLY E 271 6.61 12.47 -50.25
C GLY E 271 7.12 12.04 -51.60
N LYS E 272 8.33 12.45 -51.94
CA LYS E 272 8.89 12.08 -53.24
C LYS E 272 9.43 10.67 -53.21
N LYS E 273 9.41 10.01 -54.36
CA LYS E 273 9.98 8.69 -54.48
C LYS E 273 11.43 8.94 -54.89
N ILE E 274 12.35 8.61 -53.99
CA ILE E 274 13.75 8.83 -54.23
C ILE E 274 14.44 7.48 -54.30
N VAL E 275 15.04 7.18 -55.45
CA VAL E 275 15.74 5.92 -55.64
C VAL E 275 17.19 6.04 -55.21
N VAL E 276 17.61 5.17 -54.30
CA VAL E 276 18.99 5.12 -53.85
C VAL E 276 19.57 3.85 -54.44
N LEU E 277 20.44 4.02 -55.45
CA LEU E 277 21.06 2.87 -56.10
C LEU E 277 22.30 2.47 -55.31
N GLY E 278 22.21 1.31 -54.68
CA GLY E 278 23.27 0.79 -53.84
C GLY E 278 22.91 1.03 -52.40
N TYR E 279 22.98 -0.04 -51.59
CA TYR E 279 22.64 0.02 -50.17
C TYR E 279 23.81 -0.55 -49.35
N GLY E 280 24.98 0.01 -49.62
CA GLY E 280 26.19 -0.33 -48.88
C GLY E 280 26.30 0.66 -47.74
N GLU E 281 27.52 0.98 -47.33
CA GLU E 281 27.71 1.88 -46.21
C GLU E 281 27.20 3.30 -46.54
N VAL E 282 27.40 3.76 -47.78
CA VAL E 282 26.93 5.07 -48.22
C VAL E 282 25.41 5.07 -48.37
N GLY E 283 24.89 4.12 -49.14
CA GLY E 283 23.45 4.00 -49.38
C GLY E 283 22.63 3.95 -48.10
N LYS E 284 23.11 3.19 -47.12
CA LYS E 284 22.41 3.09 -45.82
C LYS E 284 22.24 4.46 -45.20
N GLY E 285 23.31 5.24 -45.20
CA GLY E 285 23.28 6.58 -44.64
C GLY E 285 22.37 7.51 -45.41
N CYS E 286 22.46 7.44 -46.73
CA CYS E 286 21.63 8.27 -47.60
C CYS E 286 20.16 8.00 -47.33
N ALA E 287 19.80 6.73 -47.25
CA ALA E 287 18.41 6.34 -47.00
C ALA E 287 17.90 6.87 -45.65
N GLN E 288 18.69 6.78 -44.59
CA GLN E 288 18.26 7.32 -43.29
C GLN E 288 17.93 8.80 -43.37
N GLY E 289 18.83 9.55 -44.01
CA GLY E 289 18.66 10.99 -44.15
C GLY E 289 17.44 11.37 -44.94
N LEU E 290 17.30 10.75 -46.11
CA LEU E 290 16.15 10.99 -46.98
C LEU E 290 14.83 10.70 -46.26
N SER E 291 14.74 9.56 -45.57
CA SER E 291 13.54 9.19 -44.78
C SER E 291 13.28 10.20 -43.70
N GLY E 292 14.36 10.65 -43.08
CA GLY E 292 14.29 11.62 -42.00
C GLY E 292 13.57 12.89 -42.36
N VAL E 293 13.58 13.26 -43.65
CA VAL E 293 12.88 14.45 -44.12
C VAL E 293 11.64 14.13 -44.96
N GLY E 294 11.10 12.92 -44.77
CA GLY E 294 9.84 12.50 -45.39
C GLY E 294 9.87 11.87 -46.76
N ALA E 295 11.03 11.59 -47.30
CA ALA E 295 11.07 10.98 -48.63
C ALA E 295 10.70 9.52 -48.54
N ARG E 296 10.18 8.98 -49.64
CA ARG E 296 9.88 7.56 -49.73
C ARG E 296 11.01 6.96 -50.53
N VAL E 297 11.94 6.31 -49.82
CA VAL E 297 13.11 5.75 -50.45
C VAL E 297 12.88 4.39 -51.07
N ILE E 298 13.33 4.25 -52.33
CA ILE E 298 13.27 2.99 -53.07
C ILE E 298 14.73 2.61 -53.32
N VAL E 299 15.10 1.38 -52.97
CA VAL E 299 16.47 0.92 -53.13
C VAL E 299 16.66 -0.06 -54.28
N THR E 300 17.78 0.04 -54.99
CA THR E 300 18.13 -0.97 -55.99
C THR E 300 19.42 -1.54 -55.45
N GLU E 301 19.65 -2.82 -55.69
CA GLU E 301 20.82 -3.47 -55.15
C GLU E 301 21.05 -4.79 -55.89
N ILE E 302 22.32 -5.21 -55.95
CA ILE E 302 22.74 -6.48 -56.59
C ILE E 302 23.09 -7.56 -55.58
N ASP E 303 23.36 -7.14 -54.35
CA ASP E 303 23.77 -8.04 -53.29
C ASP E 303 22.53 -8.42 -52.50
N PRO E 304 22.19 -9.73 -52.49
CA PRO E 304 20.99 -10.14 -51.79
C PRO E 304 20.99 -9.84 -50.30
N ILE E 305 22.16 -9.80 -49.66
CA ILE E 305 22.23 -9.50 -48.22
C ILE E 305 21.88 -8.03 -48.00
N CYS E 306 22.51 -7.16 -48.78
CA CYS E 306 22.21 -5.72 -48.68
C CYS E 306 20.76 -5.45 -49.03
N ALA E 307 20.21 -6.17 -50.00
CA ALA E 307 18.80 -5.99 -50.39
C ALA E 307 17.88 -6.31 -49.22
N LEU E 308 18.15 -7.43 -48.54
CA LEU E 308 17.36 -7.81 -47.37
C LEU E 308 17.45 -6.79 -46.26
N GLN E 309 18.63 -6.23 -46.04
CA GLN E 309 18.80 -5.21 -45.00
C GLN E 309 17.88 -4.03 -45.28
N ALA E 310 17.85 -3.59 -46.54
CA ALA E 310 17.00 -2.47 -46.94
C ALA E 310 15.53 -2.78 -46.66
N SER E 311 15.13 -4.00 -46.99
CA SER E 311 13.76 -4.44 -46.79
C SER E 311 13.39 -4.43 -45.30
N MET E 312 14.32 -4.85 -44.45
CA MET E 312 14.10 -4.88 -43.00
C MET E 312 14.00 -3.49 -42.39
N GLU E 313 14.48 -2.46 -43.11
CA GLU E 313 14.37 -1.08 -42.63
C GLU E 313 13.13 -0.41 -43.24
N GLY E 314 12.27 -1.21 -43.89
CA GLY E 314 11.04 -0.71 -44.47
C GLY E 314 11.10 -0.13 -45.87
N TYR E 315 12.18 -0.37 -46.59
CA TYR E 315 12.32 0.18 -47.95
C TYR E 315 11.99 -0.84 -49.03
N GLN E 316 11.28 -0.36 -50.04
CA GLN E 316 10.97 -1.15 -51.21
C GLN E 316 12.27 -1.38 -51.96
N VAL E 317 12.47 -2.59 -52.47
CA VAL E 317 13.67 -2.90 -53.25
C VAL E 317 13.22 -3.30 -54.64
N SER E 318 13.63 -2.52 -55.65
CA SER E 318 13.22 -2.72 -57.04
C SER E 318 14.38 -2.63 -58.00
N VAL E 319 14.14 -3.10 -59.23
CA VAL E 319 15.13 -2.92 -60.31
C VAL E 319 14.75 -1.57 -60.92
N LEU E 320 15.75 -0.79 -61.29
CA LEU E 320 15.53 0.55 -61.83
C LEU E 320 14.46 0.63 -62.93
N GLU E 321 14.49 -0.32 -63.86
CA GLU E 321 13.52 -0.36 -64.98
C GLU E 321 12.05 -0.29 -64.56
N ASP E 322 11.74 -0.83 -63.38
CA ASP E 322 10.37 -0.87 -62.88
C ASP E 322 9.92 0.40 -62.17
N VAL E 323 10.85 1.29 -61.82
CA VAL E 323 10.50 2.53 -61.13
C VAL E 323 11.04 3.81 -61.79
N VAL E 324 11.81 3.66 -62.87
CA VAL E 324 12.43 4.83 -63.51
C VAL E 324 11.45 5.87 -64.05
N SER E 325 10.30 5.42 -64.56
CA SER E 325 9.31 6.36 -65.10
C SER E 325 8.51 7.10 -64.05
N GLU E 326 8.40 6.55 -62.84
CA GLU E 326 7.58 7.17 -61.81
C GLU E 326 8.35 7.82 -60.65
N ALA E 327 9.63 7.49 -60.48
CA ALA E 327 10.40 8.09 -59.40
C ALA E 327 10.74 9.54 -59.71
N ASP E 328 11.03 10.30 -58.65
CA ASP E 328 11.28 11.74 -58.75
C ASP E 328 12.76 12.15 -58.74
N ILE E 329 13.57 11.47 -57.94
CA ILE E 329 14.98 11.79 -57.77
C ILE E 329 15.76 10.49 -57.74
N PHE E 330 16.97 10.49 -58.33
CA PHE E 330 17.82 9.31 -58.39
C PHE E 330 19.21 9.62 -57.84
N ILE E 331 19.66 8.83 -56.86
CA ILE E 331 20.95 9.01 -56.21
C ILE E 331 21.79 7.75 -56.39
N THR E 332 22.91 7.85 -57.11
CA THR E 332 23.80 6.69 -57.32
C THR E 332 24.85 6.59 -56.22
N ALA E 333 24.89 5.44 -55.54
CA ALA E 333 25.84 5.19 -54.45
C ALA E 333 26.40 3.78 -54.56
N THR E 334 26.78 3.40 -55.78
CA THR E 334 27.23 2.03 -56.07
C THR E 334 28.72 1.76 -56.18
N GLY E 335 29.49 2.78 -56.58
CA GLY E 335 30.92 2.58 -56.83
C GLY E 335 31.11 1.78 -58.12
N ASN E 336 30.03 1.67 -58.91
CA ASN E 336 30.01 0.89 -60.15
C ASN E 336 29.84 1.83 -61.35
N LYS E 337 29.73 1.26 -62.54
CA LYS E 337 29.65 2.02 -63.78
C LYS E 337 28.30 1.82 -64.48
N ASP E 338 27.82 2.89 -65.11
CA ASP E 338 26.57 2.87 -65.90
C ASP E 338 25.37 2.30 -65.19
N VAL E 339 25.09 2.79 -63.99
CA VAL E 339 23.94 2.34 -63.22
C VAL E 339 22.71 3.17 -63.63
N ILE E 340 22.98 4.32 -64.24
CA ILE E 340 21.93 5.16 -64.83
C ILE E 340 22.41 5.46 -66.24
N THR E 341 21.74 4.85 -67.22
CA THR E 341 22.07 4.99 -68.62
C THR E 341 21.24 6.07 -69.30
N VAL E 342 21.59 6.37 -70.54
CA VAL E 342 20.86 7.33 -71.35
C VAL E 342 19.44 6.81 -71.56
N GLU E 343 19.29 5.49 -71.80
CA GLU E 343 17.96 4.90 -72.00
C GLU E 343 17.10 5.08 -70.76
N HIS E 344 17.70 4.98 -69.57
CA HIS E 344 16.97 5.22 -68.34
C HIS E 344 16.51 6.67 -68.26
N MET E 345 17.42 7.61 -68.54
CA MET E 345 17.09 9.04 -68.44
C MET E 345 16.00 9.49 -69.41
N ARG E 346 15.88 8.81 -70.55
CA ARG E 346 14.85 9.16 -71.52
C ARG E 346 13.46 8.76 -71.08
N LYS E 347 13.38 7.81 -70.15
CA LYS E 347 12.10 7.34 -69.60
C LYS E 347 11.69 8.09 -68.35
N MET E 348 12.57 8.93 -67.80
CA MET E 348 12.27 9.68 -66.58
C MET E 348 11.24 10.77 -66.80
N LYS E 349 10.55 11.13 -65.73
CA LYS E 349 9.55 12.17 -65.85
C LYS E 349 10.14 13.57 -65.85
N GLU E 350 9.32 14.51 -66.27
CA GLU E 350 9.71 15.91 -66.40
C GLU E 350 10.35 16.46 -65.12
N ASN E 351 11.55 17.00 -65.30
CA ASN E 351 12.34 17.63 -64.24
C ASN E 351 12.76 16.69 -63.12
N ALA E 352 12.98 15.43 -63.47
CA ALA E 352 13.50 14.48 -62.50
C ALA E 352 14.94 14.90 -62.22
N TYR E 353 15.37 14.79 -60.98
CA TYR E 353 16.73 15.15 -60.58
C TYR E 353 17.60 13.89 -60.51
N ILE E 354 18.85 14.03 -60.92
CA ILE E 354 19.81 12.91 -60.92
C ILE E 354 21.09 13.38 -60.24
N ALA E 355 21.61 12.57 -59.32
CA ALA E 355 22.83 12.92 -58.60
C ALA E 355 23.64 11.69 -58.26
N ASN E 356 24.94 11.91 -58.05
CA ASN E 356 25.88 10.85 -57.73
C ASN E 356 26.61 11.18 -56.44
N ILE E 357 26.62 10.23 -55.52
CA ILE E 357 27.35 10.42 -54.26
C ILE E 357 28.40 9.33 -54.15
N GLY E 358 28.54 8.56 -55.21
CA GLY E 358 29.49 7.47 -55.27
C GLY E 358 30.89 7.92 -55.62
N HIS E 359 31.28 7.80 -56.88
CA HIS E 359 32.65 8.12 -57.28
C HIS E 359 32.75 8.63 -58.70
N PHE E 360 33.86 9.31 -58.98
CA PHE E 360 34.14 9.89 -60.29
C PHE E 360 32.84 10.42 -60.94
N ASP E 361 32.59 10.08 -62.20
CA ASP E 361 31.38 10.55 -62.87
C ASP E 361 30.78 9.51 -63.81
N ASP E 362 31.18 8.25 -63.64
CA ASP E 362 30.70 7.19 -64.54
C ASP E 362 29.52 6.37 -64.01
N GLU E 363 29.02 6.65 -62.80
CA GLU E 363 27.86 5.92 -62.28
C GLU E 363 26.65 6.27 -63.14
N ILE E 364 26.54 7.55 -63.46
CA ILE E 364 25.54 8.07 -64.38
C ILE E 364 26.31 8.23 -65.69
N ASP E 365 25.69 7.90 -66.82
CA ASP E 365 26.37 8.06 -68.10
C ASP E 365 26.26 9.52 -68.56
N VAL E 366 27.05 10.38 -67.94
CA VAL E 366 27.05 11.79 -68.26
C VAL E 366 27.60 12.01 -69.67
N TYR E 367 28.63 11.26 -70.05
CA TYR E 367 29.19 11.41 -71.39
C TYR E 367 28.12 11.18 -72.45
N GLY E 368 27.38 10.09 -72.33
CA GLY E 368 26.30 9.76 -73.25
C GLY E 368 25.18 10.80 -73.28
N LEU E 369 24.88 11.38 -72.12
CA LEU E 369 23.86 12.43 -72.01
C LEU E 369 24.32 13.69 -72.72
N GLU E 370 25.51 14.17 -72.37
CA GLU E 370 26.07 15.41 -72.97
C GLU E 370 26.26 15.32 -74.47
N ASN E 371 26.62 14.13 -74.95
CA ASN E 371 26.86 13.89 -76.38
C ASN E 371 25.67 13.29 -77.13
N TYR E 372 24.49 13.27 -76.51
CA TYR E 372 23.30 12.73 -77.17
C TYR E 372 22.93 13.65 -78.35
N PRO E 373 22.62 13.07 -79.53
CA PRO E 373 22.27 13.89 -80.70
C PRO E 373 21.09 14.84 -80.50
N GLY E 374 21.35 16.13 -80.68
CA GLY E 374 20.35 17.18 -80.58
C GLY E 374 19.90 17.54 -79.18
N ILE E 375 20.67 17.17 -78.18
CA ILE E 375 20.29 17.48 -76.81
C ILE E 375 20.58 18.95 -76.50
N LYS E 376 19.72 19.55 -75.69
CA LYS E 376 19.89 20.94 -75.30
C LYS E 376 20.23 20.97 -73.82
N VAL E 377 21.09 21.88 -73.43
CA VAL E 377 21.51 22.01 -72.05
C VAL E 377 21.53 23.47 -71.61
N ILE E 378 21.07 23.74 -70.40
CA ILE E 378 21.11 25.07 -69.83
C ILE E 378 21.59 24.98 -68.40
N GLU E 379 22.33 25.99 -67.99
CA GLU E 379 22.82 26.06 -66.64
C GLU E 379 21.71 26.65 -65.76
N VAL E 380 21.20 25.87 -64.81
CA VAL E 380 20.14 26.33 -63.90
C VAL E 380 20.79 27.22 -62.83
N LYS E 381 21.95 26.80 -62.38
CA LYS E 381 22.78 27.55 -61.43
C LYS E 381 24.16 26.92 -61.47
N GLN E 382 25.07 27.38 -60.63
CA GLN E 382 26.41 26.82 -60.58
C GLN E 382 26.29 25.31 -60.26
N ASN E 383 26.88 24.49 -61.13
CA ASN E 383 26.91 23.03 -61.00
C ASN E 383 25.53 22.33 -61.03
N VAL E 384 24.57 22.92 -61.77
CA VAL E 384 23.25 22.31 -61.93
C VAL E 384 22.84 22.56 -63.37
N HIS E 385 22.64 21.49 -64.13
CA HIS E 385 22.31 21.59 -65.54
C HIS E 385 21.08 20.80 -65.91
N LYS E 386 20.22 21.41 -66.73
CA LYS E 386 18.98 20.79 -67.19
C LYS E 386 19.17 20.37 -68.65
N PHE E 387 19.01 19.08 -68.92
CA PHE E 387 19.15 18.52 -70.26
C PHE E 387 17.78 18.18 -70.82
N THR E 388 17.52 18.61 -72.04
CA THR E 388 16.24 18.38 -72.69
C THR E 388 16.43 17.52 -73.95
N PHE E 389 15.74 16.40 -74.03
CA PHE E 389 15.81 15.51 -75.21
C PHE E 389 14.96 16.10 -76.33
N PRO E 390 15.44 16.02 -77.58
CA PRO E 390 14.72 16.64 -78.70
C PRO E 390 13.40 15.98 -79.14
N ASP E 391 13.32 14.66 -79.04
CA ASP E 391 12.10 13.94 -79.46
C ASP E 391 10.91 14.06 -78.50
N THR E 392 11.15 13.85 -77.21
CA THR E 392 10.09 13.93 -76.21
C THR E 392 9.90 15.32 -75.64
N GLN E 393 10.93 16.17 -75.76
CA GLN E 393 10.94 17.52 -75.18
C GLN E 393 10.91 17.47 -73.64
N LYS E 394 11.20 16.30 -73.08
CA LYS E 394 11.24 16.14 -71.62
C LYS E 394 12.66 16.45 -71.13
N SER E 395 12.75 16.91 -69.90
CA SER E 395 14.03 17.29 -69.33
C SER E 395 14.39 16.55 -68.04
N VAL E 396 15.69 16.47 -67.77
CA VAL E 396 16.21 15.90 -66.52
C VAL E 396 17.22 16.90 -66.00
N ILE E 397 17.34 16.99 -64.69
CA ILE E 397 18.25 17.95 -64.07
C ILE E 397 19.36 17.18 -63.39
N LEU E 398 20.58 17.41 -63.84
CA LEU E 398 21.77 16.75 -63.33
C LEU E 398 22.55 17.66 -62.39
N LEU E 399 22.89 17.15 -61.21
CA LEU E 399 23.68 17.91 -60.25
C LEU E 399 25.18 17.59 -60.43
N CYS E 400 26.00 18.64 -60.44
CA CYS E 400 27.45 18.54 -60.56
C CYS E 400 28.00 17.71 -61.70
N LYS E 401 27.36 17.74 -62.85
CA LYS E 401 27.85 16.96 -63.98
C LYS E 401 28.17 15.50 -63.58
N GLY E 402 27.36 14.95 -62.67
CA GLY E 402 27.52 13.57 -62.21
C GLY E 402 28.67 13.28 -61.25
N ARG E 403 29.29 14.32 -60.71
CA ARG E 403 30.37 14.15 -59.73
C ARG E 403 29.80 14.29 -58.29
N LEU E 404 30.57 13.94 -57.29
CA LEU E 404 30.11 13.94 -55.88
C LEU E 404 29.21 15.12 -55.54
N VAL E 405 27.92 14.83 -55.33
CA VAL E 405 26.96 15.89 -55.05
C VAL E 405 27.21 16.55 -53.69
N ASN E 406 27.63 15.76 -52.70
CA ASN E 406 27.84 16.30 -51.36
C ASN E 406 29.03 17.27 -51.28
N LEU E 407 30.04 17.03 -52.09
CA LEU E 407 31.23 17.88 -52.14
C LEU E 407 31.18 18.93 -53.25
N GLY E 408 30.34 18.71 -54.25
CA GLY E 408 30.21 19.63 -55.38
C GLY E 408 29.18 20.71 -55.17
N CYS E 409 27.99 20.33 -54.72
CA CYS E 409 26.91 21.28 -54.43
C CYS E 409 26.92 21.75 -52.99
N ALA E 410 27.71 21.10 -52.14
CA ALA E 410 27.83 21.48 -50.73
C ALA E 410 29.27 21.35 -50.28
N THR E 411 29.50 21.34 -48.97
CA THR E 411 30.85 21.32 -48.39
C THR E 411 31.34 19.97 -47.88
N GLY E 412 30.70 18.89 -48.30
CA GLY E 412 31.10 17.55 -47.87
C GLY E 412 30.74 17.23 -46.43
N HIS E 413 31.31 16.14 -45.91
CA HIS E 413 31.02 15.73 -44.53
C HIS E 413 31.46 16.78 -43.54
N PRO E 414 30.78 16.82 -42.38
CA PRO E 414 31.12 17.74 -41.33
C PRO E 414 32.36 17.31 -40.55
N PRO E 415 32.96 18.22 -39.78
CA PRO E 415 34.21 17.97 -39.07
C PRO E 415 34.31 16.73 -38.19
N LEU E 416 33.30 16.46 -37.36
CA LEU E 416 33.37 15.33 -36.44
C LEU E 416 33.73 14.01 -37.11
N VAL E 417 32.99 13.62 -38.14
CA VAL E 417 33.28 12.35 -38.81
C VAL E 417 34.56 12.41 -39.63
N MET E 418 34.90 13.58 -40.19
CA MET E 418 36.15 13.67 -40.94
C MET E 418 37.34 13.58 -40.00
N SER E 419 37.18 14.01 -38.75
CA SER E 419 38.25 13.89 -37.77
C SER E 419 38.53 12.40 -37.51
N MET E 420 37.48 11.59 -37.50
CA MET E 420 37.63 10.15 -37.32
C MET E 420 38.37 9.55 -38.50
N SER E 421 37.99 9.92 -39.71
CA SER E 421 38.66 9.41 -40.89
C SER E 421 40.10 9.90 -40.96
N PHE E 422 40.30 11.18 -40.66
CA PHE E 422 41.63 11.77 -40.74
C PHE E 422 42.57 11.40 -39.61
N THR E 423 42.02 11.01 -38.46
CA THR E 423 42.87 10.54 -37.36
C THR E 423 43.47 9.23 -37.84
N ASN E 424 42.66 8.42 -38.53
CA ASN E 424 43.13 7.16 -39.14
C ASN E 424 44.22 7.48 -40.16
N GLN E 425 44.02 8.51 -41.00
CA GLN E 425 45.02 8.91 -42.01
C GLN E 425 46.37 9.27 -41.37
N VAL E 426 46.36 10.09 -40.35
CA VAL E 426 47.60 10.49 -39.69
C VAL E 426 48.30 9.25 -39.11
N LEU E 427 47.53 8.38 -38.45
CA LEU E 427 48.09 7.17 -37.86
C LEU E 427 48.69 6.26 -38.93
N ALA E 428 48.09 6.27 -40.12
CA ALA E 428 48.58 5.46 -41.24
C ALA E 428 49.89 6.03 -41.76
N GLN E 429 49.95 7.35 -41.89
CA GLN E 429 51.15 8.05 -42.34
C GLN E 429 52.30 7.79 -41.35
N MET E 430 52.01 7.85 -40.05
CA MET E 430 53.01 7.57 -39.03
C MET E 430 53.50 6.13 -39.11
N ASP E 431 52.61 5.21 -39.41
CA ASP E 431 52.95 3.78 -39.52
C ASP E 431 53.90 3.56 -40.69
N LEU E 432 53.53 4.09 -41.86
CA LEU E 432 54.35 3.95 -43.07
C LEU E 432 55.74 4.58 -42.89
N TRP E 433 55.78 5.75 -42.28
CA TRP E 433 57.04 6.47 -42.06
C TRP E 433 57.95 5.75 -41.06
N LYS E 434 57.36 5.26 -39.97
CA LYS E 434 58.13 4.56 -38.95
C LYS E 434 58.68 3.22 -39.47
N SER E 435 58.06 2.68 -40.52
CA SER E 435 58.48 1.40 -41.13
C SER E 435 59.38 1.56 -42.35
N ARG E 436 59.81 2.77 -42.67
CA ARG E 436 60.64 2.98 -43.89
C ARG E 436 61.89 2.15 -44.02
N GLU E 437 62.57 1.82 -42.92
CA GLU E 437 63.79 1.00 -42.99
C GLU E 437 63.55 -0.37 -43.61
N LEU E 438 62.36 -0.93 -43.41
CA LEU E 438 61.99 -2.23 -43.94
C LEU E 438 61.69 -2.23 -45.46
N VAL E 439 61.62 -1.05 -46.07
CA VAL E 439 61.38 -0.95 -47.51
C VAL E 439 62.72 -0.95 -48.20
N ASP E 440 63.21 -2.11 -48.60
CA ASP E 440 64.52 -2.24 -49.26
C ASP E 440 64.25 -2.63 -50.71
N ARG E 441 64.38 -1.67 -51.62
CA ARG E 441 64.11 -1.93 -53.05
C ARG E 441 65.24 -2.65 -53.83
N SER E 442 66.40 -2.83 -53.17
CA SER E 442 67.42 -3.69 -53.74
C SER E 442 67.04 -5.17 -53.50
N LYS E 443 65.99 -5.40 -52.70
CA LYS E 443 65.51 -6.73 -52.40
C LYS E 443 64.08 -6.90 -52.93
N ASN E 444 63.08 -6.32 -52.24
CA ASN E 444 61.66 -6.51 -52.52
C ASN E 444 61.18 -5.30 -53.18
N THR E 445 60.54 -5.41 -54.37
CA THR E 445 59.85 -4.29 -55.02
C THR E 445 58.31 -4.34 -55.15
N ARG E 446 57.70 -5.50 -54.95
CA ARG E 446 56.26 -5.66 -55.06
C ARG E 446 55.67 -5.78 -53.66
N PHE E 447 54.74 -4.89 -53.32
CA PHE E 447 54.25 -4.67 -51.98
C PHE E 447 52.79 -5.04 -51.82
N PHE E 448 52.29 -4.97 -50.57
CA PHE E 448 50.95 -5.36 -50.21
C PHE E 448 50.18 -4.26 -49.46
N VAL E 449 48.88 -4.51 -49.27
CA VAL E 449 47.98 -3.59 -48.59
C VAL E 449 47.66 -4.13 -47.21
N LYS E 450 47.79 -3.29 -46.19
CA LYS E 450 47.42 -3.69 -44.84
C LYS E 450 46.44 -2.68 -44.25
N LYS E 451 45.87 -3.03 -43.10
CA LYS E 451 44.93 -2.17 -42.39
C LYS E 451 45.50 -1.86 -41.03
N LEU E 452 44.98 -0.82 -40.41
CA LEU E 452 45.38 -0.46 -39.06
C LEU E 452 44.77 -1.45 -38.10
N SER E 453 45.41 -1.62 -36.95
CA SER E 453 44.94 -2.58 -35.94
C SER E 453 43.65 -2.13 -35.28
N LYS E 454 42.97 -3.07 -34.64
CA LYS E 454 41.75 -2.79 -33.90
C LYS E 454 42.09 -1.86 -32.72
N GLU E 455 43.26 -2.04 -32.09
CA GLU E 455 43.67 -1.17 -30.97
C GLU E 455 43.60 0.29 -31.39
N LEU E 456 44.17 0.60 -32.54
CA LEU E 456 44.16 1.98 -33.05
C LEU E 456 42.77 2.40 -33.48
N ASP E 457 42.02 1.45 -34.00
CA ASP E 457 40.68 1.72 -34.47
C ASP E 457 39.84 2.16 -33.24
N GLU E 458 39.97 1.43 -32.13
CA GLU E 458 39.27 1.78 -30.89
C GLU E 458 39.79 3.10 -30.33
N TYR E 459 41.08 3.34 -30.46
CA TYR E 459 41.69 4.58 -30.01
C TYR E 459 41.05 5.78 -30.73
N VAL E 460 40.87 5.68 -32.04
CA VAL E 460 40.23 6.76 -32.79
C VAL E 460 38.87 7.09 -32.18
N ALA E 461 38.11 6.07 -31.86
CA ALA E 461 36.80 6.27 -31.25
C ALA E 461 36.95 6.93 -29.87
N ARG E 462 37.87 6.44 -29.02
CA ARG E 462 38.07 7.04 -27.69
C ARG E 462 38.33 8.53 -27.73
N LEU E 463 39.16 8.93 -28.68
CA LEU E 463 39.52 10.33 -28.86
C LEU E 463 38.34 11.25 -29.15
N HIS E 464 37.22 10.71 -29.62
CA HIS E 464 36.06 11.55 -29.94
C HIS E 464 34.89 11.42 -28.98
N LEU E 465 35.01 10.65 -27.92
CA LEU E 465 33.90 10.49 -26.97
C LEU E 465 33.52 11.77 -26.23
N ASP E 466 34.50 12.53 -25.73
CA ASP E 466 34.22 13.77 -24.98
C ASP E 466 33.48 14.83 -25.78
N VAL E 467 33.76 14.92 -27.07
CA VAL E 467 33.05 15.87 -27.94
C VAL E 467 31.53 15.78 -27.68
N LEU E 468 31.02 14.55 -27.63
CA LEU E 468 29.58 14.32 -27.47
C LEU E 468 29.09 13.97 -26.06
N GLY E 469 29.94 14.18 -25.07
CA GLY E 469 29.59 13.88 -23.69
C GLY E 469 29.31 12.42 -23.39
N ILE E 470 29.91 11.53 -24.18
CA ILE E 470 29.75 10.08 -24.00
C ILE E 470 30.57 9.61 -22.82
N LYS E 471 29.94 8.83 -21.94
CA LYS E 471 30.59 8.28 -20.76
C LYS E 471 30.72 6.76 -20.95
N LEU E 472 31.95 6.29 -21.09
CA LEU E 472 32.19 4.86 -21.23
C LEU E 472 32.14 4.15 -19.89
N THR E 473 31.60 2.94 -19.94
CA THR E 473 31.57 2.07 -18.78
C THR E 473 32.92 1.31 -18.78
N LYS E 474 33.43 1.01 -17.59
CA LYS E 474 34.69 0.28 -17.47
C LYS E 474 34.40 -1.12 -16.94
N LEU E 475 35.00 -2.12 -17.58
CA LEU E 475 34.84 -3.50 -17.14
C LEU E 475 35.55 -3.73 -15.82
N THR E 476 35.00 -4.61 -15.00
CA THR E 476 35.64 -5.02 -13.75
C THR E 476 36.59 -6.14 -14.18
N GLU E 477 37.52 -6.51 -13.29
CA GLU E 477 38.46 -7.57 -13.60
C GLU E 477 37.69 -8.89 -13.89
N THR E 478 36.63 -9.17 -13.13
CA THR E 478 35.82 -10.37 -13.29
C THR E 478 35.06 -10.38 -14.62
N GLN E 479 34.48 -9.24 -14.98
CA GLN E 479 33.75 -9.11 -16.22
C GLN E 479 34.67 -9.31 -17.42
N ALA E 480 35.86 -8.70 -17.35
CA ALA E 480 36.84 -8.80 -18.43
C ALA E 480 37.22 -10.26 -18.66
N LYS E 481 37.40 -10.99 -17.57
CA LYS E 481 37.73 -12.40 -17.67
C LYS E 481 36.55 -13.18 -18.22
N TYR E 482 35.34 -12.81 -17.80
CA TYR E 482 34.13 -13.51 -18.22
C TYR E 482 33.93 -13.44 -19.74
N ILE E 483 34.09 -12.26 -20.34
CA ILE E 483 33.92 -12.11 -21.81
C ILE E 483 35.25 -12.25 -22.56
N ASN E 484 36.31 -12.61 -21.83
CA ASN E 484 37.61 -12.93 -22.40
C ASN E 484 38.30 -11.78 -23.17
N VAL E 485 38.35 -10.61 -22.54
CA VAL E 485 39.01 -9.45 -23.11
C VAL E 485 39.80 -8.72 -22.06
N SER E 486 40.70 -7.87 -22.51
CA SER E 486 41.48 -7.03 -21.63
C SER E 486 40.60 -5.84 -21.26
N ILE E 487 40.75 -5.33 -20.04
CA ILE E 487 40.00 -4.15 -19.62
C ILE E 487 40.18 -3.00 -20.62
N ASN E 488 41.38 -2.91 -21.20
CA ASN E 488 41.69 -1.84 -22.16
C ASN E 488 41.45 -2.22 -23.62
N GLY E 489 40.84 -3.39 -23.85
CA GLY E 489 40.57 -3.82 -25.22
C GLY E 489 41.76 -4.48 -25.91
N PRO E 490 41.60 -4.86 -27.18
CA PRO E 490 40.36 -4.70 -27.95
C PRO E 490 39.22 -5.56 -27.41
N TYR E 491 37.99 -5.09 -27.63
CA TYR E 491 36.79 -5.74 -27.09
C TYR E 491 36.05 -6.69 -28.04
N LYS E 492 36.45 -6.70 -29.31
CA LYS E 492 35.77 -7.52 -30.29
C LYS E 492 36.76 -8.33 -31.12
N SER E 493 36.28 -9.44 -31.67
CA SER E 493 37.07 -10.29 -32.56
C SER E 493 37.32 -9.55 -33.86
N GLU E 494 38.33 -9.98 -34.62
CA GLU E 494 38.66 -9.31 -35.89
C GLU E 494 37.57 -9.33 -36.94
N ASP E 495 36.70 -10.34 -36.87
CA ASP E 495 35.60 -10.46 -37.84
C ASP E 495 34.30 -9.76 -37.43
N TYR E 496 34.30 -9.08 -36.27
CA TYR E 496 33.10 -8.41 -35.76
C TYR E 496 32.70 -7.28 -36.70
N ARG E 497 31.41 -7.18 -36.99
CA ARG E 497 30.92 -6.21 -37.96
C ARG E 497 30.32 -4.92 -37.43
N TYR E 498 30.17 -4.79 -36.10
CA TYR E 498 29.61 -3.55 -35.52
C TYR E 498 28.27 -3.19 -36.18
N MET F 6 13.85 -43.33 -24.78
CA MET F 6 13.20 -43.88 -26.05
C MET F 6 11.94 -43.11 -26.40
N GLU F 7 11.08 -42.92 -25.41
CA GLU F 7 9.85 -42.09 -25.54
C GLU F 7 10.10 -40.66 -25.04
N SER F 8 9.35 -39.73 -25.62
CA SER F 8 9.47 -38.32 -25.32
C SER F 8 8.84 -37.92 -24.00
N ARG F 9 9.31 -36.81 -23.45
CA ARG F 9 8.77 -36.20 -22.24
C ARG F 9 8.36 -34.78 -22.59
N ILE F 10 7.05 -34.58 -22.77
CA ILE F 10 6.47 -33.28 -23.10
C ILE F 10 5.28 -33.03 -22.19
N LYS F 11 4.65 -31.86 -22.29
CA LYS F 11 3.51 -31.58 -21.43
C LYS F 11 2.21 -32.23 -21.88
N ASP F 12 1.84 -32.06 -23.15
CA ASP F 12 0.56 -32.56 -23.63
C ASP F 12 0.53 -32.81 -25.14
N ILE F 13 0.49 -34.09 -25.52
CA ILE F 13 0.45 -34.51 -26.92
C ILE F 13 -0.80 -34.00 -27.67
N SER F 14 -1.89 -33.74 -26.95
CA SER F 14 -3.14 -33.26 -27.58
C SER F 14 -3.03 -31.85 -28.17
N LEU F 15 -1.96 -31.12 -27.85
CA LEU F 15 -1.73 -29.79 -28.40
C LEU F 15 -1.11 -29.88 -29.80
N ALA F 16 -0.84 -31.10 -30.27
CA ALA F 16 -0.22 -31.33 -31.56
C ALA F 16 -0.89 -30.65 -32.75
N GLU F 17 -2.22 -30.70 -32.80
CA GLU F 17 -2.94 -30.12 -33.94
C GLU F 17 -2.70 -28.60 -34.06
N PHE F 18 -2.68 -27.88 -32.94
CA PHE F 18 -2.41 -26.43 -32.95
C PHE F 18 -0.99 -26.17 -33.44
N GLY F 19 -0.05 -27.01 -33.01
CA GLY F 19 1.34 -26.89 -33.41
C GLY F 19 1.55 -27.09 -34.90
N LEU F 20 0.85 -28.07 -35.47
CA LEU F 20 0.95 -28.36 -36.91
C LEU F 20 0.36 -27.23 -37.73
N GLN F 21 -0.72 -26.60 -37.24
CA GLN F 21 -1.33 -25.48 -37.92
C GLN F 21 -0.39 -24.28 -37.93
N ASP F 22 0.25 -23.99 -36.79
CA ASP F 22 1.19 -22.87 -36.69
C ASP F 22 2.42 -23.13 -37.55
N MET F 23 2.87 -24.38 -37.62
CA MET F 23 4.01 -24.73 -38.46
C MET F 23 3.73 -24.39 -39.92
N GLU F 24 2.55 -24.75 -40.41
CA GLU F 24 2.19 -24.50 -41.79
C GLU F 24 2.08 -23.00 -42.09
N ILE F 25 1.57 -22.23 -41.15
CA ILE F 25 1.46 -20.78 -41.34
C ILE F 25 2.85 -20.16 -41.33
N ALA F 26 3.68 -20.61 -40.40
CA ALA F 26 5.05 -20.12 -40.29
C ALA F 26 5.86 -20.40 -41.56
N LYS F 27 5.65 -21.57 -42.18
CA LYS F 27 6.37 -21.92 -43.40
C LYS F 27 6.11 -21.00 -44.58
N THR F 28 5.03 -20.23 -44.54
CA THR F 28 4.75 -19.26 -45.60
C THR F 28 5.95 -18.31 -45.73
N ASP F 29 6.55 -17.94 -44.60
CA ASP F 29 7.69 -17.05 -44.55
C ASP F 29 9.06 -17.70 -44.41
N MET F 30 9.13 -18.94 -43.93
CA MET F 30 10.42 -19.61 -43.76
C MET F 30 10.85 -20.28 -45.07
N MET F 31 10.96 -19.51 -46.14
N MET F 31 10.97 -19.50 -46.14
CA MET F 31 11.28 -20.07 -47.45
CA MET F 31 11.29 -20.08 -47.45
C MET F 31 12.62 -20.79 -47.56
C MET F 31 12.62 -20.79 -47.56
N GLY F 32 13.58 -20.43 -46.72
CA GLY F 32 14.88 -21.07 -46.74
C GLY F 32 14.74 -22.52 -46.39
N LEU F 33 14.06 -22.81 -45.28
CA LEU F 33 13.86 -24.17 -44.84
C LEU F 33 12.98 -24.93 -45.82
N VAL F 34 11.96 -24.26 -46.36
CA VAL F 34 11.06 -24.88 -47.33
C VAL F 34 11.83 -25.28 -48.59
N GLU F 35 12.74 -24.42 -49.03
CA GLU F 35 13.53 -24.71 -50.23
C GLU F 35 14.50 -25.87 -49.99
N LEU F 36 15.13 -25.91 -48.81
CA LEU F 36 16.04 -27.01 -48.48
C LEU F 36 15.28 -28.32 -48.43
N GLN F 37 14.05 -28.30 -47.90
CA GLN F 37 13.25 -29.51 -47.88
C GLN F 37 12.95 -29.96 -49.31
N ARG F 38 12.52 -29.03 -50.15
CA ARG F 38 12.18 -29.37 -51.55
C ARG F 38 13.41 -29.89 -52.32
N LYS F 39 14.56 -29.26 -52.09
CA LYS F 39 15.77 -29.62 -52.80
C LYS F 39 16.45 -30.92 -52.34
N TYR F 40 16.40 -31.20 -51.04
CA TYR F 40 17.12 -32.36 -50.48
C TYR F 40 16.30 -33.50 -49.87
N ARG F 41 14.97 -33.40 -49.85
CA ARG F 41 14.17 -34.50 -49.28
C ARG F 41 14.35 -35.84 -50.03
N ASP F 42 14.74 -35.80 -51.29
CA ASP F 42 14.93 -37.03 -52.07
C ASP F 42 16.32 -37.63 -51.89
N SER F 43 17.35 -36.79 -52.00
CA SER F 43 18.73 -37.25 -51.87
C SER F 43 19.15 -37.58 -50.44
N LYS F 44 18.45 -37.05 -49.44
CA LYS F 44 18.74 -37.32 -48.02
C LYS F 44 20.24 -37.14 -47.67
N PRO F 45 20.76 -35.91 -47.77
CA PRO F 45 22.19 -35.72 -47.46
C PRO F 45 22.61 -36.06 -46.04
N LEU F 46 21.66 -36.06 -45.09
CA LEU F 46 21.95 -36.39 -43.69
C LEU F 46 21.52 -37.81 -43.30
N LYS F 47 21.27 -38.67 -44.30
CA LYS F 47 20.82 -40.04 -44.03
C LYS F 47 21.78 -40.77 -43.10
N GLY F 48 21.22 -41.30 -42.01
CA GLY F 48 21.99 -42.06 -41.01
C GLY F 48 22.55 -41.23 -39.86
N ALA F 49 22.48 -39.90 -39.97
CA ALA F 49 23.03 -39.04 -38.93
C ALA F 49 22.12 -38.97 -37.72
N ARG F 50 22.73 -39.06 -36.55
CA ARG F 50 22.03 -38.92 -35.27
C ARG F 50 22.31 -37.52 -34.78
N ILE F 51 21.27 -36.68 -34.74
CA ILE F 51 21.41 -35.28 -34.33
C ILE F 51 20.70 -34.96 -33.02
N THR F 52 21.46 -34.42 -32.06
CA THR F 52 20.91 -33.98 -30.79
C THR F 52 20.90 -32.47 -30.82
N GLY F 53 19.77 -31.87 -30.48
CA GLY F 53 19.66 -30.42 -30.47
C GLY F 53 19.27 -29.83 -29.12
N SER F 54 19.95 -28.76 -28.73
CA SER F 54 19.65 -27.99 -27.51
C SER F 54 19.35 -26.57 -28.00
N LEU F 55 18.07 -26.29 -28.23
CA LEU F 55 17.65 -24.99 -28.78
C LEU F 55 16.15 -24.76 -28.56
N HIS F 56 15.81 -23.59 -28.00
CA HIS F 56 14.42 -23.16 -27.73
C HIS F 56 13.43 -23.87 -28.62
N LEU F 57 12.63 -24.77 -28.05
CA LEU F 57 11.70 -25.55 -28.88
C LEU F 57 10.43 -24.76 -29.15
N THR F 58 10.54 -23.87 -30.14
CA THR F 58 9.45 -23.03 -30.60
C THR F 58 8.91 -23.60 -31.91
N ILE F 59 7.85 -22.97 -32.43
CA ILE F 59 7.29 -23.37 -33.72
C ILE F 59 8.36 -23.24 -34.80
N GLU F 60 9.14 -22.16 -34.74
CA GLU F 60 10.21 -21.95 -35.72
C GLU F 60 11.23 -23.09 -35.65
N THR F 61 11.59 -23.49 -34.43
CA THR F 61 12.53 -24.59 -34.23
C THR F 61 11.93 -25.90 -34.75
N SER F 62 10.61 -26.06 -34.64
CA SER F 62 9.96 -27.27 -35.16
C SER F 62 10.15 -27.43 -36.65
N VAL F 63 10.17 -26.31 -37.37
CA VAL F 63 10.37 -26.34 -38.81
C VAL F 63 11.83 -26.72 -39.11
N LEU F 64 12.76 -26.25 -38.26
CA LEU F 64 14.17 -26.63 -38.39
C LEU F 64 14.29 -28.14 -38.24
N VAL F 65 13.73 -28.65 -37.15
CA VAL F 65 13.77 -30.08 -36.85
C VAL F 65 13.13 -30.88 -37.99
N GLU F 66 12.02 -30.38 -38.51
CA GLU F 66 11.33 -31.05 -39.61
C GLU F 66 12.25 -31.10 -40.83
N THR F 67 12.97 -30.01 -41.07
CA THR F 67 13.87 -29.92 -42.21
C THR F 67 15.00 -30.96 -42.08
N LEU F 68 15.61 -31.03 -40.90
CA LEU F 68 16.66 -32.01 -40.63
C LEU F 68 16.15 -33.43 -40.85
N TYR F 69 14.92 -33.68 -40.39
CA TYR F 69 14.30 -34.99 -40.55
C TYR F 69 14.06 -35.32 -42.02
N GLU F 70 13.52 -34.37 -42.78
CA GLU F 70 13.27 -34.58 -44.20
C GLU F 70 14.57 -34.86 -44.95
N LEU F 71 15.69 -34.30 -44.45
CA LEU F 71 17.00 -34.55 -45.07
C LEU F 71 17.63 -35.89 -44.61
N GLY F 72 16.89 -36.67 -43.82
CA GLY F 72 17.31 -38.02 -43.44
C GLY F 72 17.86 -38.28 -42.06
N ALA F 73 17.95 -37.26 -41.22
CA ALA F 73 18.50 -37.44 -39.89
C ALA F 73 17.49 -37.99 -38.89
N GLU F 74 18.00 -38.71 -37.88
CA GLU F 74 17.20 -39.18 -36.76
C GLU F 74 17.47 -38.09 -35.74
N ILE F 75 16.46 -37.70 -34.96
CA ILE F 75 16.61 -36.56 -34.06
C ILE F 75 16.10 -36.71 -32.62
N ARG F 76 16.87 -36.13 -31.69
CA ARG F 76 16.50 -36.05 -30.28
C ARG F 76 16.69 -34.58 -29.96
N TRP F 77 15.73 -33.99 -29.25
CA TRP F 77 15.79 -32.56 -29.00
C TRP F 77 15.36 -32.17 -27.60
N CYS F 78 15.94 -31.06 -27.14
CA CYS F 78 15.60 -30.46 -25.86
C CYS F 78 15.72 -28.96 -26.04
N SER F 79 15.17 -28.21 -25.12
CA SER F 79 15.26 -26.76 -25.18
C SER F 79 16.54 -26.30 -24.49
N CYS F 80 16.99 -25.10 -24.84
CA CYS F 80 18.20 -24.52 -24.23
C CYS F 80 17.83 -23.49 -23.16
N ASN F 81 16.55 -23.42 -22.78
CA ASN F 81 16.09 -22.47 -21.78
C ASN F 81 14.80 -23.01 -21.12
N ILE F 82 14.75 -22.95 -19.80
CA ILE F 82 13.62 -23.47 -19.04
C ILE F 82 12.25 -22.88 -19.35
N TYR F 83 12.19 -21.66 -19.89
CA TYR F 83 10.91 -21.03 -20.18
C TYR F 83 10.54 -20.91 -21.66
N SER F 84 11.51 -21.14 -22.56
CA SER F 84 11.29 -20.90 -23.99
C SER F 84 10.45 -21.89 -24.80
N THR F 85 10.27 -23.10 -24.29
CA THR F 85 9.53 -24.11 -25.05
C THR F 85 8.06 -23.74 -25.25
N GLN F 86 7.57 -23.97 -26.46
CA GLN F 86 6.16 -23.80 -26.81
C GLN F 86 5.64 -25.24 -26.85
N ASP F 87 4.79 -25.59 -25.89
CA ASP F 87 4.27 -26.95 -25.75
C ASP F 87 3.58 -27.54 -26.99
N HIS F 88 2.87 -26.69 -27.73
CA HIS F 88 2.19 -27.16 -28.93
C HIS F 88 3.20 -27.50 -30.04
N ALA F 89 4.34 -26.82 -30.04
CA ALA F 89 5.40 -27.07 -31.01
C ALA F 89 6.07 -28.42 -30.71
N ALA F 90 6.27 -28.68 -29.42
CA ALA F 90 6.88 -29.94 -28.97
C ALA F 90 5.96 -31.11 -29.30
N ALA F 91 4.68 -30.93 -29.02
CA ALA F 91 3.69 -31.97 -29.27
C ALA F 91 3.62 -32.34 -30.75
N ALA F 92 3.72 -31.33 -31.61
CA ALA F 92 3.67 -31.56 -33.06
C ALA F 92 4.77 -32.49 -33.52
N LEU F 93 5.98 -32.27 -32.99
CA LEU F 93 7.13 -33.10 -33.34
C LEU F 93 6.93 -34.55 -32.90
N VAL F 94 6.46 -34.74 -31.67
CA VAL F 94 6.23 -36.08 -31.13
C VAL F 94 5.09 -36.76 -31.88
N LYS F 95 4.01 -36.03 -32.13
CA LYS F 95 2.85 -36.59 -32.82
C LYS F 95 3.21 -37.14 -34.19
N LYS F 96 4.05 -36.43 -34.95
CA LYS F 96 4.41 -36.86 -36.30
C LYS F 96 5.68 -37.75 -36.36
N ASN F 97 6.21 -38.16 -35.21
CA ASN F 97 7.45 -38.97 -35.16
C ASN F 97 8.66 -38.34 -35.83
N ILE F 98 8.71 -37.02 -35.84
CA ILE F 98 9.82 -36.29 -36.44
C ILE F 98 11.05 -36.40 -35.52
N ALA F 99 10.80 -36.39 -34.21
CA ALA F 99 11.90 -36.44 -33.24
C ALA F 99 11.44 -36.90 -31.88
N THR F 100 12.42 -37.26 -31.05
CA THR F 100 12.18 -37.64 -29.67
C THR F 100 12.49 -36.38 -28.88
N VAL F 101 11.49 -35.84 -28.22
CA VAL F 101 11.60 -34.56 -27.52
C VAL F 101 11.57 -34.66 -26.01
N PHE F 102 12.45 -33.86 -25.37
CA PHE F 102 12.51 -33.77 -23.91
C PHE F 102 12.44 -32.28 -23.60
N ALA F 103 11.23 -31.74 -23.58
CA ALA F 103 11.03 -30.32 -23.34
C ALA F 103 9.59 -29.92 -23.03
N TRP F 104 9.48 -28.90 -22.18
CA TRP F 104 8.20 -28.31 -21.81
C TRP F 104 8.43 -26.92 -21.24
N LYS F 105 7.41 -26.08 -21.30
CA LYS F 105 7.49 -24.72 -20.79
C LYS F 105 7.50 -24.79 -19.27
N ASN F 106 8.32 -23.94 -18.64
CA ASN F 106 8.42 -23.84 -17.18
C ASN F 106 9.02 -25.09 -16.51
N GLU F 107 10.19 -25.49 -17.00
CA GLU F 107 10.94 -26.60 -16.44
C GLU F 107 11.65 -26.10 -15.19
N THR F 108 11.98 -27.02 -14.30
CA THR F 108 12.80 -26.68 -13.15
C THR F 108 14.22 -26.79 -13.71
N ILE F 109 15.18 -26.17 -13.04
CA ILE F 109 16.57 -26.25 -13.49
C ILE F 109 17.04 -27.72 -13.43
N GLU F 110 16.58 -28.48 -12.45
CA GLU F 110 16.95 -29.88 -12.35
C GLU F 110 16.50 -30.64 -13.60
N ASP F 111 15.23 -30.45 -13.96
CA ASP F 111 14.65 -31.10 -15.15
C ASP F 111 15.33 -30.67 -16.44
N TYR F 112 15.78 -29.42 -16.50
CA TYR F 112 16.47 -28.91 -17.69
C TYR F 112 17.66 -29.79 -18.04
N TRP F 113 18.53 -30.02 -17.06
CA TRP F 113 19.74 -30.83 -17.27
C TRP F 113 19.45 -32.31 -17.50
N VAL F 114 18.38 -32.83 -16.90
CA VAL F 114 17.98 -34.22 -17.10
C VAL F 114 17.53 -34.39 -18.55
N CYS F 115 16.76 -33.39 -19.04
CA CYS F 115 16.28 -33.40 -20.42
C CYS F 115 17.43 -33.37 -21.42
N LEU F 116 18.41 -32.50 -21.15
CA LEU F 116 19.58 -32.37 -22.01
C LEU F 116 20.35 -33.69 -22.06
N ASN F 117 20.54 -34.29 -20.89
CA ASN F 117 21.25 -35.55 -20.80
C ASN F 117 20.49 -36.63 -21.58
N ASP F 118 19.16 -36.64 -21.45
CA ASP F 118 18.33 -37.60 -22.17
C ASP F 118 18.45 -37.40 -23.68
N ALA F 119 18.47 -36.15 -24.11
CA ALA F 119 18.59 -35.83 -25.54
C ALA F 119 19.92 -36.29 -26.13
N MET F 120 20.95 -36.29 -25.29
CA MET F 120 22.30 -36.73 -25.70
C MET F 120 22.43 -38.25 -25.70
N THR F 121 21.49 -38.96 -25.09
CA THR F 121 21.55 -40.42 -24.97
C THR F 121 20.84 -41.16 -26.10
N TRP F 122 21.60 -41.93 -26.87
CA TRP F 122 21.06 -42.71 -27.99
C TRP F 122 21.28 -44.20 -27.82
N ARG F 123 20.31 -44.98 -28.31
CA ARG F 123 20.44 -46.43 -28.30
C ARG F 123 21.15 -46.79 -29.61
N ASN F 124 22.30 -47.45 -29.50
CA ASN F 124 23.14 -47.86 -30.63
C ASN F 124 22.37 -48.75 -31.63
N PRO F 125 22.31 -48.36 -32.93
CA PRO F 125 21.54 -49.22 -33.86
C PRO F 125 22.12 -50.62 -34.13
N ASN F 126 23.42 -50.84 -33.88
CA ASN F 126 24.06 -52.15 -34.09
C ASN F 126 23.60 -53.11 -32.99
N ASP F 127 23.93 -52.74 -31.74
CA ASP F 127 23.54 -53.49 -30.56
C ASP F 127 22.56 -52.59 -29.79
N LYS F 128 21.28 -52.96 -29.81
CA LYS F 128 20.24 -52.15 -29.15
C LYS F 128 20.38 -52.09 -27.62
N ASP F 129 21.08 -53.06 -27.04
CA ASP F 129 21.33 -53.12 -25.58
C ASP F 129 22.48 -52.17 -25.11
N LYS F 130 23.16 -51.50 -26.05
CA LYS F 130 24.23 -50.56 -25.74
C LYS F 130 23.84 -49.09 -26.01
N ILE F 131 24.54 -48.20 -25.31
CA ILE F 131 24.34 -46.74 -25.41
C ILE F 131 25.47 -46.08 -26.23
N CYS F 132 25.13 -44.95 -26.86
CA CYS F 132 26.08 -44.18 -27.65
C CYS F 132 25.61 -42.70 -27.66
N GLY F 133 26.35 -41.85 -28.34
CA GLY F 133 26.00 -40.43 -28.43
C GLY F 133 25.54 -40.00 -29.79
N PRO F 134 25.37 -38.69 -29.98
CA PRO F 134 24.97 -38.21 -31.29
C PRO F 134 26.17 -38.09 -32.22
N ASN F 135 25.89 -37.96 -33.51
CA ASN F 135 26.92 -37.74 -34.52
C ASN F 135 27.17 -36.25 -34.65
N LEU F 136 26.09 -35.48 -34.54
CA LEU F 136 26.13 -34.03 -34.68
C LEU F 136 25.30 -33.37 -33.59
N ILE F 137 25.67 -32.12 -33.27
CA ILE F 137 24.95 -31.36 -32.25
C ILE F 137 24.56 -29.97 -32.75
N VAL F 138 23.33 -29.56 -32.48
CA VAL F 138 22.85 -28.21 -32.78
C VAL F 138 22.75 -27.61 -31.39
N ASP F 139 23.58 -26.61 -31.12
CA ASP F 139 23.63 -26.04 -29.79
C ASP F 139 23.31 -24.56 -29.82
N ASP F 140 22.66 -24.07 -28.76
CA ASP F 140 22.26 -22.68 -28.65
C ASP F 140 22.58 -22.20 -27.22
N GLY F 141 23.81 -21.74 -27.03
CA GLY F 141 24.27 -21.27 -25.73
C GLY F 141 25.44 -22.09 -25.20
N GLY F 142 25.67 -23.25 -25.82
CA GLY F 142 26.79 -24.12 -25.45
C GLY F 142 26.56 -25.14 -24.35
N ASP F 143 25.33 -25.31 -23.86
CA ASP F 143 25.07 -26.28 -22.78
C ASP F 143 25.28 -27.74 -23.19
N ALA F 144 24.93 -28.10 -24.41
CA ALA F 144 25.15 -29.45 -24.91
C ALA F 144 26.66 -29.72 -25.04
N THR F 145 27.36 -28.71 -25.51
CA THR F 145 28.81 -28.78 -25.67
C THR F 145 29.49 -28.81 -24.29
N LEU F 146 28.90 -28.12 -23.33
CA LEU F 146 29.43 -28.05 -21.96
C LEU F 146 29.32 -29.38 -21.24
N ILE F 147 28.13 -29.98 -21.25
CA ILE F 147 27.92 -31.23 -20.54
C ILE F 147 28.83 -32.32 -21.12
N LEU F 148 29.09 -32.28 -22.42
CA LEU F 148 30.01 -33.22 -23.07
C LEU F 148 31.43 -33.08 -22.54
N HIS F 149 31.97 -31.88 -22.62
CA HIS F 149 33.34 -31.61 -22.17
C HIS F 149 33.52 -31.80 -20.65
N GLU F 150 32.53 -31.40 -19.87
CA GLU F 150 32.58 -31.59 -18.42
C GLU F 150 32.41 -33.05 -18.05
N GLY F 151 31.67 -33.77 -18.89
CA GLY F 151 31.47 -35.21 -18.70
C GLY F 151 32.78 -35.95 -18.93
N VAL F 152 33.50 -35.59 -19.98
CA VAL F 152 34.80 -36.21 -20.27
C VAL F 152 35.77 -35.92 -19.12
N LYS F 153 35.81 -34.67 -18.66
CA LYS F 153 36.69 -34.30 -17.54
C LYS F 153 36.35 -35.09 -16.28
N ALA F 154 35.07 -35.24 -16.01
CA ALA F 154 34.60 -35.97 -14.84
C ALA F 154 35.03 -37.44 -14.89
N GLU F 155 34.93 -38.04 -16.07
CA GLU F 155 35.32 -39.44 -16.27
C GLU F 155 36.82 -39.67 -16.08
N ILE F 156 37.63 -38.72 -16.54
CA ILE F 156 39.09 -38.81 -16.42
C ILE F 156 39.50 -38.69 -14.93
N GLU F 157 38.86 -37.78 -14.22
CA GLU F 157 39.10 -37.57 -12.79
C GLU F 157 38.61 -38.77 -11.97
N TYR F 158 37.55 -39.42 -12.46
CA TYR F 158 36.99 -40.60 -11.80
C TYR F 158 37.96 -41.77 -11.87
N GLU F 159 38.52 -42.03 -13.06
CA GLU F 159 39.50 -43.12 -13.24
C GLU F 159 40.80 -42.88 -12.47
N LYS F 160 41.25 -41.64 -12.46
CA LYS F 160 42.49 -41.24 -11.78
C LYS F 160 42.51 -41.60 -10.28
N TYR F 161 41.47 -41.25 -9.55
CA TYR F 161 41.37 -41.50 -8.11
C TYR F 161 40.42 -42.67 -7.73
N ASN F 162 39.76 -43.25 -8.74
CA ASN F 162 38.84 -44.37 -8.57
C ASN F 162 37.67 -44.06 -7.60
N LYS F 163 37.23 -42.81 -7.58
CA LYS F 163 36.13 -42.33 -6.75
C LYS F 163 35.43 -41.13 -7.39
N ILE F 164 34.22 -40.84 -6.92
CA ILE F 164 33.47 -39.69 -7.43
C ILE F 164 34.27 -38.42 -7.09
N PRO F 165 34.58 -37.58 -8.11
CA PRO F 165 35.32 -36.34 -7.86
C PRO F 165 34.63 -35.46 -6.82
N GLU F 166 35.42 -34.90 -5.91
CA GLU F 166 34.87 -34.06 -4.82
C GLU F 166 34.20 -32.78 -5.30
N TYR F 167 34.54 -32.28 -6.49
CA TYR F 167 33.88 -31.05 -6.98
C TYR F 167 32.40 -31.29 -7.39
N LEU F 168 32.06 -32.54 -7.66
CA LEU F 168 30.68 -32.93 -8.04
C LEU F 168 29.77 -33.16 -6.83
N GLU F 169 30.34 -33.34 -5.64
CA GLU F 169 29.57 -33.60 -4.41
C GLU F 169 29.37 -32.34 -3.57
N THR F 170 30.35 -31.44 -3.60
CA THR F 170 30.24 -30.18 -2.83
C THR F 170 29.21 -29.25 -3.46
N GLU F 171 28.61 -28.44 -2.59
CA GLU F 171 27.59 -27.47 -2.97
C GLU F 171 28.25 -26.08 -3.15
N LEU F 172 29.53 -25.97 -2.80
CA LEU F 172 30.30 -24.73 -2.89
C LEU F 172 31.32 -24.83 -4.02
N ASP F 173 31.86 -23.69 -4.45
CA ASP F 173 32.88 -23.65 -5.52
C ASP F 173 34.28 -23.58 -4.89
N GLU F 174 35.30 -23.34 -5.71
CA GLU F 174 36.69 -23.26 -5.21
C GLU F 174 36.92 -22.12 -4.21
N ASN F 175 36.14 -21.03 -4.34
CA ASN F 175 36.26 -19.86 -3.48
C ASN F 175 35.28 -19.83 -2.27
N GLY F 176 34.51 -20.90 -2.06
CA GLY F 176 33.57 -20.98 -0.94
C GLY F 176 32.14 -20.46 -1.18
N LYS F 177 31.88 -19.90 -2.39
CA LYS F 177 30.55 -19.38 -2.74
C LYS F 177 29.66 -20.49 -3.29
N GLN F 178 28.35 -20.36 -3.09
CA GLN F 178 27.38 -21.32 -3.62
C GLN F 178 27.50 -21.45 -5.13
N LEU F 179 27.50 -22.69 -5.61
CA LEU F 179 27.54 -22.95 -7.04
C LEU F 179 26.19 -22.51 -7.60
N SER F 180 26.16 -22.13 -8.87
CA SER F 180 24.90 -21.76 -9.49
C SER F 180 24.03 -23.02 -9.58
N MET F 181 22.71 -22.82 -9.60
CA MET F 181 21.81 -23.97 -9.73
C MET F 181 22.13 -24.78 -10.98
N ASP F 182 22.45 -24.10 -12.07
CA ASP F 182 22.78 -24.77 -13.33
C ASP F 182 24.00 -25.69 -13.19
N LEU F 183 25.00 -25.27 -12.42
CA LEU F 183 26.16 -26.12 -12.19
C LEU F 183 25.83 -27.29 -11.26
N LYS F 184 25.09 -27.04 -10.19
CA LYS F 184 24.72 -28.09 -9.24
C LYS F 184 23.93 -29.19 -9.94
N CYS F 185 22.96 -28.78 -10.73
CA CYS F 185 22.09 -29.71 -11.45
C CYS F 185 22.79 -30.47 -12.57
N MET F 186 23.79 -29.87 -13.19
CA MET F 186 24.55 -30.57 -14.23
C MET F 186 25.45 -31.60 -13.53
N TYR F 187 26.11 -31.17 -12.46
CA TYR F 187 26.99 -32.02 -11.64
C TYR F 187 26.23 -33.23 -11.09
N LYS F 188 25.00 -33.00 -10.67
CA LYS F 188 24.13 -34.06 -10.16
C LYS F 188 23.91 -35.12 -11.27
N VAL F 189 23.74 -34.66 -12.51
CA VAL F 189 23.56 -35.55 -13.66
C VAL F 189 24.87 -36.29 -13.99
N LEU F 190 25.98 -35.56 -13.96
CA LEU F 190 27.28 -36.15 -14.25
C LEU F 190 27.63 -37.23 -13.21
N LYS F 191 27.35 -36.95 -11.94
CA LYS F 191 27.60 -37.92 -10.87
C LYS F 191 26.78 -39.18 -11.12
N MET F 192 25.50 -38.99 -11.41
CA MET F 192 24.59 -40.09 -11.69
C MET F 192 25.12 -40.96 -12.85
N GLU F 193 25.64 -40.32 -13.89
CA GLU F 193 26.18 -41.05 -15.06
C GLU F 193 27.53 -41.75 -14.79
N LEU F 194 28.31 -41.23 -13.87
CA LEU F 194 29.58 -41.89 -13.50
C LEU F 194 29.26 -43.23 -12.81
N LEU F 195 28.19 -43.23 -12.02
CA LEU F 195 27.76 -44.44 -11.31
C LEU F 195 27.17 -45.48 -12.27
N LYS F 196 26.50 -45.03 -13.31
CA LYS F 196 25.90 -45.93 -14.31
C LYS F 196 26.92 -46.46 -15.31
N ASN F 197 27.66 -45.56 -15.92
CA ASN F 197 28.65 -45.91 -16.94
C ASN F 197 29.74 -44.83 -17.03
N PRO F 198 30.91 -45.09 -16.41
CA PRO F 198 32.00 -44.10 -16.43
C PRO F 198 32.79 -43.98 -17.76
N PHE F 199 32.33 -44.64 -18.83
CA PHE F 199 32.96 -44.50 -20.15
C PHE F 199 31.94 -43.90 -21.15
N ARG F 200 30.81 -43.41 -20.64
CA ARG F 200 29.76 -42.81 -21.46
C ARG F 200 30.19 -41.66 -22.37
N TRP F 201 30.74 -40.62 -21.76
CA TRP F 201 31.14 -39.41 -22.48
C TRP F 201 32.31 -39.61 -23.45
N ARG F 202 33.35 -40.29 -23.01
CA ARG F 202 34.49 -40.57 -23.89
C ARG F 202 34.08 -41.50 -25.04
N GLY F 203 33.09 -42.36 -24.77
CA GLY F 203 32.56 -43.26 -25.79
C GLY F 203 31.82 -42.53 -26.88
N MET F 204 31.25 -41.37 -26.57
CA MET F 204 30.54 -40.56 -27.57
C MET F 204 31.49 -39.88 -28.55
N LEU F 205 32.71 -39.63 -28.12
CA LEU F 205 33.70 -38.95 -28.96
C LEU F 205 34.02 -39.70 -30.24
N LYS F 206 34.03 -41.03 -30.17
CA LYS F 206 34.32 -41.84 -31.35
C LYS F 206 33.46 -41.43 -32.56
N ASP F 207 32.16 -41.22 -32.33
CA ASP F 207 31.22 -40.88 -33.40
C ASP F 207 30.80 -39.41 -33.54
N LEU F 208 31.33 -38.51 -32.68
CA LEU F 208 30.99 -37.08 -32.80
C LEU F 208 31.77 -36.42 -33.90
N TYR F 209 31.05 -35.88 -34.89
CA TYR F 209 31.69 -35.22 -36.02
C TYR F 209 31.58 -33.69 -36.00
N GLY F 210 30.83 -33.16 -35.04
CA GLY F 210 30.72 -31.71 -34.91
C GLY F 210 29.50 -31.10 -34.23
N VAL F 211 29.64 -29.81 -33.96
CA VAL F 211 28.57 -29.00 -33.36
C VAL F 211 28.44 -27.69 -34.12
N SER F 212 27.21 -27.27 -34.39
CA SER F 212 26.94 -25.98 -35.03
C SER F 212 26.33 -25.12 -33.92
N GLU F 213 27.03 -24.05 -33.53
CA GLU F 213 26.61 -23.16 -32.44
C GLU F 213 25.89 -21.90 -32.94
N GLU F 214 24.72 -21.67 -32.38
CA GLU F 214 23.82 -20.59 -32.75
C GLU F 214 24.14 -19.20 -32.20
N THR F 215 24.69 -19.10 -30.99
CA THR F 215 24.83 -17.77 -30.38
C THR F 215 26.21 -17.26 -30.01
N THR F 216 26.26 -15.94 -29.78
CA THR F 216 27.46 -15.22 -29.43
C THR F 216 28.08 -15.80 -28.17
N THR F 217 27.25 -16.02 -27.15
CA THR F 217 27.68 -16.57 -25.88
C THR F 217 28.30 -17.96 -26.05
N GLY F 218 27.66 -18.82 -26.83
CA GLY F 218 28.19 -20.16 -27.09
C GLY F 218 29.46 -20.14 -27.89
N VAL F 219 29.54 -19.23 -28.86
CA VAL F 219 30.74 -19.08 -29.69
C VAL F 219 31.93 -18.66 -28.82
N LEU F 220 31.68 -17.81 -27.84
CA LEU F 220 32.72 -17.39 -26.91
C LEU F 220 33.28 -18.59 -26.17
N ARG F 221 32.40 -19.48 -25.70
CA ARG F 221 32.85 -20.68 -24.98
C ARG F 221 33.67 -21.58 -25.91
N LEU F 222 33.27 -21.70 -27.18
CA LEU F 222 34.01 -22.50 -28.15
C LEU F 222 35.40 -21.91 -28.43
N LYS F 223 35.47 -20.58 -28.55
CA LYS F 223 36.75 -19.91 -28.79
C LYS F 223 37.73 -20.03 -27.63
N ILE F 224 37.19 -20.11 -26.41
CA ILE F 224 38.05 -20.29 -25.23
C ILE F 224 38.61 -21.73 -25.27
N MET F 225 37.75 -22.72 -25.48
CA MET F 225 38.19 -24.11 -25.57
C MET F 225 39.21 -24.31 -26.69
N GLU F 226 38.96 -23.68 -27.84
CA GLU F 226 39.85 -23.75 -29.00
C GLU F 226 41.26 -23.27 -28.66
N SER F 227 41.34 -22.11 -28.02
CA SER F 227 42.65 -21.52 -27.66
C SER F 227 43.40 -22.29 -26.55
N GLU F 228 42.69 -23.10 -25.77
CA GLU F 228 43.33 -23.89 -24.71
C GLU F 228 43.61 -25.34 -25.18
N GLY F 229 43.27 -25.67 -26.43
CA GLY F 229 43.45 -27.01 -26.98
C GLY F 229 42.53 -28.03 -26.34
N LYS F 230 41.38 -27.57 -25.84
CA LYS F 230 40.43 -28.43 -25.14
C LYS F 230 39.12 -28.70 -25.91
N LEU F 231 39.03 -28.25 -27.15
CA LEU F 231 37.84 -28.47 -27.97
C LEU F 231 37.91 -29.90 -28.51
N LEU F 232 36.93 -30.72 -28.14
CA LEU F 232 36.93 -32.16 -28.52
C LEU F 232 36.17 -32.53 -29.80
N LEU F 233 35.68 -31.54 -30.55
CA LEU F 233 35.00 -31.83 -31.82
C LEU F 233 35.01 -30.60 -32.71
N PRO F 234 34.91 -30.78 -34.04
CA PRO F 234 34.87 -29.61 -34.94
C PRO F 234 33.62 -28.78 -34.64
N ALA F 235 33.71 -27.48 -34.89
CA ALA F 235 32.58 -26.62 -34.65
C ALA F 235 32.39 -25.58 -35.73
N ILE F 236 31.13 -25.25 -35.97
CA ILE F 236 30.77 -24.20 -36.89
C ILE F 236 30.06 -23.11 -36.11
N ASN F 237 30.60 -21.90 -36.25
CA ASN F 237 30.06 -20.68 -35.65
C ASN F 237 29.00 -20.17 -36.62
N VAL F 238 27.73 -20.46 -36.31
CA VAL F 238 26.62 -20.05 -37.15
C VAL F 238 26.26 -18.59 -36.88
N ASN F 239 26.42 -18.18 -35.62
CA ASN F 239 26.10 -16.81 -35.22
C ASN F 239 26.74 -15.76 -36.11
N ASP F 240 28.01 -15.95 -36.41
CA ASP F 240 28.76 -14.96 -37.19
C ASP F 240 28.54 -14.97 -38.70
N SER F 241 27.57 -15.75 -39.18
CA SER F 241 27.17 -15.64 -40.59
C SER F 241 26.51 -14.27 -40.66
N VAL F 242 26.69 -13.58 -41.77
CA VAL F 242 26.06 -12.27 -41.95
C VAL F 242 24.55 -12.44 -41.85
N THR F 243 24.01 -13.48 -42.49
CA THR F 243 22.57 -13.72 -42.49
C THR F 243 22.00 -14.20 -41.15
N LYS F 244 22.83 -14.20 -40.12
CA LYS F 244 22.37 -14.55 -38.78
C LYS F 244 22.62 -13.34 -37.85
N SER F 245 23.88 -13.04 -37.52
CA SER F 245 24.21 -11.91 -36.61
C SER F 245 23.63 -10.56 -37.04
N LYS F 246 23.59 -10.25 -38.33
CA LYS F 246 23.05 -8.98 -38.79
C LYS F 246 21.53 -8.93 -39.01
N PHE F 247 20.83 -10.03 -38.73
CA PHE F 247 19.37 -10.09 -38.91
C PHE F 247 18.65 -10.59 -37.65
N ASP F 248 18.88 -11.83 -37.30
CA ASP F 248 18.32 -12.43 -36.09
C ASP F 248 18.61 -11.54 -34.88
N ASN F 249 19.88 -11.30 -34.60
CA ASN F 249 20.26 -10.52 -33.43
C ASN F 249 19.69 -9.12 -33.40
N THR F 250 19.68 -8.46 -34.56
CA THR F 250 19.21 -7.09 -34.64
C THR F 250 17.70 -6.99 -34.88
N TYR F 251 17.25 -7.34 -36.08
CA TYR F 251 15.82 -7.23 -36.42
C TYR F 251 14.92 -8.21 -35.65
N GLY F 252 15.43 -9.36 -35.27
CA GLY F 252 14.65 -10.30 -34.48
C GLY F 252 14.30 -9.68 -33.14
N CYS F 253 15.31 -9.21 -32.41
CA CYS F 253 15.10 -8.58 -31.10
C CYS F 253 14.30 -7.29 -31.19
N ARG F 254 14.40 -6.57 -32.30
CA ARG F 254 13.65 -5.34 -32.46
C ARG F 254 12.16 -5.62 -32.27
N GLN F 255 11.70 -6.77 -32.77
CA GLN F 255 10.31 -7.16 -32.63
C GLN F 255 10.06 -7.98 -31.37
N SER F 256 10.90 -8.98 -31.10
CA SER F 256 10.68 -9.86 -29.98
C SER F 256 10.90 -9.22 -28.60
N LEU F 257 11.76 -8.21 -28.50
CA LEU F 257 11.93 -7.52 -27.21
C LEU F 257 10.60 -6.85 -26.87
N LEU F 258 10.04 -6.12 -27.84
CA LEU F 258 8.78 -5.43 -27.64
C LEU F 258 7.66 -6.40 -27.27
N HIS F 259 7.58 -7.52 -27.96
CA HIS F 259 6.54 -8.51 -27.68
C HIS F 259 6.67 -8.95 -26.22
N GLY F 260 7.90 -9.24 -25.79
CA GLY F 260 8.17 -9.64 -24.42
C GLY F 260 7.81 -8.57 -23.41
N LEU F 261 8.22 -7.33 -23.67
CA LEU F 261 7.89 -6.22 -22.77
C LEU F 261 6.40 -5.97 -22.73
N PHE F 262 5.73 -6.01 -23.88
CA PHE F 262 4.30 -5.77 -23.87
C PHE F 262 3.56 -6.82 -23.04
N ASN F 263 4.00 -8.07 -23.10
CA ASN F 263 3.36 -9.15 -22.32
C ASN F 263 3.70 -9.11 -20.83
N GLY F 264 4.95 -8.77 -20.49
CA GLY F 264 5.37 -8.77 -19.09
C GLY F 264 5.25 -7.46 -18.33
N CYS F 265 5.34 -6.36 -19.06
CA CYS F 265 5.30 -5.01 -18.48
C CYS F 265 4.01 -4.33 -18.91
N ILE F 266 3.17 -4.02 -17.93
CA ILE F 266 1.88 -3.40 -18.21
C ILE F 266 2.01 -1.94 -18.65
N GLN F 267 3.13 -1.30 -18.32
CA GLN F 267 3.31 0.13 -18.62
C GLN F 267 3.58 0.50 -20.07
N MET F 268 3.30 1.77 -20.36
CA MET F 268 3.51 2.36 -21.66
C MET F 268 4.99 2.67 -21.77
N LEU F 269 5.57 2.35 -22.92
CA LEU F 269 6.98 2.61 -23.13
C LEU F 269 7.24 4.06 -23.55
N ALA F 270 6.28 4.69 -24.22
CA ALA F 270 6.45 6.07 -24.68
C ALA F 270 6.80 7.04 -23.57
N GLY F 271 7.82 7.86 -23.82
CA GLY F 271 8.26 8.86 -22.86
C GLY F 271 9.12 8.34 -21.71
N LYS F 272 9.23 7.02 -21.58
CA LYS F 272 10.01 6.45 -20.51
C LYS F 272 11.47 6.46 -20.87
N LYS F 273 12.32 6.55 -19.85
CA LYS F 273 13.75 6.46 -20.04
C LYS F 273 14.06 4.99 -19.89
N ILE F 274 14.48 4.38 -20.99
CA ILE F 274 14.77 2.95 -21.02
C ILE F 274 16.24 2.77 -21.28
N VAL F 275 16.93 2.16 -20.32
CA VAL F 275 18.36 1.92 -20.46
C VAL F 275 18.61 0.59 -21.16
N VAL F 276 19.37 0.62 -22.24
CA VAL F 276 19.76 -0.59 -22.97
C VAL F 276 21.24 -0.78 -22.69
N LEU F 277 21.56 -1.78 -21.87
CA LEU F 277 22.94 -2.07 -21.51
C LEU F 277 23.54 -2.97 -22.59
N GLY F 278 24.46 -2.40 -23.36
CA GLY F 278 25.11 -3.10 -24.45
C GLY F 278 24.47 -2.63 -25.74
N TYR F 279 25.30 -2.20 -26.70
CA TYR F 279 24.85 -1.71 -27.99
C TYR F 279 25.58 -2.47 -29.10
N GLY F 280 25.48 -3.80 -29.01
CA GLY F 280 26.02 -4.69 -30.01
C GLY F 280 24.92 -4.97 -30.99
N GLU F 281 24.93 -6.15 -31.62
CA GLU F 281 23.90 -6.46 -32.61
C GLU F 281 22.51 -6.53 -31.99
N VAL F 282 22.40 -7.06 -30.77
CA VAL F 282 21.13 -7.14 -30.06
C VAL F 282 20.68 -5.75 -29.59
N GLY F 283 21.55 -5.06 -28.87
CA GLY F 283 21.26 -3.71 -28.36
C GLY F 283 20.80 -2.74 -29.44
N LYS F 284 21.46 -2.79 -30.59
CA LYS F 284 21.07 -1.92 -31.71
C LYS F 284 19.62 -2.13 -32.09
N GLY F 285 19.23 -3.39 -32.20
CA GLY F 285 17.85 -3.74 -32.54
C GLY F 285 16.88 -3.34 -31.47
N CYS F 286 17.23 -3.60 -30.22
CA CYS F 286 16.39 -3.22 -29.10
C CYS F 286 16.12 -1.74 -29.11
N ALA F 287 17.16 -0.94 -29.30
CA ALA F 287 17.05 0.51 -29.32
C ALA F 287 16.13 1.00 -30.43
N GLN F 288 16.24 0.44 -31.64
CA GLN F 288 15.32 0.83 -32.74
C GLN F 288 13.87 0.63 -32.38
N GLY F 289 13.58 -0.55 -31.83
CA GLY F 289 12.23 -0.92 -31.45
C GLY F 289 11.67 -0.03 -30.39
N LEU F 290 12.43 0.15 -29.31
CA LEU F 290 12.02 1.01 -28.21
C LEU F 290 11.73 2.45 -28.70
N SER F 291 12.62 3.02 -29.52
CA SER F 291 12.43 4.35 -30.08
C SER F 291 11.20 4.41 -30.93
N GLY F 292 10.98 3.34 -31.69
CA GLY F 292 9.85 3.22 -32.58
C GLY F 292 8.51 3.41 -31.90
N VAL F 293 8.44 3.10 -30.60
CA VAL F 293 7.21 3.26 -29.84
C VAL F 293 7.30 4.40 -28.81
N GLY F 294 8.21 5.35 -29.07
CA GLY F 294 8.32 6.56 -28.26
C GLY F 294 9.18 6.58 -27.03
N ALA F 295 9.93 5.52 -26.78
CA ALA F 295 10.77 5.49 -25.60
C ALA F 295 12.00 6.37 -25.81
N ARG F 296 12.55 6.87 -24.72
CA ARG F 296 13.79 7.64 -24.78
C ARG F 296 14.88 6.67 -24.32
N VAL F 297 15.61 6.13 -25.27
CA VAL F 297 16.63 5.15 -24.99
C VAL F 297 17.96 5.73 -24.53
N ILE F 298 18.48 5.20 -23.44
CA ILE F 298 19.79 5.57 -22.90
C ILE F 298 20.64 4.32 -22.99
N VAL F 299 21.82 4.44 -23.58
CA VAL F 299 22.70 3.29 -23.77
C VAL F 299 23.90 3.30 -22.83
N THR F 300 24.30 2.12 -22.36
CA THR F 300 25.55 2.00 -21.59
C THR F 300 26.37 1.07 -22.47
N GLU F 301 27.68 1.29 -22.46
CA GLU F 301 28.54 0.50 -23.31
C GLU F 301 29.98 0.63 -22.83
N ILE F 302 30.77 -0.42 -23.10
CA ILE F 302 32.21 -0.47 -22.72
C ILE F 302 33.12 -0.28 -23.93
N ASP F 303 32.57 -0.49 -25.12
CA ASP F 303 33.32 -0.40 -26.35
C ASP F 303 33.13 1.00 -26.93
N PRO F 304 34.23 1.75 -27.05
CA PRO F 304 34.11 3.11 -27.54
C PRO F 304 33.53 3.23 -28.96
N ILE F 305 33.72 2.22 -29.80
CA ILE F 305 33.18 2.25 -31.16
C ILE F 305 31.68 2.11 -31.10
N CYS F 306 31.21 1.12 -30.36
CA CYS F 306 29.77 0.91 -30.19
C CYS F 306 29.12 2.11 -29.51
N ALA F 307 29.81 2.73 -28.56
CA ALA F 307 29.28 3.92 -27.88
C ALA F 307 29.07 5.06 -28.87
N LEU F 308 30.05 5.27 -29.75
CA LEU F 308 29.93 6.30 -30.78
C LEU F 308 28.78 6.02 -31.74
N GLN F 309 28.58 4.77 -32.10
CA GLN F 309 27.48 4.41 -32.99
C GLN F 309 26.15 4.81 -32.36
N ALA F 310 25.98 4.51 -31.07
CA ALA F 310 24.77 4.86 -30.34
C ALA F 310 24.54 6.37 -30.37
N SER F 311 25.61 7.11 -30.14
CA SER F 311 25.54 8.57 -30.13
C SER F 311 25.11 9.12 -31.50
N MET F 312 25.63 8.53 -32.57
CA MET F 312 25.29 8.93 -33.93
C MET F 312 23.84 8.64 -34.30
N GLU F 313 23.19 7.73 -33.56
CA GLU F 313 21.78 7.43 -33.79
C GLU F 313 20.90 8.26 -32.85
N GLY F 314 21.49 9.23 -32.17
CA GLY F 314 20.77 10.14 -31.28
C GLY F 314 20.54 9.68 -29.86
N TYR F 315 21.24 8.64 -29.41
CA TYR F 315 21.04 8.15 -28.05
C TYR F 315 22.10 8.65 -27.08
N GLN F 316 21.65 9.00 -25.89
CA GLN F 316 22.52 9.40 -24.80
C GLN F 316 23.30 8.16 -24.37
N VAL F 317 24.59 8.32 -24.11
CA VAL F 317 25.42 7.19 -23.64
C VAL F 317 25.94 7.55 -22.26
N SER F 318 25.54 6.76 -21.25
CA SER F 318 25.89 7.00 -19.85
C SER F 318 26.36 5.75 -19.14
N VAL F 319 26.96 5.95 -17.97
CA VAL F 319 27.33 4.82 -17.10
C VAL F 319 26.09 4.62 -16.25
N LEU F 320 25.74 3.37 -15.98
CA LEU F 320 24.53 3.03 -15.22
C LEU F 320 24.35 3.84 -13.93
N GLU F 321 25.43 4.01 -13.16
CA GLU F 321 25.40 4.76 -11.89
C GLU F 321 24.79 6.16 -12.00
N ASP F 322 24.95 6.81 -13.15
CA ASP F 322 24.45 8.16 -13.36
C ASP F 322 22.99 8.24 -13.77
N VAL F 323 22.40 7.12 -14.17
CA VAL F 323 20.98 7.12 -14.59
C VAL F 323 20.12 6.09 -13.88
N VAL F 324 20.70 5.27 -13.03
CA VAL F 324 19.94 4.20 -12.34
C VAL F 324 18.78 4.70 -11.46
N SER F 325 18.94 5.84 -10.82
CA SER F 325 17.88 6.37 -9.95
C SER F 325 16.73 7.02 -10.71
N GLU F 326 16.96 7.47 -11.93
N GLU F 326 16.96 7.47 -11.93
CA GLU F 326 15.92 8.16 -12.70
CA GLU F 326 15.94 8.19 -12.69
C GLU F 326 15.33 7.39 -13.86
C GLU F 326 15.33 7.39 -13.86
N ALA F 327 15.99 6.33 -14.33
CA ALA F 327 15.45 5.56 -15.45
C ALA F 327 14.26 4.72 -15.01
N ASP F 328 13.44 4.34 -15.97
CA ASP F 328 12.19 3.60 -15.72
C ASP F 328 12.27 2.08 -15.97
N ILE F 329 12.99 1.68 -17.02
CA ILE F 329 13.11 0.29 -17.41
C ILE F 329 14.56 0.01 -17.78
N PHE F 330 15.05 -1.18 -17.45
CA PHE F 330 16.43 -1.58 -17.73
C PHE F 330 16.45 -2.90 -18.51
N ILE F 331 17.12 -2.90 -19.66
CA ILE F 331 17.23 -4.06 -20.53
C ILE F 331 18.70 -4.45 -20.69
N THR F 332 19.11 -5.62 -20.21
CA THR F 332 20.49 -6.09 -20.34
C THR F 332 20.68 -6.87 -21.64
N ALA F 333 21.63 -6.42 -22.46
CA ALA F 333 21.94 -7.07 -23.75
C ALA F 333 23.45 -7.13 -23.95
N THR F 334 24.17 -7.52 -22.89
CA THR F 334 25.63 -7.52 -22.89
C THR F 334 26.36 -8.83 -23.11
N GLY F 335 25.74 -9.94 -22.74
CA GLY F 335 26.41 -11.23 -22.80
C GLY F 335 27.46 -11.33 -21.70
N ASN F 336 27.40 -10.40 -20.74
CA ASN F 336 28.37 -10.29 -19.65
C ASN F 336 27.69 -10.63 -18.33
N LYS F 337 28.42 -10.51 -17.23
CA LYS F 337 27.94 -10.87 -15.90
C LYS F 337 27.85 -9.66 -14.97
N ASP F 338 26.84 -9.67 -14.11
CA ASP F 338 26.64 -8.62 -13.10
C ASP F 338 26.65 -7.19 -13.63
N VAL F 339 25.86 -6.94 -14.65
CA VAL F 339 25.76 -5.61 -15.25
C VAL F 339 24.70 -4.82 -14.47
N ILE F 340 23.82 -5.54 -13.77
CA ILE F 340 22.84 -4.95 -12.87
C ILE F 340 22.98 -5.70 -11.56
N THR F 341 23.54 -5.02 -10.57
CA THR F 341 23.79 -5.59 -9.24
C THR F 341 22.65 -5.27 -8.28
N VAL F 342 22.70 -5.88 -7.10
CA VAL F 342 21.74 -5.63 -6.05
C VAL F 342 21.85 -4.16 -5.62
N GLU F 343 23.07 -3.62 -5.55
CA GLU F 343 23.26 -2.22 -5.17
C GLU F 343 22.58 -1.28 -6.19
N HIS F 344 22.63 -1.65 -7.47
CA HIS F 344 21.95 -0.87 -8.48
C HIS F 344 20.44 -0.92 -8.28
N MET F 345 19.90 -2.12 -8.05
CA MET F 345 18.45 -2.27 -7.89
C MET F 345 17.89 -1.54 -6.67
N ARG F 346 18.69 -1.37 -5.63
CA ARG F 346 18.25 -0.65 -4.42
C ARG F 346 18.13 0.84 -4.65
N LYS F 347 18.81 1.35 -5.66
CA LYS F 347 18.76 2.78 -6.00
C LYS F 347 17.68 3.11 -7.04
N MET F 348 17.05 2.08 -7.62
CA MET F 348 16.02 2.28 -8.63
C MET F 348 14.74 2.84 -8.07
N LYS F 349 13.97 3.50 -8.92
CA LYS F 349 12.72 4.06 -8.45
C LYS F 349 11.60 3.03 -8.38
N GLU F 350 10.54 3.41 -7.67
CA GLU F 350 9.39 2.56 -7.44
C GLU F 350 8.83 1.95 -8.73
N ASN F 351 8.72 0.64 -8.71
CA ASN F 351 8.17 -0.17 -9.79
C ASN F 351 8.95 -0.09 -11.10
N ALA F 352 10.27 0.09 -10.98
CA ALA F 352 11.11 0.05 -12.15
C ALA F 352 11.10 -1.39 -12.65
N TYR F 353 11.09 -1.57 -13.96
CA TYR F 353 11.10 -2.89 -14.56
C TYR F 353 12.53 -3.26 -14.99
N ILE F 354 12.88 -4.52 -14.83
CA ILE F 354 14.20 -5.02 -15.16
C ILE F 354 14.03 -6.28 -16.03
N ALA F 355 14.76 -6.34 -17.14
CA ALA F 355 14.66 -7.49 -18.03
C ALA F 355 15.98 -7.77 -18.69
N ASN F 356 16.14 -9.01 -19.13
CA ASN F 356 17.35 -9.48 -19.79
C ASN F 356 17.01 -10.09 -21.13
N ILE F 357 17.71 -9.66 -22.18
CA ILE F 357 17.53 -10.22 -23.51
C ILE F 357 18.84 -10.82 -23.97
N GLY F 358 19.81 -10.83 -23.07
N GLY F 358 19.81 -10.84 -23.05
CA GLY F 358 21.13 -11.35 -23.34
CA GLY F 358 21.11 -11.43 -23.30
C GLY F 358 21.21 -12.85 -23.23
C GLY F 358 20.99 -12.87 -22.85
N HIS F 359 21.68 -13.35 -22.09
N HIS F 359 21.88 -13.75 -23.29
CA HIS F 359 21.88 -14.78 -21.94
CA HIS F 359 21.68 -15.21 -23.03
C HIS F 359 21.72 -15.26 -20.50
C HIS F 359 21.32 -15.93 -21.67
N PHE F 360 21.47 -16.55 -20.37
N PHE F 360 22.16 -15.75 -20.65
CA PHE F 360 21.27 -17.20 -19.08
CA PHE F 360 21.95 -16.35 -19.32
C PHE F 360 20.51 -16.27 -18.12
C PHE F 360 21.35 -15.42 -18.22
N ASP F 361 21.01 -16.11 -16.89
N ASP F 361 20.98 -15.98 -17.06
CA ASP F 361 20.33 -15.24 -15.93
CA ASP F 361 20.34 -15.21 -15.99
C ASP F 361 21.31 -14.46 -15.05
C ASP F 361 21.31 -14.46 -15.07
N ASP F 362 22.57 -14.38 -15.46
CA ASP F 362 23.59 -13.71 -14.65
C ASP F 362 23.91 -12.26 -15.04
N GLU F 363 23.25 -11.71 -16.06
CA GLU F 363 23.46 -10.31 -16.43
C GLU F 363 22.93 -9.45 -15.29
N ILE F 364 21.78 -9.84 -14.78
CA ILE F 364 21.16 -9.23 -13.62
C ILE F 364 21.50 -10.18 -12.47
N ASP F 365 21.82 -9.67 -11.30
CA ASP F 365 22.15 -10.54 -10.17
C ASP F 365 20.85 -11.00 -9.50
N VAL F 366 20.19 -11.95 -10.16
CA VAL F 366 18.93 -12.49 -9.66
C VAL F 366 19.14 -13.25 -8.36
N TYR F 367 20.23 -14.01 -8.28
CA TYR F 367 20.52 -14.78 -7.06
C TYR F 367 20.58 -13.85 -5.84
N GLY F 368 21.36 -12.76 -5.98
CA GLY F 368 21.50 -11.78 -4.92
C GLY F 368 20.19 -11.10 -4.52
N LEU F 369 19.34 -10.85 -5.53
CA LEU F 369 18.04 -10.23 -5.29
C LEU F 369 17.11 -11.18 -4.53
N GLU F 370 16.97 -12.41 -5.04
CA GLU F 370 16.09 -13.41 -4.42
C GLU F 370 16.52 -13.78 -3.00
N ASN F 371 17.83 -13.80 -2.76
CA ASN F 371 18.38 -14.16 -1.44
C ASN F 371 18.73 -12.95 -0.56
N TYR F 372 18.28 -11.76 -0.93
CA TYR F 372 18.56 -10.57 -0.12
C TYR F 372 17.82 -10.69 1.22
N PRO F 373 18.51 -10.38 2.35
CA PRO F 373 17.87 -10.50 3.67
C PRO F 373 16.59 -9.70 3.85
N GLY F 374 15.50 -10.41 4.15
CA GLY F 374 14.19 -9.82 4.40
C GLY F 374 13.43 -9.32 3.19
N ILE F 375 13.82 -9.75 2.00
CA ILE F 375 13.16 -9.30 0.80
C ILE F 375 11.82 -10.03 0.65
N LYS F 376 10.84 -9.32 0.12
CA LYS F 376 9.51 -9.89 -0.11
C LYS F 376 9.31 -9.99 -1.60
N VAL F 377 8.66 -11.07 -2.03
CA VAL F 377 8.40 -11.29 -3.44
C VAL F 377 6.97 -11.74 -3.65
N ILE F 378 6.35 -11.22 -4.70
CA ILE F 378 5.00 -11.63 -5.08
C ILE F 378 4.99 -11.86 -6.58
N GLU F 379 4.19 -12.84 -6.98
CA GLU F 379 4.02 -13.15 -8.38
C GLU F 379 2.96 -12.19 -8.94
N VAL F 380 3.35 -11.32 -9.87
CA VAL F 380 2.42 -10.37 -10.49
C VAL F 380 1.58 -11.13 -11.51
N LYS F 381 2.24 -12.03 -12.23
CA LYS F 381 1.61 -12.91 -13.19
C LYS F 381 2.65 -13.99 -13.52
N GLN F 382 2.33 -14.87 -14.46
CA GLN F 382 3.27 -15.91 -14.86
C GLN F 382 4.57 -15.25 -15.36
N ASN F 383 5.69 -15.64 -14.74
CA ASN F 383 7.02 -15.15 -15.09
C ASN F 383 7.24 -13.63 -14.87
N VAL F 384 6.56 -13.04 -13.89
CA VAL F 384 6.74 -11.62 -13.56
C VAL F 384 6.66 -11.51 -12.05
N HIS F 385 7.74 -11.08 -11.42
CA HIS F 385 7.81 -11.00 -9.96
C HIS F 385 8.24 -9.61 -9.48
N LYS F 386 7.57 -9.14 -8.44
CA LYS F 386 7.85 -7.85 -7.82
C LYS F 386 8.57 -8.09 -6.51
N PHE F 387 9.77 -7.53 -6.37
CA PHE F 387 10.60 -7.68 -5.18
C PHE F 387 10.59 -6.36 -4.42
N THR F 388 10.33 -6.42 -3.11
CA THR F 388 10.27 -5.24 -2.26
C THR F 388 11.37 -5.31 -1.20
N PHE F 389 12.23 -4.30 -1.14
CA PHE F 389 13.31 -4.26 -0.14
C PHE F 389 12.73 -3.81 1.20
N PRO F 390 13.17 -4.42 2.31
CA PRO F 390 12.58 -4.11 3.64
C PRO F 390 12.90 -2.72 4.22
N ASP F 391 14.10 -2.20 3.97
CA ASP F 391 14.51 -0.89 4.51
C ASP F 391 13.86 0.33 3.81
N THR F 392 13.89 0.34 2.49
CA THR F 392 13.33 1.44 1.73
C THR F 392 11.84 1.26 1.40
N GLN F 393 11.37 0.01 1.44
CA GLN F 393 9.99 -0.34 1.07
C GLN F 393 9.73 -0.09 -0.42
N LYS F 394 10.80 0.09 -1.20
CA LYS F 394 10.68 0.31 -2.64
C LYS F 394 10.71 -1.05 -3.34
N SER F 395 10.06 -1.11 -4.49
CA SER F 395 9.99 -2.35 -5.25
C SER F 395 10.54 -2.25 -6.67
N VAL F 396 10.96 -3.39 -7.20
CA VAL F 396 11.41 -3.51 -8.59
C VAL F 396 10.70 -4.72 -9.16
N ILE F 397 10.40 -4.68 -10.45
CA ILE F 397 9.68 -5.76 -11.08
C ILE F 397 10.59 -6.42 -12.08
N LEU F 398 10.82 -7.72 -11.86
CA LEU F 398 11.72 -8.52 -12.69
C LEU F 398 10.92 -9.41 -13.62
N LEU F 399 11.27 -9.38 -14.90
CA LEU F 399 10.61 -10.25 -15.88
C LEU F 399 11.41 -11.54 -16.07
N CYS F 400 10.69 -12.67 -16.06
CA CYS F 400 11.27 -14.01 -16.27
C CYS F 400 12.42 -14.39 -15.37
N LYS F 401 12.43 -13.96 -14.12
CA LYS F 401 13.54 -14.32 -13.24
C LYS F 401 14.90 -14.07 -13.91
N GLY F 402 14.98 -12.99 -14.69
CA GLY F 402 16.22 -12.61 -15.34
C GLY F 402 16.65 -13.40 -16.56
N ARG F 403 15.77 -14.26 -17.07
CA ARG F 403 16.06 -15.05 -18.27
C ARG F 403 15.50 -14.35 -19.52
N LEU F 404 15.89 -14.81 -20.71
CA LEU F 404 15.46 -14.18 -21.98
C LEU F 404 14.02 -13.71 -21.97
N VAL F 405 13.82 -12.40 -21.96
CA VAL F 405 12.48 -11.84 -21.91
C VAL F 405 11.68 -12.12 -23.17
N ASN F 406 12.33 -12.10 -24.33
CA ASN F 406 11.63 -12.32 -25.59
C ASN F 406 11.11 -13.75 -25.77
N LEU F 407 11.82 -14.71 -25.21
CA LEU F 407 11.43 -16.13 -25.28
C LEU F 407 10.68 -16.60 -24.03
N GLY F 408 10.82 -15.87 -22.92
CA GLY F 408 10.18 -16.23 -21.67
C GLY F 408 8.79 -15.65 -21.50
N CYS F 409 8.66 -14.35 -21.77
CA CYS F 409 7.37 -13.66 -21.69
C CYS F 409 6.63 -13.64 -23.03
N ALA F 410 7.32 -14.03 -24.10
CA ALA F 410 6.73 -14.06 -25.43
C ALA F 410 7.22 -15.29 -26.19
N THR F 411 7.03 -15.30 -27.50
CA THR F 411 7.37 -16.46 -28.33
C THR F 411 8.66 -16.35 -29.14
N GLY F 412 9.53 -15.43 -28.76
CA GLY F 412 10.82 -15.26 -29.46
C GLY F 412 10.70 -14.61 -30.82
N HIS F 413 11.78 -14.69 -31.60
CA HIS F 413 11.78 -14.08 -32.93
C HIS F 413 10.75 -14.72 -33.84
N PRO F 414 10.28 -13.95 -34.82
CA PRO F 414 9.32 -14.46 -35.77
C PRO F 414 9.96 -15.34 -36.84
N PRO F 415 9.14 -16.09 -37.57
CA PRO F 415 9.64 -17.06 -38.56
C PRO F 415 10.64 -16.58 -39.61
N LEU F 416 10.39 -15.44 -40.23
CA LEU F 416 11.27 -14.97 -41.30
C LEU F 416 12.75 -14.93 -40.91
N VAL F 417 13.09 -14.26 -39.82
CA VAL F 417 14.50 -14.19 -39.43
C VAL F 417 15.00 -15.51 -38.88
N MET F 418 14.15 -16.30 -38.24
CA MET F 418 14.60 -17.60 -37.74
C MET F 418 14.88 -18.54 -38.91
N SER F 419 14.18 -18.36 -40.02
CA SER F 419 14.44 -19.18 -41.21
C SER F 419 15.84 -18.88 -41.74
N MET F 420 16.25 -17.62 -41.65
CA MET F 420 17.59 -17.22 -42.08
C MET F 420 18.63 -17.87 -41.17
N SER F 421 18.40 -17.80 -39.86
CA SER F 421 19.34 -18.41 -38.91
C SER F 421 19.37 -19.92 -39.07
N PHE F 422 18.19 -20.53 -39.22
CA PHE F 422 18.09 -21.97 -39.31
C PHE F 422 18.51 -22.54 -40.66
N THR F 423 18.45 -21.74 -41.72
CA THR F 423 18.93 -22.21 -43.02
C THR F 423 20.45 -22.36 -42.86
N ASN F 424 21.06 -21.42 -42.15
CA ASN F 424 22.51 -21.50 -41.83
C ASN F 424 22.77 -22.76 -41.00
N GLN F 425 21.93 -23.04 -40.01
CA GLN F 425 22.09 -24.26 -39.18
C GLN F 425 22.09 -25.54 -40.00
N VAL F 426 21.10 -25.68 -40.87
CA VAL F 426 21.03 -26.88 -41.70
C VAL F 426 22.27 -27.00 -42.58
N LEU F 427 22.69 -25.90 -43.18
CA LEU F 427 23.87 -25.90 -44.04
C LEU F 427 25.12 -26.27 -43.26
N ALA F 428 25.16 -25.86 -42.00
CA ALA F 428 26.30 -26.19 -41.11
C ALA F 428 26.32 -27.66 -40.79
N GLN F 429 25.14 -28.21 -40.48
CA GLN F 429 25.01 -29.64 -40.18
C GLN F 429 25.42 -30.46 -41.40
N MET F 430 24.99 -30.03 -42.60
CA MET F 430 25.37 -30.73 -43.83
C MET F 430 26.88 -30.67 -44.07
N ASP F 431 27.50 -29.55 -43.73
CA ASP F 431 28.93 -29.37 -43.90
C ASP F 431 29.71 -30.31 -42.97
N LEU F 432 29.33 -30.33 -41.69
CA LEU F 432 29.99 -31.19 -40.70
C LEU F 432 29.83 -32.67 -41.05
N TRP F 433 28.64 -33.06 -41.48
CA TRP F 433 28.36 -34.45 -41.85
C TRP F 433 29.12 -34.89 -43.09
N LYS F 434 29.16 -34.03 -44.10
CA LYS F 434 29.84 -34.35 -45.35
C LYS F 434 31.36 -34.45 -45.14
N SER F 435 31.88 -33.82 -44.08
CA SER F 435 33.31 -33.80 -43.76
C SER F 435 33.73 -34.85 -42.72
N ARG F 436 32.83 -35.76 -42.32
CA ARG F 436 33.16 -36.82 -41.37
C ARG F 436 34.50 -37.55 -41.51
N GLU F 437 34.85 -37.89 -42.75
CA GLU F 437 36.08 -38.64 -43.01
C GLU F 437 37.34 -37.93 -42.54
N LEU F 438 37.32 -36.60 -42.58
CA LEU F 438 38.46 -35.78 -42.15
C LEU F 438 38.63 -35.71 -40.62
N VAL F 439 37.68 -36.23 -39.85
CA VAL F 439 37.78 -36.24 -38.40
C VAL F 439 38.49 -37.52 -38.00
N ASP F 440 39.82 -37.41 -37.80
CA ASP F 440 40.66 -38.54 -37.44
C ASP F 440 41.08 -38.42 -35.98
N ARG F 441 40.45 -39.20 -35.12
CA ARG F 441 40.78 -39.17 -33.66
C ARG F 441 41.93 -40.08 -33.26
N SER F 442 42.50 -40.81 -34.23
CA SER F 442 43.61 -41.71 -33.90
C SER F 442 44.91 -40.91 -33.76
N LYS F 443 44.83 -39.62 -34.07
CA LYS F 443 45.95 -38.67 -33.94
C LYS F 443 45.59 -37.62 -32.89
N ASN F 444 46.41 -36.58 -32.77
CA ASN F 444 46.19 -35.43 -31.88
C ASN F 444 44.94 -34.48 -32.04
N THR F 445 43.91 -34.80 -31.23
CA THR F 445 42.68 -34.18 -31.25
C THR F 445 42.75 -32.68 -31.01
N ARG F 446 43.17 -31.91 -32.01
CA ARG F 446 42.98 -30.43 -31.91
C ARG F 446 41.89 -30.02 -32.84
N PHE F 447 40.68 -29.63 -32.44
CA PHE F 447 39.68 -29.16 -33.34
C PHE F 447 39.57 -27.65 -33.23
N PHE F 448 39.05 -27.05 -34.32
CA PHE F 448 38.89 -25.60 -34.39
C PHE F 448 37.46 -25.20 -34.77
N VAL F 449 37.21 -23.89 -34.71
CA VAL F 449 35.92 -23.30 -35.05
C VAL F 449 36.03 -22.61 -36.39
N LYS F 450 35.11 -22.90 -37.31
CA LYS F 450 35.11 -22.24 -38.61
C LYS F 450 33.72 -21.66 -38.87
N LYS F 451 33.61 -20.87 -39.93
CA LYS F 451 32.36 -20.23 -40.33
C LYS F 451 32.00 -20.70 -41.70
N LEU F 452 30.74 -20.50 -42.08
CA LEU F 452 30.28 -20.84 -43.39
C LEU F 452 30.82 -19.83 -44.39
N SER F 453 30.94 -20.24 -45.64
CA SER F 453 31.45 -19.37 -46.68
C SER F 453 30.46 -18.23 -47.01
N LYS F 454 30.99 -17.19 -47.64
CA LYS F 454 30.18 -16.08 -48.07
C LYS F 454 29.18 -16.54 -49.14
N GLU F 455 29.59 -17.48 -50.00
CA GLU F 455 28.68 -18.03 -51.04
C GLU F 455 27.39 -18.51 -50.41
N LEU F 456 27.53 -19.31 -49.35
CA LEU F 456 26.35 -19.84 -48.65
C LEU F 456 25.61 -18.76 -47.91
N ASP F 457 26.36 -17.79 -47.40
CA ASP F 457 25.78 -16.71 -46.63
C ASP F 457 24.85 -15.92 -47.60
N GLU F 458 25.34 -15.63 -48.81
CA GLU F 458 24.54 -14.94 -49.81
C GLU F 458 23.37 -15.80 -50.28
N TYR F 459 23.58 -17.11 -50.37
CA TYR F 459 22.54 -18.05 -50.75
C TYR F 459 21.37 -17.97 -49.76
N VAL F 460 21.67 -17.94 -48.47
CA VAL F 460 20.61 -17.84 -47.45
C VAL F 460 19.76 -16.61 -47.74
N ALA F 461 20.40 -15.48 -48.04
CA ALA F 461 19.65 -14.28 -48.35
C ALA F 461 18.81 -14.46 -49.63
N ARG F 462 19.40 -15.01 -50.70
CA ARG F 462 18.64 -15.22 -51.95
C ARG F 462 17.35 -15.99 -51.74
N LEU F 463 17.43 -17.04 -50.92
CA LEU F 463 16.30 -17.88 -50.64
C LEU F 463 15.11 -17.15 -49.99
N HIS F 464 15.35 -15.99 -49.38
CA HIS F 464 14.26 -15.25 -48.73
C HIS F 464 13.80 -13.99 -49.45
N LEU F 465 14.35 -13.70 -50.63
CA LEU F 465 13.95 -12.49 -51.35
C LEU F 465 12.48 -12.46 -51.79
N ASP F 466 11.97 -13.56 -52.35
CA ASP F 466 10.57 -13.62 -52.83
C ASP F 466 9.53 -13.40 -51.74
N VAL F 467 9.81 -13.87 -50.53
CA VAL F 467 8.90 -13.66 -49.40
C VAL F 467 8.47 -12.20 -49.36
N LEU F 468 9.43 -11.28 -49.48
CA LEU F 468 9.17 -9.85 -49.36
C LEU F 468 9.05 -9.07 -50.67
N GLY F 469 8.90 -9.77 -51.79
CA GLY F 469 8.77 -9.12 -53.08
C GLY F 469 9.99 -8.32 -53.52
N ILE F 470 11.17 -8.70 -53.03
CA ILE F 470 12.42 -8.03 -53.36
C ILE F 470 12.86 -8.41 -54.76
N LYS F 471 13.20 -7.41 -55.57
CA LYS F 471 13.68 -7.66 -56.93
C LYS F 471 15.16 -7.30 -57.02
N LEU F 472 16.01 -8.30 -57.19
CA LEU F 472 17.44 -8.05 -57.32
C LEU F 472 17.82 -7.61 -58.69
N THR F 473 18.77 -6.68 -58.75
CA THR F 473 19.32 -6.22 -60.01
C THR F 473 20.45 -7.19 -60.35
N LYS F 474 20.67 -7.44 -61.64
CA LYS F 474 21.72 -8.35 -62.08
C LYS F 474 22.82 -7.53 -62.77
N LEU F 475 24.06 -7.79 -62.39
CA LEU F 475 25.19 -7.09 -62.98
C LEU F 475 25.39 -7.50 -64.44
N THR F 476 25.86 -6.55 -65.25
CA THR F 476 26.19 -6.85 -66.64
C THR F 476 27.62 -7.38 -66.58
N GLU F 477 28.09 -7.97 -67.67
CA GLU F 477 29.45 -8.51 -67.70
C GLU F 477 30.48 -7.38 -67.45
N THR F 478 30.24 -6.19 -68.02
CA THR F 478 31.12 -5.04 -67.86
C THR F 478 31.14 -4.52 -66.43
N GLN F 479 29.96 -4.45 -65.80
CA GLN F 479 29.86 -4.00 -64.42
C GLN F 479 30.56 -4.96 -63.48
N ALA F 480 30.39 -6.25 -63.71
CA ALA F 480 31.02 -7.28 -62.88
C ALA F 480 32.54 -7.15 -62.94
N LYS F 481 33.05 -6.90 -64.14
CA LYS F 481 34.47 -6.71 -64.31
C LYS F 481 34.93 -5.42 -63.65
N TYR F 482 34.11 -4.38 -63.74
CA TYR F 482 34.45 -3.08 -63.19
C TYR F 482 34.63 -3.13 -61.67
N ILE F 483 33.71 -3.78 -60.95
CA ILE F 483 33.82 -3.90 -59.48
C ILE F 483 34.55 -5.19 -59.04
N ASN F 484 35.06 -5.92 -60.03
CA ASN F 484 35.89 -7.11 -59.79
C ASN F 484 35.21 -8.26 -59.04
N VAL F 485 34.01 -8.62 -59.49
CA VAL F 485 33.27 -9.73 -58.89
C VAL F 485 32.63 -10.57 -59.97
N SER F 486 32.21 -11.76 -59.58
CA SER F 486 31.50 -12.64 -60.48
C SER F 486 30.04 -12.18 -60.50
N ILE F 487 29.38 -12.34 -61.63
CA ILE F 487 27.96 -11.98 -61.72
C ILE F 487 27.15 -12.70 -60.63
N ASN F 488 27.56 -13.91 -60.28
CA ASN F 488 26.86 -14.72 -59.27
C ASN F 488 27.44 -14.57 -57.87
N GLY F 489 28.38 -13.63 -57.68
CA GLY F 489 28.97 -13.42 -56.37
C GLY F 489 30.09 -14.40 -56.05
N PRO F 490 30.66 -14.30 -54.84
CA PRO F 490 30.27 -13.31 -53.82
C PRO F 490 30.61 -11.87 -54.23
N TYR F 491 29.84 -10.93 -53.71
CA TYR F 491 29.94 -9.52 -54.06
C TYR F 491 30.78 -8.65 -53.13
N LYS F 492 31.18 -9.19 -51.99
CA LYS F 492 31.95 -8.41 -51.02
C LYS F 492 33.18 -9.17 -50.54
N SER F 493 34.18 -8.43 -50.07
CA SER F 493 35.40 -9.02 -49.49
C SER F 493 35.04 -9.68 -48.17
N GLU F 494 35.89 -10.58 -47.69
CA GLU F 494 35.63 -11.28 -46.42
C GLU F 494 35.56 -10.38 -45.20
N ASP F 495 36.21 -9.23 -45.25
CA ASP F 495 36.21 -8.30 -44.13
C ASP F 495 35.08 -7.26 -44.16
N TYR F 496 34.20 -7.33 -45.17
CA TYR F 496 33.10 -6.38 -45.31
C TYR F 496 32.12 -6.54 -44.15
N ARG F 497 31.69 -5.42 -43.60
CA ARG F 497 30.83 -5.44 -42.41
C ARG F 497 29.33 -5.23 -42.63
N TYR F 498 28.90 -4.97 -43.85
CA TYR F 498 27.46 -4.76 -44.14
C TYR F 498 26.87 -3.70 -43.21
N TYR G 4 -32.83 -6.61 -11.85
CA TYR G 4 -33.26 -7.86 -11.18
C TYR G 4 -32.03 -8.64 -10.65
N LYS G 5 -30.80 -8.17 -10.92
CA LYS G 5 -29.60 -8.85 -10.42
C LYS G 5 -28.75 -8.05 -9.39
N MET G 6 -28.73 -8.57 -8.16
CA MET G 6 -27.92 -8.03 -7.05
C MET G 6 -26.43 -8.41 -7.20
N GLU G 7 -26.18 -9.69 -7.56
CA GLU G 7 -24.85 -10.26 -7.69
C GLU G 7 -24.28 -10.18 -9.09
N SER G 8 -22.96 -10.13 -9.13
CA SER G 8 -22.19 -10.04 -10.36
C SER G 8 -22.12 -11.36 -11.11
N ARG G 9 -21.88 -11.25 -12.41
CA ARG G 9 -21.64 -12.40 -13.30
C ARG G 9 -20.27 -12.20 -13.93
N ILE G 10 -19.28 -12.94 -13.41
CA ILE G 10 -17.91 -12.88 -13.89
C ILE G 10 -17.40 -14.31 -14.07
N LYS G 11 -16.18 -14.48 -14.57
CA LYS G 11 -15.65 -15.82 -14.74
C LYS G 11 -15.15 -16.45 -13.45
N ASP G 12 -14.28 -15.76 -12.72
CA ASP G 12 -13.62 -16.36 -11.56
C ASP G 12 -13.13 -15.34 -10.54
N ILE G 13 -13.82 -15.30 -9.40
CA ILE G 13 -13.50 -14.39 -8.30
C ILE G 13 -12.09 -14.61 -7.73
N SER G 14 -11.55 -15.84 -7.86
CA SER G 14 -10.21 -16.15 -7.31
C SER G 14 -9.06 -15.45 -8.04
N LEU G 15 -9.35 -14.83 -9.19
CA LEU G 15 -8.35 -14.08 -9.93
C LEU G 15 -8.19 -12.65 -9.34
N ALA G 16 -9.00 -12.34 -8.33
CA ALA G 16 -8.99 -11.01 -7.70
C ALA G 16 -7.63 -10.51 -7.25
N GLU G 17 -6.85 -11.37 -6.61
CA GLU G 17 -5.54 -10.95 -6.09
C GLU G 17 -4.60 -10.45 -7.19
N PHE G 18 -4.58 -11.14 -8.34
N PHE G 18 -4.59 -11.13 -8.34
CA PHE G 18 -3.75 -10.72 -9.48
CA PHE G 18 -3.74 -10.71 -9.46
C PHE G 18 -4.22 -9.37 -10.02
C PHE G 18 -4.22 -9.37 -10.02
N GLY G 19 -5.54 -9.18 -10.05
CA GLY G 19 -6.13 -7.93 -10.52
C GLY G 19 -5.77 -6.75 -9.65
N LEU G 20 -5.80 -6.96 -8.33
CA LEU G 20 -5.46 -5.90 -7.37
C LEU G 20 -3.99 -5.52 -7.46
N GLN G 21 -3.12 -6.51 -7.71
N GLN G 21 -3.12 -6.52 -7.70
CA GLN G 21 -1.69 -6.26 -7.87
CA GLN G 21 -1.69 -6.27 -7.85
C GLN G 21 -1.43 -5.44 -9.12
C GLN G 21 -1.42 -5.44 -9.11
N ASP G 22 -2.07 -5.79 -10.23
CA ASP G 22 -1.92 -5.06 -11.49
C ASP G 22 -2.47 -3.64 -11.37
N MET G 23 -3.57 -3.48 -10.63
CA MET G 23 -4.13 -2.15 -10.42
C MET G 23 -3.13 -1.24 -9.72
N GLU G 24 -2.48 -1.75 -8.68
CA GLU G 24 -1.50 -0.94 -7.93
C GLU G 24 -0.28 -0.59 -8.78
N ILE G 25 0.16 -1.50 -9.63
CA ILE G 25 1.30 -1.23 -10.50
C ILE G 25 0.90 -0.20 -11.57
N ALA G 26 -0.30 -0.37 -12.12
CA ALA G 26 -0.82 0.56 -13.11
C ALA G 26 -0.96 1.97 -12.56
N LYS G 27 -1.37 2.10 -11.30
CA LYS G 27 -1.52 3.43 -10.67
C LYS G 27 -0.22 4.23 -10.57
N THR G 28 0.92 3.57 -10.69
CA THR G 28 2.19 4.28 -10.69
C THR G 28 2.20 5.32 -11.81
N ASP G 29 1.59 4.97 -12.95
CA ASP G 29 1.50 5.84 -14.11
C ASP G 29 0.18 6.58 -14.30
N MET G 30 -0.91 6.10 -13.68
CA MET G 30 -2.21 6.76 -13.85
C MET G 30 -2.37 7.88 -12.83
N MET G 31 -1.44 8.85 -12.85
N MET G 31 -1.46 8.85 -12.86
CA MET G 31 -1.46 9.93 -11.87
CA MET G 31 -1.47 9.93 -11.86
C MET G 31 -2.71 10.82 -11.87
C MET G 31 -2.71 10.82 -11.87
N GLY G 32 -3.38 10.90 -13.00
CA GLY G 32 -4.58 11.71 -13.10
C GLY G 32 -5.66 11.14 -12.19
N LEU G 33 -5.91 9.85 -12.32
CA LEU G 33 -6.90 9.19 -11.49
C LEU G 33 -6.48 9.18 -10.03
N VAL G 34 -5.19 8.99 -9.77
CA VAL G 34 -4.67 8.99 -8.40
C VAL G 34 -4.88 10.36 -7.76
N GLU G 35 -4.66 11.43 -8.52
CA GLU G 35 -4.84 12.77 -8.00
C GLU G 35 -6.31 13.08 -7.72
N LEU G 36 -7.21 12.64 -8.61
CA LEU G 36 -8.65 12.84 -8.39
C LEU G 36 -9.09 12.09 -7.14
N GLN G 37 -8.56 10.88 -6.93
CA GLN G 37 -8.91 10.15 -5.73
C GLN G 37 -8.45 10.91 -4.50
N ARG G 38 -7.20 11.37 -4.51
CA ARG G 38 -6.65 12.11 -3.37
C ARG G 38 -7.40 13.41 -3.09
N LYS G 39 -7.80 14.10 -4.15
CA LYS G 39 -8.47 15.37 -4.01
C LYS G 39 -9.95 15.29 -3.61
N TYR G 40 -10.66 14.27 -4.10
CA TYR G 40 -12.09 14.17 -3.88
C TYR G 40 -12.64 13.00 -3.04
N ARG G 41 -11.77 12.12 -2.55
CA ARG G 41 -12.26 10.98 -1.74
C ARG G 41 -12.97 11.41 -0.45
N ASP G 42 -12.65 12.59 0.08
CA ASP G 42 -13.32 13.07 1.30
C ASP G 42 -14.63 13.78 1.04
N SER G 43 -14.64 14.69 0.07
CA SER G 43 -15.84 15.48 -0.26
C SER G 43 -16.91 14.67 -1.01
N LYS G 44 -16.53 13.56 -1.65
CA LYS G 44 -17.47 12.69 -2.36
C LYS G 44 -18.41 13.46 -3.31
N PRO G 45 -17.86 14.09 -4.36
CA PRO G 45 -18.70 14.87 -5.27
C PRO G 45 -19.78 14.07 -6.00
N LEU G 46 -19.60 12.76 -6.14
CA LEU G 46 -20.58 11.88 -6.80
C LEU G 46 -21.45 11.09 -5.80
N LYS G 47 -21.47 11.50 -4.54
CA LYS G 47 -22.25 10.79 -3.50
C LYS G 47 -23.71 10.65 -3.90
N GLY G 48 -24.20 9.41 -3.90
CA GLY G 48 -25.59 9.10 -4.24
C GLY G 48 -25.85 8.79 -5.70
N ALA G 49 -24.86 9.02 -6.56
CA ALA G 49 -25.04 8.78 -7.98
C ALA G 49 -24.95 7.32 -8.33
N ARG G 50 -25.88 6.87 -9.17
CA ARG G 50 -25.89 5.50 -9.67
C ARG G 50 -25.32 5.56 -11.07
N ILE G 51 -24.14 4.96 -11.27
CA ILE G 51 -23.44 4.99 -12.55
C ILE G 51 -23.35 3.62 -13.21
N THR G 52 -23.84 3.54 -14.44
CA THR G 52 -23.75 2.31 -15.25
C THR G 52 -22.69 2.58 -16.30
N GLY G 53 -21.74 1.66 -16.43
CA GLY G 53 -20.69 1.81 -17.43
C GLY G 53 -20.61 0.67 -18.44
N SER G 54 -20.45 1.03 -19.72
CA SER G 54 -20.26 0.07 -20.81
C SER G 54 -18.92 0.44 -21.42
N LEU G 55 -17.86 -0.23 -20.95
CA LEU G 55 -16.50 0.07 -21.39
C LEU G 55 -15.54 -1.06 -21.05
N HIS G 56 -14.76 -1.51 -22.05
CA HIS G 56 -13.75 -2.58 -21.92
C HIS G 56 -13.28 -2.73 -20.49
N LEU G 57 -13.66 -3.82 -19.83
CA LEU G 57 -13.29 -3.98 -18.42
C LEU G 57 -11.86 -4.53 -18.28
N THR G 58 -10.92 -3.61 -18.41
CA THR G 58 -9.50 -3.89 -18.30
C THR G 58 -9.01 -3.41 -16.94
N ILE G 59 -7.73 -3.65 -16.66
CA ILE G 59 -7.12 -3.17 -15.42
C ILE G 59 -7.23 -1.64 -15.37
N GLU G 60 -6.98 -0.99 -16.49
CA GLU G 60 -7.06 0.46 -16.56
C GLU G 60 -8.47 0.93 -16.22
N THR G 61 -9.48 0.24 -16.77
CA THR G 61 -10.87 0.58 -16.49
C THR G 61 -11.18 0.34 -15.00
N SER G 62 -10.55 -0.67 -14.39
CA SER G 62 -10.78 -0.93 -12.97
C SER G 62 -10.36 0.25 -12.10
N VAL G 63 -9.31 0.95 -12.51
CA VAL G 63 -8.84 2.11 -11.77
C VAL G 63 -9.86 3.25 -11.96
N LEU G 64 -10.43 3.36 -13.16
CA LEU G 64 -11.48 4.36 -13.42
C LEU G 64 -12.65 4.10 -12.48
N VAL G 65 -13.13 2.86 -12.48
CA VAL G 65 -14.25 2.45 -11.64
C VAL G 65 -13.94 2.71 -10.17
N GLU G 66 -12.71 2.39 -9.76
CA GLU G 66 -12.30 2.62 -8.38
C GLU G 66 -12.35 4.11 -8.06
N THR G 67 -11.94 4.94 -9.01
CA THR G 67 -11.95 6.39 -8.81
C THR G 67 -13.38 6.89 -8.62
N LEU G 68 -14.29 6.44 -9.49
CA LEU G 68 -15.70 6.83 -9.39
C LEU G 68 -16.28 6.41 -8.03
N TYR G 69 -15.91 5.21 -7.59
CA TYR G 69 -16.36 4.69 -6.30
C TYR G 69 -15.81 5.53 -5.13
N GLU G 70 -14.53 5.86 -5.17
CA GLU G 70 -13.91 6.68 -4.13
C GLU G 70 -14.57 8.06 -4.06
N LEU G 71 -15.09 8.54 -5.20
CA LEU G 71 -15.78 9.83 -5.25
C LEU G 71 -17.27 9.72 -4.81
N GLY G 72 -17.67 8.53 -4.37
CA GLY G 72 -19.01 8.31 -3.79
C GLY G 72 -20.10 7.64 -4.60
N ALA G 73 -19.81 7.27 -5.84
CA ALA G 73 -20.83 6.65 -6.67
C ALA G 73 -21.02 5.16 -6.41
N GLU G 74 -22.24 4.68 -6.68
CA GLU G 74 -22.56 3.26 -6.62
C GLU G 74 -22.40 2.87 -8.09
N ILE G 75 -21.88 1.67 -8.36
CA ILE G 75 -21.58 1.32 -9.76
C ILE G 75 -21.97 -0.08 -10.25
N ARG G 76 -22.43 -0.12 -11.49
CA ARG G 76 -22.76 -1.36 -12.21
C ARG G 76 -22.00 -1.25 -13.51
N TRP G 77 -21.31 -2.30 -13.91
CA TRP G 77 -20.48 -2.22 -15.09
C TRP G 77 -20.55 -3.44 -15.98
N CYS G 78 -20.32 -3.22 -17.26
CA CYS G 78 -20.26 -4.26 -18.27
C CYS G 78 -19.24 -3.81 -19.29
N SER G 79 -18.79 -4.74 -20.11
CA SER G 79 -17.81 -4.41 -21.14
C SER G 79 -18.54 -3.94 -22.40
N CYS G 80 -17.83 -3.19 -23.25
CA CYS G 80 -18.41 -2.70 -24.50
C CYS G 80 -17.94 -3.56 -25.69
N ASN G 81 -17.29 -4.69 -25.39
CA ASN G 81 -16.78 -5.57 -26.42
C ASN G 81 -16.68 -6.99 -25.86
N ILE G 82 -17.17 -7.96 -26.62
CA ILE G 82 -17.19 -9.36 -26.17
C ILE G 82 -15.86 -10.00 -25.82
N TYR G 83 -14.75 -9.47 -26.36
CA TYR G 83 -13.42 -10.06 -26.12
C TYR G 83 -12.49 -9.22 -25.22
N SER G 84 -12.85 -7.97 -24.96
CA SER G 84 -11.96 -7.05 -24.25
C SER G 84 -11.79 -7.20 -22.74
N THR G 85 -12.71 -7.86 -22.09
CA THR G 85 -12.64 -7.99 -20.63
C THR G 85 -11.43 -8.79 -20.15
N GLN G 86 -10.78 -8.28 -19.11
CA GLN G 86 -9.67 -8.97 -18.45
C GLN G 86 -10.31 -9.52 -17.17
N ASP G 87 -10.45 -10.83 -17.10
CA ASP G 87 -11.13 -11.49 -15.97
C ASP G 87 -10.58 -11.15 -14.58
N HIS G 88 -9.27 -10.97 -14.48
CA HIS G 88 -8.68 -10.64 -13.17
C HIS G 88 -9.05 -9.22 -12.76
N ALA G 89 -9.28 -8.34 -13.73
CA ALA G 89 -9.68 -6.95 -13.46
C ALA G 89 -11.13 -6.93 -12.95
N ALA G 90 -11.97 -7.76 -13.56
CA ALA G 90 -13.37 -7.87 -13.17
C ALA G 90 -13.49 -8.43 -11.76
N ALA G 91 -12.70 -9.48 -11.50
CA ALA G 91 -12.72 -10.13 -10.19
C ALA G 91 -12.32 -9.17 -9.09
N ALA G 92 -11.32 -8.32 -9.36
CA ALA G 92 -10.85 -7.35 -8.39
C ALA G 92 -11.96 -6.41 -7.94
N LEU G 93 -12.75 -5.95 -8.90
CA LEU G 93 -13.86 -5.05 -8.60
C LEU G 93 -14.92 -5.73 -7.73
N VAL G 94 -15.27 -6.96 -8.08
CA VAL G 94 -16.28 -7.71 -7.33
C VAL G 94 -15.77 -8.04 -5.94
N LYS G 95 -14.51 -8.49 -5.87
CA LYS G 95 -13.91 -8.87 -4.58
C LYS G 95 -13.93 -7.73 -3.57
N LYS G 96 -13.64 -6.51 -4.02
CA LYS G 96 -13.60 -5.37 -3.11
C LYS G 96 -14.91 -4.59 -3.00
N ASN G 97 -16.01 -5.12 -3.57
CA ASN G 97 -17.33 -4.44 -3.55
C ASN G 97 -17.33 -3.03 -4.14
N ILE G 98 -16.44 -2.78 -5.10
CA ILE G 98 -16.35 -1.50 -5.76
C ILE G 98 -17.53 -1.35 -6.72
N ALA G 99 -17.94 -2.45 -7.35
CA ALA G 99 -19.02 -2.42 -8.31
C ALA G 99 -19.65 -3.78 -8.55
N THR G 100 -20.81 -3.78 -9.17
CA THR G 100 -21.52 -4.99 -9.56
C THR G 100 -21.17 -5.13 -11.03
N VAL G 101 -20.48 -6.21 -11.37
CA VAL G 101 -19.99 -6.43 -12.72
C VAL G 101 -20.69 -7.54 -13.48
N PHE G 102 -20.93 -7.28 -14.76
CA PHE G 102 -21.53 -8.27 -15.68
C PHE G 102 -20.60 -8.30 -16.89
N ALA G 103 -19.50 -9.05 -16.76
CA ALA G 103 -18.51 -9.13 -17.80
C ALA G 103 -17.51 -10.28 -17.65
N TRP G 104 -17.10 -10.80 -18.80
CA TRP G 104 -16.11 -11.86 -18.88
C TRP G 104 -15.54 -11.88 -20.28
N LYS G 105 -14.32 -12.41 -20.41
CA LYS G 105 -13.67 -12.50 -21.70
C LYS G 105 -14.37 -13.60 -22.51
N ASN G 106 -14.56 -13.36 -23.79
CA ASN G 106 -15.18 -14.31 -24.73
C ASN G 106 -16.66 -14.56 -24.48
N GLU G 107 -17.41 -13.48 -24.43
CA GLU G 107 -18.87 -13.54 -24.28
C GLU G 107 -19.45 -13.85 -25.65
N THR G 108 -20.65 -14.40 -25.67
CA THR G 108 -21.38 -14.59 -26.90
C THR G 108 -22.06 -13.24 -27.12
N ILE G 109 -22.47 -12.95 -28.34
CA ILE G 109 -23.16 -11.71 -28.61
C ILE G 109 -24.48 -11.66 -27.82
N GLU G 110 -25.14 -12.79 -27.65
CA GLU G 110 -26.38 -12.82 -26.86
C GLU G 110 -26.11 -12.38 -25.43
N ASP G 111 -25.07 -12.95 -24.82
CA ASP G 111 -24.69 -12.61 -23.44
C ASP G 111 -24.23 -11.16 -23.30
N TYR G 112 -23.63 -10.61 -24.35
CA TYR G 112 -23.19 -9.21 -24.34
C TYR G 112 -24.35 -8.28 -24.03
N TRP G 113 -25.43 -8.42 -24.78
CA TRP G 113 -26.62 -7.58 -24.59
C TRP G 113 -27.37 -7.86 -23.29
N VAL G 114 -27.33 -9.10 -22.80
CA VAL G 114 -27.96 -9.44 -21.53
C VAL G 114 -27.19 -8.76 -20.42
N CYS G 115 -25.85 -8.78 -20.51
CA CYS G 115 -24.99 -8.13 -19.51
C CYS G 115 -25.23 -6.62 -19.47
N LEU G 116 -25.33 -6.01 -20.66
CA LEU G 116 -25.57 -4.57 -20.75
C LEU G 116 -26.92 -4.22 -20.13
N ASN G 117 -27.94 -5.01 -20.43
CA ASN G 117 -29.27 -4.80 -19.87
C ASN G 117 -29.23 -4.94 -18.36
N ASP G 118 -28.49 -5.94 -17.87
CA ASP G 118 -28.35 -6.16 -16.42
C ASP G 118 -27.64 -4.96 -15.76
N ALA G 119 -26.61 -4.44 -16.42
CA ALA G 119 -25.87 -3.30 -15.89
C ALA G 119 -26.72 -2.04 -15.81
N MET G 120 -27.69 -1.93 -16.71
CA MET G 120 -28.61 -0.77 -16.74
C MET G 120 -29.73 -0.93 -15.71
N THR G 121 -29.92 -2.12 -15.16
CA THR G 121 -31.00 -2.40 -14.21
C THR G 121 -30.60 -2.20 -12.76
N TRP G 122 -31.24 -1.26 -12.07
CA TRP G 122 -30.97 -0.96 -10.66
C TRP G 122 -32.21 -1.20 -9.81
N ARG G 123 -32.00 -1.63 -8.57
CA ARG G 123 -33.08 -1.88 -7.64
C ARG G 123 -33.34 -0.54 -6.93
N ASN G 124 -34.56 -0.03 -7.06
CA ASN G 124 -34.98 1.27 -6.52
C ASN G 124 -34.83 1.29 -4.99
N PRO G 125 -34.10 2.29 -4.43
CA PRO G 125 -33.94 2.28 -2.96
C PRO G 125 -35.21 2.56 -2.14
N ASN G 126 -36.24 3.17 -2.73
CA ASN G 126 -37.51 3.45 -2.03
C ASN G 126 -38.29 2.15 -1.84
N ASP G 127 -38.63 1.53 -2.98
CA ASP G 127 -39.33 0.25 -3.01
C ASP G 127 -38.33 -0.74 -3.59
N LYS G 128 -37.83 -1.66 -2.76
CA LYS G 128 -36.92 -2.73 -3.19
C LYS G 128 -37.55 -3.69 -4.25
N ASP G 129 -38.89 -3.77 -4.29
CA ASP G 129 -39.59 -4.63 -5.25
C ASP G 129 -39.72 -4.00 -6.66
N LYS G 130 -39.24 -2.76 -6.83
CA LYS G 130 -39.32 -2.05 -8.12
C LYS G 130 -37.91 -1.86 -8.74
N ILE G 131 -37.93 -1.63 -10.05
CA ILE G 131 -36.75 -1.33 -10.86
C ILE G 131 -36.64 0.17 -11.18
N CYS G 132 -35.43 0.62 -11.43
CA CYS G 132 -35.13 1.97 -11.90
C CYS G 132 -33.84 1.92 -12.74
N GLY G 133 -33.41 3.06 -13.26
CA GLY G 133 -32.21 3.09 -14.13
C GLY G 133 -31.05 3.80 -13.47
N PRO G 134 -29.99 4.04 -14.21
CA PRO G 134 -28.87 4.77 -13.66
C PRO G 134 -29.09 6.26 -13.73
N ASN G 135 -28.29 7.00 -12.99
CA ASN G 135 -28.32 8.47 -13.01
C ASN G 135 -27.39 8.96 -14.10
N LEU G 136 -26.28 8.27 -14.27
CA LEU G 136 -25.26 8.62 -15.25
C LEU G 136 -24.74 7.39 -15.98
N ILE G 137 -24.24 7.61 -17.19
CA ILE G 137 -23.72 6.53 -18.01
C ILE G 137 -22.32 6.84 -18.55
N VAL G 138 -21.42 5.87 -18.48
CA VAL G 138 -20.09 5.98 -19.07
C VAL G 138 -20.20 5.02 -20.25
N ASP G 139 -20.11 5.54 -21.46
CA ASP G 139 -20.31 4.71 -22.64
C ASP G 139 -19.09 4.76 -23.54
N ASP G 140 -18.82 3.63 -24.21
CA ASP G 140 -17.68 3.51 -25.09
C ASP G 140 -18.13 2.79 -26.37
N GLY G 141 -18.62 3.56 -27.33
CA GLY G 141 -19.13 3.01 -28.59
C GLY G 141 -20.61 3.31 -28.79
N GLY G 142 -21.28 3.71 -27.71
CA GLY G 142 -22.69 4.09 -27.77
C GLY G 142 -23.73 3.00 -27.56
N ASP G 143 -23.32 1.77 -27.21
CA ASP G 143 -24.29 0.69 -27.02
C ASP G 143 -25.24 0.89 -25.83
N ALA G 144 -24.75 1.47 -24.74
CA ALA G 144 -25.60 1.75 -23.58
C ALA G 144 -26.63 2.83 -23.95
N THR G 145 -26.17 3.81 -24.70
CA THR G 145 -27.00 4.91 -25.16
C THR G 145 -28.02 4.38 -26.20
N LEU G 146 -27.60 3.41 -27.00
CA LEU G 146 -28.46 2.82 -28.02
C LEU G 146 -29.60 2.01 -27.44
N ILE G 147 -29.29 1.10 -26.50
CA ILE G 147 -30.32 0.26 -25.91
C ILE G 147 -31.38 1.12 -25.22
N LEU G 148 -30.95 2.24 -24.62
CA LEU G 148 -31.87 3.14 -23.94
C LEU G 148 -32.85 3.78 -24.94
N HIS G 149 -32.29 4.41 -25.98
CA HIS G 149 -33.12 5.07 -27.00
C HIS G 149 -34.00 4.11 -27.79
N GLU G 150 -33.46 2.94 -28.12
CA GLU G 150 -34.23 1.91 -28.84
C GLU G 150 -35.29 1.31 -27.94
N GLY G 151 -35.01 1.26 -26.64
CA GLY G 151 -35.94 0.78 -25.65
C GLY G 151 -37.15 1.71 -25.56
N VAL G 152 -36.88 3.01 -25.50
CA VAL G 152 -37.96 4.00 -25.46
C VAL G 152 -38.79 3.91 -26.73
N LYS G 153 -38.15 3.83 -27.89
CA LYS G 153 -38.87 3.71 -29.17
C LYS G 153 -39.75 2.49 -29.20
N ALA G 154 -39.22 1.37 -28.71
CA ALA G 154 -39.96 0.11 -28.67
C ALA G 154 -41.21 0.22 -27.80
N GLU G 155 -41.08 0.89 -26.66
CA GLU G 155 -42.19 1.08 -25.74
C GLU G 155 -43.30 1.98 -26.32
N ILE G 156 -42.90 3.01 -27.06
CA ILE G 156 -43.85 3.93 -27.70
C ILE G 156 -44.63 3.20 -28.80
N GLU G 157 -43.93 2.39 -29.59
CA GLU G 157 -44.54 1.59 -30.66
C GLU G 157 -45.45 0.50 -30.07
N TYR G 158 -45.09 0.01 -28.88
CA TYR G 158 -45.88 -1.00 -28.20
C TYR G 158 -47.23 -0.42 -27.76
N GLU G 159 -47.21 0.76 -27.14
CA GLU G 159 -48.46 1.42 -26.69
C GLU G 159 -49.36 1.84 -27.84
N LYS G 160 -48.75 2.31 -28.93
CA LYS G 160 -49.48 2.75 -30.11
C LYS G 160 -50.40 1.69 -30.71
N TYR G 161 -49.90 0.47 -30.92
CA TYR G 161 -50.75 -0.63 -31.49
C TYR G 161 -51.14 -1.71 -30.44
N ASN G 162 -50.67 -1.55 -29.23
CA ASN G 162 -50.96 -2.46 -28.11
C ASN G 162 -50.50 -3.91 -28.35
N LYS G 163 -49.40 -4.07 -29.10
CA LYS G 163 -48.81 -5.38 -29.39
C LYS G 163 -47.30 -5.26 -29.60
N ILE G 164 -46.60 -6.39 -29.55
CA ILE G 164 -45.16 -6.40 -29.74
C ILE G 164 -44.86 -5.94 -31.16
N PRO G 165 -44.02 -4.88 -31.31
CA PRO G 165 -43.68 -4.39 -32.67
C PRO G 165 -43.10 -5.49 -33.55
N GLU G 166 -43.55 -5.55 -34.80
CA GLU G 166 -43.10 -6.61 -35.70
C GLU G 166 -41.60 -6.57 -36.05
N TYR G 167 -40.96 -5.41 -35.90
CA TYR G 167 -39.52 -5.31 -36.21
C TYR G 167 -38.64 -6.04 -35.16
N LEU G 168 -39.20 -6.25 -33.96
CA LEU G 168 -38.49 -6.95 -32.88
C LEU G 168 -38.61 -8.48 -32.95
N GLU G 169 -39.57 -8.97 -33.72
CA GLU G 169 -39.80 -10.43 -33.86
C GLU G 169 -39.15 -11.01 -35.11
N THR G 170 -39.11 -10.22 -36.19
CA THR G 170 -38.51 -10.68 -37.44
C THR G 170 -36.99 -10.78 -37.32
N GLU G 171 -36.44 -11.70 -38.10
CA GLU G 171 -35.02 -11.96 -38.15
C GLU G 171 -34.39 -11.19 -39.33
N LEU G 172 -35.24 -10.59 -40.18
CA LEU G 172 -34.83 -9.85 -41.36
C LEU G 172 -35.07 -8.36 -41.16
N ASP G 173 -34.48 -7.53 -42.02
CA ASP G 173 -34.67 -6.06 -41.95
C ASP G 173 -35.76 -5.65 -42.97
N GLU G 174 -35.93 -4.35 -43.19
CA GLU G 174 -36.93 -3.84 -44.15
C GLU G 174 -36.71 -4.33 -45.60
N ASN G 175 -35.46 -4.57 -45.97
CA ASN G 175 -35.08 -5.00 -47.33
C ASN G 175 -34.95 -6.53 -47.51
N GLY G 176 -35.25 -7.30 -46.46
CA GLY G 176 -35.14 -8.78 -46.54
C GLY G 176 -33.78 -9.40 -46.17
N LYS G 177 -32.79 -8.56 -45.84
CA LYS G 177 -31.46 -9.05 -45.45
C LYS G 177 -31.41 -9.34 -43.95
N GLN G 178 -30.59 -10.33 -43.56
CA GLN G 178 -30.47 -10.73 -42.15
C GLN G 178 -30.01 -9.53 -41.31
N LEU G 179 -30.65 -9.36 -40.15
CA LEU G 179 -30.24 -8.33 -39.21
C LEU G 179 -28.89 -8.74 -38.65
N SER G 180 -28.08 -7.79 -38.22
CA SER G 180 -26.80 -8.11 -37.61
C SER G 180 -27.07 -8.85 -36.30
N MET G 181 -26.14 -9.69 -35.87
CA MET G 181 -26.31 -10.39 -34.60
C MET G 181 -26.53 -9.43 -33.45
N ASP G 182 -25.81 -8.31 -33.46
CA ASP G 182 -25.93 -7.31 -32.41
C ASP G 182 -27.34 -6.72 -32.35
N LEU G 183 -27.98 -6.50 -33.51
CA LEU G 183 -29.35 -6.00 -33.51
C LEU G 183 -30.34 -7.08 -33.06
N LYS G 184 -30.18 -8.32 -33.55
CA LYS G 184 -31.09 -9.39 -33.16
C LYS G 184 -31.07 -9.62 -31.67
N CYS G 185 -29.87 -9.66 -31.10
CA CYS G 185 -29.71 -9.90 -29.67
C CYS G 185 -30.18 -8.75 -28.80
N MET G 186 -30.08 -7.52 -29.29
CA MET G 186 -30.58 -6.37 -28.53
C MET G 186 -32.11 -6.41 -28.57
N TYR G 187 -32.66 -6.64 -29.77
CA TYR G 187 -34.12 -6.75 -29.99
C TYR G 187 -34.72 -7.85 -29.15
N LYS G 188 -34.02 -8.96 -29.03
CA LYS G 188 -34.45 -10.09 -28.20
C LYS G 188 -34.58 -9.64 -26.74
N VAL G 189 -33.65 -8.80 -26.28
CA VAL G 189 -33.70 -8.26 -24.92
C VAL G 189 -34.84 -7.24 -24.77
N LEU G 190 -35.00 -6.38 -25.77
CA LEU G 190 -36.06 -5.38 -25.76
C LEU G 190 -37.43 -6.03 -25.75
N LYS G 191 -37.60 -7.08 -26.54
CA LYS G 191 -38.87 -7.82 -26.59
C LYS G 191 -39.17 -8.41 -25.23
N MET G 192 -38.17 -9.05 -24.65
CA MET G 192 -38.28 -9.68 -23.33
C MET G 192 -38.70 -8.63 -22.28
N GLU G 193 -38.13 -7.43 -22.35
CA GLU G 193 -38.47 -6.36 -21.39
C GLU G 193 -39.86 -5.74 -21.61
N LEU G 194 -40.35 -5.74 -22.86
CA LEU G 194 -41.70 -5.24 -23.12
C LEU G 194 -42.73 -6.17 -22.50
N LEU G 195 -42.44 -7.47 -22.51
CA LEU G 195 -43.32 -8.46 -21.91
C LEU G 195 -43.34 -8.38 -20.39
N LYS G 196 -42.20 -8.02 -19.79
CA LYS G 196 -42.13 -7.89 -18.33
C LYS G 196 -42.69 -6.57 -17.84
N ASN G 197 -42.21 -5.49 -18.41
CA ASN G 197 -42.60 -4.12 -17.99
C ASN G 197 -42.42 -3.13 -19.16
N PRO G 198 -43.51 -2.80 -19.85
CA PRO G 198 -43.44 -1.87 -20.99
C PRO G 198 -43.26 -0.37 -20.63
N PHE G 199 -42.99 -0.05 -19.36
CA PHE G 199 -42.71 1.33 -18.95
C PHE G 199 -41.28 1.42 -18.36
N ARG G 200 -40.50 0.35 -18.53
CA ARG G 200 -39.13 0.27 -18.02
C ARG G 200 -38.19 1.40 -18.48
N TRP G 201 -38.05 1.52 -19.79
CA TRP G 201 -37.13 2.49 -20.39
C TRP G 201 -37.53 3.95 -20.18
N ARG G 202 -38.80 4.26 -20.39
CA ARG G 202 -39.28 5.63 -20.16
C ARG G 202 -39.20 6.00 -18.68
N GLY G 203 -39.33 4.99 -17.81
CA GLY G 203 -39.22 5.19 -16.38
C GLY G 203 -37.80 5.59 -15.95
N MET G 204 -36.80 5.14 -16.71
CA MET G 204 -35.41 5.49 -16.41
C MET G 204 -35.07 6.93 -16.74
N LEU G 205 -35.80 7.51 -17.70
CA LEU G 205 -35.55 8.88 -18.11
C LEU G 205 -35.71 9.89 -17.00
N LYS G 206 -36.66 9.64 -16.09
CA LYS G 206 -36.88 10.56 -14.98
C LYS G 206 -35.58 10.89 -14.23
N ASP G 207 -34.76 9.88 -13.96
CA ASP G 207 -33.50 10.05 -13.21
C ASP G 207 -32.20 10.12 -14.02
N LEU G 208 -32.27 10.01 -15.35
CA LEU G 208 -31.03 10.09 -16.16
C LEU G 208 -30.57 11.52 -16.35
N TYR G 209 -29.37 11.83 -15.89
CA TYR G 209 -28.83 13.18 -15.99
C TYR G 209 -27.72 13.32 -17.02
N GLY G 210 -27.30 12.21 -17.63
CA GLY G 210 -26.28 12.29 -18.68
C GLY G 210 -25.42 11.08 -19.00
N VAL G 211 -24.72 11.18 -20.12
CA VAL G 211 -23.80 10.15 -20.60
C VAL G 211 -22.50 10.82 -21.05
N SER G 212 -21.35 10.23 -20.69
CA SER G 212 -20.05 10.72 -21.14
C SER G 212 -19.56 9.65 -22.13
N GLU G 213 -19.40 10.03 -23.40
CA GLU G 213 -19.00 9.11 -24.47
C GLU G 213 -17.50 9.18 -24.78
N GLU G 214 -16.88 8.00 -24.77
CA GLU G 214 -15.44 7.84 -24.97
C GLU G 214 -14.91 7.88 -26.40
N THR G 215 -15.70 7.43 -27.38
CA THR G 215 -15.16 7.28 -28.75
C THR G 215 -15.76 8.07 -29.89
N THR G 216 -15.00 8.12 -30.97
CA THR G 216 -15.37 8.83 -32.20
C THR G 216 -16.68 8.30 -32.74
N THR G 217 -16.77 6.97 -32.82
CA THR G 217 -17.95 6.29 -33.33
C THR G 217 -19.18 6.61 -32.49
N GLY G 218 -19.05 6.57 -31.17
CA GLY G 218 -20.16 6.88 -30.27
C GLY G 218 -20.58 8.33 -30.36
N VAL G 219 -19.60 9.22 -30.48
CA VAL G 219 -19.87 10.65 -30.60
C VAL G 219 -20.65 10.95 -31.87
N LEU G 220 -20.34 10.22 -32.94
CA LEU G 220 -21.05 10.39 -34.20
C LEU G 220 -22.52 10.05 -34.01
N ARG G 221 -22.80 8.95 -33.31
CA ARG G 221 -24.18 8.55 -33.05
C ARG G 221 -24.92 9.63 -32.22
N LEU G 222 -24.22 10.20 -31.23
CA LEU G 222 -24.80 11.26 -30.40
C LEU G 222 -25.12 12.51 -31.21
N LYS G 223 -24.19 12.88 -32.09
CA LYS G 223 -24.37 14.08 -32.94
C LYS G 223 -25.53 13.92 -33.93
N ILE G 224 -25.78 12.69 -34.37
CA ILE G 224 -26.89 12.42 -35.27
C ILE G 224 -28.21 12.58 -34.50
N MET G 225 -28.29 11.96 -33.32
CA MET G 225 -29.48 12.07 -32.46
C MET G 225 -29.75 13.53 -32.08
N GLU G 226 -28.69 14.26 -31.77
CA GLU G 226 -28.79 15.67 -31.39
C GLU G 226 -29.45 16.50 -32.50
N SER G 227 -28.97 16.32 -33.74
CA SER G 227 -29.48 17.08 -34.88
C SER G 227 -30.91 16.70 -35.30
N GLU G 228 -31.36 15.50 -34.90
CA GLU G 228 -32.73 15.05 -35.21
C GLU G 228 -33.70 15.29 -34.05
N GLY G 229 -33.21 15.89 -32.96
CA GLY G 229 -34.03 16.15 -31.78
C GLY G 229 -34.44 14.89 -31.04
N LYS G 230 -33.63 13.84 -31.16
CA LYS G 230 -33.93 12.54 -30.55
C LYS G 230 -33.01 12.16 -29.38
N LEU G 231 -32.14 13.06 -28.96
CA LEU G 231 -31.23 12.78 -27.85
C LEU G 231 -32.03 12.98 -26.55
N LEU G 232 -32.17 11.91 -25.76
CA LEU G 232 -32.97 11.94 -24.54
C LEU G 232 -32.23 12.25 -23.23
N LEU G 233 -30.96 12.62 -23.31
CA LEU G 233 -30.21 13.02 -22.09
C LEU G 233 -28.99 13.86 -22.48
N PRO G 234 -28.49 14.70 -21.56
CA PRO G 234 -27.29 15.49 -21.88
C PRO G 234 -26.10 14.58 -22.11
N ALA G 235 -25.16 15.01 -22.94
CA ALA G 235 -24.01 14.19 -23.24
C ALA G 235 -22.72 15.00 -23.31
N ILE G 236 -21.64 14.35 -22.90
CA ILE G 236 -20.32 14.94 -23.00
C ILE G 236 -19.47 14.09 -23.92
N ASN G 237 -18.91 14.75 -24.93
CA ASN G 237 -18.01 14.15 -25.91
C ASN G 237 -16.61 14.19 -25.28
N VAL G 238 -16.18 13.07 -24.72
CA VAL G 238 -14.86 12.97 -24.09
C VAL G 238 -13.79 12.77 -25.14
N ASN G 239 -14.12 12.04 -26.20
CA ASN G 239 -13.16 11.75 -27.27
C ASN G 239 -12.45 12.97 -27.79
N ASP G 240 -13.22 14.03 -28.04
CA ASP G 240 -12.63 15.23 -28.63
C ASP G 240 -11.86 16.16 -27.72
N SER G 241 -11.60 15.73 -26.47
CA SER G 241 -10.68 16.48 -25.62
C SER G 241 -9.32 16.28 -26.29
N VAL G 242 -8.47 17.28 -26.28
CA VAL G 242 -7.14 17.14 -26.86
C VAL G 242 -6.40 16.02 -26.13
N THR G 243 -6.52 15.98 -24.80
CA THR G 243 -5.85 14.96 -24.00
C THR G 243 -6.42 13.54 -24.13
N LYS G 244 -7.35 13.37 -25.07
CA LYS G 244 -7.89 12.04 -25.36
C LYS G 244 -7.60 11.74 -26.85
N SER G 245 -8.28 12.39 -27.78
CA SER G 245 -8.10 12.13 -29.22
C SER G 245 -6.64 12.23 -29.72
N LYS G 246 -5.86 13.17 -29.20
CA LYS G 246 -4.47 13.31 -29.63
C LYS G 246 -3.44 12.44 -28.90
N PHE G 247 -3.90 11.60 -27.97
CA PHE G 247 -2.99 10.72 -27.20
C PHE G 247 -3.44 9.27 -27.23
N ASP G 248 -4.59 8.98 -26.65
CA ASP G 248 -5.19 7.67 -26.65
C ASP G 248 -5.25 7.11 -28.08
N ASN G 249 -5.95 7.82 -28.95
CA ASN G 249 -6.14 7.35 -30.32
C ASN G 249 -4.83 7.15 -31.08
N THR G 250 -3.89 8.06 -30.90
CA THR G 250 -2.62 7.99 -31.62
C THR G 250 -1.57 7.14 -30.91
N TYR G 251 -1.04 7.64 -29.79
CA TYR G 251 0.01 6.92 -29.08
C TYR G 251 -0.44 5.61 -28.42
N GLY G 252 -1.71 5.53 -28.03
CA GLY G 252 -2.23 4.29 -27.46
C GLY G 252 -2.16 3.18 -28.50
N CYS G 253 -2.74 3.43 -29.68
CA CYS G 253 -2.73 2.43 -30.75
C CYS G 253 -1.33 2.13 -31.28
N ARG G 254 -0.42 3.10 -31.20
CA ARG G 254 0.94 2.87 -31.66
C ARG G 254 1.53 1.67 -30.92
N GLN G 255 1.23 1.54 -29.63
CA GLN G 255 1.71 0.42 -28.84
C GLN G 255 0.76 -0.76 -28.86
N SER G 256 -0.53 -0.50 -28.65
CA SER G 256 -1.50 -1.60 -28.54
C SER G 256 -1.77 -2.34 -29.87
N LEU G 257 -1.63 -1.67 -31.01
CA LEU G 257 -1.80 -2.39 -32.28
C LEU G 257 -0.71 -3.46 -32.38
N LEU G 258 0.53 -3.05 -32.11
CA LEU G 258 1.66 -3.97 -32.17
C LEU G 258 1.50 -5.13 -31.23
N HIS G 259 1.07 -4.85 -30.00
CA HIS G 259 0.88 -5.89 -28.99
C HIS G 259 -0.11 -6.92 -29.55
N GLY G 260 -1.22 -6.41 -30.10
CA GLY G 260 -2.25 -7.26 -30.68
C GLY G 260 -1.75 -8.08 -31.85
N LEU G 261 -1.02 -7.44 -32.77
CA LEU G 261 -0.47 -8.16 -33.92
C LEU G 261 0.56 -9.19 -33.49
N PHE G 262 1.43 -8.83 -32.54
CA PHE G 262 2.43 -9.79 -32.10
C PHE G 262 1.78 -11.04 -31.48
N ASN G 263 0.68 -10.86 -30.74
CA ASN G 263 -0.01 -12.00 -30.13
C ASN G 263 -0.84 -12.82 -31.12
N GLY G 264 -1.49 -12.16 -32.08
CA GLY G 264 -2.37 -12.86 -33.02
C GLY G 264 -1.74 -13.30 -34.33
N CYS G 265 -0.72 -12.57 -34.77
CA CYS G 265 -0.03 -12.85 -36.01
C CYS G 265 1.39 -13.35 -35.71
N ILE G 266 1.67 -14.58 -36.10
CA ILE G 266 2.96 -15.19 -35.84
C ILE G 266 4.10 -14.59 -36.69
N GLN G 267 3.77 -13.96 -37.80
CA GLN G 267 4.77 -13.44 -38.72
C GLN G 267 5.50 -12.16 -38.28
N MET G 268 6.66 -11.97 -38.89
CA MET G 268 7.51 -10.82 -38.69
C MET G 268 6.90 -9.67 -39.47
N LEU G 269 6.84 -8.50 -38.87
CA LEU G 269 6.28 -7.34 -39.54
C LEU G 269 7.31 -6.66 -40.45
N ALA G 270 8.59 -6.76 -40.11
CA ALA G 270 9.64 -6.14 -40.91
C ALA G 270 9.63 -6.57 -42.37
N GLY G 271 9.73 -5.58 -43.26
CA GLY G 271 9.74 -5.81 -44.69
C GLY G 271 8.40 -6.10 -45.33
N LYS G 272 7.37 -6.31 -44.52
CA LYS G 272 6.07 -6.61 -45.06
C LYS G 272 5.37 -5.35 -45.51
N LYS G 273 4.50 -5.49 -46.51
CA LYS G 273 3.69 -4.38 -46.95
C LYS G 273 2.43 -4.48 -46.12
N ILE G 274 2.23 -3.49 -45.25
CA ILE G 274 1.10 -3.47 -44.36
C ILE G 274 0.23 -2.29 -44.73
N VAL G 275 -1.02 -2.57 -45.12
CA VAL G 275 -1.94 -1.53 -45.51
C VAL G 275 -2.72 -1.04 -44.29
N VAL G 276 -2.66 0.27 -44.05
CA VAL G 276 -3.40 0.89 -42.95
C VAL G 276 -4.51 1.69 -43.60
N LEU G 277 -5.73 1.20 -43.48
CA LEU G 277 -6.89 1.87 -44.08
C LEU G 277 -7.40 2.92 -43.11
N GLY G 278 -7.21 4.18 -43.50
CA GLY G 278 -7.59 5.31 -42.67
C GLY G 278 -6.34 5.86 -42.02
N TYR G 279 -6.14 7.18 -42.15
CA TYR G 279 -4.98 7.87 -41.60
C TYR G 279 -5.44 9.06 -40.75
N GLY G 280 -6.35 8.75 -39.82
CA GLY G 280 -6.87 9.70 -38.87
C GLY G 280 -5.98 9.61 -37.64
N GLU G 281 -6.55 9.88 -36.46
CA GLU G 281 -5.76 9.85 -35.24
C GLU G 281 -5.24 8.43 -34.93
N VAL G 282 -6.06 7.42 -35.21
CA VAL G 282 -5.67 6.02 -34.99
C VAL G 282 -4.65 5.58 -36.04
N GLY G 283 -4.98 5.77 -37.31
CA GLY G 283 -4.10 5.40 -38.41
C GLY G 283 -2.70 5.98 -38.30
N LYS G 284 -2.62 7.24 -37.91
CA LYS G 284 -1.32 7.91 -37.74
C LYS G 284 -0.47 7.15 -36.74
N GLY G 285 -1.06 6.78 -35.61
CA GLY G 285 -0.36 6.05 -34.57
C GLY G 285 0.04 4.66 -35.03
N CYS G 286 -0.87 3.97 -35.70
CA CYS G 286 -0.61 2.64 -36.22
C CYS G 286 0.58 2.66 -37.16
N ALA G 287 0.60 3.63 -38.06
CA ALA G 287 1.68 3.75 -39.04
C ALA G 287 3.03 3.98 -38.37
N GLN G 288 3.10 4.85 -37.35
CA GLN G 288 4.38 5.06 -36.65
C GLN G 288 4.93 3.77 -36.06
N GLY G 289 4.05 3.03 -35.39
CA GLY G 289 4.41 1.78 -34.74
C GLY G 289 4.90 0.75 -35.73
N LEU G 290 4.11 0.53 -36.77
CA LEU G 290 4.46 -0.43 -37.81
C LEU G 290 5.82 -0.10 -38.45
N SER G 291 6.05 1.16 -38.80
CA SER G 291 7.34 1.61 -39.37
C SER G 291 8.47 1.38 -38.40
N GLY G 292 8.18 1.64 -37.12
CA GLY G 292 9.14 1.47 -36.05
C GLY G 292 9.74 0.09 -35.96
N VAL G 293 8.99 -0.92 -36.43
CA VAL G 293 9.49 -2.31 -36.43
C VAL G 293 9.79 -2.82 -37.84
N GLY G 294 10.04 -1.89 -38.77
CA GLY G 294 10.46 -2.23 -40.12
C GLY G 294 9.42 -2.52 -41.19
N ALA G 295 8.14 -2.32 -40.90
CA ALA G 295 7.14 -2.58 -41.91
C ALA G 295 7.13 -1.47 -42.94
N ARG G 296 6.69 -1.81 -44.15
CA ARG G 296 6.51 -0.80 -45.19
C ARG G 296 5.02 -0.52 -45.23
N VAL G 297 4.64 0.60 -44.64
CA VAL G 297 3.23 0.97 -44.54
C VAL G 297 2.68 1.63 -45.79
N ILE G 298 1.53 1.12 -46.24
CA ILE G 298 0.80 1.69 -47.38
C ILE G 298 -0.53 2.17 -46.80
N VAL G 299 -0.88 3.43 -47.09
CA VAL G 299 -2.09 4.02 -46.55
C VAL G 299 -3.19 4.18 -47.59
N THR G 300 -4.44 3.97 -47.19
CA THR G 300 -5.58 4.26 -48.07
C THR G 300 -6.32 5.33 -47.30
N GLU G 301 -6.94 6.25 -48.00
CA GLU G 301 -7.62 7.34 -47.34
C GLU G 301 -8.59 8.01 -48.32
N ILE G 302 -9.65 8.60 -47.77
CA ILE G 302 -10.67 9.33 -48.58
C ILE G 302 -10.55 10.83 -48.44
N ASP G 303 -9.87 11.27 -47.39
CA ASP G 303 -9.72 12.68 -47.08
C ASP G 303 -8.40 13.15 -47.67
N PRO G 304 -8.47 14.11 -48.62
CA PRO G 304 -7.25 14.56 -49.25
C PRO G 304 -6.22 15.18 -48.31
N ILE G 305 -6.67 15.77 -47.20
CA ILE G 305 -5.75 16.38 -46.24
C ILE G 305 -4.99 15.27 -45.53
N CYS G 306 -5.71 14.28 -45.04
CA CYS G 306 -5.09 13.14 -44.35
C CYS G 306 -4.17 12.37 -45.31
N ALA G 307 -4.57 12.27 -46.58
CA ALA G 307 -3.73 11.58 -47.57
C ALA G 307 -2.40 12.29 -47.74
N LEU G 308 -2.44 13.62 -47.84
CA LEU G 308 -1.22 14.40 -47.95
C LEU G 308 -0.33 14.27 -46.73
N GLN G 309 -0.92 14.22 -45.55
CA GLN G 309 -0.15 14.05 -44.32
C GLN G 309 0.64 12.74 -44.38
N ALA G 310 -0.02 11.67 -44.81
CA ALA G 310 0.61 10.37 -44.93
C ALA G 310 1.80 10.44 -45.89
N SER G 311 1.59 11.10 -47.01
CA SER G 311 2.63 11.25 -48.02
C SER G 311 3.83 12.01 -47.48
N MET G 312 3.59 13.05 -46.69
CA MET G 312 4.65 13.86 -46.08
C MET G 312 5.46 13.07 -45.04
N GLU G 313 4.90 11.97 -44.52
CA GLU G 313 5.61 11.13 -43.57
C GLU G 313 6.29 9.97 -44.28
N GLY G 314 6.32 10.02 -45.62
CA GLY G 314 6.98 9.00 -46.43
C GLY G 314 6.19 7.76 -46.79
N TYR G 315 4.88 7.79 -46.60
CA TYR G 315 4.06 6.60 -46.91
C TYR G 315 3.38 6.70 -48.26
N GLN G 316 3.37 5.57 -48.97
CA GLN G 316 2.67 5.45 -50.24
C GLN G 316 1.18 5.52 -49.92
N VAL G 317 0.41 6.22 -50.75
CA VAL G 317 -1.04 6.32 -50.57
C VAL G 317 -1.69 5.73 -51.81
N SER G 318 -2.42 4.63 -51.63
CA SER G 318 -3.05 3.90 -52.73
C SER G 318 -4.50 3.52 -52.45
N VAL G 319 -5.21 3.13 -53.51
CA VAL G 319 -6.56 2.60 -53.36
C VAL G 319 -6.33 1.10 -53.14
N LEU G 320 -7.10 0.51 -52.24
CA LEU G 320 -6.95 -0.90 -51.91
C LEU G 320 -6.85 -1.85 -53.12
N GLU G 321 -7.68 -1.64 -54.13
CA GLU G 321 -7.69 -2.46 -55.36
C GLU G 321 -6.32 -2.61 -56.03
N ASP G 322 -5.48 -1.59 -55.91
CA ASP G 322 -4.15 -1.60 -56.54
C ASP G 322 -3.08 -2.30 -55.74
N VAL G 323 -3.33 -2.58 -54.47
CA VAL G 323 -2.32 -3.25 -53.62
C VAL G 323 -2.82 -4.50 -52.90
N VAL G 324 -4.11 -4.82 -53.06
CA VAL G 324 -4.69 -5.96 -52.34
C VAL G 324 -4.06 -7.32 -52.66
N SER G 325 -3.63 -7.54 -53.90
CA SER G 325 -3.02 -8.81 -54.27
C SER G 325 -1.58 -9.00 -53.79
N GLU G 326 -0.88 -7.89 -53.55
CA GLU G 326 0.52 -7.99 -53.15
C GLU G 326 0.83 -7.65 -51.70
N ALA G 327 -0.09 -6.99 -51.00
CA ALA G 327 0.15 -6.66 -49.60
C ALA G 327 0.05 -7.90 -48.72
N ASP G 328 0.67 -7.83 -47.55
CA ASP G 328 0.77 -8.95 -46.62
C ASP G 328 -0.22 -8.91 -45.44
N ILE G 329 -0.47 -7.72 -44.91
CA ILE G 329 -1.33 -7.55 -43.74
C ILE G 329 -2.20 -6.33 -43.98
N PHE G 330 -3.46 -6.39 -43.53
CA PHE G 330 -4.41 -5.29 -43.70
C PHE G 330 -5.01 -4.89 -42.35
N ILE G 331 -4.90 -3.60 -42.01
CA ILE G 331 -5.39 -3.08 -40.74
C ILE G 331 -6.43 -1.98 -41.02
N THR G 332 -7.68 -2.21 -40.62
CA THR G 332 -8.75 -1.22 -40.83
C THR G 332 -8.85 -0.27 -39.63
N ALA G 333 -8.73 1.04 -39.90
CA ALA G 333 -8.79 2.07 -38.87
C ALA G 333 -9.62 3.26 -39.36
N THR G 334 -10.76 2.95 -39.98
CA THR G 334 -11.60 3.96 -40.62
C THR G 334 -12.84 4.45 -39.88
N GLY G 335 -13.41 3.61 -39.03
CA GLY G 335 -14.67 3.94 -38.38
C GLY G 335 -15.82 3.87 -39.38
N ASN G 336 -15.55 3.27 -40.55
CA ASN G 336 -16.49 3.17 -41.66
C ASN G 336 -16.90 1.71 -41.86
N LYS G 337 -17.70 1.45 -42.88
CA LYS G 337 -18.25 0.13 -43.16
C LYS G 337 -17.75 -0.43 -44.49
N ASP G 338 -17.54 -1.74 -44.52
CA ASP G 338 -17.14 -2.47 -45.73
C ASP G 338 -15.92 -1.89 -46.46
N VAL G 339 -14.85 -1.65 -45.72
N VAL G 339 -14.85 -1.65 -45.72
CA VAL G 339 -13.63 -1.14 -46.30
CA VAL G 339 -13.62 -1.12 -46.29
C VAL G 339 -12.79 -2.30 -46.84
C VAL G 339 -12.80 -2.30 -46.83
N ILE G 340 -13.09 -3.50 -46.33
CA ILE G 340 -12.48 -4.74 -46.82
C ILE G 340 -13.65 -5.68 -47.10
N THR G 341 -13.91 -5.91 -48.38
CA THR G 341 -15.01 -6.74 -48.84
C THR G 341 -14.56 -8.16 -49.11
N VAL G 342 -15.54 -9.05 -49.37
CA VAL G 342 -15.27 -10.42 -49.73
C VAL G 342 -14.49 -10.46 -51.03
N GLU G 343 -14.83 -9.59 -51.99
CA GLU G 343 -14.10 -9.54 -53.27
C GLU G 343 -12.64 -9.19 -53.06
N HIS G 344 -12.37 -8.29 -52.10
CA HIS G 344 -10.99 -7.94 -51.78
C HIS G 344 -10.26 -9.17 -51.20
N MET G 345 -10.90 -9.85 -50.24
CA MET G 345 -10.25 -10.99 -49.59
C MET G 345 -9.95 -12.16 -50.53
N ARG G 346 -10.75 -12.31 -51.59
CA ARG G 346 -10.51 -13.38 -52.55
C ARG G 346 -9.29 -13.14 -53.42
N LYS G 347 -8.87 -11.88 -53.53
CA LYS G 347 -7.70 -11.52 -54.31
C LYS G 347 -6.41 -11.48 -53.49
N MET G 348 -6.52 -11.61 -52.16
CA MET G 348 -5.36 -11.58 -51.27
C MET G 348 -4.49 -12.81 -51.42
N LYS G 349 -3.23 -12.67 -51.07
CA LYS G 349 -2.31 -13.78 -51.18
C LYS G 349 -2.44 -14.74 -50.00
N GLU G 350 -1.87 -15.92 -50.20
CA GLU G 350 -1.90 -17.00 -49.22
C GLU G 350 -1.45 -16.55 -47.83
N ASN G 351 -2.32 -16.79 -46.86
CA ASN G 351 -2.09 -16.48 -45.44
C ASN G 351 -1.93 -15.01 -45.13
N ALA G 352 -2.59 -14.17 -45.90
CA ALA G 352 -2.59 -12.74 -45.61
C ALA G 352 -3.38 -12.57 -44.32
N TYR G 353 -2.94 -11.66 -43.47
CA TYR G 353 -3.61 -11.39 -42.20
C TYR G 353 -4.50 -10.16 -42.33
N ILE G 354 -5.66 -10.21 -41.68
CA ILE G 354 -6.62 -9.10 -41.72
C ILE G 354 -7.02 -8.77 -40.27
N ALA G 355 -6.99 -7.50 -39.92
CA ALA G 355 -7.35 -7.08 -38.56
C ALA G 355 -8.03 -5.73 -38.57
N ASN G 356 -8.78 -5.48 -37.52
CA ASN G 356 -9.53 -4.23 -37.36
C ASN G 356 -9.16 -3.60 -36.02
N ILE G 357 -8.82 -2.32 -36.08
CA ILE G 357 -8.50 -1.58 -34.86
C ILE G 357 -9.48 -0.41 -34.75
N GLY G 358 -10.44 -0.39 -35.67
CA GLY G 358 -11.45 0.65 -35.71
C GLY G 358 -12.59 0.42 -34.74
N HIS G 359 -13.70 -0.11 -35.22
CA HIS G 359 -14.88 -0.27 -34.37
C HIS G 359 -15.73 -1.49 -34.78
N PHE G 360 -16.54 -1.93 -33.83
CA PHE G 360 -17.44 -3.08 -34.00
C PHE G 360 -16.77 -4.16 -34.87
N ASP G 361 -17.47 -4.67 -35.88
CA ASP G 361 -16.89 -5.70 -36.75
C ASP G 361 -17.30 -5.54 -38.20
N ASP G 362 -17.79 -4.35 -38.57
CA ASP G 362 -18.26 -4.13 -39.95
C ASP G 362 -17.25 -3.46 -40.89
N GLU G 363 -16.05 -3.12 -40.41
CA GLU G 363 -15.04 -2.52 -41.29
C GLU G 363 -14.63 -3.56 -42.31
N ILE G 364 -14.44 -4.78 -41.82
CA ILE G 364 -14.16 -5.94 -42.66
C ILE G 364 -15.51 -6.63 -42.76
N ASP G 365 -15.84 -7.17 -43.92
CA ASP G 365 -17.12 -7.87 -44.06
C ASP G 365 -16.97 -9.30 -43.55
N VAL G 366 -16.98 -9.42 -42.23
CA VAL G 366 -16.86 -10.71 -41.58
C VAL G 366 -18.09 -11.58 -41.86
N TYR G 367 -19.27 -10.97 -41.86
CA TYR G 367 -20.50 -11.73 -42.13
C TYR G 367 -20.39 -12.42 -43.49
N GLY G 368 -20.01 -11.66 -44.52
CA GLY G 368 -19.86 -12.19 -45.88
C GLY G 368 -18.82 -13.28 -45.98
N LEU G 369 -17.71 -13.13 -45.23
CA LEU G 369 -16.65 -14.12 -45.22
C LEU G 369 -17.13 -15.42 -44.57
N GLU G 370 -17.68 -15.32 -43.36
CA GLU G 370 -18.15 -16.49 -42.62
C GLU G 370 -19.26 -17.26 -43.32
N ASN G 371 -20.13 -16.52 -44.04
CA ASN G 371 -21.27 -17.10 -44.74
C ASN G 371 -21.01 -17.34 -46.23
N TYR G 372 -19.76 -17.24 -46.68
CA TYR G 372 -19.45 -17.47 -48.09
C TYR G 372 -19.72 -18.93 -48.43
N PRO G 373 -20.38 -19.21 -49.57
CA PRO G 373 -20.69 -20.62 -49.94
C PRO G 373 -19.46 -21.53 -50.05
N GLY G 374 -19.46 -22.59 -49.24
CA GLY G 374 -18.40 -23.60 -49.25
C GLY G 374 -17.10 -23.20 -48.59
N ILE G 375 -17.12 -22.14 -47.78
CA ILE G 375 -15.91 -21.70 -47.13
C ILE G 375 -15.58 -22.62 -45.95
N LYS G 376 -14.29 -22.84 -45.72
CA LYS G 376 -13.82 -23.64 -44.61
C LYS G 376 -13.14 -22.73 -43.61
N VAL G 377 -13.32 -23.03 -42.33
CA VAL G 377 -12.73 -22.24 -41.27
C VAL G 377 -12.13 -23.14 -40.21
N ILE G 378 -10.96 -22.77 -39.70
CA ILE G 378 -10.31 -23.48 -38.61
C ILE G 378 -9.80 -22.47 -37.62
N GLU G 379 -9.83 -22.84 -36.35
CA GLU G 379 -9.32 -22.01 -35.29
C GLU G 379 -7.80 -22.25 -35.22
N VAL G 380 -7.02 -21.22 -35.50
CA VAL G 380 -5.55 -21.31 -35.44
C VAL G 380 -5.12 -21.27 -33.97
N LYS G 381 -5.80 -20.40 -33.22
CA LYS G 381 -5.59 -20.25 -31.79
C LYS G 381 -6.80 -19.47 -31.27
N GLN G 382 -6.79 -19.14 -29.99
CA GLN G 382 -7.88 -18.34 -29.42
C GLN G 382 -7.94 -16.98 -30.19
N ASN G 383 -9.13 -16.71 -30.73
CA ASN G 383 -9.42 -15.47 -31.47
C ASN G 383 -8.61 -15.28 -32.76
N VAL G 384 -8.25 -16.37 -33.43
CA VAL G 384 -7.52 -16.29 -34.71
C VAL G 384 -8.08 -17.40 -35.58
N HIS G 385 -8.66 -17.04 -36.71
CA HIS G 385 -9.30 -18.00 -37.60
C HIS G 385 -8.82 -17.87 -39.03
N LYS G 386 -8.58 -19.02 -39.64
CA LYS G 386 -8.10 -19.10 -41.03
C LYS G 386 -9.26 -19.57 -41.90
N PHE G 387 -9.62 -18.74 -42.89
CA PHE G 387 -10.70 -19.02 -43.81
C PHE G 387 -10.13 -19.39 -45.17
N THR G 388 -10.60 -20.49 -45.75
CA THR G 388 -10.12 -20.98 -47.02
C THR G 388 -11.25 -20.98 -48.05
N PHE G 389 -11.05 -20.31 -49.18
CA PHE G 389 -12.05 -20.28 -50.24
C PHE G 389 -12.01 -21.59 -51.04
N PRO G 390 -13.17 -22.12 -51.43
CA PRO G 390 -13.22 -23.41 -52.12
C PRO G 390 -12.66 -23.47 -53.55
N ASP G 391 -12.84 -22.40 -54.32
CA ASP G 391 -12.37 -22.38 -55.72
C ASP G 391 -10.83 -22.23 -55.88
N THR G 392 -10.24 -21.27 -55.18
CA THR G 392 -8.82 -21.02 -55.28
C THR G 392 -8.00 -21.83 -54.28
N GLN G 393 -8.65 -22.30 -53.21
CA GLN G 393 -7.97 -23.03 -52.11
C GLN G 393 -6.98 -22.11 -51.37
N LYS G 394 -7.11 -20.79 -51.56
CA LYS G 394 -6.28 -19.82 -50.87
C LYS G 394 -6.95 -19.44 -49.55
N SER G 395 -6.13 -19.07 -48.58
CA SER G 395 -6.63 -18.73 -47.25
C SER G 395 -6.25 -17.34 -46.78
N VAL G 396 -7.06 -16.81 -45.86
CA VAL G 396 -6.80 -15.52 -45.20
C VAL G 396 -6.99 -15.76 -43.72
N ILE G 397 -6.22 -15.04 -42.91
CA ILE G 397 -6.28 -15.23 -41.48
C ILE G 397 -6.85 -13.98 -40.85
N LEU G 398 -7.97 -14.15 -40.17
CA LEU G 398 -8.68 -13.04 -39.52
C LEU G 398 -8.44 -13.04 -38.03
N LEU G 399 -8.06 -11.89 -37.48
CA LEU G 399 -7.85 -11.77 -36.05
C LEU G 399 -9.11 -11.27 -35.36
N CYS G 400 -9.47 -11.91 -34.25
CA CYS G 400 -10.65 -11.57 -33.45
C CYS G 400 -11.96 -11.44 -34.18
N LYS G 401 -12.22 -12.27 -35.18
CA LYS G 401 -13.49 -12.16 -35.90
C LYS G 401 -13.81 -10.72 -36.31
N GLY G 402 -12.77 -9.96 -36.66
CA GLY G 402 -12.94 -8.58 -37.11
C GLY G 402 -13.21 -7.54 -36.06
N ARG G 403 -13.09 -7.90 -34.78
CA ARG G 403 -13.29 -6.95 -33.68
C ARG G 403 -11.93 -6.38 -33.22
N LEU G 404 -11.95 -5.33 -32.39
CA LEU G 404 -10.73 -4.64 -31.95
C LEU G 404 -9.56 -5.57 -31.67
N VAL G 405 -8.55 -5.53 -32.54
CA VAL G 405 -7.41 -6.41 -32.39
C VAL G 405 -6.57 -6.09 -31.15
N ASN G 406 -6.45 -4.81 -30.81
CA ASN G 406 -5.63 -4.41 -29.66
C ASN G 406 -6.21 -4.84 -28.32
N LEU G 407 -7.54 -4.88 -28.24
CA LEU G 407 -8.24 -5.30 -27.02
C LEU G 407 -8.65 -6.77 -27.04
N GLY G 408 -8.72 -7.37 -28.23
CA GLY G 408 -9.11 -8.76 -28.37
C GLY G 408 -7.97 -9.74 -28.28
N CYS G 409 -6.91 -9.46 -29.02
CA CYS G 409 -5.69 -10.31 -29.01
C CYS G 409 -4.68 -9.84 -27.98
N ALA G 410 -4.88 -8.66 -27.41
CA ALA G 410 -3.99 -8.13 -26.38
C ALA G 410 -4.79 -7.42 -25.30
N THR G 411 -4.14 -6.62 -24.49
CA THR G 411 -4.77 -5.96 -23.34
C THR G 411 -5.11 -4.49 -23.53
N GLY G 412 -5.15 -4.02 -24.77
CA GLY G 412 -5.49 -2.62 -25.05
C GLY G 412 -4.42 -1.63 -24.70
N HIS G 413 -4.76 -0.34 -24.69
CA HIS G 413 -3.78 0.70 -24.39
C HIS G 413 -3.23 0.56 -22.99
N PRO G 414 -2.01 1.05 -22.78
CA PRO G 414 -1.37 0.99 -21.48
C PRO G 414 -1.91 2.08 -20.55
N PRO G 415 -1.65 1.93 -19.25
CA PRO G 415 -2.19 2.84 -18.22
C PRO G 415 -1.99 4.35 -18.40
N LEU G 416 -0.78 4.79 -18.77
CA LEU G 416 -0.53 6.22 -18.88
C LEU G 416 -1.55 6.96 -19.75
N VAL G 417 -1.74 6.51 -20.99
CA VAL G 417 -2.68 7.19 -21.88
C VAL G 417 -4.13 6.95 -21.46
N MET G 418 -4.45 5.80 -20.88
CA MET G 418 -5.82 5.56 -20.42
C MET G 418 -6.14 6.45 -19.22
N SER G 419 -5.14 6.81 -18.44
CA SER G 419 -5.34 7.71 -17.31
C SER G 419 -5.74 9.10 -17.85
N MET G 420 -5.16 9.49 -18.97
CA MET G 420 -5.51 10.77 -19.59
C MET G 420 -6.94 10.73 -20.08
N SER G 421 -7.32 9.64 -20.74
CA SER G 421 -8.69 9.51 -21.23
C SER G 421 -9.69 9.41 -20.08
N PHE G 422 -9.33 8.62 -19.06
CA PHE G 422 -10.22 8.41 -17.93
C PHE G 422 -10.30 9.57 -16.95
N THR G 423 -9.27 10.41 -16.92
CA THR G 423 -9.33 11.61 -16.08
C THR G 423 -10.40 12.50 -16.69
N ASN G 424 -10.42 12.54 -18.03
CA ASN G 424 -11.47 13.29 -18.76
C ASN G 424 -12.85 12.69 -18.43
N GLN G 425 -12.95 11.36 -18.42
CA GLN G 425 -14.22 10.69 -18.07
C GLN G 425 -14.75 11.08 -16.69
N VAL G 426 -13.89 11.02 -15.68
CA VAL G 426 -14.32 11.36 -14.33
C VAL G 426 -14.77 12.83 -14.28
N LEU G 427 -14.02 13.71 -14.92
CA LEU G 427 -14.36 15.13 -14.92
C LEU G 427 -15.71 15.36 -15.63
N ALA G 428 -15.99 14.53 -16.64
CA ALA G 428 -17.26 14.63 -17.38
C ALA G 428 -18.42 14.16 -16.49
N GLN G 429 -18.21 13.05 -15.78
CA GLN G 429 -19.21 12.52 -14.88
C GLN G 429 -19.53 13.55 -13.78
N MET G 430 -18.49 14.18 -13.24
CA MET G 430 -18.69 15.20 -12.21
C MET G 430 -19.47 16.40 -12.75
N ASP G 431 -19.20 16.76 -14.01
CA ASP G 431 -19.87 17.88 -14.65
C ASP G 431 -21.38 17.60 -14.82
N LEU G 432 -21.69 16.42 -15.36
CA LEU G 432 -23.08 16.01 -15.57
C LEU G 432 -23.86 15.90 -14.28
N TRP G 433 -23.23 15.34 -13.25
CA TRP G 433 -23.86 15.18 -11.93
C TRP G 433 -24.10 16.53 -11.25
N LYS G 434 -23.13 17.42 -11.31
CA LYS G 434 -23.27 18.73 -10.69
C LYS G 434 -24.33 19.59 -11.38
N SER G 435 -24.64 19.27 -12.64
CA SER G 435 -25.65 19.99 -13.44
C SER G 435 -27.05 19.35 -13.43
N ARG G 436 -27.27 18.31 -12.65
CA ARG G 436 -28.58 17.62 -12.64
C ARG G 436 -29.80 18.48 -12.44
N GLU G 437 -29.73 19.53 -11.62
CA GLU G 437 -30.91 20.38 -11.39
C GLU G 437 -31.42 21.05 -12.66
N LEU G 438 -30.51 21.35 -13.58
CA LEU G 438 -30.86 21.98 -14.86
C LEU G 438 -31.53 21.04 -15.86
N VAL G 439 -31.61 19.75 -15.56
CA VAL G 439 -32.29 18.78 -16.43
C VAL G 439 -33.76 18.74 -15.99
N ASP G 440 -34.58 19.51 -16.70
CA ASP G 440 -35.99 19.64 -16.40
C ASP G 440 -36.80 18.92 -17.49
N ARG G 441 -37.30 17.73 -17.17
CA ARG G 441 -38.07 16.91 -18.11
C ARG G 441 -39.56 17.24 -18.19
N SER G 442 -40.00 18.23 -17.41
CA SER G 442 -41.35 18.74 -17.57
C SER G 442 -41.02 19.67 -18.74
N LYS G 443 -41.61 19.34 -19.87
CA LYS G 443 -41.38 20.05 -21.16
C LYS G 443 -40.74 19.03 -22.13
N ASN G 444 -40.70 19.42 -23.41
CA ASN G 444 -40.14 18.56 -24.48
C ASN G 444 -38.73 19.05 -24.74
N THR G 445 -38.00 19.14 -23.64
CA THR G 445 -36.62 19.60 -23.67
C THR G 445 -35.73 18.75 -24.62
N ARG G 446 -34.86 19.46 -25.34
CA ARG G 446 -33.93 18.90 -26.27
C ARG G 446 -32.54 18.91 -25.59
N PHE G 447 -31.89 17.74 -25.62
CA PHE G 447 -30.53 17.71 -25.06
C PHE G 447 -29.48 17.79 -26.14
N PHE G 448 -28.32 18.31 -25.75
CA PHE G 448 -27.20 18.51 -26.65
C PHE G 448 -25.89 17.86 -26.17
N VAL G 449 -24.89 17.87 -27.04
CA VAL G 449 -23.57 17.32 -26.78
C VAL G 449 -22.59 18.46 -26.55
N LYS G 450 -21.85 18.42 -25.46
CA LYS G 450 -20.84 19.46 -25.21
C LYS G 450 -19.48 18.80 -24.92
N LYS G 451 -18.44 19.60 -24.86
CA LYS G 451 -17.09 19.14 -24.60
C LYS G 451 -16.57 19.82 -23.37
N LEU G 452 -15.51 19.26 -22.81
CA LEU G 452 -14.88 19.85 -21.63
C LEU G 452 -14.06 21.05 -22.11
N SER G 453 -13.84 22.00 -21.23
CA SER G 453 -13.10 23.21 -21.55
C SER G 453 -11.61 22.94 -21.78
N LYS G 454 -10.93 23.89 -22.42
CA LYS G 454 -9.51 23.81 -22.63
C LYS G 454 -8.78 23.85 -21.27
N GLU G 455 -9.30 24.62 -20.29
CA GLU G 455 -8.69 24.70 -18.97
C GLU G 455 -8.53 23.31 -18.38
N LEU G 456 -9.61 22.53 -18.44
CA LEU G 456 -9.59 21.15 -17.93
C LEU G 456 -8.72 20.25 -18.78
N ASP G 457 -8.72 20.52 -20.06
CA ASP G 457 -7.95 19.73 -21.01
C ASP G 457 -6.46 19.90 -20.64
N GLU G 458 -6.03 21.14 -20.40
CA GLU G 458 -4.65 21.42 -19.99
C GLU G 458 -4.36 20.82 -18.61
N TYR G 459 -5.35 20.86 -17.72
CA TYR G 459 -5.22 20.30 -16.39
C TYR G 459 -4.91 18.78 -16.49
N VAL G 460 -5.61 18.07 -17.36
CA VAL G 460 -5.36 16.64 -17.52
C VAL G 460 -3.90 16.41 -17.87
N ALA G 461 -3.37 17.21 -18.79
CA ALA G 461 -1.98 17.10 -19.16
C ALA G 461 -1.05 17.40 -17.97
N ARG G 462 -1.31 18.50 -17.23
CA ARG G 462 -0.48 18.85 -16.05
C ARG G 462 -0.35 17.72 -15.06
N LEU G 463 -1.46 17.03 -14.81
CA LEU G 463 -1.50 15.94 -13.87
C LEU G 463 -0.58 14.77 -14.24
N HIS G 464 -0.19 14.65 -15.50
CA HIS G 464 0.67 13.54 -15.93
C HIS G 464 2.12 13.92 -16.25
N LEU G 465 2.50 15.17 -16.05
CA LEU G 465 3.88 15.58 -16.36
C LEU G 465 4.97 14.91 -15.50
N ASP G 466 4.74 14.82 -14.19
CA ASP G 466 5.73 14.19 -13.27
C ASP G 466 6.02 12.73 -13.58
N VAL G 467 5.01 11.99 -14.02
CA VAL G 467 5.21 10.58 -14.41
C VAL G 467 6.44 10.46 -15.29
N LEU G 468 6.57 11.33 -16.29
CA LEU G 468 7.66 11.26 -17.26
C LEU G 468 8.83 12.22 -17.03
N GLY G 469 8.91 12.83 -15.86
CA GLY G 469 9.98 13.75 -15.54
C GLY G 469 10.01 15.01 -16.39
N ILE G 470 8.85 15.42 -16.91
CA ILE G 470 8.75 16.61 -17.74
C ILE G 470 8.84 17.86 -16.88
N LYS G 471 9.66 18.80 -17.30
CA LYS G 471 9.82 20.07 -16.58
C LYS G 471 9.25 21.20 -17.43
N LEU G 472 8.13 21.78 -16.99
CA LEU G 472 7.51 22.88 -17.72
C LEU G 472 8.21 24.19 -17.44
N THR G 473 8.27 25.00 -18.48
CA THR G 473 8.81 26.34 -18.39
C THR G 473 7.64 27.24 -17.95
N LYS G 474 7.94 28.28 -17.19
CA LYS G 474 6.91 29.22 -16.76
C LYS G 474 7.12 30.55 -17.44
N LEU G 475 6.07 31.12 -18.00
CA LEU G 475 6.16 32.41 -18.67
C LEU G 475 6.40 33.53 -17.68
N THR G 476 7.13 34.56 -18.11
CA THR G 476 7.35 35.74 -17.29
C THR G 476 6.13 36.62 -17.55
N GLU G 477 5.92 37.63 -16.71
CA GLU G 477 4.78 38.53 -16.91
C GLU G 477 4.83 39.21 -18.28
N THR G 478 6.03 39.61 -18.71
CA THR G 478 6.24 40.26 -20.02
C THR G 478 5.95 39.32 -21.19
N GLN G 479 6.42 38.08 -21.07
CA GLN G 479 6.18 37.08 -22.12
C GLN G 479 4.70 36.77 -22.25
N ALA G 480 4.02 36.64 -21.12
CA ALA G 480 2.58 36.33 -21.10
C ALA G 480 1.81 37.45 -21.81
N LYS G 481 2.21 38.68 -21.55
CA LYS G 481 1.57 39.81 -22.20
C LYS G 481 1.90 39.82 -23.69
N TYR G 482 3.13 39.47 -24.04
CA TYR G 482 3.57 39.48 -25.42
C TYR G 482 2.76 38.51 -26.29
N ILE G 483 2.54 37.27 -25.82
CA ILE G 483 1.76 36.28 -26.59
C ILE G 483 0.27 36.30 -26.22
N ASN G 484 -0.11 37.26 -25.37
CA ASN G 484 -1.51 37.49 -24.99
C ASN G 484 -2.22 36.31 -24.30
N VAL G 485 -1.56 35.76 -23.29
CA VAL G 485 -2.13 34.67 -22.51
C VAL G 485 -1.87 34.88 -21.03
N SER G 486 -2.61 34.15 -20.22
CA SER G 486 -2.42 34.17 -18.79
C SER G 486 -1.25 33.24 -18.49
N ILE G 487 -0.47 33.58 -17.46
CA ILE G 487 0.64 32.73 -17.07
C ILE G 487 0.16 31.30 -16.80
N ASN G 488 -1.06 31.17 -16.28
CA ASN G 488 -1.63 29.85 -15.96
C ASN G 488 -2.47 29.26 -17.07
N GLY G 489 -2.48 29.88 -18.25
CA GLY G 489 -3.25 29.37 -19.37
C GLY G 489 -4.72 29.78 -19.33
N PRO G 490 -5.50 29.34 -20.32
CA PRO G 490 -5.05 28.48 -21.41
C PRO G 490 -4.07 29.19 -22.36
N TYR G 491 -3.20 28.41 -22.98
CA TYR G 491 -2.13 28.93 -23.84
C TYR G 491 -2.42 28.98 -25.34
N LYS G 492 -3.53 28.37 -25.75
CA LYS G 492 -3.86 28.31 -27.17
C LYS G 492 -5.29 28.72 -27.44
N SER G 493 -5.57 29.18 -28.64
CA SER G 493 -6.93 29.54 -29.07
C SER G 493 -7.75 28.26 -29.18
N GLU G 494 -9.07 28.40 -29.17
CA GLU G 494 -9.96 27.22 -29.27
C GLU G 494 -9.83 26.42 -30.55
N ASP G 495 -9.37 27.05 -31.62
CA ASP G 495 -9.22 26.36 -32.91
C ASP G 495 -7.84 25.72 -33.12
N TYR G 496 -6.95 25.82 -32.13
CA TYR G 496 -5.59 25.28 -32.24
C TYR G 496 -5.64 23.76 -32.35
N ARG G 497 -4.86 23.21 -33.26
CA ARG G 497 -4.89 21.77 -33.53
C ARG G 497 -3.80 20.91 -32.91
N TYR G 498 -2.83 21.52 -32.23
CA TYR G 498 -1.75 20.75 -31.59
C TYR G 498 -1.09 19.78 -32.59
N LYS H 5 6.63 56.25 -56.28
CA LYS H 5 7.65 55.54 -57.13
C LYS H 5 7.03 54.60 -58.20
N MET H 6 7.26 54.95 -59.46
CA MET H 6 6.78 54.18 -60.63
C MET H 6 7.66 52.94 -60.88
N GLU H 7 8.99 53.12 -60.78
N GLU H 7 8.98 53.12 -60.84
CA GLU H 7 9.96 52.08 -61.01
CA GLU H 7 9.91 52.01 -61.08
C GLU H 7 10.39 51.32 -59.76
C GLU H 7 10.35 51.30 -59.80
N SER H 8 10.80 50.08 -59.99
CA SER H 8 11.23 49.19 -58.93
C SER H 8 12.62 49.49 -58.41
N ARG H 9 12.88 49.05 -57.19
CA ARG H 9 14.20 49.13 -56.54
C ARG H 9 14.61 47.71 -56.19
N ILE H 10 15.50 47.14 -57.00
CA ILE H 10 16.03 45.80 -56.81
C ILE H 10 17.55 45.84 -56.95
N LYS H 11 18.22 44.71 -56.73
CA LYS H 11 19.67 44.70 -56.84
C LYS H 11 20.18 44.65 -58.29
N ASP H 12 19.69 43.69 -59.08
CA ASP H 12 20.21 43.49 -60.42
C ASP H 12 19.22 42.80 -61.37
N ILE H 13 18.71 43.58 -62.31
CA ILE H 13 17.76 43.11 -63.32
C ILE H 13 18.32 41.98 -64.19
N SER H 14 19.65 41.92 -64.36
CA SER H 14 20.27 40.88 -65.21
C SER H 14 20.17 39.46 -64.64
N LEU H 15 19.75 39.34 -63.39
CA LEU H 15 19.55 38.04 -62.76
C LEU H 15 18.19 37.45 -63.15
N ALA H 16 17.39 38.21 -63.91
CA ALA H 16 16.06 37.79 -64.33
C ALA H 16 15.97 36.42 -64.98
N GLU H 17 16.90 36.11 -65.88
CA GLU H 17 16.84 34.82 -66.58
C GLU H 17 16.95 33.63 -65.64
N PHE H 18 17.81 33.71 -64.63
CA PHE H 18 17.98 32.64 -63.65
C PHE H 18 16.68 32.49 -62.83
N GLY H 19 16.06 33.61 -62.50
CA GLY H 19 14.81 33.63 -61.75
C GLY H 19 13.66 32.98 -62.50
N LEU H 20 13.58 33.25 -63.80
CA LEU H 20 12.53 32.68 -64.64
C LEU H 20 12.71 31.17 -64.80
N GLN H 21 13.96 30.72 -64.87
CA GLN H 21 14.26 29.29 -64.97
C GLN H 21 13.84 28.57 -63.69
N ASP H 22 14.18 29.15 -62.53
CA ASP H 22 13.81 28.56 -61.24
C ASP H 22 12.30 28.55 -61.04
N MET H 23 11.63 29.61 -61.51
CA MET H 23 10.17 29.67 -61.43
C MET H 23 9.54 28.50 -62.17
N GLU H 24 10.01 28.23 -63.38
CA GLU H 24 9.45 27.13 -64.18
C GLU H 24 9.71 25.78 -63.56
N ILE H 25 10.87 25.59 -62.94
CA ILE H 25 11.18 24.32 -62.28
C ILE H 25 10.31 24.17 -61.04
N ALA H 26 10.18 25.25 -60.29
CA ALA H 26 9.36 25.25 -59.09
C ALA H 26 7.89 24.94 -59.39
N LYS H 27 7.37 25.45 -60.51
CA LYS H 27 5.97 25.20 -60.90
C LYS H 27 5.65 23.73 -61.15
N THR H 28 6.66 22.90 -61.37
CA THR H 28 6.42 21.47 -61.55
C THR H 28 5.68 20.92 -60.31
N ASP H 29 6.04 21.44 -59.13
CA ASP H 29 5.44 21.03 -57.87
C ASP H 29 4.37 21.96 -57.31
N MET H 30 4.33 23.22 -57.74
CA MET H 30 3.32 24.15 -57.21
C MET H 30 2.02 24.03 -58.00
N MET H 31 1.44 22.84 -58.03
N MET H 31 1.44 22.82 -58.03
CA MET H 31 0.23 22.61 -58.83
CA MET H 31 0.20 22.55 -58.79
C MET H 31 -1.00 23.43 -58.46
C MET H 31 -0.99 23.41 -58.45
N GLY H 32 -1.07 23.86 -57.20
CA GLY H 32 -2.19 24.67 -56.76
C GLY H 32 -2.22 25.98 -57.50
N LEU H 33 -1.09 26.66 -57.52
CA LEU H 33 -0.98 27.93 -58.20
C LEU H 33 -1.13 27.76 -59.70
N VAL H 34 -0.57 26.67 -60.25
CA VAL H 34 -0.68 26.39 -61.67
C VAL H 34 -2.14 26.17 -62.07
N GLU H 35 -2.88 25.46 -61.22
CA GLU H 35 -4.29 25.20 -61.51
C GLU H 35 -5.12 26.48 -61.44
N LEU H 36 -4.85 27.33 -60.46
CA LEU H 36 -5.57 28.61 -60.35
C LEU H 36 -5.28 29.47 -61.56
N GLN H 37 -4.04 29.46 -62.04
CA GLN H 37 -3.73 30.23 -63.24
C GLN H 37 -4.52 29.70 -64.42
N ARG H 38 -4.52 28.38 -64.60
CA ARG H 38 -5.23 27.77 -65.73
C ARG H 38 -6.74 28.02 -65.66
N LYS H 39 -7.29 27.95 -64.45
CA LYS H 39 -8.73 28.13 -64.26
C LYS H 39 -9.24 29.57 -64.35
N TYR H 40 -8.45 30.53 -63.87
CA TYR H 40 -8.88 31.91 -63.80
C TYR H 40 -8.17 32.96 -64.65
N ARG H 41 -7.16 32.57 -65.42
CA ARG H 41 -6.46 33.57 -66.26
C ARG H 41 -7.36 34.23 -67.30
N ASP H 42 -8.44 33.57 -67.71
CA ASP H 42 -9.37 34.14 -68.71
C ASP H 42 -10.41 35.05 -68.07
N SER H 43 -11.05 34.59 -67.00
CA SER H 43 -12.11 35.35 -66.33
C SER H 43 -11.58 36.53 -65.51
N LYS H 44 -10.31 36.51 -65.12
CA LYS H 44 -9.70 37.61 -64.35
C LYS H 44 -10.53 38.03 -63.13
N PRO H 45 -10.70 37.15 -62.14
CA PRO H 45 -11.51 37.51 -60.98
C PRO H 45 -11.00 38.69 -60.16
N LEU H 46 -9.70 39.00 -60.25
CA LEU H 46 -9.10 40.14 -59.53
C LEU H 46 -8.87 41.37 -60.43
N LYS H 47 -9.53 41.41 -61.59
CA LYS H 47 -9.35 42.52 -62.53
C LYS H 47 -9.64 43.87 -61.86
N GLY H 48 -8.65 44.77 -61.94
CA GLY H 48 -8.76 46.11 -61.37
C GLY H 48 -8.27 46.27 -59.95
N ALA H 49 -7.97 45.16 -59.29
CA ALA H 49 -7.51 45.20 -57.91
C ALA H 49 -6.07 45.62 -57.79
N ARG H 50 -5.79 46.51 -56.84
CA ARG H 50 -4.44 46.96 -56.55
C ARG H 50 -4.00 46.22 -55.30
N ILE H 51 -3.02 45.34 -55.44
CA ILE H 51 -2.53 44.51 -54.34
C ILE H 51 -1.10 44.84 -53.93
N THR H 52 -0.93 45.14 -52.64
CA THR H 52 0.39 45.39 -52.06
C THR H 52 0.73 44.19 -51.23
N GLY H 53 1.92 43.63 -51.42
CA GLY H 53 2.35 42.47 -50.65
C GLY H 53 3.63 42.68 -49.86
N SER H 54 3.63 42.23 -48.60
CA SER H 54 4.80 42.25 -47.72
C SER H 54 5.05 40.79 -47.35
N LEU H 55 5.92 40.12 -48.12
CA LEU H 55 6.20 38.69 -47.93
C LEU H 55 7.50 38.28 -48.63
N HIS H 56 8.37 37.60 -47.87
CA HIS H 56 9.67 37.09 -48.36
C HIS H 56 9.66 36.90 -49.86
N LEU H 57 10.40 37.73 -50.60
CA LEU H 57 10.38 37.64 -52.06
C LEU H 57 11.33 36.56 -52.56
N THR H 58 10.83 35.33 -52.50
CA THR H 58 11.54 34.14 -52.93
C THR H 58 10.99 33.71 -54.28
N ILE H 59 11.58 32.66 -54.86
CA ILE H 59 11.09 32.10 -56.11
C ILE H 59 9.64 31.64 -55.92
N GLU H 60 9.37 31.01 -54.78
CA GLU H 60 8.01 30.55 -54.50
C GLU H 60 7.03 31.72 -54.47
N THR H 61 7.44 32.82 -53.82
CA THR H 61 6.61 34.02 -53.77
C THR H 61 6.42 34.61 -55.17
N SER H 62 7.43 34.49 -56.04
CA SER H 62 7.29 34.98 -57.42
C SER H 62 6.17 34.30 -58.16
N VAL H 63 5.95 33.01 -57.88
CA VAL H 63 4.89 32.26 -58.52
C VAL H 63 3.54 32.74 -57.97
N LEU H 64 3.51 33.07 -56.68
CA LEU H 64 2.29 33.63 -56.07
C LEU H 64 1.93 34.94 -56.77
N VAL H 65 2.93 35.83 -56.85
CA VAL H 65 2.75 37.13 -57.49
C VAL H 65 2.31 36.96 -58.94
N GLU H 66 2.92 36.01 -59.64
CA GLU H 66 2.57 35.74 -61.03
C GLU H 66 1.11 35.30 -61.11
N THR H 67 0.69 34.47 -60.16
CA THR H 67 -0.69 33.97 -60.14
C THR H 67 -1.68 35.12 -59.95
N LEU H 68 -1.39 36.00 -58.99
CA LEU H 68 -2.24 37.17 -58.74
C LEU H 68 -2.34 38.05 -60.00
N TYR H 69 -1.20 38.21 -60.67
CA TYR H 69 -1.15 39.01 -61.91
C TYR H 69 -1.97 38.36 -63.02
N GLU H 70 -1.83 37.05 -63.20
CA GLU H 70 -2.60 36.33 -64.22
C GLU H 70 -4.10 36.43 -63.96
N LEU H 71 -4.47 36.56 -62.68
CA LEU H 71 -5.89 36.72 -62.31
C LEU H 71 -6.39 38.17 -62.44
N GLY H 72 -5.52 39.06 -62.95
CA GLY H 72 -5.90 40.44 -63.27
C GLY H 72 -5.49 41.57 -62.35
N ALA H 73 -4.80 41.28 -61.27
CA ALA H 73 -4.41 42.32 -60.33
C ALA H 73 -3.16 43.08 -60.76
N GLU H 74 -3.08 44.34 -60.32
CA GLU H 74 -1.89 45.17 -60.51
C GLU H 74 -1.17 44.96 -59.18
N ILE H 75 0.16 44.88 -59.19
CA ILE H 75 0.88 44.54 -57.97
C ILE H 75 2.13 45.33 -57.63
N ARG H 76 2.29 45.60 -56.33
CA ARG H 76 3.47 46.25 -55.76
C ARG H 76 3.89 45.34 -54.64
N TRP H 77 5.17 45.04 -54.54
CA TRP H 77 5.63 44.08 -53.55
C TRP H 77 6.92 44.47 -52.86
N CYS H 78 7.06 43.99 -51.63
CA CYS H 78 8.25 44.18 -50.83
C CYS H 78 8.40 42.93 -49.99
N SER H 79 9.58 42.74 -49.42
CA SER H 79 9.82 41.57 -48.58
C SER H 79 9.42 41.90 -47.14
N CYS H 80 9.15 40.87 -46.35
CA CYS H 80 8.79 41.04 -44.94
C CYS H 80 9.98 40.75 -44.02
N ASN H 81 11.17 40.62 -44.59
CA ASN H 81 12.37 40.32 -43.83
C ASN H 81 13.60 40.82 -44.60
N ILE H 82 14.50 41.52 -43.90
CA ILE H 82 15.68 42.10 -44.54
C ILE H 82 16.65 41.13 -45.23
N TYR H 83 16.63 39.85 -44.85
CA TYR H 83 17.55 38.88 -45.45
C TYR H 83 16.91 37.85 -46.38
N SER H 84 15.58 37.74 -46.37
CA SER H 84 14.89 36.68 -47.13
C SER H 84 14.76 36.81 -48.64
N THR H 85 14.92 38.01 -49.18
CA THR H 85 14.75 38.19 -50.61
C THR H 85 15.79 37.44 -51.44
N GLN H 86 15.32 36.81 -52.52
CA GLN H 86 16.18 36.15 -53.49
C GLN H 86 16.20 37.13 -54.67
N ASP H 87 17.35 37.74 -54.90
CA ASP H 87 17.49 38.77 -55.95
C ASP H 87 17.08 38.35 -57.35
N HIS H 88 17.34 37.09 -57.70
CA HIS H 88 16.96 36.61 -59.05
C HIS H 88 15.44 36.48 -59.16
N ALA H 89 14.77 36.22 -58.05
CA ALA H 89 13.30 36.12 -58.04
C ALA H 89 12.68 37.50 -58.23
N ALA H 90 13.28 38.50 -57.58
CA ALA H 90 12.82 39.89 -57.69
C ALA H 90 13.00 40.39 -59.11
N ALA H 91 14.17 40.11 -59.67
CA ALA H 91 14.50 40.54 -61.02
C ALA H 91 13.52 39.97 -62.04
N ALA H 92 13.14 38.71 -61.85
CA ALA H 92 12.21 38.04 -62.77
C ALA H 92 10.89 38.78 -62.84
N LEU H 93 10.38 39.19 -61.68
CA LEU H 93 9.11 39.92 -61.61
C LEU H 93 9.19 41.27 -62.34
N VAL H 94 10.27 42.00 -62.11
CA VAL H 94 10.47 43.30 -62.74
C VAL H 94 10.66 43.15 -64.24
N LYS H 95 11.48 42.18 -64.62
CA LYS H 95 11.77 41.94 -66.05
C LYS H 95 10.52 41.68 -66.85
N LYS H 96 9.59 40.90 -66.31
CA LYS H 96 8.36 40.56 -67.02
C LYS H 96 7.18 41.49 -66.76
N ASN H 97 7.41 42.60 -66.05
CA ASN H 97 6.35 43.59 -65.72
C ASN H 97 5.18 42.99 -64.94
N ILE H 98 5.44 41.96 -64.15
CA ILE H 98 4.42 41.31 -63.35
C ILE H 98 4.09 42.22 -62.16
N ALA H 99 5.09 42.91 -61.62
CA ALA H 99 4.88 43.77 -60.45
C ALA H 99 5.97 44.80 -60.29
N THR H 100 5.70 45.78 -59.45
CA THR H 100 6.66 46.82 -59.11
C THR H 100 7.21 46.35 -57.77
N VAL H 101 8.51 46.06 -57.74
CA VAL H 101 9.16 45.48 -56.57
C VAL H 101 10.12 46.43 -55.86
N PHE H 102 10.06 46.38 -54.53
CA PHE H 102 10.95 47.16 -53.66
C PHE H 102 11.56 46.15 -52.69
N ALA H 103 12.60 45.45 -53.15
CA ALA H 103 13.24 44.41 -52.34
C ALA H 103 14.59 43.93 -52.86
N TRP H 104 15.45 43.59 -51.90
CA TRP H 104 16.77 43.04 -52.18
C TRP H 104 17.30 42.33 -50.95
N LYS H 105 18.21 41.39 -51.15
CA LYS H 105 18.79 40.65 -50.05
C LYS H 105 19.73 41.57 -49.28
N ASN H 106 19.73 41.46 -47.96
CA ASN H 106 20.60 42.23 -47.07
C ASN H 106 20.29 43.73 -47.04
N GLU H 107 19.02 44.04 -46.78
CA GLU H 107 18.55 45.42 -46.66
C GLU H 107 18.94 45.92 -45.27
N THR H 108 19.03 47.23 -45.13
CA THR H 108 19.23 47.81 -43.82
C THR H 108 17.80 47.92 -43.27
N ILE H 109 17.66 48.03 -41.96
CA ILE H 109 16.34 48.18 -41.37
C ILE H 109 15.69 49.47 -41.87
N GLU H 110 16.47 50.52 -42.08
CA GLU H 110 15.92 51.77 -42.59
C GLU H 110 15.29 51.55 -43.97
N ASP H 111 16.03 50.88 -44.85
CA ASP H 111 15.55 50.59 -46.20
C ASP H 111 14.33 49.66 -46.21
N TYR H 112 14.26 48.75 -45.23
CA TYR H 112 13.13 47.84 -45.13
C TYR H 112 11.80 48.62 -45.05
N TRP H 113 11.74 49.57 -44.13
CA TRP H 113 10.54 50.37 -43.94
C TRP H 113 10.25 51.35 -45.09
N VAL H 114 11.31 51.83 -45.75
CA VAL H 114 11.13 52.71 -46.90
C VAL H 114 10.51 51.91 -48.04
N CYS H 115 10.99 50.67 -48.21
CA CYS H 115 10.47 49.78 -49.25
C CYS H 115 9.00 49.45 -49.01
N LEU H 116 8.66 49.15 -47.76
CA LEU H 116 7.27 48.84 -47.39
C LEU H 116 6.36 50.03 -47.68
N ASN H 117 6.82 51.22 -47.29
CA ASN H 117 6.07 52.43 -47.52
C ASN H 117 5.88 52.66 -49.03
N ASP H 118 6.94 52.42 -49.79
CA ASP H 118 6.87 52.56 -51.25
C ASP H 118 5.87 51.57 -51.85
N ALA H 119 5.87 50.34 -51.35
CA ALA H 119 4.96 49.31 -51.85
C ALA H 119 3.51 49.65 -51.56
N MET H 120 3.27 50.37 -50.48
CA MET H 120 1.91 50.79 -50.09
C MET H 120 1.45 52.03 -50.88
N THR H 121 2.36 52.71 -51.56
CA THR H 121 2.04 53.94 -52.30
C THR H 121 1.69 53.71 -53.76
N TRP H 122 0.46 54.04 -54.14
CA TRP H 122 -0.03 53.89 -55.51
C TRP H 122 -0.42 55.22 -56.13
N ARG H 123 -0.25 55.35 -57.43
CA ARG H 123 -0.60 56.59 -58.13
C ARG H 123 -2.04 56.50 -58.56
N ILE H 131 -2.15 60.58 -55.01
CA ILE H 131 -1.77 59.34 -54.35
C ILE H 131 -2.98 58.61 -53.75
N CYS H 132 -2.87 57.28 -53.65
CA CYS H 132 -3.89 56.44 -53.03
C CYS H 132 -3.20 55.16 -52.49
N GLY H 133 -3.98 54.27 -51.90
CA GLY H 133 -3.42 53.04 -51.33
C GLY H 133 -3.83 51.81 -52.09
N PRO H 134 -3.52 50.63 -51.54
CA PRO H 134 -3.93 49.41 -52.20
C PRO H 134 -5.37 49.07 -51.86
N ASN H 135 -5.94 48.14 -52.64
CA ASN H 135 -7.29 47.64 -52.40
C ASN H 135 -7.20 46.45 -51.45
N LEU H 136 -6.14 45.66 -51.63
CA LEU H 136 -5.92 44.46 -50.84
C LEU H 136 -4.46 44.35 -50.40
N ILE H 137 -4.23 43.64 -49.31
CA ILE H 137 -2.89 43.45 -48.78
C ILE H 137 -2.60 41.98 -48.50
N VAL H 138 -1.41 41.52 -48.89
CA VAL H 138 -0.94 40.17 -48.58
C VAL H 138 0.15 40.47 -47.56
N ASP H 139 -0.04 40.03 -46.32
CA ASP H 139 0.90 40.36 -45.27
C ASP H 139 1.47 39.09 -44.64
N ASP H 140 2.72 39.17 -44.21
CA ASP H 140 3.43 38.04 -43.61
C ASP H 140 4.20 38.55 -42.39
N GLY H 141 3.53 38.58 -41.25
CA GLY H 141 4.13 39.07 -40.01
C GLY H 141 3.40 40.30 -39.47
N GLY H 142 2.57 40.90 -40.31
CA GLY H 142 1.78 42.07 -39.90
C GLY H 142 2.39 43.45 -40.05
N ASP H 143 3.57 43.57 -40.66
CA ASP H 143 4.21 44.90 -40.82
C ASP H 143 3.44 45.86 -41.72
N ALA H 144 2.85 45.35 -42.80
CA ALA H 144 2.06 46.20 -43.70
C ALA H 144 0.81 46.68 -42.97
N THR H 145 0.21 45.78 -42.20
CA THR H 145 -0.97 46.09 -41.41
C THR H 145 -0.62 47.06 -40.28
N LEU H 146 0.59 46.92 -39.74
CA LEU H 146 1.05 47.78 -38.65
C LEU H 146 1.28 49.22 -39.10
N ILE H 147 2.02 49.40 -40.20
CA ILE H 147 2.32 50.74 -40.68
C ILE H 147 1.03 51.50 -41.02
N LEU H 148 0.03 50.77 -41.53
CA LEU H 148 -1.27 51.36 -41.85
C LEU H 148 -1.97 51.88 -40.60
N HIS H 149 -2.13 51.01 -39.61
CA HIS H 149 -2.81 51.39 -38.36
C HIS H 149 -2.07 52.44 -37.56
N GLU H 150 -0.73 52.35 -37.52
CA GLU H 150 0.08 53.33 -36.82
C GLU H 150 0.08 54.66 -37.57
N GLY H 151 -0.05 54.58 -38.89
CA GLY H 151 -0.13 55.76 -39.74
C GLY H 151 -1.42 56.53 -39.46
N VAL H 152 -2.53 55.80 -39.38
CA VAL H 152 -3.81 56.41 -39.08
C VAL H 152 -3.77 57.07 -37.69
N LYS H 153 -3.23 56.36 -36.71
CA LYS H 153 -3.11 56.91 -35.34
C LYS H 153 -2.28 58.18 -35.32
N ALA H 154 -1.18 58.16 -36.06
CA ALA H 154 -0.28 59.30 -36.13
C ALA H 154 -0.99 60.53 -36.72
N GLU H 155 -1.78 60.30 -37.77
CA GLU H 155 -2.51 61.37 -38.43
C GLU H 155 -3.59 61.99 -37.54
N ILE H 156 -4.27 61.16 -36.74
CA ILE H 156 -5.31 61.63 -35.83
C ILE H 156 -4.69 62.49 -34.72
N GLU H 157 -3.55 62.02 -34.18
CA GLU H 157 -2.83 62.75 -33.14
C GLU H 157 -2.24 64.06 -33.69
N TYR H 158 -1.88 64.04 -34.98
CA TYR H 158 -1.31 65.21 -35.64
C TYR H 158 -2.36 66.31 -35.76
N GLU H 159 -3.57 65.96 -36.21
CA GLU H 159 -4.65 66.96 -36.34
C GLU H 159 -5.12 67.51 -35.01
N LYS H 160 -5.18 66.65 -34.01
CA LYS H 160 -5.66 67.01 -32.67
C LYS H 160 -4.86 68.17 -32.04
N TYR H 161 -3.52 68.06 -32.05
CA TYR H 161 -2.63 69.05 -31.45
C TYR H 161 -1.90 69.94 -32.47
N ASN H 162 -2.13 69.67 -33.76
CA ASN H 162 -1.52 70.44 -34.86
C ASN H 162 0.02 70.45 -34.84
N LYS H 163 0.61 69.36 -34.38
CA LYS H 163 2.07 69.20 -34.34
C LYS H 163 2.47 67.72 -34.46
N ILE H 164 3.72 67.48 -34.78
CA ILE H 164 4.23 66.12 -34.90
C ILE H 164 4.15 65.47 -33.51
N PRO H 165 3.47 64.30 -33.39
CA PRO H 165 3.36 63.61 -32.10
C PRO H 165 4.74 63.34 -31.47
N GLU H 166 4.85 63.58 -30.17
CA GLU H 166 6.12 63.42 -29.47
C GLU H 166 6.66 61.99 -29.45
N TYR H 167 5.80 60.98 -29.60
CA TYR H 167 6.28 59.59 -29.60
C TYR H 167 7.08 59.23 -30.88
N LEU H 168 6.88 60.00 -31.95
CA LEU H 168 7.58 59.80 -33.22
C LEU H 168 8.97 60.46 -33.27
N GLU H 169 9.21 61.42 -32.36
CA GLU H 169 10.48 62.15 -32.31
C GLU H 169 11.45 61.60 -31.28
N THR H 170 10.93 61.08 -30.18
CA THR H 170 11.76 60.46 -29.14
C THR H 170 12.39 59.16 -29.63
N GLU H 171 13.56 58.88 -29.06
CA GLU H 171 14.33 57.70 -29.37
C GLU H 171 14.08 56.63 -28.29
N LEU H 172 13.36 57.00 -27.22
CA LEU H 172 13.03 56.11 -26.11
C LEU H 172 11.53 55.76 -26.16
N ASP H 173 11.14 54.72 -25.42
CA ASP H 173 9.73 54.30 -25.34
C ASP H 173 9.09 54.90 -24.07
N GLU H 174 7.87 54.47 -23.74
CA GLU H 174 7.17 54.99 -22.55
C GLU H 174 7.91 54.70 -21.22
N ASN H 175 8.64 53.58 -21.19
CA ASN H 175 9.38 53.15 -19.99
C ASN H 175 10.86 53.59 -19.94
N GLY H 176 11.30 54.40 -20.90
CA GLY H 176 12.69 54.91 -20.92
C GLY H 176 13.73 54.04 -21.66
N LYS H 177 13.31 52.92 -22.20
CA LYS H 177 14.21 51.97 -22.92
C LYS H 177 14.28 52.34 -24.39
N GLN H 178 15.44 52.09 -25.02
CA GLN H 178 15.61 52.37 -26.45
C GLN H 178 14.56 51.66 -27.28
N LEU H 179 13.98 52.37 -28.24
CA LEU H 179 13.02 51.77 -29.14
C LEU H 179 13.78 50.80 -30.04
N SER H 180 13.10 49.78 -30.53
CA SER H 180 13.73 48.83 -31.44
C SER H 180 14.04 49.58 -32.73
N MET H 181 15.05 49.12 -33.47
CA MET H 181 15.37 49.73 -34.75
C MET H 181 14.16 49.74 -35.69
N ASP H 182 13.38 48.65 -35.67
CA ASP H 182 12.19 48.55 -36.51
C ASP H 182 11.16 49.64 -36.18
N LEU H 183 11.01 49.96 -34.91
CA LEU H 183 10.08 51.03 -34.53
C LEU H 183 10.63 52.42 -34.91
N LYS H 184 11.92 52.66 -34.65
CA LYS H 184 12.53 53.94 -34.99
C LYS H 184 12.42 54.23 -36.47
N CYS H 185 12.74 53.22 -37.29
CA CYS H 185 12.70 53.36 -38.73
C CYS H 185 11.30 53.50 -39.31
N MET H 186 10.31 52.88 -38.66
CA MET H 186 8.93 53.02 -39.12
C MET H 186 8.46 54.44 -38.77
N TYR H 187 8.74 54.87 -37.54
CA TYR H 187 8.40 56.21 -37.03
C TYR H 187 9.01 57.30 -37.89
N LYS H 188 10.25 57.07 -38.33
CA LYS H 188 10.96 57.99 -39.21
C LYS H 188 10.17 58.16 -40.53
N VAL H 189 9.62 57.05 -41.03
CA VAL H 189 8.82 57.07 -42.26
C VAL H 189 7.47 57.76 -42.02
N LEU H 190 6.84 57.46 -40.89
CA LEU H 190 5.56 58.07 -40.54
C LEU H 190 5.69 59.57 -40.38
N LYS H 191 6.76 60.01 -39.74
CA LYS H 191 7.03 61.44 -39.53
C LYS H 191 7.16 62.12 -40.90
N MET H 192 7.97 61.51 -41.77
CA MET H 192 8.21 62.02 -43.11
C MET H 192 6.88 62.16 -43.87
N GLU H 193 5.99 61.17 -43.74
CA GLU H 193 4.69 61.22 -44.43
C GLU H 193 3.70 62.24 -43.85
N LEU H 194 3.80 62.53 -42.54
CA LEU H 194 2.95 63.54 -41.93
C LEU H 194 3.31 64.92 -42.51
N LEU H 195 4.59 65.14 -42.76
CA LEU H 195 5.08 66.39 -43.32
C LEU H 195 4.68 66.56 -44.78
N LYS H 196 4.61 65.45 -45.53
CA LYS H 196 4.24 65.50 -46.95
C LYS H 196 2.73 65.58 -47.14
N ASN H 197 2.01 64.66 -46.50
CA ASN H 197 0.55 64.59 -46.63
C ASN H 197 -0.05 63.94 -45.39
N PRO H 198 -0.60 64.76 -44.46
CA PRO H 198 -1.20 64.20 -43.23
C PRO H 198 -2.58 63.52 -43.39
N PHE H 199 -3.05 63.33 -44.62
N PHE H 199 -3.03 63.40 -44.64
CA PHE H 199 -4.32 62.61 -44.87
CA PHE H 199 -4.29 62.74 -45.01
C PHE H 199 -4.04 61.33 -45.69
C PHE H 199 -4.01 61.46 -45.85
N ARG H 200 -2.76 60.99 -45.85
CA ARG H 200 -2.34 59.80 -46.62
C ARG H 200 -2.96 58.48 -46.18
N TRP H 201 -2.75 58.14 -44.91
CA TRP H 201 -3.21 56.86 -44.37
C TRP H 201 -4.74 56.73 -44.27
N ARG H 202 -5.41 57.76 -43.77
CA ARG H 202 -6.87 57.74 -43.69
C ARG H 202 -7.49 57.73 -45.08
N GLY H 203 -6.79 58.32 -46.05
CA GLY H 203 -7.23 58.34 -47.44
C GLY H 203 -7.21 56.96 -48.07
N MET H 204 -6.32 56.10 -47.60
CA MET H 204 -6.23 54.73 -48.11
C MET H 204 -7.39 53.85 -47.65
N LEU H 205 -7.96 54.18 -46.49
CA LEU H 205 -9.05 53.40 -45.92
C LEU H 205 -10.26 53.33 -46.83
N LYS H 206 -10.55 54.41 -47.54
CA LYS H 206 -11.71 54.44 -48.43
C LYS H 206 -11.74 53.22 -49.37
N ASP H 207 -10.59 52.89 -49.96
CA ASP H 207 -10.49 51.77 -50.91
C ASP H 207 -9.92 50.44 -50.40
N LEU H 208 -9.55 50.36 -49.11
CA LEU H 208 -9.04 49.08 -48.56
C LEU H 208 -10.16 48.11 -48.27
N TYR H 209 -10.13 46.95 -48.92
CA TYR H 209 -11.16 45.95 -48.74
C TYR H 209 -10.69 44.73 -47.93
N GLY H 210 -9.41 44.68 -47.59
CA GLY H 210 -8.91 43.57 -46.76
C GLY H 210 -7.44 43.20 -46.81
N VAL H 211 -7.05 42.37 -45.84
CA VAL H 211 -5.71 41.84 -45.73
C VAL H 211 -5.78 40.33 -45.45
N SER H 212 -4.93 39.54 -46.12
CA SER H 212 -4.85 38.11 -45.88
C SER H 212 -3.49 37.91 -45.20
N GLU H 213 -3.51 37.46 -43.93
CA GLU H 213 -2.30 37.28 -43.12
C GLU H 213 -1.79 35.83 -43.12
N GLU H 214 -0.51 35.69 -43.44
CA GLU H 214 0.17 34.41 -43.58
C GLU H 214 0.61 33.71 -42.29
N THR H 215 1.00 34.46 -41.25
CA THR H 215 1.58 33.80 -40.08
C THR H 215 0.92 33.92 -38.72
N THR H 216 1.34 33.04 -37.81
CA THR H 216 0.84 32.97 -36.46
C THR H 216 1.03 34.30 -35.74
N THR H 217 2.23 34.84 -35.85
CA THR H 217 2.58 36.11 -35.22
C THR H 217 1.70 37.25 -35.72
N GLY H 218 1.48 37.32 -37.03
CA GLY H 218 0.62 38.35 -37.60
C GLY H 218 -0.83 38.19 -37.22
N VAL H 219 -1.29 36.94 -37.16
CA VAL H 219 -2.67 36.63 -36.76
C VAL H 219 -2.91 37.09 -35.32
N LEU H 220 -1.90 36.92 -34.47
CA LEU H 220 -2.00 37.35 -33.08
C LEU H 220 -2.23 38.86 -33.03
N ARG H 221 -1.48 39.62 -33.83
CA ARG H 221 -1.63 41.07 -33.87
C ARG H 221 -3.04 41.45 -34.35
N LEU H 222 -3.56 40.73 -35.35
CA LEU H 222 -4.91 40.99 -35.87
C LEU H 222 -5.98 40.72 -34.82
N LYS H 223 -5.81 39.61 -34.08
CA LYS H 223 -6.78 39.24 -33.03
C LYS H 223 -6.80 40.23 -31.87
N ILE H 224 -5.65 40.86 -31.60
CA ILE H 224 -5.57 41.88 -30.56
C ILE H 224 -6.34 43.12 -31.02
N MET H 225 -6.06 43.57 -32.24
CA MET H 225 -6.75 44.74 -32.82
C MET H 225 -8.26 44.50 -32.89
N GLU H 226 -8.66 43.29 -33.28
CA GLU H 226 -10.06 42.91 -33.38
C GLU H 226 -10.79 43.07 -32.04
N SER H 227 -10.19 42.54 -30.98
CA SER H 227 -10.79 42.59 -29.64
C SER H 227 -10.82 44.00 -29.02
N GLU H 228 -9.98 44.91 -29.52
CA GLU H 228 -9.94 46.29 -29.02
C GLU H 228 -10.77 47.24 -29.91
N GLY H 229 -11.39 46.71 -30.96
CA GLY H 229 -12.19 47.50 -31.90
C GLY H 229 -11.35 48.43 -32.73
N LYS H 230 -10.08 48.06 -32.95
CA LYS H 230 -9.13 48.91 -33.70
C LYS H 230 -8.74 48.36 -35.06
N LEU H 231 -9.35 47.26 -35.51
CA LEU H 231 -9.04 46.69 -36.80
C LEU H 231 -9.78 47.50 -37.87
N LEU H 232 -9.01 48.14 -38.77
CA LEU H 232 -9.60 49.04 -39.78
C LEU H 232 -9.93 48.44 -41.14
N LEU H 233 -9.81 47.12 -41.28
CA LEU H 233 -10.18 46.45 -42.55
C LEU H 233 -10.46 44.97 -42.29
N PRO H 234 -11.25 44.33 -43.16
CA PRO H 234 -11.51 42.89 -42.98
C PRO H 234 -10.20 42.11 -43.12
N ALA H 235 -10.12 40.98 -42.46
CA ALA H 235 -8.91 40.17 -42.52
C ALA H 235 -9.20 38.69 -42.59
N ILE H 236 -8.33 37.98 -43.31
CA ILE H 236 -8.43 36.55 -43.41
C ILE H 236 -7.15 35.95 -42.83
N ASN H 237 -7.35 35.06 -41.87
CA ASN H 237 -6.29 34.32 -41.20
C ASN H 237 -5.99 33.10 -42.09
N VAL H 238 -4.94 33.20 -42.88
CA VAL H 238 -4.54 32.12 -43.78
C VAL H 238 -3.77 31.06 -43.02
N ASN H 239 -2.98 31.49 -42.03
CA ASN H 239 -2.16 30.57 -41.25
C ASN H 239 -2.96 29.40 -40.70
N ASP H 240 -4.12 29.67 -40.16
CA ASP H 240 -4.91 28.62 -39.52
C ASP H 240 -5.70 27.70 -40.45
N SER H 241 -5.49 27.81 -41.76
CA SER H 241 -6.06 26.82 -42.68
C SER H 241 -5.27 25.54 -42.36
N VAL H 242 -5.93 24.40 -42.41
CA VAL H 242 -5.24 23.14 -42.16
C VAL H 242 -4.12 22.97 -43.16
N THR H 243 -4.40 23.29 -44.43
CA THR H 243 -3.39 23.14 -45.49
C THR H 243 -2.24 24.16 -45.44
N LYS H 244 -2.21 24.95 -44.37
CA LYS H 244 -1.10 25.87 -44.17
C LYS H 244 -0.41 25.50 -42.83
N SER H 245 -1.06 25.76 -41.69
CA SER H 245 -0.45 25.47 -40.36
C SER H 245 0.04 24.03 -40.17
N LYS H 246 -0.68 23.05 -40.71
CA LYS H 246 -0.27 21.65 -40.55
C LYS H 246 0.71 21.13 -41.60
N PHE H 247 1.15 21.98 -42.53
CA PHE H 247 2.10 21.58 -43.58
C PHE H 247 3.31 22.51 -43.65
N ASP H 248 3.07 23.76 -44.05
CA ASP H 248 4.09 24.78 -44.11
C ASP H 248 4.88 24.83 -42.78
N ASN H 249 4.16 25.11 -41.69
CA ASN H 249 4.82 25.25 -40.40
C ASN H 249 5.59 24.03 -39.95
N THR H 250 5.02 22.85 -40.18
CA THR H 250 5.64 21.60 -39.75
C THR H 250 6.62 21.04 -40.77
N TYR H 251 6.12 20.52 -41.89
CA TYR H 251 6.97 19.91 -42.90
C TYR H 251 7.90 20.89 -43.63
N GLY H 252 7.48 22.14 -43.75
CA GLY H 252 8.33 23.14 -44.38
C GLY H 252 9.60 23.34 -43.56
N CYS H 253 9.42 23.61 -42.26
CA CYS H 253 10.55 23.82 -41.36
C CYS H 253 11.40 22.55 -41.18
N ARG H 254 10.78 21.39 -41.29
CA ARG H 254 11.55 20.14 -41.16
C ARG H 254 12.69 20.12 -42.15
N GLN H 255 12.43 20.63 -43.36
CA GLN H 255 13.46 20.67 -44.39
C GLN H 255 14.24 21.98 -44.36
N SER H 256 13.55 23.11 -44.27
CA SER H 256 14.24 24.41 -44.33
C SER H 256 15.09 24.74 -43.11
N LEU H 257 14.76 24.21 -41.93
CA LEU H 257 15.64 24.43 -40.76
C LEU H 257 16.99 23.78 -41.05
N LEU H 258 16.95 22.54 -41.50
CA LEU H 258 18.17 21.79 -41.80
C LEU H 258 19.00 22.50 -42.87
N HIS H 259 18.34 22.97 -43.92
CA HIS H 259 19.03 23.66 -45.00
C HIS H 259 19.78 24.87 -44.41
N GLY H 260 19.07 25.63 -43.58
CA GLY H 260 19.64 26.80 -42.92
C GLY H 260 20.82 26.45 -42.01
N LEU H 261 20.64 25.43 -41.18
CA LEU H 261 21.72 25.00 -40.28
C LEU H 261 22.90 24.47 -41.06
N PHE H 262 22.66 23.67 -42.11
CA PHE H 262 23.77 23.15 -42.88
C PHE H 262 24.58 24.28 -43.52
N ASN H 263 23.92 25.33 -43.99
CA ASN H 263 24.63 26.46 -44.60
C ASN H 263 25.33 27.36 -43.59
N GLY H 264 24.72 27.59 -42.44
CA GLY H 264 25.28 28.50 -41.42
C GLY H 264 26.16 27.88 -40.36
N CYS H 265 25.92 26.60 -40.05
CA CYS H 265 26.64 25.87 -39.02
C CYS H 265 27.46 24.79 -39.66
N ILE H 266 28.78 24.91 -39.51
CA ILE H 266 29.70 23.94 -40.12
C ILE H 266 29.68 22.56 -39.46
N GLN H 267 29.22 22.50 -38.21
CA GLN H 267 29.25 21.26 -37.44
C GLN H 267 28.23 20.19 -37.81
N MET H 268 28.56 18.96 -37.42
CA MET H 268 27.72 17.80 -37.62
C MET H 268 26.63 17.85 -36.57
N LEU H 269 25.40 17.57 -36.98
CA LEU H 269 24.29 17.59 -36.07
C LEU H 269 24.17 16.29 -35.26
N ALA H 270 24.60 15.17 -35.85
CA ALA H 270 24.51 13.86 -35.20
C ALA H 270 25.20 13.84 -33.84
N GLY H 271 24.48 13.30 -32.85
CA GLY H 271 24.99 13.18 -31.50
C GLY H 271 24.98 14.44 -30.67
N LYS H 272 24.68 15.58 -31.29
CA LYS H 272 24.65 16.83 -30.56
C LYS H 272 23.36 16.97 -29.81
N LYS H 273 23.42 17.69 -28.69
CA LYS H 273 22.22 17.99 -27.93
C LYS H 273 21.73 19.30 -28.49
N ILE H 274 20.58 19.26 -29.14
CA ILE H 274 20.00 20.43 -29.77
C ILE H 274 18.72 20.77 -29.06
N VAL H 275 18.66 21.97 -28.47
CA VAL H 275 17.46 22.41 -27.78
C VAL H 275 16.51 23.11 -28.75
N VAL H 276 15.27 22.63 -28.81
CA VAL H 276 14.24 23.26 -29.63
C VAL H 276 13.29 23.93 -28.65
N LEU H 277 13.33 25.26 -28.59
CA LEU H 277 12.47 26.00 -27.69
C LEU H 277 11.13 26.24 -28.39
N GLY H 278 10.11 25.57 -27.88
CA GLY H 278 8.76 25.65 -28.42
C GLY H 278 8.51 24.38 -29.23
N TYR H 279 7.39 23.71 -28.95
CA TYR H 279 7.02 22.47 -29.63
C TYR H 279 5.59 22.61 -30.18
N GLY H 280 5.39 23.68 -30.94
CA GLY H 280 4.15 23.95 -31.63
C GLY H 280 4.27 23.33 -33.01
N GLU H 281 3.60 23.91 -34.00
CA GLU H 281 3.64 23.35 -35.34
C GLU H 281 5.05 23.44 -35.94
N VAL H 282 5.77 24.52 -35.68
CA VAL H 282 7.14 24.70 -36.16
C VAL H 282 8.10 23.76 -35.41
N GLY H 283 8.07 23.83 -34.09
CA GLY H 283 8.93 23.00 -33.24
C GLY H 283 8.83 21.52 -33.54
N LYS H 284 7.61 21.04 -33.76
CA LYS H 284 7.38 19.62 -34.09
C LYS H 284 8.16 19.24 -35.34
N GLY H 285 8.08 20.08 -36.35
CA GLY H 285 8.78 19.84 -37.61
C GLY H 285 10.28 19.89 -37.44
N CYS H 286 10.75 20.90 -36.71
CA CYS H 286 12.18 21.06 -36.45
C CYS H 286 12.74 19.81 -35.78
N ALA H 287 12.03 19.33 -34.75
CA ALA H 287 12.46 18.15 -34.01
C ALA H 287 12.54 16.91 -34.90
N GLN H 288 11.56 16.68 -35.77
CA GLN H 288 11.62 15.52 -36.68
C GLN H 288 12.87 15.55 -37.54
N GLY H 289 13.14 16.71 -38.12
CA GLY H 289 14.28 16.90 -39.01
C GLY H 289 15.59 16.66 -38.31
N LEU H 290 15.76 17.32 -37.17
CA LEU H 290 16.98 17.19 -36.37
C LEU H 290 17.23 15.70 -35.98
N SER H 291 16.19 15.02 -35.50
CA SER H 291 16.28 13.58 -35.14
C SER H 291 16.66 12.76 -36.34
N GLY H 292 16.08 13.11 -37.47
CA GLY H 292 16.30 12.42 -38.73
C GLY H 292 17.76 12.35 -39.13
N VAL H 293 18.57 13.31 -38.67
CA VAL H 293 19.99 13.33 -38.96
C VAL H 293 20.85 13.03 -37.73
N GLY H 294 20.25 12.36 -36.74
CA GLY H 294 20.97 11.89 -35.56
C GLY H 294 21.13 12.80 -34.36
N ALA H 295 20.49 13.96 -34.37
CA ALA H 295 20.62 14.85 -33.22
C ALA H 295 19.81 14.34 -32.06
N ARG H 296 20.21 14.70 -30.85
CA ARG H 296 19.46 14.36 -29.66
C ARG H 296 18.72 15.64 -29.28
N VAL H 297 17.44 15.68 -29.60
CA VAL H 297 16.63 16.87 -29.37
C VAL H 297 16.10 16.98 -27.96
N ILE H 298 16.29 18.16 -27.37
CA ILE H 298 15.76 18.48 -26.04
C ILE H 298 14.77 19.61 -26.27
N VAL H 299 13.55 19.47 -25.76
CA VAL H 299 12.50 20.46 -25.95
C VAL H 299 12.22 21.27 -24.69
N THR H 300 11.94 22.56 -24.86
CA THR H 300 11.48 23.39 -23.74
C THR H 300 10.09 23.81 -24.20
N GLU H 301 9.18 23.95 -23.26
CA GLU H 301 7.82 24.28 -23.62
C GLU H 301 7.08 24.80 -22.36
N ILE H 302 6.08 25.65 -22.59
CA ILE H 302 5.25 26.23 -21.52
C ILE H 302 3.87 25.62 -21.46
N ASP H 303 3.47 24.98 -22.55
CA ASP H 303 2.15 24.39 -22.68
C ASP H 303 2.26 22.92 -22.29
N PRO H 304 1.56 22.51 -21.23
CA PRO H 304 1.66 21.13 -20.78
C PRO H 304 1.23 20.09 -21.82
N ILE H 305 0.31 20.45 -22.71
CA ILE H 305 -0.14 19.51 -23.74
C ILE H 305 0.96 19.30 -24.75
N CYS H 306 1.54 20.39 -25.22
CA CYS H 306 2.66 20.31 -26.17
C CYS H 306 3.86 19.60 -25.54
N ALA H 307 4.09 19.82 -24.25
CA ALA H 307 5.21 19.17 -23.54
C ALA H 307 5.01 17.65 -23.55
N LEU H 308 3.77 17.20 -23.26
CA LEU H 308 3.48 15.78 -23.29
C LEU H 308 3.64 15.18 -24.67
N GLN H 309 3.26 15.90 -25.71
CA GLN H 309 3.41 15.42 -27.07
C GLN H 309 4.90 15.16 -27.35
N ALA H 310 5.75 16.09 -26.97
CA ALA H 310 7.19 15.96 -27.16
C ALA H 310 7.71 14.69 -26.46
N SER H 311 7.26 14.50 -25.23
CA SER H 311 7.66 13.34 -24.45
C SER H 311 7.24 12.02 -25.11
N MET H 312 6.03 12.00 -25.68
CA MET H 312 5.52 10.81 -26.37
C MET H 312 6.28 10.50 -27.66
N GLU H 313 7.03 11.48 -28.20
CA GLU H 313 7.84 11.25 -29.40
C GLU H 313 9.29 10.93 -28.99
N GLY H 314 9.51 10.71 -27.70
CA GLY H 314 10.83 10.35 -27.18
C GLY H 314 11.79 11.45 -26.84
N TYR H 315 11.30 12.69 -26.75
CA TYR H 315 12.17 13.82 -26.44
C TYR H 315 12.13 14.24 -24.98
N GLN H 316 13.32 14.53 -24.44
CA GLN H 316 13.45 15.05 -23.10
C GLN H 316 12.85 16.45 -23.09
N VAL H 317 12.10 16.79 -22.03
CA VAL H 317 11.52 18.13 -21.92
C VAL H 317 12.13 18.78 -20.66
N SER H 318 12.87 19.87 -20.86
CA SER H 318 13.56 20.56 -19.77
C SER H 318 13.37 22.08 -19.82
N VAL H 319 13.74 22.73 -18.71
CA VAL H 319 13.75 24.18 -18.65
C VAL H 319 15.15 24.55 -19.12
N LEU H 320 15.27 25.60 -19.93
CA LEU H 320 16.55 26.01 -20.50
C LEU H 320 17.71 26.08 -19.49
N GLU H 321 17.46 26.65 -18.32
CA GLU H 321 18.47 26.78 -17.26
C GLU H 321 19.20 25.48 -16.89
N ASP H 322 18.49 24.35 -17.00
CA ASP H 322 19.06 23.05 -16.66
C ASP H 322 19.87 22.40 -17.76
N VAL H 323 19.79 22.90 -18.99
CA VAL H 323 20.54 22.33 -20.11
C VAL H 323 21.38 23.33 -20.90
N VAL H 324 21.30 24.61 -20.54
CA VAL H 324 22.04 25.65 -21.27
C VAL H 324 23.56 25.48 -21.30
N SER H 325 24.14 24.99 -20.21
CA SER H 325 25.61 24.82 -20.16
C SER H 325 26.11 23.60 -20.91
N GLU H 326 25.26 22.60 -21.13
CA GLU H 326 25.70 21.37 -21.78
C GLU H 326 25.20 21.17 -23.20
N ALA H 327 24.17 21.89 -23.63
CA ALA H 327 23.66 21.74 -25.00
C ALA H 327 24.62 22.37 -26.01
N ASP H 328 24.53 21.91 -27.24
CA ASP H 328 25.41 22.35 -28.32
C ASP H 328 24.83 23.40 -29.28
N ILE H 329 23.54 23.29 -29.57
CA ILE H 329 22.85 24.19 -30.48
C ILE H 329 21.50 24.54 -29.90
N PHE H 330 21.06 25.78 -30.11
CA PHE H 330 19.76 26.26 -29.61
C PHE H 330 18.94 26.85 -30.75
N ILE H 331 17.72 26.36 -30.91
CA ILE H 331 16.79 26.80 -31.96
C ILE H 331 15.52 27.35 -31.32
N THR H 332 15.24 28.64 -31.49
CA THR H 332 14.04 29.25 -30.93
C THR H 332 12.87 29.17 -31.93
N ALA H 333 11.76 28.57 -31.50
CA ALA H 333 10.57 28.41 -32.34
C ALA H 333 9.32 28.69 -31.52
N THR H 334 9.36 29.77 -30.73
CA THR H 334 8.28 30.11 -29.80
C THR H 334 7.29 31.19 -30.19
N GLY H 335 7.71 32.12 -31.03
CA GLY H 335 6.85 33.26 -31.37
C GLY H 335 6.76 34.21 -30.17
N ASN H 336 7.64 34.02 -29.18
CA ASN H 336 7.66 34.78 -27.93
C ASN H 336 8.92 35.66 -27.88
N LYS H 337 9.12 36.36 -26.77
CA LYS H 337 10.24 37.28 -26.61
C LYS H 337 11.18 36.86 -25.50
N ASP H 338 12.47 37.12 -25.69
CA ASP H 338 13.53 36.82 -24.72
C ASP H 338 13.51 35.40 -24.16
N VAL H 339 13.49 34.43 -25.05
CA VAL H 339 13.52 33.02 -24.65
C VAL H 339 14.98 32.60 -24.47
N ILE H 340 15.89 33.36 -25.09
CA ILE H 340 17.33 33.18 -24.91
C ILE H 340 17.88 34.56 -24.58
N THR H 341 18.27 34.74 -23.32
CA THR H 341 18.79 36.00 -22.80
C THR H 341 20.30 36.04 -22.85
N VAL H 342 20.86 37.22 -22.55
CA VAL H 342 22.31 37.39 -22.48
C VAL H 342 22.85 36.51 -21.35
N GLU H 343 22.14 36.42 -20.23
CA GLU H 343 22.60 35.58 -19.12
C GLU H 343 22.66 34.12 -19.53
N HIS H 344 21.73 33.68 -20.37
CA HIS H 344 21.77 32.30 -20.89
C HIS H 344 23.00 32.12 -21.77
N MET H 345 23.24 33.06 -22.68
CA MET H 345 24.38 32.93 -23.61
C MET H 345 25.74 32.93 -22.92
N ARG H 346 25.85 33.59 -21.77
CA ARG H 346 27.10 33.61 -21.02
C ARG H 346 27.43 32.28 -20.36
N LYS H 347 26.41 31.45 -20.17
CA LYS H 347 26.59 30.12 -19.58
C LYS H 347 26.80 29.03 -20.62
N MET H 348 26.63 29.35 -21.89
CA MET H 348 26.78 28.37 -22.97
C MET H 348 28.23 27.93 -23.17
N LYS H 349 28.41 26.74 -23.73
CA LYS H 349 29.75 26.28 -23.97
C LYS H 349 30.38 26.86 -25.22
N GLU H 350 31.69 26.73 -25.30
CA GLU H 350 32.49 27.26 -26.39
C GLU H 350 31.94 26.86 -27.76
N ASN H 351 31.69 27.88 -28.58
CA ASN H 351 31.21 27.75 -29.95
C ASN H 351 29.84 27.13 -30.09
N ALA H 352 28.99 27.36 -29.10
CA ALA H 352 27.61 26.91 -29.17
C ALA H 352 26.96 27.76 -30.26
N TYR H 353 26.08 27.15 -31.04
CA TYR H 353 25.37 27.85 -32.10
C TYR H 353 23.97 28.21 -31.63
N ILE H 354 23.51 29.39 -32.04
CA ILE H 354 22.19 29.90 -31.65
C ILE H 354 21.47 30.36 -32.92
N ALA H 355 20.21 29.95 -33.08
CA ALA H 355 19.43 30.32 -34.25
C ALA H 355 17.97 30.48 -33.91
N ASN H 356 17.27 31.23 -34.74
CA ASN H 356 15.85 31.52 -34.58
C ASN H 356 15.11 31.15 -35.84
N ILE H 357 14.04 30.37 -35.69
N ILE H 357 14.00 30.44 -35.69
CA ILE H 357 13.21 29.99 -36.83
CA ILE H 357 13.17 30.11 -36.84
C ILE H 357 11.79 30.49 -36.57
C ILE H 357 11.78 30.71 -36.63
N GLY H 358 11.65 31.25 -35.48
N GLY H 358 11.63 31.45 -35.54
CA GLY H 358 10.38 31.81 -35.09
CA GLY H 358 10.37 32.13 -35.24
C GLY H 358 10.01 33.07 -35.83
C GLY H 358 10.40 33.44 -35.99
N HIS H 359 10.25 34.22 -35.22
N HIS H 359 9.24 34.01 -36.31
CA HIS H 359 9.84 35.49 -35.83
CA HIS H 359 9.17 35.22 -37.15
C HIS H 359 10.77 36.64 -35.47
C HIS H 359 10.07 36.45 -36.88
N PHE H 360 10.71 37.68 -36.29
N PHE H 360 10.14 36.95 -35.64
CA PHE H 360 11.51 38.89 -36.11
CA PHE H 360 10.95 38.18 -35.35
C PHE H 360 12.91 38.54 -35.57
C PHE H 360 12.33 37.98 -34.69
N ASP H 361 13.37 39.23 -34.53
N ASP H 361 13.16 39.03 -34.74
CA ASP H 361 14.69 38.96 -33.97
CA ASP H 361 14.52 39.00 -34.16
C ASP H 361 14.72 39.06 -32.45
C ASP H 361 14.55 39.25 -32.64
N ASP H 362 13.56 39.04 -31.81
N ASP H 362 13.47 38.93 -31.93
CA ASP H 362 13.50 39.22 -30.36
CA ASP H 362 13.46 39.19 -30.48
C ASP H 362 13.38 37.93 -29.54
C ASP H 362 13.31 37.95 -29.58
N GLU H 363 13.35 36.76 -30.18
CA GLU H 363 13.30 35.50 -29.43
C GLU H 363 14.62 35.34 -28.68
N ILE H 364 15.70 35.67 -29.37
CA ILE H 364 17.04 35.71 -28.81
C ILE H 364 17.27 37.19 -28.56
N ASP H 365 17.91 37.54 -27.43
CA ASP H 365 18.16 38.95 -27.15
C ASP H 365 19.43 39.39 -27.88
N VAL H 366 19.27 39.62 -29.18
CA VAL H 366 20.39 40.03 -30.02
C VAL H 366 20.85 41.44 -29.65
N TYR H 367 19.89 42.32 -29.34
CA TYR H 367 20.25 43.69 -28.97
C TYR H 367 21.20 43.69 -27.77
N GLY H 368 20.83 42.93 -26.73
CA GLY H 368 21.64 42.81 -25.52
C GLY H 368 23.01 42.21 -25.77
N LEU H 369 23.07 41.24 -26.69
CA LEU H 369 24.34 40.59 -27.04
C LEU H 369 25.25 41.58 -27.78
N GLU H 370 24.73 42.21 -28.83
CA GLU H 370 25.51 43.17 -29.62
C GLU H 370 25.98 44.37 -28.84
N ASN H 371 25.17 44.82 -27.88
CA ASN H 371 25.51 45.97 -27.04
C ASN H 371 26.13 45.62 -25.68
N TYR H 372 26.52 44.36 -25.49
CA TYR H 372 27.14 43.95 -24.23
C TYR H 372 28.50 44.64 -24.07
N PRO H 373 28.79 45.20 -22.88
CA PRO H 373 30.07 45.91 -22.68
C PRO H 373 31.32 45.08 -22.95
N GLY H 374 32.13 45.55 -23.89
CA GLY H 374 33.40 44.90 -24.25
C GLY H 374 33.30 43.64 -25.06
N ILE H 375 32.15 43.40 -25.68
CA ILE H 375 32.00 42.20 -26.48
C ILE H 375 32.71 42.36 -27.81
N LYS H 376 33.26 41.27 -28.31
CA LYS H 376 33.97 41.26 -29.59
C LYS H 376 33.17 40.43 -30.55
N VAL H 377 33.10 40.88 -31.81
CA VAL H 377 32.34 40.20 -32.82
C VAL H 377 33.14 40.08 -34.10
N ILE H 378 33.06 38.93 -34.76
CA ILE H 378 33.71 38.71 -36.04
C ILE H 378 32.73 38.02 -36.96
N GLU H 379 32.82 38.37 -38.23
CA GLU H 379 31.97 37.77 -39.24
C GLU H 379 32.63 36.45 -39.66
N VAL H 380 31.97 35.33 -39.41
CA VAL H 380 32.50 34.01 -39.78
C VAL H 380 32.27 33.82 -41.27
N LYS H 381 31.10 34.26 -41.73
CA LYS H 381 30.74 34.27 -43.14
C LYS H 381 29.51 35.17 -43.26
N GLN H 382 28.94 35.25 -44.46
CA GLN H 382 27.73 36.04 -44.66
C GLN H 382 26.62 35.55 -43.70
N ASN H 383 26.11 36.49 -42.89
CA ASN H 383 25.03 36.22 -41.92
C ASN H 383 25.38 35.18 -40.82
N VAL H 384 26.65 35.12 -40.41
CA VAL H 384 27.07 34.23 -39.32
C VAL H 384 28.12 35.00 -38.53
N HIS H 385 27.83 35.28 -37.26
CA HIS H 385 28.72 36.06 -36.42
C HIS H 385 29.04 35.37 -35.11
N LYS H 386 30.32 35.43 -34.72
CA LYS H 386 30.81 34.84 -33.50
C LYS H 386 31.06 35.96 -32.49
N PHE H 387 30.39 35.87 -31.34
CA PHE H 387 30.50 36.86 -30.27
C PHE H 387 31.30 36.27 -29.13
N THR H 388 32.30 37.02 -28.65
CA THR H 388 33.16 36.57 -27.57
C THR H 388 33.01 37.49 -26.36
N PHE H 389 32.67 36.94 -25.20
CA PHE H 389 32.52 37.71 -23.97
C PHE H 389 33.92 38.00 -23.40
N PRO H 390 34.13 39.22 -22.87
CA PRO H 390 35.45 39.63 -22.38
C PRO H 390 35.94 38.93 -21.09
N ASP H 391 35.04 38.64 -20.17
CA ASP H 391 35.44 38.01 -18.89
C ASP H 391 35.81 36.53 -18.98
N THR H 392 34.97 35.74 -19.65
CA THR H 392 35.19 34.31 -19.78
C THR H 392 36.01 33.95 -21.01
N GLN H 393 36.05 34.85 -22.00
CA GLN H 393 36.73 34.61 -23.29
C GLN H 393 36.04 33.47 -24.08
N LYS H 394 34.81 33.13 -23.68
CA LYS H 394 34.04 32.09 -24.37
C LYS H 394 33.22 32.75 -25.46
N SER H 395 32.95 31.99 -26.53
CA SER H 395 32.21 32.52 -27.67
C SER H 395 30.94 31.75 -27.99
N VAL H 396 30.01 32.44 -28.66
CA VAL H 396 28.77 31.84 -29.15
C VAL H 396 28.64 32.29 -30.59
N ILE H 397 28.05 31.45 -31.43
CA ILE H 397 27.92 31.75 -32.83
C ILE H 397 26.45 31.93 -33.14
N LEU H 398 26.10 33.12 -33.61
CA LEU H 398 24.72 33.48 -33.93
C LEU H 398 24.50 33.47 -35.42
N LEU H 399 23.44 32.79 -35.86
CA LEU H 399 23.09 32.74 -37.28
C LEU H 399 22.07 33.86 -37.60
N CYS H 400 22.32 34.57 -38.70
CA CYS H 400 21.45 35.65 -39.21
C CYS H 400 21.07 36.74 -38.22
N LYS H 401 21.96 37.12 -37.34
CA LYS H 401 21.62 38.17 -36.38
C LYS H 401 20.25 37.89 -35.69
N GLY H 402 19.96 36.62 -35.44
CA GLY H 402 18.74 36.23 -34.77
C GLY H 402 17.44 36.27 -35.59
N ARG H 403 17.56 36.45 -36.90
CA ARG H 403 16.40 36.46 -37.79
C ARG H 403 16.19 35.07 -38.40
N LEU H 404 15.05 34.84 -39.03
CA LEU H 404 14.72 33.52 -39.62
C LEU H 404 15.90 32.82 -40.26
N VAL H 405 16.36 31.75 -39.63
CA VAL H 405 17.53 31.03 -40.13
C VAL H 405 17.26 30.33 -41.46
N ASN H 406 16.05 29.81 -41.63
CA ASN H 406 15.71 29.08 -42.87
C ASN H 406 15.64 29.98 -44.09
N LEU H 407 15.23 31.23 -43.90
CA LEU H 407 15.14 32.20 -45.00
C LEU H 407 16.37 33.11 -45.10
N GLY H 408 17.15 33.20 -44.02
CA GLY H 408 18.33 34.05 -44.00
C GLY H 408 19.60 33.33 -44.46
N CYS H 409 19.83 32.14 -43.93
CA CYS H 409 21.00 31.33 -44.30
C CYS H 409 20.69 30.37 -45.44
N ALA H 410 19.42 30.22 -45.78
CA ALA H 410 19.01 29.36 -46.89
C ALA H 410 17.87 30.02 -47.66
N THR H 411 17.17 29.23 -48.48
CA THR H 411 16.12 29.75 -49.36
C THR H 411 14.68 29.51 -48.90
N GLY H 412 14.50 29.21 -47.62
CA GLY H 412 13.15 29.00 -47.06
C GLY H 412 12.52 27.69 -47.47
N HIS H 413 11.22 27.56 -47.21
CA HIS H 413 10.52 26.32 -47.56
C HIS H 413 10.54 26.05 -49.06
N PRO H 414 10.46 24.78 -49.42
CA PRO H 414 10.45 24.39 -50.81
C PRO H 414 9.07 24.62 -51.45
N PRO H 415 9.02 24.61 -52.79
CA PRO H 415 7.80 24.93 -53.53
C PRO H 415 6.51 24.20 -53.17
N LEU H 416 6.57 22.88 -53.00
CA LEU H 416 5.35 22.12 -52.73
C LEU H 416 4.52 22.67 -51.57
N VAL H 417 5.12 22.84 -50.40
CA VAL H 417 4.35 23.35 -49.27
C VAL H 417 4.02 24.83 -49.41
N MET H 418 4.87 25.61 -50.08
CA MET H 418 4.54 27.02 -50.27
C MET H 418 3.37 27.17 -51.24
N SER H 419 3.22 26.21 -52.16
CA SER H 419 2.08 26.24 -53.09
C SER H 419 0.78 26.04 -52.30
N MET H 420 0.84 25.20 -51.26
CA MET H 420 -0.33 24.96 -50.42
C MET H 420 -0.67 26.23 -49.65
N SER H 421 0.33 26.88 -49.08
CA SER H 421 0.10 28.12 -48.34
C SER H 421 -0.38 29.23 -49.27
N PHE H 422 0.26 29.33 -50.44
CA PHE H 422 -0.08 30.39 -51.38
C PHE H 422 -1.37 30.17 -52.14
N THR H 423 -1.81 28.92 -52.27
CA THR H 423 -3.10 28.66 -52.91
C THR H 423 -4.15 29.22 -51.96
N ASN H 424 -3.94 29.04 -50.65
CA ASN H 424 -4.82 29.62 -49.63
C ASN H 424 -4.80 31.15 -49.75
N GLN H 425 -3.60 31.75 -49.94
CA GLN H 425 -3.49 33.20 -50.09
C GLN H 425 -4.31 33.74 -51.25
N VAL H 426 -4.17 33.12 -52.42
CA VAL H 426 -4.92 33.57 -53.59
C VAL H 426 -6.43 33.47 -53.34
N LEU H 427 -6.86 32.35 -52.75
CA LEU H 427 -8.28 32.14 -52.47
C LEU H 427 -8.79 33.19 -51.47
N ALA H 428 -7.92 33.61 -50.55
CA ALA H 428 -8.27 34.63 -49.56
C ALA H 428 -8.43 35.99 -50.24
N GLN H 429 -7.49 36.30 -51.13
CA GLN H 429 -7.54 37.55 -51.88
C GLN H 429 -8.81 37.62 -52.73
N MET H 430 -9.16 36.50 -53.37
CA MET H 430 -10.38 36.43 -54.19
C MET H 430 -11.62 36.62 -53.32
N ASP H 431 -11.60 36.07 -52.10
CA ASP H 431 -12.73 36.19 -51.17
C ASP H 431 -12.93 37.66 -50.75
N LEU H 432 -11.85 38.31 -50.34
CA LEU H 432 -11.90 39.71 -49.91
C LEU H 432 -12.35 40.64 -51.04
N TRP H 433 -11.84 40.40 -52.24
CA TRP H 433 -12.19 41.21 -53.40
C TRP H 433 -13.64 41.03 -53.83
N LYS H 434 -14.11 39.80 -53.83
CA LYS H 434 -15.50 39.50 -54.21
C LYS H 434 -16.49 40.08 -53.19
N SER H 435 -16.05 40.32 -51.96
CA SER H 435 -16.88 40.85 -50.87
C SER H 435 -16.79 42.37 -50.69
N ARG H 436 -16.07 43.07 -51.58
CA ARG H 436 -15.96 44.52 -51.49
C ARG H 436 -17.20 45.36 -51.16
N GLU H 437 -18.32 45.00 -51.81
CA GLU H 437 -19.57 45.75 -51.63
C GLU H 437 -20.05 45.79 -50.19
N LEU H 438 -19.77 44.73 -49.44
CA LEU H 438 -20.18 44.63 -48.03
C LEU H 438 -19.35 45.51 -47.08
N VAL H 439 -18.27 46.11 -47.57
CA VAL H 439 -17.44 47.00 -46.75
C VAL H 439 -18.00 48.41 -46.87
N ASP H 440 -18.83 48.80 -45.91
CA ASP H 440 -19.48 50.11 -45.92
C ASP H 440 -18.85 50.99 -44.82
N ARG H 441 -17.98 51.91 -45.24
CA ARG H 441 -17.28 52.81 -44.33
C ARG H 441 -18.01 54.07 -44.00
N SER H 442 -19.25 54.22 -44.43
CA SER H 442 -20.04 55.41 -44.10
C SER H 442 -20.55 55.32 -42.66
N LYS H 443 -20.32 54.15 -42.01
CA LYS H 443 -20.68 53.92 -40.62
C LYS H 443 -19.39 53.71 -39.81
N ASN H 444 -19.53 53.41 -38.51
CA ASN H 444 -18.37 53.11 -37.63
C ASN H 444 -18.23 51.60 -37.54
N THR H 445 -18.24 51.02 -38.72
CA THR H 445 -18.14 49.57 -38.86
C THR H 445 -16.86 49.01 -38.22
N ARG H 446 -17.03 47.87 -37.56
CA ARG H 446 -15.97 47.14 -36.90
C ARG H 446 -15.62 45.93 -37.79
N PHE H 447 -14.33 45.78 -38.06
CA PHE H 447 -13.93 44.61 -38.87
C PHE H 447 -13.41 43.47 -38.02
N PHE H 448 -13.59 42.27 -38.55
CA PHE H 448 -13.19 41.04 -37.87
C PHE H 448 -12.27 40.16 -38.72
N VAL H 449 -11.74 39.11 -38.08
CA VAL H 449 -10.86 38.14 -38.71
C VAL H 449 -11.64 36.85 -38.96
N LYS H 450 -11.59 36.32 -40.18
CA LYS H 450 -12.24 35.05 -40.46
C LYS H 450 -11.26 34.11 -41.13
N LYS H 451 -11.66 32.85 -41.28
CA LYS H 451 -10.84 31.83 -41.92
C LYS H 451 -11.55 31.30 -43.13
N LEU H 452 -10.81 30.62 -43.99
CA LEU H 452 -11.39 30.02 -45.17
C LEU H 452 -12.15 28.77 -44.73
N SER H 453 -13.13 28.38 -45.54
CA SER H 453 -13.92 27.19 -45.23
C SER H 453 -13.14 25.89 -45.37
N LYS H 454 -13.66 24.84 -44.75
CA LYS H 454 -13.07 23.52 -44.86
C LYS H 454 -13.14 23.04 -46.31
N GLU H 455 -14.21 23.36 -47.04
CA GLU H 455 -14.34 22.97 -48.46
C GLU H 455 -13.11 23.42 -49.23
N LEU H 456 -12.75 24.69 -49.06
CA LEU H 456 -11.58 25.24 -49.75
C LEU H 456 -10.29 24.66 -49.22
N ASP H 457 -10.28 24.37 -47.93
CA ASP H 457 -9.11 23.81 -47.29
C ASP H 457 -8.84 22.43 -47.92
N GLU H 458 -9.88 21.62 -48.07
CA GLU H 458 -9.76 20.31 -48.72
C GLU H 458 -9.40 20.45 -50.19
N TYR H 459 -9.95 21.46 -50.84
CA TYR H 459 -9.64 21.74 -52.24
C TYR H 459 -8.15 21.98 -52.42
N VAL H 460 -7.53 22.77 -51.53
CA VAL H 460 -6.11 23.04 -51.63
C VAL H 460 -5.34 21.71 -51.62
N ALA H 461 -5.73 20.80 -50.72
CA ALA H 461 -5.08 19.52 -50.65
C ALA H 461 -5.31 18.71 -51.95
N ARG H 462 -6.54 18.66 -52.45
CA ARG H 462 -6.83 17.92 -53.71
C ARG H 462 -5.93 18.35 -54.86
N LEU H 463 -5.73 19.65 -54.98
CA LEU H 463 -4.91 20.20 -56.03
C LEU H 463 -3.46 19.73 -56.02
N HIS H 464 -2.97 19.24 -54.89
CA HIS H 464 -1.57 18.79 -54.80
C HIS H 464 -1.38 17.27 -54.74
N LEU H 465 -2.45 16.49 -54.83
CA LEU H 465 -2.32 15.04 -54.76
C LEU H 465 -1.52 14.41 -55.92
N ASP H 466 -1.78 14.84 -57.15
CA ASP H 466 -1.09 14.29 -58.34
C ASP H 466 0.42 14.50 -58.32
N VAL H 467 0.87 15.63 -57.79
CA VAL H 467 2.31 15.89 -57.68
C VAL H 467 3.02 14.66 -57.10
N LEU H 468 2.47 14.11 -56.03
CA LEU H 468 3.09 12.97 -55.33
C LEU H 468 2.53 11.59 -55.64
N GLY H 469 1.75 11.47 -56.71
CA GLY H 469 1.17 10.18 -57.09
C GLY H 469 0.20 9.59 -56.08
N ILE H 470 -0.43 10.45 -55.28
CA ILE H 470 -1.39 10.01 -54.27
C ILE H 470 -2.70 9.63 -54.92
N LYS H 471 -3.23 8.47 -54.57
CA LYS H 471 -4.50 7.98 -55.10
C LYS H 471 -5.55 8.01 -53.98
N LEU H 472 -6.54 8.90 -54.12
CA LEU H 472 -7.61 8.97 -53.14
C LEU H 472 -8.64 7.90 -53.36
N THR H 473 -9.17 7.40 -52.25
CA THR H 473 -10.26 6.46 -52.27
C THR H 473 -11.54 7.29 -52.35
N LYS H 474 -12.56 6.76 -53.01
CA LYS H 474 -13.84 7.46 -53.12
C LYS H 474 -14.87 6.67 -52.33
N LEU H 475 -15.64 7.38 -51.49
CA LEU H 475 -16.65 6.74 -50.68
C LEU H 475 -17.81 6.27 -51.54
N THR H 476 -18.43 5.16 -51.14
CA THR H 476 -19.62 4.66 -51.81
C THR H 476 -20.77 5.43 -51.17
N GLU H 477 -21.95 5.37 -51.79
CA GLU H 477 -23.11 6.09 -51.24
C GLU H 477 -23.42 5.58 -49.81
N THR H 478 -23.30 4.27 -49.59
CA THR H 478 -23.57 3.65 -48.28
C THR H 478 -22.55 4.08 -47.24
N GLN H 479 -21.28 4.11 -47.61
CA GLN H 479 -20.22 4.54 -46.71
C GLN H 479 -20.38 5.99 -46.30
N ALA H 480 -20.72 6.83 -47.28
CA ALA H 480 -20.91 8.26 -47.02
C ALA H 480 -22.05 8.47 -46.01
N LYS H 481 -23.11 7.69 -46.17
CA LYS H 481 -24.23 7.77 -45.24
C LYS H 481 -23.81 7.23 -43.87
N TYR H 482 -23.01 6.18 -43.85
CA TYR H 482 -22.58 5.56 -42.60
C TYR H 482 -21.77 6.51 -41.73
N ILE H 483 -20.81 7.24 -42.31
CA ILE H 483 -20.01 8.20 -41.54
C ILE H 483 -20.57 9.63 -41.59
N ASN H 484 -21.76 9.76 -42.18
CA ASN H 484 -22.52 11.01 -42.21
C ASN H 484 -21.83 12.20 -42.90
N VAL H 485 -21.32 11.95 -44.10
CA VAL H 485 -20.68 12.99 -44.90
C VAL H 485 -21.09 12.88 -46.34
N SER H 486 -20.82 13.94 -47.08
CA SER H 486 -21.07 13.94 -48.51
C SER H 486 -19.89 13.25 -49.18
N ILE H 487 -20.15 12.55 -50.28
CA ILE H 487 -19.07 11.89 -51.02
C ILE H 487 -17.96 12.90 -51.37
N ASN H 488 -18.35 14.16 -51.63
CA ASN H 488 -17.39 15.20 -51.99
C ASN H 488 -16.91 16.03 -50.81
N GLY H 489 -17.25 15.62 -49.60
CA GLY H 489 -16.81 16.36 -48.41
C GLY H 489 -17.66 17.58 -48.09
N PRO H 490 -17.30 18.33 -47.05
CA PRO H 490 -16.13 18.05 -46.20
C PRO H 490 -16.29 16.77 -45.38
N TYR H 491 -15.15 16.15 -45.05
CA TYR H 491 -15.12 14.86 -44.37
C TYR H 491 -14.95 14.92 -42.86
N LYS H 492 -14.65 16.10 -42.31
CA LYS H 492 -14.39 16.22 -40.89
C LYS H 492 -15.17 17.37 -40.28
N SER H 493 -15.44 17.28 -38.97
CA SER H 493 -16.12 18.36 -38.25
C SER H 493 -15.18 19.55 -38.15
N GLU H 494 -15.73 20.73 -37.85
CA GLU H 494 -14.91 21.95 -37.74
C GLU H 494 -13.86 21.90 -36.64
N ASP H 495 -14.10 21.10 -35.60
CA ASP H 495 -13.15 21.00 -34.49
C ASP H 495 -12.08 19.92 -34.67
N TYR H 496 -12.08 19.21 -35.80
CA TYR H 496 -11.13 18.14 -36.06
C TYR H 496 -9.72 18.70 -36.15
N ARG H 497 -8.78 18.03 -35.50
CA ARG H 497 -7.40 18.53 -35.42
C ARG H 497 -6.39 17.91 -36.39
N TYR H 498 -6.78 16.90 -37.15
CA TYR H 498 -5.84 16.27 -38.11
C TYR H 498 -4.54 15.87 -37.41
#